data_3HDQ
#
_entry.id   3HDQ
#
_cell.length_a   134.020
_cell.length_b   176.650
_cell.length_c   220.090
_cell.angle_alpha   90.00
_cell.angle_beta   90.00
_cell.angle_gamma   90.00
#
_symmetry.space_group_name_H-M   'P 21 21 21'
#
loop_
_entity.id
_entity.type
_entity.pdbx_description
1 polymer 'UDP-galactopyranose mutase'
2 non-polymer "GALACTOSE-URIDINE-5'-DIPHOSPHATE"
3 non-polymer 'FLAVIN-ADENINE DINUCLEOTIDE'
4 water water
#
_entity_poly.entity_id   1
_entity_poly.type   'polypeptide(L)'
_entity_poly.pdbx_seq_one_letter_code
;MPMTDLPSAVTNERTEQTNTTNEQQESKGFDYLIVGAGFAGSVLAERLASSGQRVLIVDRRPHIGGNAYDCYDDAGVLIH
PYGPHIFHTNSKDVFEYLSRFTEWRPYQHRVLASVDGQLLPIPINLDTVNRLYGLNLTSFQVEEFFASVAEKVEQVRTSE
DVVVSKVGRDLYNKFFRGYTRKQWGLDPSELDASVTARVPTRTNRDNRYFADTYQAMPLHGYTRMFQNMLSSPNIKVMLN
TDYREIADFIPFQHMIYTGPVDAFFDFCYGKLPYRSLEFRHETHDTEQLLPTGTVNYPNDYAYTRVSEFKHITGQRHHQT
SVVYEYPRAEGDPYYPVPRPENAELYKKYEALADAAQDVTFVGRLATYRYYNMDQVVAQALATFRRLQGQPEQGNAE
;
_entity_poly.pdbx_strand_id   A,B,C,D,E,F,G,H,I,J
#
# COMPACT_ATOMS: atom_id res chain seq x y z
N GLN A 25 -13.14 -19.22 -72.22
CA GLN A 25 -12.88 -18.03 -73.04
C GLN A 25 -12.17 -16.94 -72.24
N GLU A 26 -12.67 -16.69 -71.02
CA GLU A 26 -12.14 -15.64 -70.16
C GLU A 26 -11.40 -16.21 -68.95
N SER A 27 -10.68 -15.37 -68.21
CA SER A 27 -9.95 -15.85 -67.03
C SER A 27 -10.88 -16.64 -66.10
N LYS A 28 -10.43 -17.83 -65.70
CA LYS A 28 -11.17 -18.55 -64.68
C LYS A 28 -10.98 -17.86 -63.33
N GLY A 29 -9.83 -17.25 -63.12
CA GLY A 29 -9.55 -16.51 -61.91
C GLY A 29 -9.71 -17.36 -60.66
N PHE A 30 -10.24 -16.77 -59.59
CA PHE A 30 -10.40 -17.49 -58.32
C PHE A 30 -11.40 -18.64 -58.41
N ASP A 31 -11.11 -19.72 -57.70
CA ASP A 31 -12.07 -20.82 -57.62
C ASP A 31 -13.31 -20.38 -56.84
N TYR A 32 -13.11 -19.54 -55.83
CA TYR A 32 -14.22 -19.04 -55.01
C TYR A 32 -14.04 -17.59 -54.62
N LEU A 33 -15.08 -16.80 -54.85
CA LEU A 33 -15.20 -15.49 -54.25
C LEU A 33 -16.08 -15.69 -53.02
N ILE A 34 -15.56 -15.33 -51.85
CA ILE A 34 -16.32 -15.48 -50.62
C ILE A 34 -16.71 -14.11 -50.05
N VAL A 35 -18.01 -13.87 -49.95
CA VAL A 35 -18.52 -12.58 -49.49
C VAL A 35 -18.82 -12.61 -48.00
N GLY A 36 -18.02 -11.86 -47.24
CA GLY A 36 -18.11 -11.82 -45.79
C GLY A 36 -17.01 -12.60 -45.11
N ALA A 37 -16.33 -11.98 -44.14
CA ALA A 37 -15.23 -12.63 -43.43
C ALA A 37 -15.56 -12.93 -41.95
N GLY A 38 -16.83 -13.17 -41.66
CA GLY A 38 -17.24 -13.64 -40.36
C GLY A 38 -16.92 -15.11 -40.22
N PHE A 39 -17.55 -15.78 -39.26
CA PHE A 39 -17.32 -17.21 -39.12
C PHE A 39 -17.67 -17.96 -40.39
N ALA A 40 -18.79 -17.60 -41.02
CA ALA A 40 -19.25 -18.33 -42.20
C ALA A 40 -18.22 -18.30 -43.32
N GLY A 41 -17.83 -17.10 -43.74
CA GLY A 41 -16.88 -16.98 -44.82
C GLY A 41 -15.49 -17.53 -44.50
N SER A 42 -15.00 -17.25 -43.30
CA SER A 42 -13.63 -17.58 -42.92
C SER A 42 -13.40 -19.07 -42.77
N VAL A 43 -14.40 -19.79 -42.25
CA VAL A 43 -14.27 -21.22 -42.10
C VAL A 43 -14.22 -21.86 -43.49
N LEU A 44 -15.08 -21.40 -44.38
CA LEU A 44 -15.08 -21.91 -45.75
C LEU A 44 -13.82 -21.47 -46.53
N ALA A 45 -13.33 -20.27 -46.25
CA ALA A 45 -12.09 -19.84 -46.87
C ALA A 45 -10.93 -20.74 -46.42
N GLU A 46 -10.91 -21.07 -45.13
CA GLU A 46 -9.83 -21.90 -44.60
C GLU A 46 -9.87 -23.33 -45.15
N ARG A 47 -11.06 -23.94 -45.13
CA ARG A 47 -11.24 -25.29 -45.63
C ARG A 47 -10.93 -25.39 -47.12
N LEU A 48 -11.52 -24.52 -47.93
CA LEU A 48 -11.29 -24.55 -49.37
C LEU A 48 -9.79 -24.32 -49.67
N ALA A 49 -9.16 -23.41 -48.92
CA ALA A 49 -7.75 -23.08 -49.12
C ALA A 49 -6.84 -24.28 -48.88
N SER A 50 -7.17 -25.05 -47.85
CA SER A 50 -6.35 -26.17 -47.45
C SER A 50 -6.45 -27.30 -48.48
N SER A 51 -7.52 -27.28 -49.28
CA SER A 51 -7.68 -28.30 -50.31
C SER A 51 -7.11 -27.83 -51.65
N GLY A 52 -6.50 -26.64 -51.65
CA GLY A 52 -5.77 -26.16 -52.81
C GLY A 52 -6.57 -25.24 -53.72
N GLN A 53 -7.69 -24.75 -53.23
CA GLN A 53 -8.51 -23.82 -53.99
C GLN A 53 -8.06 -22.40 -53.74
N ARG A 54 -8.01 -21.60 -54.80
CA ARG A 54 -7.70 -20.19 -54.67
C ARG A 54 -8.91 -19.40 -54.19
N VAL A 55 -8.73 -18.63 -53.13
CA VAL A 55 -9.84 -17.93 -52.52
C VAL A 55 -9.63 -16.42 -52.49
N LEU A 56 -10.65 -15.68 -52.92
CA LEU A 56 -10.69 -14.26 -52.63
C LEU A 56 -11.81 -14.06 -51.64
N ILE A 57 -11.47 -13.55 -50.46
CA ILE A 57 -12.49 -13.28 -49.47
C ILE A 57 -12.64 -11.78 -49.31
N VAL A 58 -13.89 -11.31 -49.37
CA VAL A 58 -14.13 -9.89 -49.38
C VAL A 58 -15.08 -9.50 -48.24
N ASP A 59 -14.89 -8.31 -47.68
CA ASP A 59 -15.86 -7.77 -46.73
C ASP A 59 -15.94 -6.26 -46.91
N ARG A 60 -17.15 -5.72 -46.82
CA ARG A 60 -17.30 -4.28 -46.96
C ARG A 60 -16.78 -3.56 -45.73
N ARG A 61 -16.67 -4.27 -44.61
CA ARG A 61 -16.08 -3.67 -43.41
C ARG A 61 -14.57 -3.56 -43.57
N PRO A 62 -13.92 -2.72 -42.75
CA PRO A 62 -12.46 -2.54 -42.93
C PRO A 62 -11.67 -3.56 -42.12
N HIS A 63 -12.33 -4.58 -41.60
CA HIS A 63 -11.65 -5.58 -40.76
C HIS A 63 -12.27 -6.95 -41.02
N ILE A 64 -11.57 -8.01 -40.60
CA ILE A 64 -12.10 -9.36 -40.71
C ILE A 64 -12.93 -9.74 -39.48
N GLY A 65 -13.49 -10.95 -39.47
CA GLY A 65 -14.17 -11.44 -38.28
C GLY A 65 -15.67 -11.20 -38.16
N GLY A 66 -16.27 -10.49 -39.11
CA GLY A 66 -17.70 -10.22 -39.02
C GLY A 66 -18.09 -9.57 -37.68
N ASN A 67 -19.20 -10.04 -37.11
CA ASN A 67 -19.71 -9.55 -35.82
C ASN A 67 -18.78 -9.85 -34.66
N ALA A 68 -17.95 -10.86 -34.83
CA ALA A 68 -17.18 -11.41 -33.73
C ALA A 68 -15.81 -10.73 -33.64
N TYR A 69 -15.57 -9.76 -34.51
CA TYR A 69 -14.33 -9.02 -34.49
C TYR A 69 -14.10 -8.42 -33.11
N ASP A 70 -12.87 -8.48 -32.62
CA ASP A 70 -12.51 -7.74 -31.42
C ASP A 70 -11.24 -6.89 -31.60
N CYS A 71 -11.06 -5.91 -30.73
CA CYS A 71 -9.93 -5.01 -30.85
C CYS A 71 -9.67 -4.28 -29.54
N TYR A 72 -8.49 -3.69 -29.43
CA TYR A 72 -8.14 -2.92 -28.26
C TYR A 72 -8.60 -1.48 -28.44
N ASP A 73 -9.27 -0.92 -27.42
CA ASP A 73 -9.81 0.44 -27.53
C ASP A 73 -8.78 1.52 -27.18
N ASP A 74 -9.20 2.78 -27.13
CA ASP A 74 -8.27 3.88 -26.88
C ASP A 74 -7.51 3.71 -25.56
N ALA A 75 -8.15 3.05 -24.59
CA ALA A 75 -7.55 2.89 -23.26
C ALA A 75 -6.69 1.64 -23.15
N GLY A 76 -6.67 0.82 -24.21
CA GLY A 76 -5.93 -0.43 -24.18
C GLY A 76 -6.72 -1.61 -23.61
N VAL A 77 -8.04 -1.51 -23.61
CA VAL A 77 -8.88 -2.63 -23.16
C VAL A 77 -9.39 -3.43 -24.37
N LEU A 78 -9.22 -4.74 -24.32
CA LEU A 78 -9.75 -5.62 -25.35
C LEU A 78 -11.29 -5.65 -25.32
N ILE A 79 -11.93 -5.22 -26.40
CA ILE A 79 -13.40 -5.14 -26.45
C ILE A 79 -13.99 -5.82 -27.68
N HIS A 80 -15.31 -5.97 -27.67
CA HIS A 80 -16.03 -6.43 -28.86
C HIS A 80 -16.89 -5.28 -29.38
N PRO A 81 -16.47 -4.67 -30.50
CA PRO A 81 -17.21 -3.52 -31.00
C PRO A 81 -18.70 -3.80 -31.26
N TYR A 82 -19.07 -5.04 -31.56
CA TYR A 82 -20.47 -5.35 -31.91
C TYR A 82 -21.22 -6.13 -30.84
N GLY A 83 -20.90 -5.87 -29.58
CA GLY A 83 -21.58 -6.54 -28.48
C GLY A 83 -20.83 -7.77 -28.01
N PRO A 84 -21.14 -8.21 -26.79
CA PRO A 84 -20.40 -9.32 -26.16
C PRO A 84 -20.56 -10.60 -26.96
N HIS A 85 -19.45 -11.24 -27.31
CA HIS A 85 -19.47 -12.57 -27.93
C HIS A 85 -18.82 -13.63 -27.04
N ILE A 86 -19.65 -14.50 -26.47
CA ILE A 86 -19.17 -15.55 -25.58
C ILE A 86 -19.22 -16.90 -26.32
N PHE A 87 -18.06 -17.53 -26.51
CA PHE A 87 -18.06 -18.78 -27.26
C PHE A 87 -18.50 -19.97 -26.41
N HIS A 88 -19.42 -20.77 -26.96
CA HIS A 88 -19.91 -21.95 -26.25
C HIS A 88 -20.37 -23.00 -27.23
N THR A 89 -20.08 -24.26 -26.96
CA THR A 89 -20.61 -25.30 -27.81
C THR A 89 -20.76 -26.64 -27.09
N ASN A 90 -21.63 -27.48 -27.65
CA ASN A 90 -21.73 -28.88 -27.26
C ASN A 90 -21.04 -29.79 -28.28
N SER A 91 -20.61 -29.21 -29.39
CA SER A 91 -19.98 -30.02 -30.45
C SER A 91 -18.48 -30.08 -30.25
N LYS A 92 -17.99 -31.30 -30.01
CA LYS A 92 -16.58 -31.51 -29.75
C LYS A 92 -15.76 -31.19 -31.00
N ASP A 93 -16.33 -31.51 -32.17
CA ASP A 93 -15.66 -31.23 -33.45
C ASP A 93 -15.51 -29.72 -33.75
N VAL A 94 -16.54 -28.92 -33.47
CA VAL A 94 -16.43 -27.47 -33.65
C VAL A 94 -15.35 -26.96 -32.70
N PHE A 95 -15.42 -27.40 -31.44
CA PHE A 95 -14.41 -26.98 -30.47
C PHE A 95 -13.00 -27.37 -30.90
N GLU A 96 -12.82 -28.59 -31.41
CA GLU A 96 -11.49 -29.00 -31.85
C GLU A 96 -11.03 -28.26 -33.11
N TYR A 97 -11.94 -28.05 -34.05
CA TYR A 97 -11.61 -27.31 -35.26
C TYR A 97 -11.04 -25.93 -34.92
N LEU A 98 -11.78 -25.18 -34.13
CA LEU A 98 -11.35 -23.85 -33.69
C LEU A 98 -10.03 -23.89 -32.90
N SER A 99 -9.78 -25.00 -32.21
CA SER A 99 -8.58 -25.15 -31.40
C SER A 99 -7.34 -25.17 -32.28
N ARG A 100 -7.52 -25.45 -33.57
CA ARG A 100 -6.41 -25.36 -34.52
C ARG A 100 -5.90 -23.92 -34.65
N PHE A 101 -6.73 -22.94 -34.29
CA PHE A 101 -6.43 -21.53 -34.57
C PHE A 101 -6.29 -20.63 -33.35
N THR A 102 -6.40 -21.19 -32.15
CA THR A 102 -6.29 -20.40 -30.94
C THR A 102 -6.18 -21.30 -29.72
N GLU A 103 -5.57 -20.79 -28.67
CA GLU A 103 -5.66 -21.44 -27.37
C GLU A 103 -6.87 -20.84 -26.67
N TRP A 104 -7.14 -21.29 -25.46
CA TRP A 104 -8.38 -20.98 -24.78
C TRP A 104 -8.24 -20.51 -23.34
N ARG A 105 -9.07 -19.54 -22.97
CA ARG A 105 -9.28 -19.18 -21.58
C ARG A 105 -10.62 -19.74 -21.13
N PRO A 106 -10.62 -20.68 -20.17
CA PRO A 106 -11.90 -21.24 -19.71
C PRO A 106 -12.79 -20.15 -19.10
N TYR A 107 -14.06 -20.15 -19.47
CA TYR A 107 -14.98 -19.13 -19.00
C TYR A 107 -16.42 -19.58 -19.17
N GLN A 108 -17.17 -19.49 -18.09
CA GLN A 108 -18.59 -19.79 -18.10
C GLN A 108 -19.33 -18.51 -17.74
N HIS A 109 -19.94 -17.90 -18.76
CA HIS A 109 -20.62 -16.61 -18.69
C HIS A 109 -21.81 -16.67 -17.72
N ARG A 110 -22.00 -15.60 -16.95
CA ARG A 110 -23.13 -15.51 -16.05
C ARG A 110 -23.80 -14.16 -16.20
N VAL A 111 -25.13 -14.20 -16.28
CA VAL A 111 -25.92 -13.00 -16.50
C VAL A 111 -26.86 -12.78 -15.32
N LEU A 112 -27.00 -11.52 -14.93
CA LEU A 112 -27.95 -11.14 -13.89
C LEU A 112 -29.02 -10.24 -14.50
N ALA A 113 -30.27 -10.47 -14.14
CA ALA A 113 -31.35 -9.61 -14.62
C ALA A 113 -31.76 -8.63 -13.52
N SER A 114 -31.92 -7.37 -13.90
CA SER A 114 -32.37 -6.34 -12.97
C SER A 114 -33.89 -6.30 -12.92
N VAL A 115 -34.43 -6.78 -11.81
CA VAL A 115 -35.87 -6.94 -11.65
C VAL A 115 -36.21 -6.58 -10.21
N ASP A 116 -37.20 -5.73 -10.01
CA ASP A 116 -37.55 -5.29 -8.67
C ASP A 116 -36.33 -4.78 -7.90
N GLY A 117 -35.44 -4.07 -8.59
CA GLY A 117 -34.28 -3.47 -7.94
C GLY A 117 -33.27 -4.45 -7.37
N GLN A 118 -33.37 -5.72 -7.76
CA GLN A 118 -32.40 -6.72 -7.38
C GLN A 118 -31.72 -7.27 -8.62
N LEU A 119 -30.53 -7.84 -8.43
CA LEU A 119 -29.85 -8.56 -9.52
C LEU A 119 -30.03 -10.07 -9.34
N LEU A 120 -30.81 -10.66 -10.23
CA LEU A 120 -31.24 -12.04 -10.09
C LEU A 120 -30.78 -12.87 -11.27
N PRO A 121 -30.46 -14.15 -11.03
CA PRO A 121 -30.01 -15.01 -12.12
C PRO A 121 -31.06 -15.15 -13.23
N ILE A 122 -30.60 -15.01 -14.46
CA ILE A 122 -31.36 -15.43 -15.65
C ILE A 122 -30.35 -16.31 -16.40
N PRO A 123 -30.76 -17.50 -16.85
CA PRO A 123 -32.08 -18.15 -16.80
C PRO A 123 -32.72 -18.16 -15.41
N ILE A 124 -34.04 -18.07 -15.35
CA ILE A 124 -34.77 -18.22 -14.10
C ILE A 124 -34.43 -19.56 -13.47
N ASN A 125 -34.05 -19.54 -12.19
CA ASN A 125 -33.79 -20.79 -11.45
C ASN A 125 -34.35 -20.77 -10.03
N LEU A 126 -34.02 -21.82 -9.27
CA LEU A 126 -34.42 -21.94 -7.86
C LEU A 126 -34.13 -20.66 -7.06
N ASP A 127 -32.89 -20.18 -7.15
CA ASP A 127 -32.48 -19.00 -6.39
C ASP A 127 -33.23 -17.76 -6.88
N THR A 128 -33.46 -17.69 -8.18
CA THR A 128 -34.21 -16.56 -8.74
C THR A 128 -35.60 -16.46 -8.12
N VAL A 129 -36.31 -17.58 -8.06
CA VAL A 129 -37.65 -17.62 -7.47
C VAL A 129 -37.61 -17.32 -5.96
N ASN A 130 -36.77 -18.04 -5.22
CA ASN A 130 -36.65 -17.78 -3.80
C ASN A 130 -36.34 -16.32 -3.51
N ARG A 131 -35.39 -15.74 -4.22
CA ARG A 131 -34.97 -14.38 -3.92
C ARG A 131 -36.03 -13.37 -4.29
N LEU A 132 -36.76 -13.63 -5.38
CA LEU A 132 -37.75 -12.67 -5.87
C LEU A 132 -38.95 -12.57 -4.93
N TYR A 133 -39.45 -13.72 -4.47
CA TYR A 133 -40.70 -13.76 -3.70
C TYR A 133 -40.48 -13.96 -2.20
N GLY A 134 -39.22 -14.12 -1.79
CA GLY A 134 -38.88 -14.40 -0.41
C GLY A 134 -39.26 -15.81 0.02
N LEU A 135 -39.18 -16.77 -0.88
CA LEU A 135 -39.54 -18.15 -0.58
C LEU A 135 -38.33 -18.98 -0.14
N ASN A 136 -38.58 -20.23 0.25
CA ASN A 136 -37.51 -21.16 0.58
C ASN A 136 -37.75 -22.52 -0.03
N LEU A 137 -38.20 -22.54 -1.27
CA LEU A 137 -38.42 -23.81 -1.93
C LEU A 137 -37.12 -24.58 -2.12
N THR A 138 -37.21 -25.89 -2.02
CA THR A 138 -36.17 -26.77 -2.49
C THR A 138 -36.41 -26.96 -3.98
N SER A 139 -35.48 -27.62 -4.67
CA SER A 139 -35.64 -27.95 -6.08
C SER A 139 -36.87 -28.78 -6.38
N PHE A 140 -37.21 -29.67 -5.46
CA PHE A 140 -38.40 -30.50 -5.65
C PHE A 140 -39.70 -29.69 -5.55
N GLN A 141 -39.69 -28.64 -4.74
CA GLN A 141 -40.89 -27.84 -4.60
C GLN A 141 -41.07 -26.80 -5.70
N VAL A 142 -39.97 -26.25 -6.22
CA VAL A 142 -40.10 -25.20 -7.22
C VAL A 142 -40.74 -25.75 -8.52
N GLU A 143 -40.50 -27.02 -8.80
CA GLU A 143 -41.18 -27.66 -9.93
C GLU A 143 -42.69 -27.65 -9.73
N GLU A 144 -43.10 -28.02 -8.52
CA GLU A 144 -44.52 -28.05 -8.20
C GLU A 144 -45.06 -26.62 -8.25
N PHE A 145 -44.29 -25.69 -7.70
CA PHE A 145 -44.63 -24.28 -7.78
C PHE A 145 -44.85 -23.84 -9.23
N PHE A 146 -43.89 -24.13 -10.11
CA PHE A 146 -44.01 -23.77 -11.54
C PHE A 146 -45.30 -24.38 -12.14
N ALA A 147 -45.51 -25.67 -11.87
CA ALA A 147 -46.72 -26.37 -12.28
C ALA A 147 -47.98 -25.62 -11.88
N SER A 148 -47.96 -25.03 -10.68
CA SER A 148 -49.14 -24.38 -10.12
C SER A 148 -49.45 -22.98 -10.70
N VAL A 149 -48.49 -22.36 -11.39
CA VAL A 149 -48.77 -21.05 -11.99
C VAL A 149 -48.80 -21.13 -13.52
N ALA A 150 -48.29 -22.22 -14.06
CA ALA A 150 -48.22 -22.39 -15.50
C ALA A 150 -49.62 -22.32 -16.13
N GLU A 151 -49.68 -21.68 -17.27
CA GLU A 151 -50.87 -21.64 -18.05
C GLU A 151 -50.74 -22.70 -19.10
N LYS A 152 -51.81 -23.37 -19.41
CA LYS A 152 -51.69 -24.27 -20.50
C LYS A 152 -52.17 -23.71 -21.77
N VAL A 153 -51.61 -24.33 -22.79
CA VAL A 153 -51.52 -23.90 -24.14
C VAL A 153 -51.56 -25.24 -24.79
N GLU A 154 -52.51 -25.45 -25.66
CA GLU A 154 -52.65 -26.74 -26.27
C GLU A 154 -51.57 -27.01 -27.28
N GLN A 155 -51.08 -25.93 -27.86
CA GLN A 155 -50.01 -25.98 -28.83
C GLN A 155 -49.14 -24.78 -28.63
N VAL A 156 -47.89 -25.01 -28.32
CA VAL A 156 -46.94 -23.91 -28.19
C VAL A 156 -46.43 -23.49 -29.56
N ARG A 157 -46.59 -22.20 -29.89
CA ARG A 157 -46.14 -21.67 -31.16
C ARG A 157 -45.37 -20.37 -30.95
N THR A 158 -45.83 -19.62 -29.96
CA THR A 158 -45.41 -18.26 -29.70
C THR A 158 -44.30 -18.20 -28.65
N SER A 159 -43.52 -17.11 -28.66
CA SER A 159 -42.54 -16.89 -27.60
C SER A 159 -43.23 -16.63 -26.26
N GLU A 160 -44.45 -16.08 -26.31
CA GLU A 160 -45.32 -16.00 -25.13
C GLU A 160 -45.69 -17.40 -24.64
N ASP A 161 -46.15 -18.25 -25.54
CA ASP A 161 -46.54 -19.62 -25.18
C ASP A 161 -45.45 -20.36 -24.44
N VAL A 162 -44.21 -20.32 -24.96
CA VAL A 162 -43.15 -21.16 -24.40
C VAL A 162 -42.86 -20.82 -22.94
N VAL A 163 -42.98 -19.55 -22.61
CA VAL A 163 -42.66 -19.08 -21.27
C VAL A 163 -43.85 -19.22 -20.31
N VAL A 164 -44.99 -18.65 -20.70
CA VAL A 164 -46.15 -18.63 -19.82
C VAL A 164 -46.64 -20.05 -19.47
N SER A 165 -46.32 -21.03 -20.32
CA SER A 165 -46.74 -22.40 -20.09
C SER A 165 -45.77 -23.18 -19.20
N LYS A 166 -44.67 -22.53 -18.82
CA LYS A 166 -43.66 -23.18 -17.99
C LYS A 166 -43.51 -22.52 -16.62
N VAL A 167 -43.54 -21.19 -16.59
CA VAL A 167 -43.33 -20.45 -15.34
C VAL A 167 -44.43 -19.44 -15.05
N GLY A 168 -45.47 -19.43 -15.87
CA GLY A 168 -46.63 -18.61 -15.60
C GLY A 168 -46.49 -17.16 -16.00
N ARG A 169 -47.51 -16.39 -15.68
CA ARG A 169 -47.70 -15.05 -16.21
C ARG A 169 -46.89 -13.96 -15.49
N ASP A 170 -46.70 -14.10 -14.18
CA ASP A 170 -45.92 -13.08 -13.45
C ASP A 170 -44.42 -13.13 -13.79
N LEU A 171 -43.84 -14.33 -13.82
CA LEU A 171 -42.43 -14.48 -14.14
C LEU A 171 -42.18 -14.07 -15.57
N TYR A 172 -43.16 -14.37 -16.43
CA TYR A 172 -43.15 -13.94 -17.82
C TYR A 172 -43.13 -12.42 -17.94
N ASN A 173 -43.98 -11.75 -17.17
CA ASN A 173 -44.04 -10.30 -17.25
C ASN A 173 -42.77 -9.66 -16.69
N LYS A 174 -42.14 -10.34 -15.73
CA LYS A 174 -41.00 -9.77 -15.04
C LYS A 174 -39.66 -9.94 -15.74
N PHE A 175 -39.48 -11.06 -16.46
CA PHE A 175 -38.20 -11.36 -17.10
C PHE A 175 -38.24 -11.34 -18.64
N PHE A 176 -39.38 -11.69 -19.24
CA PHE A 176 -39.44 -11.87 -20.69
C PHE A 176 -40.20 -10.82 -21.51
N ARG A 177 -41.42 -10.49 -21.09
CA ARG A 177 -42.26 -9.59 -21.88
C ARG A 177 -41.57 -8.28 -22.20
N GLY A 178 -41.16 -7.55 -21.16
CA GLY A 178 -40.51 -6.26 -21.36
C GLY A 178 -39.22 -6.32 -22.18
N TYR A 179 -38.39 -7.32 -21.91
CA TYR A 179 -37.10 -7.45 -22.60
C TYR A 179 -37.34 -7.67 -24.09
N THR A 180 -38.20 -8.65 -24.38
CA THR A 180 -38.58 -9.00 -25.73
C THR A 180 -39.17 -7.82 -26.50
N ARG A 181 -40.15 -7.14 -25.91
CA ARG A 181 -40.74 -5.97 -26.56
C ARG A 181 -39.67 -4.97 -26.92
N LYS A 182 -38.74 -4.76 -25.99
CA LYS A 182 -37.68 -3.77 -26.20
C LYS A 182 -36.67 -4.23 -27.27
N GLN A 183 -36.24 -5.50 -27.19
CA GLN A 183 -35.28 -6.06 -28.14
C GLN A 183 -35.80 -6.16 -29.59
N TRP A 184 -37.03 -6.60 -29.77
CA TRP A 184 -37.54 -6.87 -31.12
C TRP A 184 -38.49 -5.82 -31.66
N GLY A 185 -39.08 -5.03 -30.77
CA GLY A 185 -40.12 -4.11 -31.17
C GLY A 185 -41.39 -4.89 -31.44
N LEU A 186 -41.42 -6.13 -30.96
CA LEU A 186 -42.60 -6.99 -31.04
C LEU A 186 -42.93 -7.58 -29.66
N ASP A 187 -44.21 -7.84 -29.40
CA ASP A 187 -44.60 -8.63 -28.23
C ASP A 187 -44.20 -10.07 -28.50
N PRO A 188 -43.88 -10.84 -27.45
CA PRO A 188 -43.56 -12.26 -27.61
C PRO A 188 -44.67 -13.03 -28.32
N SER A 189 -45.90 -12.54 -28.27
CA SER A 189 -46.99 -13.19 -29.00
C SER A 189 -46.74 -13.17 -30.50
N GLU A 190 -45.99 -12.16 -30.96
CA GLU A 190 -45.69 -11.98 -32.37
C GLU A 190 -44.37 -12.63 -32.83
N LEU A 191 -43.76 -13.46 -31.99
CA LEU A 191 -42.52 -14.12 -32.36
C LEU A 191 -42.73 -15.62 -32.29
N ASP A 192 -42.01 -16.36 -33.13
CA ASP A 192 -41.99 -17.82 -32.99
C ASP A 192 -41.40 -18.21 -31.62
N ALA A 193 -41.89 -19.33 -31.09
CA ALA A 193 -41.46 -19.89 -29.82
C ALA A 193 -39.94 -19.96 -29.63
N SER A 194 -39.22 -20.14 -30.73
CA SER A 194 -37.79 -20.44 -30.66
C SER A 194 -36.91 -19.31 -30.13
N VAL A 195 -37.46 -18.10 -30.11
CA VAL A 195 -36.71 -16.93 -29.65
C VAL A 195 -36.57 -16.95 -28.13
N THR A 196 -37.68 -16.99 -27.41
CA THR A 196 -37.61 -17.05 -25.94
C THR A 196 -37.22 -18.45 -25.44
N ALA A 197 -37.53 -19.49 -26.22
CA ALA A 197 -37.09 -20.84 -25.90
C ALA A 197 -35.56 -20.96 -25.82
N ARG A 198 -34.85 -19.96 -26.34
CA ARG A 198 -33.40 -19.92 -26.22
C ARG A 198 -32.92 -19.93 -24.77
N VAL A 199 -33.73 -19.36 -23.89
CA VAL A 199 -33.37 -19.25 -22.48
C VAL A 199 -34.18 -20.25 -21.66
N PRO A 200 -33.60 -21.39 -21.34
CA PRO A 200 -34.36 -22.43 -20.64
C PRO A 200 -34.70 -21.99 -19.21
N THR A 201 -35.82 -22.46 -18.67
CA THR A 201 -36.10 -22.31 -17.24
C THR A 201 -35.56 -23.50 -16.48
N ARG A 202 -35.02 -23.25 -15.30
CA ARG A 202 -34.38 -24.30 -14.53
C ARG A 202 -35.04 -24.47 -13.18
N THR A 203 -35.04 -25.70 -12.68
CA THR A 203 -35.47 -25.98 -11.31
C THR A 203 -34.26 -26.22 -10.39
N ASN A 204 -33.07 -26.33 -10.97
CA ASN A 204 -31.85 -26.47 -10.16
C ASN A 204 -31.27 -25.11 -9.75
N ARG A 205 -30.03 -25.09 -9.28
CA ARG A 205 -29.38 -23.85 -8.87
C ARG A 205 -28.22 -23.42 -9.78
N ASP A 206 -28.24 -23.86 -11.03
CA ASP A 206 -27.23 -23.48 -12.01
C ASP A 206 -27.45 -22.02 -12.42
N ASN A 207 -26.42 -21.21 -12.29
CA ASN A 207 -26.57 -19.82 -12.68
C ASN A 207 -25.79 -19.45 -13.94
N ARG A 208 -25.17 -20.44 -14.60
CA ARG A 208 -24.54 -20.18 -15.90
C ARG A 208 -25.60 -19.86 -16.94
N TYR A 209 -25.24 -18.99 -17.87
CA TYR A 209 -26.16 -18.67 -18.93
C TYR A 209 -26.24 -19.82 -19.90
N PHE A 210 -25.15 -20.59 -20.02
CA PHE A 210 -25.11 -21.77 -20.87
C PHE A 210 -24.71 -22.98 -20.06
N ALA A 211 -25.24 -24.13 -20.43
CA ALA A 211 -24.86 -25.39 -19.78
C ALA A 211 -24.04 -26.27 -20.72
N ASP A 212 -23.60 -25.71 -21.83
CA ASP A 212 -22.83 -26.45 -22.82
C ASP A 212 -21.56 -27.07 -22.22
N THR A 213 -21.08 -28.15 -22.85
CA THR A 213 -19.85 -28.84 -22.46
C THR A 213 -18.55 -28.02 -22.61
N TYR A 214 -18.41 -27.31 -23.72
CA TYR A 214 -17.20 -26.51 -23.99
C TYR A 214 -17.52 -25.03 -23.90
N GLN A 215 -17.02 -24.40 -22.83
CA GLN A 215 -17.18 -22.96 -22.65
C GLN A 215 -15.82 -22.32 -22.41
N ALA A 216 -15.40 -21.48 -23.34
CA ALA A 216 -14.06 -20.89 -23.30
C ALA A 216 -13.89 -19.79 -24.34
N MET A 217 -13.05 -18.81 -24.02
CA MET A 217 -12.82 -17.68 -24.90
C MET A 217 -11.46 -17.80 -25.58
N PRO A 218 -11.38 -17.39 -26.86
CA PRO A 218 -10.08 -17.40 -27.52
C PRO A 218 -9.06 -16.61 -26.70
N LEU A 219 -7.98 -17.27 -26.32
CA LEU A 219 -7.02 -16.71 -25.35
C LEU A 219 -6.58 -15.28 -25.69
N HIS A 220 -6.31 -15.00 -26.96
CA HIS A 220 -5.93 -13.64 -27.33
C HIS A 220 -6.98 -12.92 -28.17
N GLY A 221 -8.22 -13.40 -28.06
CA GLY A 221 -9.34 -12.78 -28.74
C GLY A 221 -9.66 -13.40 -30.08
N TYR A 222 -10.82 -13.05 -30.62
CA TYR A 222 -11.30 -13.59 -31.89
C TYR A 222 -10.43 -13.17 -33.07
N THR A 223 -10.03 -11.91 -33.10
CA THR A 223 -9.34 -11.38 -34.27
C THR A 223 -8.04 -12.15 -34.55
N ARG A 224 -7.25 -12.36 -33.50
CA ARG A 224 -6.07 -13.21 -33.59
C ARG A 224 -6.42 -14.59 -34.17
N MET A 225 -7.51 -15.18 -33.69
CA MET A 225 -7.95 -16.49 -34.17
C MET A 225 -8.29 -16.43 -35.67
N PHE A 226 -9.12 -15.45 -36.04
CA PHE A 226 -9.45 -15.22 -37.43
C PHE A 226 -8.22 -15.02 -38.32
N GLN A 227 -7.24 -14.24 -37.84
CA GLN A 227 -6.02 -14.03 -38.62
C GLN A 227 -5.32 -15.34 -38.96
N ASN A 228 -5.22 -16.24 -37.99
CA ASN A 228 -4.68 -17.58 -38.22
C ASN A 228 -5.52 -18.37 -39.26
N MET A 229 -6.84 -18.23 -39.20
CA MET A 229 -7.74 -18.93 -40.12
C MET A 229 -7.56 -18.50 -41.58
N LEU A 230 -7.22 -17.23 -41.78
CA LEU A 230 -7.11 -16.67 -43.13
C LEU A 230 -5.65 -16.53 -43.57
N SER A 231 -4.74 -17.22 -42.90
CA SER A 231 -3.31 -17.04 -43.15
C SER A 231 -2.77 -17.76 -44.37
N SER A 232 -3.45 -18.82 -44.82
CA SER A 232 -3.00 -19.60 -45.96
C SER A 232 -2.60 -18.73 -47.15
N PRO A 233 -1.54 -19.14 -47.87
CA PRO A 233 -1.12 -18.51 -49.13
C PRO A 233 -2.23 -18.48 -50.19
N ASN A 234 -3.16 -19.43 -50.16
CA ASN A 234 -4.29 -19.49 -51.09
C ASN A 234 -5.43 -18.53 -50.77
N ILE A 235 -5.28 -17.74 -49.71
CA ILE A 235 -6.36 -16.85 -49.32
C ILE A 235 -5.97 -15.38 -49.51
N LYS A 236 -6.69 -14.70 -50.40
CA LYS A 236 -6.51 -13.26 -50.61
C LYS A 236 -7.63 -12.54 -49.87
N VAL A 237 -7.26 -11.53 -49.10
CA VAL A 237 -8.24 -10.84 -48.26
C VAL A 237 -8.48 -9.40 -48.68
N MET A 238 -9.71 -9.09 -49.05
CA MET A 238 -10.05 -7.77 -49.56
C MET A 238 -11.03 -7.05 -48.63
N LEU A 239 -10.57 -5.95 -48.04
CA LEU A 239 -11.38 -5.24 -47.07
C LEU A 239 -11.90 -3.91 -47.62
N ASN A 240 -12.87 -3.32 -46.93
CA ASN A 240 -13.49 -2.09 -47.36
C ASN A 240 -14.12 -2.24 -48.75
N THR A 241 -14.65 -3.42 -49.02
CA THR A 241 -15.08 -3.78 -50.37
C THR A 241 -16.43 -4.52 -50.45
N ASP A 242 -17.46 -3.85 -50.94
CA ASP A 242 -18.71 -4.53 -51.26
C ASP A 242 -18.45 -5.43 -52.46
N TYR A 243 -18.85 -6.70 -52.39
CA TYR A 243 -18.57 -7.61 -53.49
C TYR A 243 -19.05 -7.03 -54.81
N ARG A 244 -20.13 -6.27 -54.73
CA ARG A 244 -20.69 -5.67 -55.94
C ARG A 244 -19.76 -4.67 -56.63
N GLU A 245 -18.88 -4.01 -55.87
CA GLU A 245 -17.91 -3.11 -56.48
C GLU A 245 -16.85 -3.88 -57.29
N ILE A 246 -16.90 -5.21 -57.20
CA ILE A 246 -15.80 -6.05 -57.68
C ILE A 246 -16.23 -7.16 -58.64
N ALA A 247 -17.48 -7.61 -58.50
CA ALA A 247 -17.99 -8.79 -59.20
C ALA A 247 -18.11 -8.68 -60.73
N ASP A 248 -18.08 -7.47 -61.28
CA ASP A 248 -18.17 -7.31 -62.72
C ASP A 248 -16.86 -7.61 -63.42
N PHE A 249 -15.74 -7.43 -62.73
CA PHE A 249 -14.44 -7.56 -63.40
C PHE A 249 -13.46 -8.57 -62.80
N ILE A 250 -13.63 -8.94 -61.55
CA ILE A 250 -12.74 -9.96 -61.01
C ILE A 250 -13.30 -11.34 -61.30
N PRO A 251 -12.56 -12.16 -62.06
CA PRO A 251 -13.02 -13.50 -62.42
C PRO A 251 -13.04 -14.48 -61.24
N PHE A 252 -14.18 -15.15 -61.04
CA PHE A 252 -14.32 -16.21 -60.05
C PHE A 252 -15.23 -17.33 -60.57
N GLN A 253 -14.96 -18.57 -60.16
CA GLN A 253 -15.73 -19.73 -60.60
C GLN A 253 -16.97 -20.03 -59.76
N HIS A 254 -16.88 -19.78 -58.46
CA HIS A 254 -18.02 -20.02 -57.57
C HIS A 254 -18.08 -18.95 -56.47
N MET A 255 -19.29 -18.60 -56.05
CA MET A 255 -19.48 -17.61 -55.00
C MET A 255 -20.07 -18.24 -53.74
N ILE A 256 -19.52 -17.84 -52.60
CA ILE A 256 -20.08 -18.17 -51.29
C ILE A 256 -20.53 -16.85 -50.68
N TYR A 257 -21.83 -16.71 -50.45
CA TYR A 257 -22.40 -15.46 -49.96
C TYR A 257 -22.88 -15.61 -48.50
N THR A 258 -22.48 -14.67 -47.64
CA THR A 258 -22.84 -14.74 -46.21
C THR A 258 -23.51 -13.45 -45.73
N GLY A 259 -23.88 -12.58 -46.67
CA GLY A 259 -24.62 -11.38 -46.35
C GLY A 259 -26.13 -11.67 -46.26
N PRO A 260 -26.92 -10.62 -46.04
CA PRO A 260 -28.40 -10.79 -45.95
C PRO A 260 -28.96 -11.27 -47.30
N VAL A 261 -29.92 -12.20 -47.31
CA VAL A 261 -30.41 -12.74 -48.58
C VAL A 261 -31.23 -11.77 -49.40
N ASP A 262 -32.02 -10.92 -48.75
CA ASP A 262 -32.93 -10.07 -49.52
C ASP A 262 -32.12 -9.15 -50.42
N ALA A 263 -31.04 -8.60 -49.88
CA ALA A 263 -30.18 -7.67 -50.63
C ALA A 263 -29.52 -8.33 -51.82
N PHE A 264 -29.16 -9.60 -51.69
CA PHE A 264 -28.51 -10.29 -52.79
C PHE A 264 -29.43 -10.30 -54.00
N PHE A 265 -30.73 -10.43 -53.75
CA PHE A 265 -31.70 -10.50 -54.82
C PHE A 265 -32.46 -9.17 -54.94
N ASP A 266 -31.76 -8.07 -54.68
CA ASP A 266 -32.27 -6.72 -54.91
C ASP A 266 -33.65 -6.46 -54.29
N PHE A 267 -33.91 -7.07 -53.13
CA PHE A 267 -35.17 -6.87 -52.42
C PHE A 267 -36.37 -7.08 -53.35
N CYS A 268 -36.22 -7.97 -54.32
CA CYS A 268 -37.26 -8.22 -55.33
C CYS A 268 -38.60 -8.69 -54.74
N TYR A 269 -38.60 -9.16 -53.50
CA TYR A 269 -39.85 -9.53 -52.85
C TYR A 269 -40.17 -8.61 -51.69
N GLY A 270 -39.47 -7.48 -51.59
CA GLY A 270 -39.63 -6.60 -50.45
C GLY A 270 -38.58 -6.83 -49.38
N LYS A 271 -38.54 -5.96 -48.37
CA LYS A 271 -37.51 -6.05 -47.35
C LYS A 271 -37.74 -7.20 -46.36
N LEU A 272 -36.75 -8.08 -46.23
CA LEU A 272 -36.74 -9.10 -45.18
C LEU A 272 -36.34 -8.40 -43.88
N PRO A 273 -37.16 -8.51 -42.83
CA PRO A 273 -36.80 -7.80 -41.59
C PRO A 273 -35.59 -8.39 -40.86
N TYR A 274 -34.58 -7.56 -40.63
CA TYR A 274 -33.50 -7.91 -39.72
C TYR A 274 -33.45 -6.86 -38.64
N ARG A 275 -33.27 -7.30 -37.40
CA ARG A 275 -33.17 -6.35 -36.31
C ARG A 275 -31.72 -5.86 -36.17
N SER A 276 -31.55 -4.60 -35.84
CA SER A 276 -30.21 -4.02 -35.72
C SER A 276 -29.94 -3.56 -34.29
N LEU A 277 -28.75 -3.01 -34.04
CA LEU A 277 -28.36 -2.53 -32.72
C LEU A 277 -27.52 -1.28 -32.82
N GLU A 278 -27.60 -0.44 -31.80
CA GLU A 278 -26.64 0.64 -31.64
C GLU A 278 -25.86 0.41 -30.35
N PHE A 279 -24.54 0.50 -30.45
CA PHE A 279 -23.68 0.21 -29.31
C PHE A 279 -23.08 1.47 -28.76
N ARG A 280 -23.20 1.67 -27.45
CA ARG A 280 -22.53 2.78 -26.81
CA ARG A 280 -22.58 2.80 -26.77
C ARG A 280 -21.45 2.27 -25.86
N HIS A 281 -20.21 2.53 -26.26
CA HIS A 281 -19.02 2.09 -25.51
C HIS A 281 -18.56 3.14 -24.50
N GLU A 282 -18.16 2.70 -23.32
CA GLU A 282 -17.66 3.60 -22.29
C GLU A 282 -16.46 3.00 -21.59
N THR A 283 -15.53 3.85 -21.16
CA THR A 283 -14.43 3.41 -20.33
C THR A 283 -14.48 4.15 -19.00
N HIS A 284 -14.37 3.42 -17.90
CA HIS A 284 -14.49 4.00 -16.59
C HIS A 284 -13.20 3.80 -15.83
N ASP A 285 -12.86 4.75 -14.98
CA ASP A 285 -11.62 4.69 -14.23
C ASP A 285 -11.77 3.90 -12.93
N THR A 286 -12.07 2.62 -13.07
CA THR A 286 -12.10 1.66 -11.97
C THR A 286 -11.78 0.30 -12.56
N GLU A 287 -11.40 -0.63 -11.69
CA GLU A 287 -11.11 -1.97 -12.15
C GLU A 287 -12.35 -2.73 -12.57
N GLN A 288 -13.48 -2.43 -11.94
CA GLN A 288 -14.66 -3.24 -12.17
C GLN A 288 -15.91 -2.46 -11.93
N LEU A 289 -16.81 -2.49 -12.90
CA LEU A 289 -18.04 -1.77 -12.82
C LEU A 289 -19.20 -2.69 -12.45
N LEU A 290 -19.20 -3.91 -12.99
CA LEU A 290 -20.33 -4.80 -12.84
C LEU A 290 -19.92 -6.01 -12.03
N PRO A 291 -20.92 -6.68 -11.41
CA PRO A 291 -20.67 -7.93 -10.69
C PRO A 291 -20.52 -9.17 -11.59
N THR A 292 -21.06 -9.16 -12.81
CA THR A 292 -20.83 -10.28 -13.76
C THR A 292 -20.57 -9.72 -15.14
N GLY A 293 -20.40 -10.63 -16.12
CA GLY A 293 -20.18 -10.25 -17.50
C GLY A 293 -21.25 -9.36 -18.10
N THR A 294 -22.51 -9.69 -17.84
CA THR A 294 -23.62 -8.94 -18.41
C THR A 294 -24.77 -8.79 -17.43
N VAL A 295 -25.31 -7.57 -17.33
CA VAL A 295 -26.54 -7.33 -16.60
C VAL A 295 -27.65 -7.00 -17.59
N ASN A 296 -28.75 -7.76 -17.55
CA ASN A 296 -29.92 -7.50 -18.42
C ASN A 296 -30.91 -6.55 -17.76
N TYR A 297 -31.64 -5.77 -18.58
CA TYR A 297 -32.63 -4.83 -18.07
C TYR A 297 -33.98 -5.02 -18.74
N PRO A 298 -34.77 -5.98 -18.26
CA PRO A 298 -36.03 -6.31 -18.92
C PRO A 298 -37.07 -5.20 -18.80
N ASN A 299 -36.95 -4.35 -17.77
CA ASN A 299 -38.03 -3.46 -17.38
C ASN A 299 -37.62 -2.00 -17.19
N ASP A 300 -36.39 -1.65 -17.57
CA ASP A 300 -35.85 -0.31 -17.30
C ASP A 300 -34.93 0.14 -18.40
N TYR A 301 -34.90 1.45 -18.65
CA TYR A 301 -33.91 2.03 -19.56
C TYR A 301 -34.19 1.69 -21.02
N ALA A 302 -33.57 2.44 -21.93
CA ALA A 302 -33.75 2.20 -23.36
C ALA A 302 -32.86 1.06 -23.84
N TYR A 303 -31.78 0.79 -23.12
CA TYR A 303 -30.90 -0.34 -23.47
C TYR A 303 -31.36 -1.66 -22.89
N THR A 304 -31.01 -2.74 -23.59
CA THR A 304 -31.36 -4.08 -23.15
C THR A 304 -30.38 -4.60 -22.11
N ARG A 305 -29.10 -4.26 -22.27
CA ARG A 305 -28.06 -4.80 -21.38
C ARG A 305 -26.76 -4.00 -21.40
N VAL A 306 -25.94 -4.22 -20.37
CA VAL A 306 -24.58 -3.70 -20.28
C VAL A 306 -23.66 -4.87 -20.07
N SER A 307 -22.54 -4.88 -20.77
CA SER A 307 -21.56 -5.93 -20.62
C SER A 307 -20.20 -5.33 -20.30
N GLU A 308 -19.40 -6.07 -19.53
CA GLU A 308 -18.08 -5.60 -19.10
C GLU A 308 -17.03 -6.59 -19.54
N PHE A 309 -16.22 -6.18 -20.50
CA PHE A 309 -15.39 -7.11 -21.25
C PHE A 309 -14.34 -7.84 -20.43
N LYS A 310 -13.81 -7.22 -19.40
CA LYS A 310 -12.76 -7.86 -18.60
C LYS A 310 -13.26 -9.15 -17.93
N HIS A 311 -14.56 -9.22 -17.63
CA HIS A 311 -15.12 -10.45 -17.09
C HIS A 311 -14.97 -11.56 -18.14
N ILE A 312 -15.16 -11.18 -19.40
CA ILE A 312 -15.22 -12.14 -20.49
C ILE A 312 -13.83 -12.51 -21.02
N THR A 313 -12.95 -11.52 -21.12
CA THR A 313 -11.61 -11.75 -21.65
C THR A 313 -10.61 -12.20 -20.58
N GLY A 314 -10.91 -11.92 -19.32
CA GLY A 314 -9.94 -12.14 -18.27
C GLY A 314 -8.78 -11.14 -18.28
N GLN A 315 -8.83 -10.15 -19.17
CA GLN A 315 -7.76 -9.14 -19.21
C GLN A 315 -7.56 -8.44 -17.86
N ARG A 316 -6.30 -8.19 -17.50
CA ARG A 316 -5.97 -7.34 -16.35
C ARG A 316 -5.69 -5.90 -16.81
N HIS A 317 -6.24 -4.92 -16.10
CA HIS A 317 -6.11 -3.53 -16.51
C HIS A 317 -6.63 -2.67 -15.36
N HIS A 318 -6.13 -1.44 -15.23
CA HIS A 318 -6.53 -0.60 -14.10
C HIS A 318 -7.82 0.16 -14.40
N GLN A 319 -8.21 0.19 -15.67
CA GLN A 319 -9.52 0.69 -16.04
C GLN A 319 -10.39 -0.43 -16.57
N THR A 320 -11.61 -0.08 -16.97
CA THR A 320 -12.54 -1.07 -17.48
C THR A 320 -13.39 -0.46 -18.58
N SER A 321 -13.70 -1.26 -19.60
CA SER A 321 -14.56 -0.81 -20.69
C SER A 321 -15.85 -1.64 -20.76
N VAL A 322 -16.96 -0.93 -20.98
CA VAL A 322 -18.27 -1.56 -21.06
C VAL A 322 -19.01 -1.10 -22.32
N VAL A 323 -20.03 -1.86 -22.70
CA VAL A 323 -20.90 -1.50 -23.81
C VAL A 323 -22.37 -1.62 -23.43
N TYR A 324 -23.13 -0.59 -23.80
CA TYR A 324 -24.60 -0.59 -23.70
C TYR A 324 -25.22 -0.81 -25.09
N GLU A 325 -26.13 -1.76 -25.19
CA GLU A 325 -26.80 -2.04 -26.47
C GLU A 325 -28.22 -1.47 -26.56
N TYR A 326 -28.44 -0.67 -27.60
CA TYR A 326 -29.77 -0.16 -27.90
C TYR A 326 -30.34 -0.83 -29.16
N PRO A 327 -31.47 -1.55 -29.02
CA PRO A 327 -32.16 -2.15 -30.17
C PRO A 327 -32.56 -1.11 -31.20
N ARG A 328 -32.32 -1.40 -32.47
CA ARG A 328 -32.68 -0.48 -33.55
C ARG A 328 -33.44 -1.19 -34.68
N ALA A 329 -34.46 -0.53 -35.21
CA ALA A 329 -35.14 -1.05 -36.39
C ALA A 329 -34.26 -0.89 -37.64
N GLU A 330 -33.38 0.12 -37.61
CA GLU A 330 -32.64 0.54 -38.78
C GLU A 330 -31.13 0.36 -38.57
N GLY A 331 -30.43 -0.05 -39.62
CA GLY A 331 -28.98 -0.16 -39.55
C GLY A 331 -28.50 -1.52 -40.02
N ASP A 332 -27.25 -1.89 -39.71
CA ASP A 332 -26.72 -3.18 -40.18
C ASP A 332 -27.49 -4.35 -39.56
N PRO A 333 -27.78 -5.38 -40.38
CA PRO A 333 -28.63 -6.47 -39.88
C PRO A 333 -27.83 -7.39 -38.96
N TYR A 334 -28.34 -7.68 -37.77
CA TYR A 334 -27.68 -8.58 -36.83
C TYR A 334 -28.53 -9.80 -36.46
N TYR A 335 -29.85 -9.66 -36.51
CA TYR A 335 -30.76 -10.72 -36.12
C TYR A 335 -31.85 -10.94 -37.18
N PRO A 336 -32.05 -12.20 -37.61
CA PRO A 336 -33.31 -12.47 -38.30
C PRO A 336 -34.43 -12.32 -37.27
N VAL A 337 -35.66 -12.14 -37.75
CA VAL A 337 -36.81 -11.95 -36.87
C VAL A 337 -37.81 -13.10 -37.00
N PRO A 338 -37.56 -14.21 -36.27
CA PRO A 338 -38.38 -15.41 -36.46
C PRO A 338 -39.86 -15.20 -36.08
N ARG A 339 -40.73 -15.21 -37.09
CA ARG A 339 -42.17 -15.17 -36.93
C ARG A 339 -42.75 -15.53 -38.29
N PRO A 340 -44.00 -16.02 -38.32
CA PRO A 340 -44.62 -16.54 -39.55
C PRO A 340 -44.57 -15.58 -40.76
N GLU A 341 -44.83 -14.29 -40.58
CA GLU A 341 -44.78 -13.37 -41.72
C GLU A 341 -43.39 -13.25 -42.33
N ASN A 342 -42.35 -13.46 -41.52
CA ASN A 342 -40.98 -13.39 -42.02
C ASN A 342 -40.46 -14.71 -42.60
N ALA A 343 -40.83 -15.84 -41.99
CA ALA A 343 -40.46 -17.14 -42.52
C ALA A 343 -41.08 -17.33 -43.91
N GLU A 344 -42.25 -16.72 -44.06
CA GLU A 344 -42.98 -16.67 -45.31
C GLU A 344 -42.13 -16.01 -46.38
N LEU A 345 -41.74 -14.78 -46.11
CA LEU A 345 -40.89 -14.02 -47.02
C LEU A 345 -39.56 -14.72 -47.30
N TYR A 346 -38.91 -15.26 -46.26
CA TYR A 346 -37.65 -15.94 -46.47
C TYR A 346 -37.76 -17.13 -47.42
N LYS A 347 -38.83 -17.91 -47.24
CA LYS A 347 -39.09 -19.07 -48.08
C LYS A 347 -38.99 -18.71 -49.58
N LYS A 348 -39.45 -17.53 -49.93
CA LYS A 348 -39.42 -17.08 -51.32
C LYS A 348 -37.99 -16.77 -51.77
N TYR A 349 -37.22 -16.14 -50.89
CA TYR A 349 -35.84 -15.80 -51.22
C TYR A 349 -35.01 -17.06 -51.28
N GLU A 350 -35.37 -18.02 -50.44
CA GLU A 350 -34.70 -19.31 -50.36
C GLU A 350 -34.85 -20.11 -51.65
N ALA A 351 -36.01 -20.00 -52.28
CA ALA A 351 -36.24 -20.67 -53.57
C ALA A 351 -35.33 -20.06 -54.62
N LEU A 352 -35.18 -18.74 -54.58
CA LEU A 352 -34.24 -18.06 -55.46
C LEU A 352 -32.81 -18.53 -55.17
N ALA A 353 -32.43 -18.54 -53.89
CA ALA A 353 -31.09 -19.01 -53.50
C ALA A 353 -30.81 -20.39 -54.03
N ASP A 354 -31.69 -21.34 -53.73
CA ASP A 354 -31.50 -22.75 -54.09
C ASP A 354 -31.34 -22.90 -55.60
N ALA A 355 -31.87 -21.94 -56.35
CA ALA A 355 -31.85 -22.02 -57.79
C ALA A 355 -30.63 -21.32 -58.39
N ALA A 356 -30.03 -20.40 -57.64
CA ALA A 356 -28.87 -19.66 -58.16
C ALA A 356 -27.74 -20.64 -58.43
N GLN A 357 -27.34 -20.70 -59.69
CA GLN A 357 -26.47 -21.78 -60.14
C GLN A 357 -25.16 -21.86 -59.35
N ASP A 358 -24.33 -20.82 -59.46
CA ASP A 358 -23.00 -20.89 -58.88
C ASP A 358 -22.84 -20.07 -57.59
N VAL A 359 -23.87 -20.07 -56.77
CA VAL A 359 -23.81 -19.37 -55.49
C VAL A 359 -24.31 -20.27 -54.37
N THR A 360 -23.52 -20.38 -53.30
CA THR A 360 -24.04 -21.02 -52.10
C THR A 360 -24.12 -20.08 -50.89
N PHE A 361 -25.25 -20.17 -50.20
CA PHE A 361 -25.58 -19.26 -49.13
C PHE A 361 -25.31 -19.94 -47.78
N VAL A 362 -24.62 -19.22 -46.89
CA VAL A 362 -24.20 -19.78 -45.60
C VAL A 362 -24.16 -18.69 -44.56
N GLY A 363 -24.58 -19.03 -43.33
CA GLY A 363 -24.40 -18.15 -42.20
C GLY A 363 -25.69 -17.56 -41.67
N ARG A 364 -25.59 -16.85 -40.54
CA ARG A 364 -26.78 -16.29 -39.89
C ARG A 364 -27.63 -15.44 -40.85
N LEU A 365 -27.00 -14.52 -41.56
CA LEU A 365 -27.74 -13.55 -42.40
C LEU A 365 -28.23 -14.14 -43.71
N ALA A 366 -27.39 -14.95 -44.33
CA ALA A 366 -27.63 -15.48 -45.64
C ALA A 366 -28.70 -16.60 -45.65
N THR A 367 -28.82 -17.31 -44.54
CA THR A 367 -29.82 -18.37 -44.44
C THR A 367 -30.89 -18.03 -43.41
N TYR A 368 -30.87 -16.79 -42.93
CA TYR A 368 -31.92 -16.28 -42.05
C TYR A 368 -32.16 -17.21 -40.85
N ARG A 369 -31.07 -17.57 -40.18
CA ARG A 369 -31.14 -18.47 -39.04
C ARG A 369 -30.54 -17.79 -37.79
N TYR A 370 -31.26 -17.86 -36.68
CA TYR A 370 -30.81 -17.25 -35.42
C TYR A 370 -29.72 -18.13 -34.78
N TYR A 371 -28.54 -18.14 -35.40
CA TYR A 371 -27.46 -19.06 -35.02
C TYR A 371 -26.40 -18.44 -34.12
N ASN A 372 -25.91 -19.23 -33.16
CA ASN A 372 -24.75 -18.82 -32.37
C ASN A 372 -23.48 -19.09 -33.16
N MET A 373 -22.34 -18.65 -32.66
CA MET A 373 -21.09 -18.84 -33.39
C MET A 373 -20.82 -20.31 -33.72
N ASP A 374 -20.91 -21.18 -32.72
CA ASP A 374 -20.59 -22.59 -32.95
C ASP A 374 -21.47 -23.20 -34.04
N GLN A 375 -22.76 -22.84 -34.05
CA GLN A 375 -23.70 -23.36 -35.06
C GLN A 375 -23.34 -22.88 -36.45
N VAL A 376 -22.89 -21.63 -36.56
CA VAL A 376 -22.42 -21.16 -37.86
C VAL A 376 -21.17 -21.93 -38.30
N VAL A 377 -20.22 -22.14 -37.39
CA VAL A 377 -19.06 -22.96 -37.73
C VAL A 377 -19.50 -24.34 -38.23
N ALA A 378 -20.41 -24.98 -37.51
CA ALA A 378 -20.90 -26.31 -37.90
C ALA A 378 -21.57 -26.26 -39.27
N GLN A 379 -22.33 -25.20 -39.52
CA GLN A 379 -22.96 -25.01 -40.83
C GLN A 379 -21.91 -24.92 -41.93
N ALA A 380 -20.88 -24.13 -41.69
CA ALA A 380 -19.82 -23.91 -42.68
C ALA A 380 -19.04 -25.19 -42.98
N LEU A 381 -18.73 -25.97 -41.94
CA LEU A 381 -18.02 -27.23 -42.10
C LEU A 381 -18.86 -28.19 -42.92
N ALA A 382 -20.16 -28.21 -42.66
CA ALA A 382 -21.06 -29.13 -43.37
C ALA A 382 -21.23 -28.70 -44.83
N THR A 383 -21.23 -27.39 -45.07
CA THR A 383 -21.30 -26.87 -46.43
C THR A 383 -20.03 -27.27 -47.19
N PHE A 384 -18.88 -27.24 -46.51
CA PHE A 384 -17.61 -27.61 -47.14
C PHE A 384 -17.66 -29.06 -47.62
N ARG A 385 -18.09 -29.97 -46.75
CA ARG A 385 -18.24 -31.38 -47.13
C ARG A 385 -19.19 -31.57 -48.32
N ARG A 386 -20.25 -30.78 -48.40
CA ARG A 386 -21.12 -30.85 -49.57
C ARG A 386 -20.43 -30.31 -50.84
N LEU A 387 -19.77 -29.17 -50.75
CA LEU A 387 -19.03 -28.66 -51.91
C LEU A 387 -18.05 -29.71 -52.42
N GLN A 388 -17.43 -30.44 -51.52
CA GLN A 388 -16.40 -31.37 -51.89
C GLN A 388 -16.92 -32.67 -52.44
N GLY A 389 -18.21 -32.90 -52.27
CA GLY A 389 -18.84 -34.12 -52.69
C GLY A 389 -19.41 -33.98 -54.06
N SER B 27 -23.22 46.88 46.40
CA SER B 27 -22.66 45.53 46.33
C SER B 27 -21.39 45.49 45.47
N LYS B 28 -20.24 45.64 46.13
CA LYS B 28 -18.96 45.42 45.48
C LYS B 28 -18.78 43.91 45.34
N GLY B 29 -17.96 43.48 44.38
CA GLY B 29 -17.79 42.06 44.14
C GLY B 29 -18.81 41.51 43.17
N PHE B 30 -19.35 40.33 43.47
CA PHE B 30 -20.19 39.65 42.50
C PHE B 30 -21.63 39.54 42.90
N ASP B 31 -22.51 39.52 41.91
CA ASP B 31 -23.90 39.18 42.16
C ASP B 31 -24.00 37.73 42.62
N TYR B 32 -23.30 36.84 41.92
CA TYR B 32 -23.35 35.40 42.23
C TYR B 32 -21.98 34.78 42.41
N LEU B 33 -21.83 34.00 43.47
CA LEU B 33 -20.75 33.05 43.60
C LEU B 33 -21.31 31.67 43.27
N ILE B 34 -20.69 30.99 42.32
CA ILE B 34 -21.14 29.67 41.89
C ILE B 34 -20.06 28.67 42.23
N VAL B 35 -20.46 27.62 42.92
CA VAL B 35 -19.53 26.61 43.40
C VAL B 35 -19.62 25.36 42.52
N GLY B 36 -18.56 25.07 41.78
CA GLY B 36 -18.55 23.97 40.84
C GLY B 36 -18.80 24.41 39.40
N ALA B 37 -17.97 23.91 38.48
CA ALA B 37 -18.03 24.29 37.06
C ALA B 37 -18.37 23.11 36.13
N GLY B 38 -19.15 22.15 36.64
CA GLY B 38 -19.76 21.15 35.78
C GLY B 38 -20.98 21.76 35.11
N PHE B 39 -21.85 20.91 34.56
CA PHE B 39 -23.04 21.39 33.86
C PHE B 39 -23.91 22.32 34.72
N ALA B 40 -24.25 21.91 35.94
CA ALA B 40 -25.11 22.74 36.78
C ALA B 40 -24.54 24.15 36.96
N GLY B 41 -23.29 24.25 37.37
CA GLY B 41 -22.65 25.54 37.57
C GLY B 41 -22.49 26.39 36.33
N SER B 42 -21.94 25.79 35.28
CA SER B 42 -21.57 26.53 34.05
C SER B 42 -22.79 27.04 33.29
N VAL B 43 -23.84 26.23 33.23
CA VAL B 43 -25.10 26.65 32.63
C VAL B 43 -25.62 27.87 33.36
N LEU B 44 -25.63 27.81 34.70
CA LEU B 44 -26.14 28.93 35.47
C LEU B 44 -25.25 30.18 35.35
N ALA B 45 -23.94 30.00 35.32
CA ALA B 45 -23.03 31.12 35.05
C ALA B 45 -23.36 31.77 33.71
N GLU B 46 -23.44 30.95 32.66
CA GLU B 46 -23.70 31.46 31.32
C GLU B 46 -25.00 32.25 31.25
N ARG B 47 -26.06 31.70 31.84
CA ARG B 47 -27.36 32.38 31.83
C ARG B 47 -27.30 33.67 32.66
N LEU B 48 -26.87 33.55 33.91
CA LEU B 48 -26.74 34.73 34.76
C LEU B 48 -25.88 35.82 34.10
N ALA B 49 -24.70 35.46 33.58
CA ALA B 49 -23.85 36.46 32.92
C ALA B 49 -24.53 37.11 31.70
N SER B 50 -25.30 36.33 30.95
CA SER B 50 -25.93 36.85 29.75
C SER B 50 -27.04 37.84 30.09
N SER B 51 -27.49 37.80 31.35
CA SER B 51 -28.50 38.75 31.81
C SER B 51 -27.85 39.91 32.57
N GLY B 52 -26.54 40.02 32.50
CA GLY B 52 -25.83 41.16 33.05
C GLY B 52 -25.29 41.00 34.45
N GLN B 53 -25.48 39.83 35.03
CA GLN B 53 -25.00 39.57 36.38
C GLN B 53 -23.49 39.31 36.42
N ARG B 54 -22.80 39.85 37.41
CA ARG B 54 -21.39 39.58 37.60
C ARG B 54 -21.21 38.25 38.32
N VAL B 55 -20.57 37.29 37.64
CA VAL B 55 -20.48 35.94 38.15
C VAL B 55 -19.05 35.53 38.50
N LEU B 56 -18.90 34.82 39.60
CA LEU B 56 -17.62 34.22 39.92
C LEU B 56 -17.86 32.73 40.09
N ILE B 57 -17.27 31.92 39.22
CA ILE B 57 -17.46 30.49 39.31
C ILE B 57 -16.17 29.84 39.75
N VAL B 58 -16.25 28.96 40.75
CA VAL B 58 -15.05 28.33 41.31
C VAL B 58 -15.14 26.81 41.33
N ASP B 59 -13.98 26.15 41.31
CA ASP B 59 -13.92 24.70 41.39
C ASP B 59 -12.62 24.29 42.07
N ARG B 60 -12.70 23.26 42.90
CA ARG B 60 -11.52 22.74 43.59
C ARG B 60 -10.65 21.99 42.59
N ARG B 61 -11.23 21.61 41.47
CA ARG B 61 -10.45 20.96 40.43
C ARG B 61 -9.70 22.03 39.67
N PRO B 62 -8.56 21.68 39.08
CA PRO B 62 -7.75 22.64 38.31
C PRO B 62 -8.27 22.81 36.89
N HIS B 63 -9.51 22.42 36.64
CA HIS B 63 -10.08 22.52 35.30
C HIS B 63 -11.59 22.71 35.38
N ILE B 64 -12.20 23.15 34.30
CA ILE B 64 -13.66 23.32 34.29
C ILE B 64 -14.33 22.05 33.80
N GLY B 65 -15.66 22.10 33.68
CA GLY B 65 -16.43 21.00 33.13
C GLY B 65 -16.85 19.85 34.05
N GLY B 66 -16.45 19.88 35.32
CA GLY B 66 -16.82 18.81 36.24
C GLY B 66 -16.43 17.43 35.74
N ASN B 67 -17.31 16.43 35.89
CA ASN B 67 -17.04 15.08 35.39
C ASN B 67 -17.01 14.96 33.88
N ALA B 68 -17.53 15.96 33.18
CA ALA B 68 -17.64 15.84 31.74
C ALA B 68 -16.40 16.40 31.04
N TYR B 69 -15.47 16.89 31.82
CA TYR B 69 -14.26 17.47 31.26
C TYR B 69 -13.52 16.43 30.40
N ASP B 70 -13.07 16.85 29.22
CA ASP B 70 -12.20 15.98 28.44
C ASP B 70 -10.85 16.62 28.13
N CYS B 71 -9.90 15.81 27.69
CA CYS B 71 -8.57 16.29 27.41
C CYS B 71 -7.82 15.30 26.54
N TYR B 72 -6.68 15.73 26.03
CA TYR B 72 -5.86 14.90 25.18
C TYR B 72 -4.83 14.22 26.05
N ASP B 73 -4.68 12.91 25.89
CA ASP B 73 -3.79 12.13 26.75
C ASP B 73 -2.35 12.17 26.24
N ASP B 74 -1.44 11.42 26.85
CA ASP B 74 -0.05 11.47 26.42
C ASP B 74 0.15 11.10 24.97
N ALA B 75 -0.74 10.28 24.44
CA ALA B 75 -0.56 9.81 23.08
C ALA B 75 -1.28 10.68 22.02
N GLY B 76 -2.04 11.67 22.47
CA GLY B 76 -2.78 12.53 21.56
C GLY B 76 -4.22 12.09 21.33
N VAL B 77 -4.70 11.15 22.13
CA VAL B 77 -6.08 10.70 22.01
C VAL B 77 -6.97 11.54 22.93
N LEU B 78 -8.09 12.01 22.39
CA LEU B 78 -9.09 12.72 23.19
C LEU B 78 -9.85 11.74 24.06
N ILE B 79 -9.79 11.94 25.38
CA ILE B 79 -10.37 11.00 26.34
C ILE B 79 -11.18 11.70 27.44
N HIS B 80 -11.92 10.90 28.21
CA HIS B 80 -12.66 11.41 29.37
C HIS B 80 -12.03 10.89 30.68
N PRO B 81 -11.28 11.73 31.39
CA PRO B 81 -10.57 11.27 32.59
C PRO B 81 -11.49 10.62 33.62
N TYR B 82 -12.72 11.08 33.71
CA TYR B 82 -13.67 10.57 34.71
C TYR B 82 -14.72 9.62 34.13
N GLY B 83 -14.36 8.86 33.11
CA GLY B 83 -15.26 7.86 32.54
C GLY B 83 -15.98 8.35 31.29
N PRO B 84 -16.46 7.40 30.48
CA PRO B 84 -17.18 7.71 29.24
C PRO B 84 -18.43 8.55 29.47
N HIS B 85 -18.50 9.72 28.85
CA HIS B 85 -19.67 10.57 28.91
C HIS B 85 -20.30 10.72 27.52
N ILE B 86 -21.47 10.11 27.33
CA ILE B 86 -22.15 10.14 26.05
C ILE B 86 -23.40 11.00 26.16
N PHE B 87 -23.46 12.09 25.39
CA PHE B 87 -24.59 13.00 25.51
C PHE B 87 -25.83 12.50 24.76
N HIS B 88 -26.98 12.62 25.42
CA HIS B 88 -28.24 12.18 24.85
C HIS B 88 -29.39 12.87 25.58
N THR B 89 -30.38 13.33 24.83
CA THR B 89 -31.53 13.99 25.43
C THR B 89 -32.75 13.84 24.56
N ASN B 90 -33.92 13.90 25.19
CA ASN B 90 -35.19 13.92 24.47
C ASN B 90 -35.70 15.35 24.39
N SER B 91 -35.01 16.24 25.09
CA SER B 91 -35.42 17.64 25.16
C SER B 91 -34.84 18.50 24.04
N LYS B 92 -35.72 18.93 23.15
CA LYS B 92 -35.38 19.88 22.11
C LYS B 92 -34.74 21.14 22.69
N ASP B 93 -35.26 21.62 23.82
CA ASP B 93 -34.73 22.81 24.45
C ASP B 93 -33.30 22.63 24.94
N VAL B 94 -33.01 21.52 25.62
CA VAL B 94 -31.66 21.30 26.11
C VAL B 94 -30.69 21.23 24.95
N PHE B 95 -31.06 20.48 23.92
CA PHE B 95 -30.20 20.32 22.76
C PHE B 95 -29.92 21.64 22.02
N GLU B 96 -30.96 22.44 21.81
CA GLU B 96 -30.78 23.72 21.15
C GLU B 96 -29.96 24.68 22.01
N TYR B 97 -30.17 24.65 23.32
CA TYR B 97 -29.40 25.50 24.22
C TYR B 97 -27.91 25.17 24.11
N LEU B 98 -27.57 23.88 24.24
CA LEU B 98 -26.19 23.44 24.14
C LEU B 98 -25.64 23.73 22.74
N SER B 99 -26.51 23.65 21.73
CA SER B 99 -26.13 23.90 20.36
C SER B 99 -25.51 25.29 20.21
N ARG B 100 -25.79 26.18 21.17
CA ARG B 100 -25.23 27.52 21.10
C ARG B 100 -23.72 27.54 21.35
N PHE B 101 -23.19 26.46 21.91
CA PHE B 101 -21.81 26.49 22.39
C PHE B 101 -20.92 25.44 21.75
N THR B 102 -21.48 24.71 20.80
CA THR B 102 -20.74 23.64 20.15
C THR B 102 -21.47 23.13 18.91
N GLU B 103 -20.69 22.67 17.94
CA GLU B 103 -21.23 21.86 16.87
C GLU B 103 -21.30 20.41 17.35
N TRP B 104 -21.89 19.55 16.53
CA TRP B 104 -22.16 18.19 16.95
C TRP B 104 -21.68 17.11 15.97
N ARG B 105 -21.19 16.02 16.54
CA ARG B 105 -20.96 14.81 15.78
C ARG B 105 -22.08 13.82 16.15
N PRO B 106 -22.90 13.45 15.16
CA PRO B 106 -23.96 12.46 15.39
C PRO B 106 -23.36 11.15 15.89
N TYR B 107 -24.00 10.52 16.88
CA TYR B 107 -23.46 9.33 17.51
C TYR B 107 -24.51 8.69 18.40
N GLN B 108 -24.81 7.42 18.11
CA GLN B 108 -25.70 6.63 18.95
C GLN B 108 -24.87 5.48 19.52
N HIS B 109 -24.65 5.55 20.83
CA HIS B 109 -23.77 4.66 21.57
C HIS B 109 -24.29 3.23 21.52
N ARG B 110 -23.42 2.25 21.40
CA ARG B 110 -23.85 0.86 21.50
C ARG B 110 -23.00 0.07 22.46
N VAL B 111 -23.67 -0.68 23.33
CA VAL B 111 -23.00 -1.42 24.40
C VAL B 111 -23.22 -2.92 24.23
N LEU B 112 -22.15 -3.69 24.46
CA LEU B 112 -22.22 -5.14 24.41
C LEU B 112 -21.87 -5.71 25.80
N ALA B 113 -22.59 -6.74 26.22
CA ALA B 113 -22.31 -7.36 27.51
C ALA B 113 -21.68 -8.72 27.28
N SER B 114 -20.62 -9.00 28.03
CA SER B 114 -19.94 -10.29 27.98
C SER B 114 -20.63 -11.34 28.84
N VAL B 115 -21.35 -12.25 28.19
CA VAL B 115 -22.12 -13.27 28.89
C VAL B 115 -21.96 -14.61 28.19
N ASP B 116 -21.64 -15.65 28.96
CA ASP B 116 -21.46 -16.99 28.40
C ASP B 116 -20.46 -16.99 27.26
N GLY B 117 -19.41 -16.18 27.38
CA GLY B 117 -18.39 -16.12 26.36
C GLY B 117 -18.83 -15.47 25.05
N GLN B 118 -20.00 -14.82 25.06
CA GLN B 118 -20.47 -14.09 23.88
C GLN B 118 -20.53 -12.59 24.18
N LEU B 119 -20.54 -11.76 23.14
CA LEU B 119 -20.83 -10.33 23.30
C LEU B 119 -22.26 -10.07 22.80
N LEU B 120 -23.15 -9.71 23.71
CA LEU B 120 -24.58 -9.63 23.39
C LEU B 120 -25.11 -8.22 23.66
N PRO B 121 -26.13 -7.79 22.90
CA PRO B 121 -26.69 -6.46 23.09
C PRO B 121 -27.30 -6.26 24.48
N ILE B 122 -27.02 -5.11 25.08
CA ILE B 122 -27.64 -4.67 26.32
C ILE B 122 -27.99 -3.21 26.03
N PRO B 123 -29.22 -2.78 26.30
CA PRO B 123 -30.39 -3.47 26.86
C PRO B 123 -30.71 -4.79 26.18
N ILE B 124 -31.25 -5.73 26.95
CA ILE B 124 -31.73 -6.98 26.42
C ILE B 124 -32.79 -6.71 25.33
N ASN B 125 -32.59 -7.28 24.15
CA ASN B 125 -33.55 -7.13 23.05
C ASN B 125 -33.81 -8.49 22.39
N LEU B 126 -34.59 -8.50 21.30
CA LEU B 126 -34.93 -9.77 20.63
C LEU B 126 -33.64 -10.55 20.32
N ASP B 127 -32.64 -9.84 19.80
CA ASP B 127 -31.41 -10.49 19.36
C ASP B 127 -30.63 -11.06 20.53
N THR B 128 -30.67 -10.39 21.69
CA THR B 128 -30.00 -10.89 22.88
C THR B 128 -30.54 -12.26 23.22
N VAL B 129 -31.87 -12.35 23.31
CA VAL B 129 -32.54 -13.58 23.69
C VAL B 129 -32.26 -14.69 22.67
N ASN B 130 -32.45 -14.38 21.40
CA ASN B 130 -32.23 -15.37 20.35
C ASN B 130 -30.80 -15.90 20.32
N ARG B 131 -29.83 -14.99 20.42
CA ARG B 131 -28.43 -15.37 20.32
C ARG B 131 -27.98 -16.15 21.56
N LEU B 132 -28.42 -15.69 22.73
CA LEU B 132 -28.03 -16.32 23.97
C LEU B 132 -28.48 -17.77 24.02
N TYR B 133 -29.77 -18.01 23.71
CA TYR B 133 -30.34 -19.35 23.83
C TYR B 133 -30.43 -20.12 22.52
N GLY B 134 -29.96 -19.54 21.41
CA GLY B 134 -30.13 -20.17 20.11
C GLY B 134 -31.57 -20.27 19.63
N LEU B 135 -32.39 -19.29 20.03
CA LEU B 135 -33.79 -19.29 19.65
C LEU B 135 -33.99 -18.56 18.33
N ASN B 136 -35.21 -18.64 17.82
CA ASN B 136 -35.58 -17.99 16.57
C ASN B 136 -36.90 -17.23 16.70
N LEU B 137 -37.06 -16.57 17.83
CA LEU B 137 -38.30 -15.89 18.16
C LEU B 137 -38.46 -14.63 17.33
N THR B 138 -39.71 -14.32 17.03
CA THR B 138 -40.08 -13.05 16.43
C THR B 138 -40.34 -12.04 17.55
N SER B 139 -40.40 -10.76 17.21
CA SER B 139 -40.72 -9.71 18.17
C SER B 139 -41.97 -10.05 18.96
N PHE B 140 -42.99 -10.47 18.24
CA PHE B 140 -44.27 -10.79 18.88
C PHE B 140 -44.09 -11.91 19.90
N GLN B 141 -43.37 -12.95 19.50
CA GLN B 141 -43.14 -14.11 20.36
C GLN B 141 -42.28 -13.82 21.58
N VAL B 142 -41.35 -12.88 21.46
CA VAL B 142 -40.41 -12.66 22.56
C VAL B 142 -41.16 -12.06 23.74
N GLU B 143 -42.23 -11.35 23.45
CA GLU B 143 -43.08 -10.79 24.50
C GLU B 143 -43.76 -11.91 25.30
N GLU B 144 -44.12 -13.00 24.62
CA GLU B 144 -44.77 -14.12 25.30
C GLU B 144 -43.73 -14.91 26.08
N PHE B 145 -42.52 -14.96 25.54
CA PHE B 145 -41.39 -15.60 26.22
C PHE B 145 -41.07 -14.90 27.53
N PHE B 146 -40.95 -13.58 27.50
CA PHE B 146 -40.69 -12.83 28.72
C PHE B 146 -41.85 -13.06 29.70
N ALA B 147 -43.07 -12.91 29.22
CA ALA B 147 -44.25 -13.08 30.07
C ALA B 147 -44.28 -14.46 30.72
N SER B 148 -43.73 -15.46 30.03
CA SER B 148 -43.76 -16.83 30.54
C SER B 148 -42.65 -17.12 31.55
N VAL B 149 -41.70 -16.20 31.73
CA VAL B 149 -40.67 -16.44 32.74
C VAL B 149 -40.66 -15.38 33.84
N ALA B 150 -41.37 -14.28 33.60
CA ALA B 150 -41.45 -13.19 34.56
C ALA B 150 -41.94 -13.69 35.91
N GLU B 151 -41.51 -13.02 36.97
CA GLU B 151 -42.10 -13.30 38.28
C GLU B 151 -43.19 -12.30 38.62
N LYS B 152 -44.22 -12.81 39.29
CA LYS B 152 -45.23 -11.96 39.88
C LYS B 152 -44.61 -11.24 41.07
N VAL B 153 -44.73 -9.91 41.06
CA VAL B 153 -44.36 -9.12 42.22
C VAL B 153 -45.51 -8.15 42.45
N GLU B 154 -46.24 -8.34 43.53
CA GLU B 154 -47.40 -7.49 43.82
C GLU B 154 -47.05 -6.03 43.60
N GLN B 155 -45.91 -5.60 44.14
CA GLN B 155 -45.50 -4.22 43.98
C GLN B 155 -44.00 -4.01 43.75
N VAL B 156 -43.69 -3.40 42.62
CA VAL B 156 -42.32 -3.13 42.20
C VAL B 156 -41.66 -2.07 43.08
N ARG B 157 -40.76 -2.50 43.96
CA ARG B 157 -40.07 -1.56 44.85
C ARG B 157 -38.54 -1.47 44.67
N THR B 158 -37.89 -2.61 44.46
CA THR B 158 -36.44 -2.65 44.35
C THR B 158 -35.94 -2.76 42.91
N SER B 159 -34.63 -2.62 42.72
CA SER B 159 -34.00 -2.85 41.43
C SER B 159 -34.05 -4.32 41.01
N GLU B 160 -34.17 -5.24 41.96
CA GLU B 160 -34.41 -6.64 41.63
C GLU B 160 -35.85 -6.86 41.16
N ASP B 161 -36.80 -6.21 41.83
CA ASP B 161 -38.20 -6.26 41.43
C ASP B 161 -38.39 -5.85 39.96
N VAL B 162 -37.85 -4.69 39.57
CA VAL B 162 -38.06 -4.17 38.22
C VAL B 162 -37.60 -5.13 37.10
N VAL B 163 -36.49 -5.83 37.32
CA VAL B 163 -35.94 -6.73 36.31
C VAL B 163 -36.60 -8.10 36.32
N VAL B 164 -36.57 -8.74 37.49
CA VAL B 164 -37.17 -10.06 37.66
C VAL B 164 -38.66 -10.14 37.26
N SER B 165 -39.38 -9.03 37.39
CA SER B 165 -40.82 -9.04 37.06
C SER B 165 -41.08 -8.76 35.58
N LYS B 166 -40.02 -8.60 34.81
CA LYS B 166 -40.15 -8.40 33.36
C LYS B 166 -39.50 -9.52 32.56
N VAL B 167 -38.26 -9.87 32.91
CA VAL B 167 -37.49 -10.82 32.11
C VAL B 167 -37.20 -12.12 32.83
N GLY B 168 -37.75 -12.27 34.03
CA GLY B 168 -37.55 -13.50 34.78
C GLY B 168 -36.15 -13.56 35.37
N ARG B 169 -35.83 -14.70 35.97
CA ARG B 169 -34.71 -14.82 36.89
C ARG B 169 -33.35 -15.20 36.27
N ASP B 170 -33.39 -16.00 35.21
CA ASP B 170 -32.15 -16.39 34.52
C ASP B 170 -31.46 -15.18 33.88
N LEU B 171 -32.23 -14.35 33.20
CA LEU B 171 -31.68 -13.16 32.55
C LEU B 171 -31.22 -12.11 33.57
N TYR B 172 -32.02 -11.89 34.61
CA TYR B 172 -31.61 -11.06 35.73
C TYR B 172 -30.22 -11.47 36.18
N ASN B 173 -30.05 -12.76 36.43
CA ASN B 173 -28.79 -13.29 36.91
C ASN B 173 -27.66 -13.05 35.94
N LYS B 174 -27.93 -13.21 34.65
CA LYS B 174 -26.89 -13.13 33.65
C LYS B 174 -26.41 -11.70 33.37
N PHE B 175 -27.32 -10.74 33.40
CA PHE B 175 -27.02 -9.38 32.96
C PHE B 175 -26.99 -8.35 34.10
N PHE B 176 -27.80 -8.58 35.13
CA PHE B 176 -28.00 -7.55 36.15
C PHE B 176 -27.42 -7.86 37.53
N ARG B 177 -27.66 -9.06 38.05
CA ARG B 177 -27.31 -9.35 39.45
C ARG B 177 -25.82 -9.14 39.70
N GLY B 178 -24.98 -9.84 38.92
CA GLY B 178 -23.54 -9.69 39.01
C GLY B 178 -23.05 -8.26 38.77
N TYR B 179 -23.55 -7.61 37.72
CA TYR B 179 -23.12 -6.26 37.42
C TYR B 179 -23.44 -5.29 38.57
N THR B 180 -24.66 -5.39 39.10
CA THR B 180 -25.10 -4.50 40.15
C THR B 180 -24.30 -4.67 41.44
N ARG B 181 -24.01 -5.93 41.80
CA ARG B 181 -23.28 -6.19 43.03
C ARG B 181 -21.87 -5.62 42.95
N LYS B 182 -21.22 -5.82 41.81
CA LYS B 182 -19.92 -5.23 41.54
C LYS B 182 -19.97 -3.69 41.62
N GLN B 183 -20.90 -3.08 40.89
CA GLN B 183 -20.95 -1.61 40.79
C GLN B 183 -21.30 -0.92 42.11
N TRP B 184 -22.25 -1.47 42.84
CA TRP B 184 -22.80 -0.79 44.01
C TRP B 184 -22.29 -1.35 45.35
N GLY B 185 -21.87 -2.61 45.34
CA GLY B 185 -21.47 -3.27 46.58
C GLY B 185 -22.72 -3.56 47.39
N LEU B 186 -23.84 -3.60 46.68
CA LEU B 186 -25.17 -3.83 47.25
C LEU B 186 -25.92 -4.75 46.29
N ASP B 187 -26.74 -5.64 46.83
CA ASP B 187 -27.59 -6.46 45.97
C ASP B 187 -28.70 -5.56 45.41
N PRO B 188 -29.22 -5.89 44.21
CA PRO B 188 -30.31 -5.11 43.63
C PRO B 188 -31.56 -5.02 44.53
N SER B 189 -31.75 -6.01 45.40
CA SER B 189 -32.86 -5.96 46.35
C SER B 189 -32.68 -4.80 47.34
N GLU B 190 -31.46 -4.27 47.42
CA GLU B 190 -31.16 -3.20 48.37
C GLU B 190 -31.14 -1.82 47.74
N LEU B 191 -31.51 -1.76 46.47
CA LEU B 191 -31.55 -0.50 45.75
C LEU B 191 -32.97 -0.16 45.30
N ASP B 192 -33.28 1.13 45.29
CA ASP B 192 -34.54 1.60 44.74
C ASP B 192 -34.65 1.11 43.29
N ALA B 193 -35.89 0.85 42.87
CA ALA B 193 -36.16 0.33 41.53
C ALA B 193 -35.64 1.22 40.39
N SER B 194 -35.47 2.51 40.66
CA SER B 194 -35.01 3.45 39.62
C SER B 194 -33.62 3.13 39.05
N VAL B 195 -32.80 2.43 39.83
CA VAL B 195 -31.44 2.13 39.42
C VAL B 195 -31.41 1.21 38.20
N THR B 196 -31.99 0.03 38.31
CA THR B 196 -32.01 -0.90 37.18
C THR B 196 -33.08 -0.56 36.13
N ALA B 197 -34.08 0.24 36.52
CA ALA B 197 -35.08 0.71 35.56
C ALA B 197 -34.49 1.66 34.51
N ARG B 198 -33.29 2.19 34.78
CA ARG B 198 -32.58 2.98 33.78
C ARG B 198 -32.35 2.20 32.48
N VAL B 199 -32.10 0.89 32.62
CA VAL B 199 -31.78 0.04 31.49
C VAL B 199 -32.91 -0.94 31.17
N PRO B 200 -33.95 -0.44 30.49
CA PRO B 200 -35.18 -1.22 30.26
C PRO B 200 -34.97 -2.26 29.17
N THR B 201 -35.61 -3.42 29.30
CA THR B 201 -35.51 -4.43 28.26
C THR B 201 -36.48 -4.13 27.11
N ARG B 202 -36.17 -4.69 25.95
CA ARG B 202 -36.89 -4.40 24.72
C ARG B 202 -37.41 -5.69 24.09
N THR B 203 -38.44 -5.58 23.26
CA THR B 203 -38.88 -6.73 22.49
C THR B 203 -38.47 -6.58 21.03
N ASN B 204 -38.06 -5.35 20.66
CA ASN B 204 -37.64 -5.07 19.30
C ASN B 204 -36.17 -5.44 19.06
N ARG B 205 -35.59 -4.92 17.97
CA ARG B 205 -34.21 -5.27 17.63
C ARG B 205 -33.29 -4.05 17.69
N ASP B 206 -33.72 -3.04 18.43
CA ASP B 206 -32.93 -1.85 18.66
C ASP B 206 -31.75 -2.18 19.60
N ASN B 207 -30.54 -1.89 19.14
CA ASN B 207 -29.35 -2.15 19.96
C ASN B 207 -28.70 -0.90 20.51
N ARG B 208 -29.29 0.27 20.26
CA ARG B 208 -28.78 1.50 20.84
C ARG B 208 -28.90 1.42 22.34
N TYR B 209 -27.91 1.97 23.04
CA TYR B 209 -28.00 2.02 24.49
C TYR B 209 -29.09 3.01 24.89
N PHE B 210 -29.33 4.02 24.04
CA PHE B 210 -30.33 5.04 24.30
C PHE B 210 -31.28 5.16 23.12
N ALA B 211 -32.56 5.41 23.41
CA ALA B 211 -33.54 5.61 22.36
C ALA B 211 -33.91 7.09 22.27
N ASP B 212 -33.15 7.92 22.97
CA ASP B 212 -33.36 9.36 22.93
C ASP B 212 -33.43 9.90 21.50
N THR B 213 -34.26 10.94 21.35
CA THR B 213 -34.42 11.68 20.11
C THR B 213 -33.11 12.32 19.59
N TYR B 214 -32.36 12.98 20.50
CA TYR B 214 -31.14 13.68 20.11
C TYR B 214 -29.93 12.96 20.67
N GLN B 215 -29.13 12.38 19.81
CA GLN B 215 -27.92 11.73 20.26
C GLN B 215 -26.75 12.22 19.43
N ALA B 216 -25.78 12.84 20.12
CA ALA B 216 -24.66 13.45 19.43
C ALA B 216 -23.61 13.92 20.45
N MET B 217 -22.35 13.91 20.05
CA MET B 217 -21.24 14.32 20.90
C MET B 217 -20.78 15.72 20.52
N PRO B 218 -20.29 16.50 21.49
CA PRO B 218 -19.73 17.80 21.08
C PRO B 218 -18.58 17.59 20.10
N LEU B 219 -18.64 18.25 18.94
CA LEU B 219 -17.69 17.98 17.85
C LEU B 219 -16.22 18.00 18.30
N HIS B 220 -15.85 18.99 19.11
CA HIS B 220 -14.47 19.05 19.59
C HIS B 220 -14.33 18.75 21.07
N GLY B 221 -15.31 18.06 21.63
CA GLY B 221 -15.20 17.65 23.02
C GLY B 221 -15.87 18.62 23.97
N TYR B 222 -16.18 18.14 25.17
CA TYR B 222 -16.92 18.94 26.15
C TYR B 222 -16.16 20.18 26.60
N THR B 223 -14.87 20.03 26.85
CA THR B 223 -14.09 21.15 27.38
C THR B 223 -14.18 22.37 26.48
N ARG B 224 -13.98 22.19 25.18
CA ARG B 224 -14.15 23.27 24.21
C ARG B 224 -15.53 23.94 24.34
N MET B 225 -16.56 23.12 24.57
CA MET B 225 -17.94 23.59 24.76
C MET B 225 -18.10 24.40 26.04
N PHE B 226 -17.49 23.91 27.12
CA PHE B 226 -17.53 24.59 28.40
C PHE B 226 -16.84 25.93 28.34
N GLN B 227 -15.74 26.00 27.58
CA GLN B 227 -15.02 27.25 27.38
C GLN B 227 -15.87 28.30 26.67
N ASN B 228 -16.65 27.89 25.67
CA ASN B 228 -17.54 28.84 25.01
C ASN B 228 -18.59 29.26 26.01
N MET B 229 -19.06 28.30 26.79
CA MET B 229 -20.12 28.53 27.77
C MET B 229 -19.70 29.53 28.87
N LEU B 230 -18.43 29.51 29.26
CA LEU B 230 -17.93 30.36 30.33
C LEU B 230 -17.17 31.59 29.81
N SER B 231 -17.40 31.98 28.55
CA SER B 231 -16.50 32.96 27.92
C SER B 231 -16.84 34.44 28.16
N SER B 232 -18.12 34.74 28.37
CA SER B 232 -18.57 36.09 28.74
C SER B 232 -17.61 36.90 29.63
N PRO B 233 -17.53 38.22 29.40
CA PRO B 233 -16.73 39.15 30.22
C PRO B 233 -17.22 39.20 31.66
N ASN B 234 -18.48 38.81 31.86
CA ASN B 234 -19.09 38.82 33.18
C ASN B 234 -18.80 37.57 34.01
N ILE B 235 -17.92 36.71 33.51
CA ILE B 235 -17.62 35.48 34.23
C ILE B 235 -16.14 35.39 34.55
N LYS B 236 -15.83 35.38 35.84
CA LYS B 236 -14.47 35.11 36.29
C LYS B 236 -14.41 33.65 36.74
N VAL B 237 -13.40 32.94 36.26
CA VAL B 237 -13.23 31.53 36.56
C VAL B 237 -12.08 31.34 37.53
N MET B 238 -12.36 30.67 38.65
CA MET B 238 -11.35 30.44 39.66
C MET B 238 -11.17 28.94 39.85
N LEU B 239 -9.95 28.45 39.65
CA LEU B 239 -9.70 27.02 39.67
C LEU B 239 -8.77 26.64 40.80
N ASN B 240 -8.70 25.34 41.10
CA ASN B 240 -7.90 24.83 42.21
C ASN B 240 -8.33 25.45 43.54
N THR B 241 -9.61 25.77 43.63
CA THR B 241 -10.14 26.60 44.69
C THR B 241 -11.39 26.01 45.33
N ASP B 242 -11.24 25.54 46.56
CA ASP B 242 -12.39 25.22 47.39
C ASP B 242 -13.09 26.53 47.75
N TYR B 243 -14.39 26.61 47.48
CA TYR B 243 -15.14 27.83 47.77
C TYR B 243 -14.92 28.30 49.22
N ARG B 244 -14.66 27.35 50.11
CA ARG B 244 -14.49 27.67 51.52
C ARG B 244 -13.25 28.53 51.79
N GLU B 245 -12.25 28.40 50.92
CA GLU B 245 -11.01 29.16 51.03
C GLU B 245 -11.22 30.62 50.66
N ILE B 246 -12.40 30.93 50.15
CA ILE B 246 -12.60 32.19 49.44
C ILE B 246 -13.87 32.91 49.90
N ALA B 247 -14.82 32.15 50.40
CA ALA B 247 -16.15 32.68 50.67
C ALA B 247 -16.17 33.66 51.86
N ASP B 248 -15.12 33.63 52.68
CA ASP B 248 -15.02 34.55 53.80
C ASP B 248 -14.74 36.01 53.38
N PHE B 249 -13.94 36.21 52.34
CA PHE B 249 -13.49 37.56 51.99
C PHE B 249 -13.83 38.06 50.59
N ILE B 250 -14.37 37.20 49.74
CA ILE B 250 -14.87 37.69 48.46
C ILE B 250 -16.37 37.93 48.59
N PRO B 251 -16.79 39.17 48.33
CA PRO B 251 -18.20 39.57 48.47
C PRO B 251 -19.06 39.07 47.34
N PHE B 252 -20.18 38.44 47.70
CA PHE B 252 -21.18 37.99 46.74
C PHE B 252 -22.55 38.16 47.38
N GLN B 253 -23.58 38.36 46.56
CA GLN B 253 -24.95 38.57 47.04
C GLN B 253 -25.78 37.29 47.11
N HIS B 254 -25.43 36.30 46.29
CA HIS B 254 -26.13 35.02 46.28
CA HIS B 254 -26.15 35.02 46.24
C HIS B 254 -25.20 33.88 45.87
N MET B 255 -25.40 32.70 46.45
CA MET B 255 -24.58 31.52 46.14
C MET B 255 -25.36 30.44 45.39
N ILE B 256 -24.72 29.87 44.37
CA ILE B 256 -25.24 28.67 43.72
C ILE B 256 -24.28 27.54 44.02
N TYR B 257 -24.78 26.51 44.71
CA TYR B 257 -23.93 25.40 45.16
C TYR B 257 -24.23 24.10 44.41
N THR B 258 -23.19 23.51 43.81
CA THR B 258 -23.35 22.26 43.05
C THR B 258 -22.47 21.14 43.59
N GLY B 259 -21.86 21.34 44.76
CA GLY B 259 -21.12 20.27 45.41
C GLY B 259 -22.04 19.35 46.23
N PRO B 260 -21.46 18.38 46.94
CA PRO B 260 -22.22 17.42 47.78
C PRO B 260 -22.95 18.12 48.92
N VAL B 261 -24.26 17.87 49.10
CA VAL B 261 -25.04 18.57 50.14
C VAL B 261 -24.54 18.34 51.57
N ASP B 262 -24.18 17.10 51.89
CA ASP B 262 -23.78 16.83 53.27
C ASP B 262 -22.60 17.73 53.67
N ALA B 263 -21.58 17.77 52.83
CA ALA B 263 -20.38 18.59 53.08
C ALA B 263 -20.69 20.09 53.25
N PHE B 264 -21.69 20.59 52.55
CA PHE B 264 -22.05 22.00 52.70
C PHE B 264 -22.43 22.33 54.14
N PHE B 265 -23.13 21.40 54.78
CA PHE B 265 -23.62 21.64 56.14
C PHE B 265 -22.74 20.94 57.16
N ASP B 266 -21.49 20.70 56.77
CA ASP B 266 -20.46 20.06 57.61
C ASP B 266 -20.86 18.71 58.16
N PHE B 267 -21.54 17.92 57.33
CA PHE B 267 -21.85 16.54 57.69
C PHE B 267 -22.59 16.48 59.02
N CYS B 268 -23.42 17.48 59.29
CA CYS B 268 -24.05 17.62 60.60
C CYS B 268 -25.12 16.57 60.90
N TYR B 269 -25.56 15.85 59.87
CA TYR B 269 -26.47 14.74 60.10
C TYR B 269 -25.78 13.41 59.82
N GLY B 270 -24.49 13.47 59.51
CA GLY B 270 -23.77 12.27 59.11
C GLY B 270 -23.45 12.30 57.62
N LYS B 271 -22.56 11.41 57.20
CA LYS B 271 -22.08 11.37 55.82
C LYS B 271 -23.07 10.67 54.89
N LEU B 272 -23.51 11.39 53.85
CA LEU B 272 -24.41 10.82 52.87
C LEU B 272 -23.64 9.84 51.99
N PRO B 273 -24.17 8.63 51.81
CA PRO B 273 -23.44 7.70 50.94
C PRO B 273 -23.38 8.17 49.49
N TYR B 274 -22.19 8.28 48.93
CA TYR B 274 -22.01 8.39 47.48
C TYR B 274 -21.07 7.27 47.05
N ARG B 275 -21.29 6.70 45.87
CA ARG B 275 -20.43 5.65 45.35
C ARG B 275 -19.36 6.26 44.47
N SER B 276 -18.18 5.63 44.41
CA SER B 276 -17.05 6.18 43.66
C SER B 276 -16.49 5.19 42.62
N LEU B 277 -15.43 5.59 41.93
CA LEU B 277 -14.87 4.79 40.85
C LEU B 277 -13.34 4.98 40.74
N GLU B 278 -12.62 3.93 40.38
CA GLU B 278 -11.23 4.05 40.01
C GLU B 278 -11.10 3.80 38.51
N PHE B 279 -10.31 4.62 37.83
CA PHE B 279 -10.16 4.49 36.39
C PHE B 279 -8.75 4.05 36.04
N ARG B 280 -8.64 3.02 35.22
CA ARG B 280 -7.34 2.65 34.66
CA ARG B 280 -7.34 2.61 34.66
C ARG B 280 -7.33 2.88 33.15
N HIS B 281 -6.58 3.91 32.72
CA HIS B 281 -6.46 4.25 31.31
C HIS B 281 -5.30 3.53 30.65
N GLU B 282 -5.51 3.06 29.41
CA GLU B 282 -4.46 2.37 28.67
C GLU B 282 -4.45 2.83 27.23
N THR B 283 -3.27 2.82 26.62
CA THR B 283 -3.14 3.16 25.23
C THR B 283 -2.55 1.95 24.47
N HIS B 284 -3.19 1.56 23.36
CA HIS B 284 -2.76 0.38 22.62
C HIS B 284 -2.30 0.76 21.23
N ASP B 285 -1.37 -0.02 20.69
CA ASP B 285 -0.80 0.22 19.37
C ASP B 285 -1.64 -0.41 18.25
N THR B 286 -2.95 -0.16 18.26
CA THR B 286 -3.80 -0.52 17.13
C THR B 286 -4.76 0.63 16.94
N GLU B 287 -5.46 0.61 15.82
CA GLU B 287 -6.48 1.61 15.58
C GLU B 287 -7.74 1.31 16.37
N GLN B 288 -7.99 0.02 16.67
CA GLN B 288 -9.24 -0.34 17.33
C GLN B 288 -9.14 -1.60 18.19
N LEU B 289 -9.56 -1.48 19.44
CA LEU B 289 -9.46 -2.57 20.39
C LEU B 289 -10.81 -3.29 20.60
N LEU B 290 -11.87 -2.51 20.71
CA LEU B 290 -13.20 -3.04 21.02
C LEU B 290 -14.13 -2.95 19.81
N PRO B 291 -15.13 -3.83 19.74
CA PRO B 291 -16.07 -3.83 18.63
C PRO B 291 -17.13 -2.73 18.71
N THR B 292 -17.34 -2.14 19.88
CA THR B 292 -18.25 -0.99 20.04
C THR B 292 -17.67 -0.10 21.13
N GLY B 293 -18.38 0.99 21.44
CA GLY B 293 -17.90 1.97 22.40
C GLY B 293 -17.58 1.44 23.78
N THR B 294 -18.44 0.56 24.29
CA THR B 294 -18.28 0.02 25.64
C THR B 294 -18.65 -1.46 25.71
N VAL B 295 -17.81 -2.25 26.37
CA VAL B 295 -18.14 -3.63 26.66
C VAL B 295 -18.35 -3.79 28.15
N ASN B 296 -19.53 -4.30 28.54
CA ASN B 296 -19.85 -4.56 29.93
C ASN B 296 -19.49 -5.96 30.44
N TYR B 297 -19.12 -6.05 31.70
CA TYR B 297 -18.70 -7.31 32.29
C TYR B 297 -19.51 -7.63 33.55
N PRO B 298 -20.74 -8.15 33.35
CA PRO B 298 -21.59 -8.46 34.51
C PRO B 298 -21.02 -9.59 35.37
N ASN B 299 -20.26 -10.52 34.79
CA ASN B 299 -19.91 -11.76 35.49
C ASN B 299 -18.41 -12.11 35.66
N ASP B 300 -17.52 -11.33 35.06
CA ASP B 300 -16.10 -11.66 35.09
C ASP B 300 -15.30 -10.44 35.43
N TYR B 301 -14.10 -10.65 35.96
CA TYR B 301 -13.15 -9.57 36.24
C TYR B 301 -13.62 -8.68 37.36
N ALA B 302 -12.72 -7.81 37.82
CA ALA B 302 -13.03 -6.85 38.87
C ALA B 302 -13.57 -5.53 38.33
N TYR B 303 -13.33 -5.25 37.06
CA TYR B 303 -13.88 -4.04 36.45
C TYR B 303 -15.29 -4.31 35.90
N THR B 304 -16.14 -3.28 35.93
CA THR B 304 -17.49 -3.37 35.39
C THR B 304 -17.53 -3.23 33.88
N ARG B 305 -16.61 -2.47 33.31
CA ARG B 305 -16.66 -2.21 31.87
C ARG B 305 -15.39 -1.56 31.31
N VAL B 306 -15.23 -1.70 30.00
CA VAL B 306 -14.15 -1.07 29.26
C VAL B 306 -14.75 -0.19 28.17
N SER B 307 -14.18 0.99 27.98
CA SER B 307 -14.64 1.94 26.97
C SER B 307 -13.49 2.38 26.08
N GLU B 308 -13.78 2.58 24.80
CA GLU B 308 -12.77 2.97 23.83
C GLU B 308 -13.18 4.30 23.20
N PHE B 309 -12.44 5.36 23.50
CA PHE B 309 -12.88 6.72 23.20
C PHE B 309 -13.06 7.09 21.72
N LYS B 310 -12.28 6.50 20.83
CA LYS B 310 -12.41 6.89 19.42
C LYS B 310 -13.79 6.50 18.85
N HIS B 311 -14.38 5.42 19.38
CA HIS B 311 -15.75 5.06 19.02
C HIS B 311 -16.68 6.23 19.30
N ILE B 312 -16.45 6.88 20.44
CA ILE B 312 -17.35 7.92 20.97
C ILE B 312 -17.07 9.31 20.38
N THR B 313 -15.79 9.66 20.23
CA THR B 313 -15.39 10.97 19.73
C THR B 313 -15.36 11.01 18.22
N GLY B 314 -15.14 9.86 17.60
CA GLY B 314 -14.94 9.79 16.16
C GLY B 314 -13.52 10.17 15.77
N GLN B 315 -12.62 10.30 16.74
CA GLN B 315 -11.26 10.74 16.41
C GLN B 315 -10.51 9.73 15.54
N ARG B 316 -9.74 10.23 14.58
CA ARG B 316 -8.85 9.38 13.80
C ARG B 316 -7.45 9.39 14.42
N HIS B 317 -6.86 8.22 14.61
CA HIS B 317 -5.56 8.14 15.28
C HIS B 317 -4.93 6.79 14.97
N HIS B 318 -3.60 6.73 14.93
CA HIS B 318 -2.93 5.47 14.61
C HIS B 318 -2.95 4.54 15.81
N GLN B 319 -3.24 5.11 16.98
CA GLN B 319 -3.37 4.31 18.20
C GLN B 319 -4.78 4.44 18.79
N THR B 320 -5.03 3.79 19.92
CA THR B 320 -6.31 3.93 20.59
C THR B 320 -6.15 3.90 22.12
N SER B 321 -6.94 4.71 22.81
CA SER B 321 -6.91 4.75 24.28
C SER B 321 -8.23 4.26 24.86
N VAL B 322 -8.15 3.39 25.87
CA VAL B 322 -9.34 2.85 26.51
C VAL B 322 -9.30 3.11 28.00
N VAL B 323 -10.41 2.84 28.67
CA VAL B 323 -10.48 2.95 30.12
C VAL B 323 -11.29 1.83 30.76
N TYR B 324 -10.75 1.22 31.80
CA TYR B 324 -11.43 0.20 32.59
C TYR B 324 -11.95 0.85 33.87
N GLU B 325 -13.20 0.57 34.22
CA GLU B 325 -13.77 1.15 35.43
C GLU B 325 -13.86 0.16 36.58
N TYR B 326 -13.30 0.55 37.72
CA TYR B 326 -13.36 -0.21 38.95
C TYR B 326 -14.16 0.57 39.99
N PRO B 327 -15.31 0.02 40.40
CA PRO B 327 -16.16 0.65 41.43
C PRO B 327 -15.46 0.68 42.79
N ARG B 328 -15.61 1.78 43.53
CA ARG B 328 -14.98 1.94 44.83
C ARG B 328 -15.97 2.53 45.84
N ALA B 329 -15.84 2.12 47.11
CA ALA B 329 -16.63 2.73 48.18
C ALA B 329 -16.05 4.10 48.56
N GLU B 330 -14.74 4.23 48.42
CA GLU B 330 -14.06 5.44 48.84
C GLU B 330 -13.57 6.25 47.66
N GLY B 331 -13.75 7.56 47.71
CA GLY B 331 -13.19 8.43 46.68
C GLY B 331 -14.09 9.61 46.37
N ASP B 332 -13.79 10.32 45.28
CA ASP B 332 -14.65 11.41 44.82
C ASP B 332 -16.06 10.87 44.59
N PRO B 333 -17.07 11.63 44.99
CA PRO B 333 -18.44 11.13 44.87
C PRO B 333 -18.90 11.24 43.43
N TYR B 334 -19.35 10.12 42.85
CA TYR B 334 -19.87 10.12 41.48
C TYR B 334 -21.35 9.75 41.43
N TYR B 335 -21.76 8.80 42.28
CA TYR B 335 -23.12 8.27 42.27
C TYR B 335 -23.82 8.40 43.62
N PRO B 336 -24.99 9.05 43.65
CA PRO B 336 -25.85 8.90 44.83
C PRO B 336 -26.24 7.42 44.93
N VAL B 337 -26.65 6.98 46.11
CA VAL B 337 -27.01 5.57 46.31
C VAL B 337 -28.50 5.45 46.64
N PRO B 338 -29.33 5.39 45.62
CA PRO B 338 -30.78 5.41 45.83
C PRO B 338 -31.32 4.17 46.50
N ARG B 339 -31.99 4.39 47.62
CA ARG B 339 -32.44 3.36 48.51
C ARG B 339 -32.95 4.04 49.77
N PRO B 340 -33.92 3.47 50.43
CA PRO B 340 -34.64 4.09 51.54
C PRO B 340 -33.95 4.84 52.65
N GLU B 341 -32.89 4.34 53.24
CA GLU B 341 -32.32 5.03 54.36
C GLU B 341 -31.46 6.21 53.93
N ASN B 342 -31.01 6.19 52.70
CA ASN B 342 -30.26 7.32 52.20
C ASN B 342 -31.22 8.42 51.77
N ALA B 343 -32.43 8.05 51.36
CA ALA B 343 -33.45 9.04 51.00
C ALA B 343 -33.90 9.78 52.25
N GLU B 344 -33.98 9.05 53.35
CA GLU B 344 -34.30 9.64 54.65
C GLU B 344 -33.21 10.64 55.08
N LEU B 345 -31.95 10.26 54.91
CA LEU B 345 -30.86 11.13 55.32
C LEU B 345 -30.86 12.39 54.47
N TYR B 346 -31.04 12.21 53.16
CA TYR B 346 -30.97 13.33 52.24
C TYR B 346 -32.09 14.31 52.52
N LYS B 347 -33.25 13.78 52.88
CA LYS B 347 -34.39 14.62 53.20
C LYS B 347 -34.07 15.61 54.34
N LYS B 348 -33.24 15.19 55.29
CA LYS B 348 -32.84 16.11 56.37
C LYS B 348 -31.97 17.23 55.81
N TYR B 349 -31.01 16.88 54.97
CA TYR B 349 -30.14 17.86 54.33
C TYR B 349 -30.88 18.80 53.38
N GLU B 350 -31.87 18.26 52.69
CA GLU B 350 -32.69 19.04 51.76
C GLU B 350 -33.46 20.13 52.52
N ALA B 351 -33.90 19.80 53.74
CA ALA B 351 -34.60 20.76 54.57
C ALA B 351 -33.70 21.92 54.95
N LEU B 352 -32.44 21.63 55.28
CA LEU B 352 -31.48 22.70 55.52
C LEU B 352 -31.22 23.53 54.25
N ALA B 353 -31.13 22.85 53.10
CA ALA B 353 -30.86 23.54 51.84
C ALA B 353 -31.99 24.51 51.47
N ASP B 354 -33.23 24.05 51.63
CA ASP B 354 -34.39 24.89 51.28
C ASP B 354 -34.53 26.09 52.22
N ALA B 355 -34.00 25.96 53.43
CA ALA B 355 -34.08 27.02 54.41
C ALA B 355 -32.95 28.03 54.25
N ALA B 356 -31.87 27.61 53.62
CA ALA B 356 -30.69 28.46 53.44
C ALA B 356 -30.97 29.49 52.38
N GLN B 357 -31.52 30.63 52.79
CA GLN B 357 -31.77 31.73 51.87
C GLN B 357 -30.42 32.31 51.41
N ASP B 358 -30.37 32.74 50.16
CA ASP B 358 -29.13 33.21 49.54
C ASP B 358 -28.28 32.08 48.97
N VAL B 359 -28.67 30.82 49.20
CA VAL B 359 -27.97 29.70 48.58
C VAL B 359 -28.94 28.77 47.89
N THR B 360 -28.85 28.66 46.57
CA THR B 360 -29.63 27.63 45.89
C THR B 360 -28.77 26.45 45.42
N PHE B 361 -29.35 25.24 45.52
CA PHE B 361 -28.62 24.01 45.32
C PHE B 361 -29.06 23.37 44.01
N VAL B 362 -28.10 22.97 43.18
CA VAL B 362 -28.44 22.42 41.88
C VAL B 362 -27.37 21.44 41.41
N GLY B 363 -27.79 20.36 40.76
CA GLY B 363 -26.87 19.35 40.30
C GLY B 363 -27.04 17.98 40.93
N ARG B 364 -26.39 16.98 40.33
CA ARG B 364 -26.38 15.60 40.79
C ARG B 364 -25.94 15.45 42.26
N LEU B 365 -24.84 16.10 42.63
CA LEU B 365 -24.30 16.02 43.98
C LEU B 365 -25.08 16.88 44.97
N ALA B 366 -25.53 18.05 44.52
CA ALA B 366 -26.15 19.01 45.42
C ALA B 366 -27.59 18.65 45.79
N THR B 367 -28.28 17.93 44.91
CA THR B 367 -29.64 17.48 45.18
C THR B 367 -29.74 15.97 45.26
N TYR B 368 -28.59 15.29 45.21
CA TYR B 368 -28.55 13.83 45.42
C TYR B 368 -29.48 13.08 44.47
N ARG B 369 -29.38 13.39 43.18
CA ARG B 369 -30.16 12.69 42.16
C ARG B 369 -29.23 12.00 41.16
N TYR B 370 -29.67 10.88 40.62
CA TYR B 370 -28.90 10.13 39.65
C TYR B 370 -29.21 10.69 38.26
N TYR B 371 -28.59 11.82 37.92
CA TYR B 371 -28.95 12.60 36.73
C TYR B 371 -27.99 12.46 35.56
N ASN B 372 -28.54 12.33 34.35
CA ASN B 372 -27.71 12.43 33.16
C ASN B 372 -27.40 13.90 32.86
N MET B 373 -26.39 14.14 32.04
CA MET B 373 -25.99 15.50 31.69
C MET B 373 -27.17 16.35 31.23
N ASP B 374 -28.03 15.79 30.39
CA ASP B 374 -29.13 16.58 29.85
C ASP B 374 -30.14 17.02 30.92
N GLN B 375 -30.38 16.17 31.92
CA GLN B 375 -31.29 16.50 33.01
C GLN B 375 -30.72 17.60 33.91
N VAL B 376 -29.41 17.59 34.11
CA VAL B 376 -28.78 18.64 34.90
C VAL B 376 -28.84 19.98 34.19
N VAL B 377 -28.67 19.99 32.87
CA VAL B 377 -28.81 21.21 32.09
C VAL B 377 -30.23 21.73 32.27
N ALA B 378 -31.21 20.85 32.09
CA ALA B 378 -32.61 21.26 32.26
C ALA B 378 -32.88 21.78 33.67
N GLN B 379 -32.36 21.08 34.68
CA GLN B 379 -32.53 21.51 36.07
C GLN B 379 -31.95 22.92 36.27
N ALA B 380 -30.82 23.18 35.64
CA ALA B 380 -30.16 24.48 35.78
C ALA B 380 -30.90 25.59 35.01
N LEU B 381 -31.42 25.24 33.84
CA LEU B 381 -32.24 26.19 33.09
C LEU B 381 -33.51 26.58 33.86
N ALA B 382 -34.11 25.62 34.57
CA ALA B 382 -35.33 25.88 35.33
C ALA B 382 -35.06 26.73 36.58
N THR B 383 -33.91 26.47 37.22
CA THR B 383 -33.46 27.29 38.33
C THR B 383 -33.27 28.73 37.87
N PHE B 384 -32.70 28.90 36.68
CA PHE B 384 -32.48 30.24 36.14
C PHE B 384 -33.77 31.02 35.97
N ARG B 385 -34.80 30.37 35.42
CA ARG B 385 -36.12 30.99 35.23
C ARG B 385 -36.77 31.34 36.56
N ARG B 386 -36.58 30.47 37.55
CA ARG B 386 -37.04 30.74 38.90
C ARG B 386 -36.30 31.93 39.47
N LEU B 387 -34.98 31.92 39.34
CA LEU B 387 -34.14 33.02 39.83
C LEU B 387 -34.55 34.35 39.19
N GLN B 388 -34.95 34.31 37.92
CA GLN B 388 -35.38 35.51 37.20
C GLN B 388 -36.84 35.85 37.52
N GLY B 389 -37.38 35.24 38.56
CA GLY B 389 -38.78 35.44 38.92
C GLY B 389 -39.73 34.68 38.02
N GLN B 390 -39.66 34.97 36.71
CA GLN B 390 -40.54 34.32 35.72
C GLN B 390 -40.79 32.84 36.02
N LYS C 28 24.41 -20.86 61.10
CA LYS C 28 24.46 -20.08 59.86
C LYS C 28 24.07 -20.88 58.62
N GLY C 29 24.01 -20.18 57.49
CA GLY C 29 23.49 -20.76 56.26
C GLY C 29 22.08 -20.28 56.02
N PHE C 30 21.18 -21.20 55.69
CA PHE C 30 19.81 -20.83 55.31
C PHE C 30 18.73 -21.48 56.18
N ASP C 31 17.71 -20.69 56.51
CA ASP C 31 16.51 -21.22 57.11
C ASP C 31 15.94 -22.29 56.19
N TYR C 32 15.85 -21.95 54.91
CA TYR C 32 15.17 -22.80 53.94
C TYR C 32 15.98 -23.11 52.68
N LEU C 33 16.16 -24.40 52.42
CA LEU C 33 16.54 -24.86 51.09
C LEU C 33 15.27 -25.22 50.31
N ILE C 34 14.85 -24.32 49.43
CA ILE C 34 13.68 -24.59 48.58
C ILE C 34 14.12 -25.26 47.28
N VAL C 35 13.64 -26.48 47.06
CA VAL C 35 14.00 -27.28 45.90
C VAL C 35 12.95 -27.19 44.78
N GLY C 36 13.28 -26.46 43.71
CA GLY C 36 12.35 -26.23 42.62
C GLY C 36 11.89 -24.78 42.57
N ALA C 37 12.14 -24.11 41.45
CA ALA C 37 11.76 -22.70 41.31
C ALA C 37 10.53 -22.48 40.43
N GLY C 38 9.67 -23.49 40.32
CA GLY C 38 8.37 -23.34 39.68
C GLY C 38 7.44 -22.53 40.59
N PHE C 39 6.13 -22.71 40.43
CA PHE C 39 5.16 -21.97 41.24
C PHE C 39 5.22 -22.35 42.71
N ALA C 40 5.26 -23.65 42.99
CA ALA C 40 5.34 -24.12 44.35
C ALA C 40 6.45 -23.39 45.12
N GLY C 41 7.70 -23.55 44.66
CA GLY C 41 8.84 -23.02 45.37
C GLY C 41 8.90 -21.50 45.36
N SER C 42 8.70 -20.93 44.17
CA SER C 42 8.79 -19.48 44.00
C SER C 42 7.82 -18.67 44.88
N VAL C 43 6.57 -19.13 45.01
CA VAL C 43 5.63 -18.45 45.90
C VAL C 43 6.04 -18.55 47.38
N LEU C 44 6.35 -19.76 47.85
CA LEU C 44 6.85 -19.95 49.21
C LEU C 44 8.10 -19.10 49.47
N ALA C 45 9.07 -19.19 48.58
CA ALA C 45 10.29 -18.40 48.71
C ALA C 45 9.96 -16.93 48.93
N GLU C 46 9.05 -16.40 48.11
CA GLU C 46 8.68 -14.99 48.19
C GLU C 46 8.03 -14.67 49.54
N ARG C 47 7.18 -15.59 50.02
CA ARG C 47 6.48 -15.39 51.27
C ARG C 47 7.42 -15.47 52.48
N LEU C 48 8.21 -16.54 52.55
CA LEU C 48 9.16 -16.69 53.65
C LEU C 48 10.12 -15.51 53.72
N ALA C 49 10.62 -15.08 52.56
CA ALA C 49 11.57 -13.98 52.48
C ALA C 49 11.00 -12.66 52.98
N SER C 50 9.73 -12.41 52.67
CA SER C 50 9.09 -11.17 53.11
C SER C 50 8.79 -11.20 54.61
N SER C 51 8.90 -12.37 55.22
CA SER C 51 8.75 -12.49 56.67
C SER C 51 10.12 -12.48 57.34
N GLY C 52 11.10 -11.91 56.64
CA GLY C 52 12.46 -11.82 57.15
C GLY C 52 13.28 -13.12 57.14
N GLN C 53 12.88 -14.11 56.36
CA GLN C 53 13.61 -15.37 56.31
C GLN C 53 14.73 -15.37 55.27
N ARG C 54 15.66 -16.32 55.41
CA ARG C 54 16.77 -16.48 54.47
C ARG C 54 16.52 -17.69 53.57
N VAL C 55 16.37 -17.42 52.28
CA VAL C 55 15.99 -18.47 51.35
C VAL C 55 17.06 -18.80 50.30
N LEU C 56 17.43 -20.08 50.24
CA LEU C 56 18.18 -20.60 49.10
C LEU C 56 17.23 -21.39 48.22
N ILE C 57 16.91 -20.86 47.05
CA ILE C 57 16.07 -21.59 46.11
C ILE C 57 16.92 -22.22 45.00
N VAL C 58 16.78 -23.54 44.83
CA VAL C 58 17.61 -24.31 43.91
C VAL C 58 16.78 -25.01 42.83
N ASP C 59 17.31 -25.08 41.60
CA ASP C 59 16.68 -25.82 40.51
C ASP C 59 17.75 -26.42 39.61
N ARG C 60 17.50 -27.63 39.12
CA ARG C 60 18.44 -28.29 38.23
C ARG C 60 18.33 -27.76 36.80
N ARG C 61 17.35 -26.90 36.55
CA ARG C 61 17.21 -26.26 35.26
C ARG C 61 18.01 -24.96 35.28
N PRO C 62 18.43 -24.49 34.10
CA PRO C 62 19.28 -23.30 34.04
C PRO C 62 18.46 -22.03 34.21
N HIS C 63 17.20 -22.17 34.59
CA HIS C 63 16.28 -21.03 34.68
C HIS C 63 15.24 -21.24 35.78
N ILE C 64 14.62 -20.15 36.21
CA ILE C 64 13.49 -20.22 37.13
C ILE C 64 12.16 -20.47 36.38
N GLY C 65 11.10 -20.69 37.14
CA GLY C 65 9.77 -20.74 36.59
C GLY C 65 9.15 -22.11 36.44
N GLY C 66 9.95 -23.17 36.59
CA GLY C 66 9.49 -24.51 36.31
C GLY C 66 8.85 -24.60 34.93
N ASN C 67 7.75 -25.35 34.83
CA ASN C 67 7.09 -25.52 33.53
C ASN C 67 6.47 -24.26 32.96
N ALA C 68 6.29 -23.23 33.79
CA ALA C 68 5.68 -21.99 33.32
C ALA C 68 6.70 -20.99 32.79
N TYR C 69 7.96 -21.39 32.73
CA TYR C 69 9.02 -20.50 32.25
C TYR C 69 8.77 -20.08 30.81
N ASP C 70 8.86 -18.79 30.52
CA ASP C 70 8.79 -18.38 29.13
C ASP C 70 10.03 -17.60 28.69
N CYS C 71 10.17 -17.45 27.38
CA CYS C 71 11.37 -16.85 26.81
C CYS C 71 11.19 -16.54 25.33
N TYR C 72 12.06 -15.70 24.79
CA TYR C 72 12.04 -15.35 23.36
C TYR C 72 12.85 -16.32 22.52
N ASP C 73 12.25 -16.84 21.46
CA ASP C 73 12.94 -17.80 20.61
C ASP C 73 13.83 -17.07 19.62
N ASP C 74 14.48 -17.82 18.73
CA ASP C 74 15.43 -17.25 17.78
C ASP C 74 14.86 -16.16 16.88
N ALA C 75 13.54 -16.12 16.72
CA ALA C 75 12.90 -15.14 15.85
C ALA C 75 12.34 -13.97 16.63
N GLY C 76 12.54 -13.98 17.93
CA GLY C 76 12.10 -12.88 18.75
C GLY C 76 10.67 -13.04 19.25
N VAL C 77 10.13 -14.25 19.14
CA VAL C 77 8.76 -14.49 19.59
C VAL C 77 8.72 -15.08 21.00
N LEU C 78 7.83 -14.56 21.83
CA LEU C 78 7.70 -15.00 23.21
C LEU C 78 6.94 -16.33 23.29
N ILE C 79 7.65 -17.39 23.70
CA ILE C 79 7.09 -18.75 23.72
C ILE C 79 7.19 -19.45 25.09
N HIS C 80 6.45 -20.56 25.24
CA HIS C 80 6.56 -21.42 26.42
C HIS C 80 7.22 -22.75 26.06
N PRO C 81 8.51 -22.92 26.37
CA PRO C 81 9.27 -24.11 25.97
C PRO C 81 8.66 -25.42 26.47
N TYR C 82 7.98 -25.40 27.60
CA TYR C 82 7.40 -26.62 28.17
C TYR C 82 5.90 -26.75 27.94
N GLY C 83 5.39 -26.15 26.87
CA GLY C 83 3.99 -26.27 26.53
C GLY C 83 3.21 -25.04 26.95
N PRO C 84 2.22 -24.66 26.13
CA PRO C 84 1.36 -23.50 26.35
C PRO C 84 0.80 -23.50 27.75
N HIS C 85 1.08 -22.47 28.54
CA HIS C 85 0.52 -22.34 29.89
C HIS C 85 -0.44 -21.16 29.95
N ILE C 86 -1.73 -21.45 30.08
CA ILE C 86 -2.75 -20.41 30.12
C ILE C 86 -3.20 -20.16 31.55
N PHE C 87 -3.07 -18.93 32.01
CA PHE C 87 -3.47 -18.65 33.38
C PHE C 87 -4.95 -18.32 33.55
N HIS C 88 -5.55 -18.96 34.54
CA HIS C 88 -6.98 -18.82 34.78
C HIS C 88 -7.24 -19.19 36.23
N THR C 89 -8.18 -18.48 36.86
CA THR C 89 -8.55 -18.75 38.23
C THR C 89 -9.90 -18.14 38.57
N ASN C 90 -10.57 -18.76 39.54
CA ASN C 90 -11.71 -18.14 40.18
C ASN C 90 -11.32 -17.42 41.47
N SER C 91 -10.16 -17.79 42.03
CA SER C 91 -9.75 -17.21 43.31
C SER C 91 -9.29 -15.75 43.21
N LYS C 92 -10.05 -14.86 43.83
CA LYS C 92 -9.67 -13.46 43.86
C LYS C 92 -8.33 -13.29 44.56
N ASP C 93 -8.11 -14.08 45.61
CA ASP C 93 -6.88 -13.97 46.40
C ASP C 93 -5.66 -14.33 45.55
N VAL C 94 -5.70 -15.49 44.91
CA VAL C 94 -4.61 -15.88 44.05
C VAL C 94 -4.41 -14.79 43.00
N PHE C 95 -5.49 -14.33 42.40
CA PHE C 95 -5.37 -13.35 41.33
C PHE C 95 -4.71 -12.02 41.75
N GLU C 96 -5.06 -11.55 42.94
CA GLU C 96 -4.53 -10.30 43.47
C GLU C 96 -3.09 -10.49 43.95
N TYR C 97 -2.81 -11.66 44.52
CA TYR C 97 -1.46 -11.95 44.95
C TYR C 97 -0.47 -11.78 43.80
N LEU C 98 -0.76 -12.43 42.68
CA LEU C 98 0.12 -12.38 41.50
C LEU C 98 0.21 -10.96 40.90
N SER C 99 -0.83 -10.16 41.09
CA SER C 99 -0.84 -8.78 40.61
C SER C 99 0.26 -8.00 41.29
N ARG C 100 0.70 -8.50 42.44
CA ARG C 100 1.85 -7.90 43.12
C ARG C 100 3.06 -7.92 42.16
N PHE C 101 3.11 -8.93 41.31
CA PHE C 101 4.33 -9.23 40.55
C PHE C 101 4.21 -9.01 39.04
N THR C 102 3.01 -8.65 38.57
CA THR C 102 2.81 -8.52 37.14
C THR C 102 1.56 -7.70 36.78
N GLU C 103 1.63 -7.02 35.64
CA GLU C 103 0.43 -6.49 34.99
C GLU C 103 -0.16 -7.55 34.07
N TRP C 104 -1.39 -7.32 33.61
CA TRP C 104 -2.16 -8.34 32.92
C TRP C 104 -2.65 -7.98 31.52
N ARG C 105 -2.55 -8.92 30.60
CA ARG C 105 -3.23 -8.82 29.32
C ARG C 105 -4.44 -9.74 29.34
N PRO C 106 -5.66 -9.18 29.43
CA PRO C 106 -6.86 -10.04 29.46
C PRO C 106 -6.81 -11.06 28.34
N TYR C 107 -7.21 -12.30 28.62
CA TYR C 107 -7.22 -13.34 27.62
C TYR C 107 -8.11 -14.49 28.08
N GLN C 108 -9.06 -14.89 27.23
CA GLN C 108 -9.84 -16.08 27.49
C GLN C 108 -9.58 -17.09 26.40
N HIS C 109 -8.82 -18.12 26.75
CA HIS C 109 -8.39 -19.17 25.81
C HIS C 109 -9.58 -19.85 25.12
N ARG C 110 -9.46 -20.09 23.83
CA ARG C 110 -10.48 -20.82 23.10
C ARG C 110 -9.84 -21.95 22.32
N VAL C 111 -10.38 -23.15 22.48
CA VAL C 111 -9.82 -24.31 21.79
C VAL C 111 -10.82 -24.83 20.76
N LEU C 112 -10.29 -25.23 19.62
CA LEU C 112 -11.08 -25.86 18.56
C LEU C 112 -10.52 -27.27 18.36
N ALA C 113 -11.40 -28.25 18.23
CA ALA C 113 -10.98 -29.60 17.97
C ALA C 113 -11.24 -29.90 16.50
N SER C 114 -10.28 -30.55 15.86
CA SER C 114 -10.41 -30.89 14.46
C SER C 114 -11.07 -32.25 14.36
N VAL C 115 -12.32 -32.23 13.93
CA VAL C 115 -13.14 -33.44 13.83
C VAL C 115 -13.90 -33.42 12.50
N ASP C 116 -13.90 -34.53 11.76
CA ASP C 116 -14.65 -34.58 10.51
C ASP C 116 -14.35 -33.37 9.62
N GLY C 117 -13.08 -33.01 9.55
CA GLY C 117 -12.65 -31.93 8.69
C GLY C 117 -13.14 -30.56 9.10
N GLN C 118 -13.65 -30.43 10.32
CA GLN C 118 -14.11 -29.13 10.79
C GLN C 118 -13.37 -28.70 12.06
N LEU C 119 -13.46 -27.43 12.40
CA LEU C 119 -12.95 -26.95 13.68
C LEU C 119 -14.15 -26.59 14.53
N LEU C 120 -14.37 -27.38 15.57
CA LEU C 120 -15.54 -27.24 16.43
C LEU C 120 -15.12 -26.92 17.84
N PRO C 121 -15.96 -26.18 18.58
CA PRO C 121 -15.65 -25.84 19.97
C PRO C 121 -15.57 -27.06 20.89
N ILE C 122 -14.53 -27.09 21.72
CA ILE C 122 -14.42 -28.02 22.83
C ILE C 122 -14.07 -27.15 24.04
N PRO C 123 -14.74 -27.32 25.19
CA PRO C 123 -15.81 -28.24 25.59
C PRO C 123 -16.93 -28.30 24.58
N ILE C 124 -17.52 -29.48 24.40
CA ILE C 124 -18.67 -29.64 23.54
C ILE C 124 -19.78 -28.70 24.01
N ASN C 125 -20.38 -27.93 23.08
CA ASN C 125 -21.52 -27.07 23.40
C ASN C 125 -22.63 -27.08 22.34
N LEU C 126 -23.60 -26.18 22.47
CA LEU C 126 -24.74 -26.14 21.55
C LEU C 126 -24.23 -26.14 20.10
N ASP C 127 -23.28 -25.24 19.83
CA ASP C 127 -22.77 -25.06 18.47
C ASP C 127 -21.96 -26.26 18.00
N THR C 128 -21.31 -26.96 18.92
CA THR C 128 -20.55 -28.14 18.52
C THR C 128 -21.53 -29.14 17.92
N VAL C 129 -22.59 -29.40 18.68
CA VAL C 129 -23.63 -30.36 18.29
C VAL C 129 -24.35 -29.90 17.03
N ASN C 130 -24.81 -28.65 17.01
CA ASN C 130 -25.49 -28.14 15.81
C ASN C 130 -24.62 -28.19 14.54
N ARG C 131 -23.37 -27.72 14.63
CA ARG C 131 -22.52 -27.71 13.46
C ARG C 131 -22.08 -29.11 13.01
N LEU C 132 -21.83 -29.99 13.97
CA LEU C 132 -21.33 -31.32 13.63
C LEU C 132 -22.38 -32.16 12.86
N TYR C 133 -23.63 -32.06 13.28
CA TYR C 133 -24.68 -32.93 12.78
C TYR C 133 -25.62 -32.22 11.80
N GLY C 134 -25.45 -30.91 11.65
CA GLY C 134 -26.34 -30.11 10.83
C GLY C 134 -27.66 -29.79 11.52
N LEU C 135 -27.64 -29.77 12.85
CA LEU C 135 -28.87 -29.60 13.61
C LEU C 135 -29.17 -28.12 13.84
N ASN C 136 -30.36 -27.85 14.38
CA ASN C 136 -30.76 -26.52 14.77
C ASN C 136 -31.42 -26.50 16.14
N LEU C 137 -30.93 -27.33 17.06
CA LEU C 137 -31.40 -27.33 18.43
C LEU C 137 -31.22 -25.98 19.10
N THR C 138 -32.15 -25.67 20.01
CA THR C 138 -31.96 -24.56 20.93
C THR C 138 -31.24 -25.08 22.15
N SER C 139 -30.88 -24.18 23.03
CA SER C 139 -30.21 -24.55 24.26
C SER C 139 -31.11 -25.49 25.05
N PHE C 140 -32.40 -25.18 25.07
CA PHE C 140 -33.36 -25.99 25.81
C PHE C 140 -33.48 -27.41 25.25
N GLN C 141 -33.42 -27.53 23.92
CA GLN C 141 -33.54 -28.84 23.28
C GLN C 141 -32.29 -29.70 23.41
N VAL C 142 -31.12 -29.07 23.47
CA VAL C 142 -29.88 -29.83 23.41
C VAL C 142 -29.76 -30.76 24.61
N GLU C 143 -30.36 -30.40 25.73
CA GLU C 143 -30.24 -31.24 26.92
C GLU C 143 -30.98 -32.55 26.71
N GLU C 144 -32.12 -32.46 26.04
CA GLU C 144 -32.91 -33.63 25.70
C GLU C 144 -32.14 -34.48 24.70
N PHE C 145 -31.51 -33.83 23.72
CA PHE C 145 -30.70 -34.53 22.74
C PHE C 145 -29.64 -35.38 23.45
N PHE C 146 -28.91 -34.76 24.38
CA PHE C 146 -27.94 -35.51 25.17
C PHE C 146 -28.60 -36.66 25.91
N ALA C 147 -29.69 -36.39 26.62
CA ALA C 147 -30.35 -37.43 27.39
C ALA C 147 -30.78 -38.61 26.51
N SER C 148 -31.07 -38.33 25.25
CA SER C 148 -31.54 -39.37 24.34
C SER C 148 -30.42 -40.24 23.78
N VAL C 149 -29.18 -39.82 23.96
CA VAL C 149 -28.04 -40.61 23.49
C VAL C 149 -27.12 -41.04 24.63
N ALA C 150 -27.29 -40.41 25.79
CA ALA C 150 -26.51 -40.75 26.98
C ALA C 150 -26.66 -42.21 27.35
N GLU C 151 -25.56 -42.85 27.75
CA GLU C 151 -25.59 -44.22 28.25
C GLU C 151 -25.73 -44.23 29.77
N LYS C 152 -26.59 -45.13 30.26
CA LYS C 152 -26.78 -45.32 31.68
C LYS C 152 -25.58 -46.07 32.27
N VAL C 153 -25.06 -45.54 33.37
CA VAL C 153 -23.93 -46.15 34.05
C VAL C 153 -24.31 -46.25 35.52
N GLU C 154 -24.08 -47.41 36.15
CA GLU C 154 -24.47 -47.60 37.55
C GLU C 154 -23.77 -46.60 38.44
N GLN C 155 -22.45 -46.55 38.35
CA GLN C 155 -21.69 -45.48 38.97
C GLN C 155 -20.46 -45.12 38.17
N VAL C 156 -20.24 -43.81 38.04
CA VAL C 156 -19.17 -43.24 37.26
C VAL C 156 -17.83 -43.53 37.91
N ARG C 157 -17.13 -44.53 37.40
CA ARG C 157 -15.82 -44.91 37.94
C ARG C 157 -14.65 -44.50 37.04
N THR C 158 -14.85 -44.51 35.73
CA THR C 158 -13.77 -44.25 34.78
C THR C 158 -13.96 -42.98 33.94
N SER C 159 -12.88 -42.57 33.27
CA SER C 159 -12.95 -41.44 32.33
C SER C 159 -13.86 -41.74 31.13
N GLU C 160 -14.08 -43.03 30.84
CA GLU C 160 -15.08 -43.41 29.86
C GLU C 160 -16.50 -43.13 30.38
N ASP C 161 -16.79 -43.60 31.59
CA ASP C 161 -18.11 -43.41 32.22
C ASP C 161 -18.51 -41.94 32.26
N VAL C 162 -17.56 -41.07 32.62
CA VAL C 162 -17.85 -39.65 32.75
C VAL C 162 -18.45 -39.10 31.47
N VAL C 163 -17.87 -39.49 30.34
CA VAL C 163 -18.25 -38.89 29.07
C VAL C 163 -19.48 -39.53 28.43
N VAL C 164 -19.51 -40.86 28.33
CA VAL C 164 -20.60 -41.51 27.62
C VAL C 164 -21.93 -41.34 28.34
N SER C 165 -21.88 -41.17 29.66
CA SER C 165 -23.11 -41.02 30.45
C SER C 165 -23.66 -39.60 30.37
N LYS C 166 -22.89 -38.70 29.76
CA LYS C 166 -23.39 -37.35 29.51
C LYS C 166 -23.77 -37.07 28.05
N VAL C 167 -22.88 -37.43 27.12
CA VAL C 167 -23.08 -37.05 25.72
C VAL C 167 -23.20 -38.23 24.77
N GLY C 168 -23.15 -39.44 25.31
CA GLY C 168 -23.35 -40.63 24.50
C GLY C 168 -22.09 -41.13 23.81
N ARG C 169 -22.24 -42.25 23.11
CA ARG C 169 -21.12 -42.99 22.54
C ARG C 169 -20.48 -42.31 21.31
N ASP C 170 -21.32 -41.80 20.41
CA ASP C 170 -20.78 -41.20 19.20
C ASP C 170 -19.94 -39.94 19.49
N LEU C 171 -20.42 -39.08 20.38
CA LEU C 171 -19.67 -37.89 20.74
C LEU C 171 -18.39 -38.24 21.49
N TYR C 172 -18.48 -39.22 22.39
CA TYR C 172 -17.32 -39.75 23.09
C TYR C 172 -16.24 -40.18 22.12
N ASN C 173 -16.62 -40.97 21.12
CA ASN C 173 -15.63 -41.42 20.13
C ASN C 173 -15.03 -40.26 19.33
N LYS C 174 -15.84 -39.26 19.02
CA LYS C 174 -15.39 -38.14 18.20
C LYS C 174 -14.40 -37.19 18.88
N PHE C 175 -14.59 -36.97 20.18
CA PHE C 175 -13.84 -35.94 20.87
C PHE C 175 -12.91 -36.47 21.97
N PHE C 176 -13.29 -37.57 22.62
CA PHE C 176 -12.53 -38.05 23.79
C PHE C 176 -11.69 -39.30 23.61
N ARG C 177 -12.23 -40.33 22.96
CA ARG C 177 -11.54 -41.62 22.95
C ARG C 177 -10.17 -41.57 22.29
N GLY C 178 -10.10 -41.05 21.07
CA GLY C 178 -8.82 -40.97 20.36
C GLY C 178 -7.84 -40.05 21.06
N TYR C 179 -8.31 -38.86 21.44
CA TYR C 179 -7.45 -37.88 22.08
C TYR C 179 -6.84 -38.48 23.34
N THR C 180 -7.67 -39.14 24.12
CA THR C 180 -7.22 -39.76 25.36
C THR C 180 -6.25 -40.90 25.10
N ARG C 181 -6.60 -41.81 24.19
CA ARG C 181 -5.70 -42.89 23.87
C ARG C 181 -4.31 -42.36 23.50
N LYS C 182 -4.29 -41.31 22.68
CA LYS C 182 -3.04 -40.70 22.23
C LYS C 182 -2.25 -40.04 23.37
N GLN C 183 -2.92 -39.21 24.17
CA GLN C 183 -2.29 -38.50 25.27
C GLN C 183 -1.68 -39.40 26.33
N TRP C 184 -2.40 -40.46 26.70
CA TRP C 184 -2.08 -41.24 27.89
C TRP C 184 -1.53 -42.64 27.59
N GLY C 185 -1.77 -43.14 26.38
CA GLY C 185 -1.41 -44.51 26.06
C GLY C 185 -2.38 -45.48 26.72
N LEU C 186 -3.46 -44.95 27.27
CA LEU C 186 -4.49 -45.73 27.94
C LEU C 186 -5.84 -45.38 27.33
N ASP C 187 -6.74 -46.36 27.28
CA ASP C 187 -8.13 -46.08 26.92
C ASP C 187 -8.77 -45.33 28.09
N PRO C 188 -9.81 -44.52 27.82
CA PRO C 188 -10.47 -43.79 28.91
C PRO C 188 -11.09 -44.70 29.99
N SER C 189 -11.32 -45.97 29.66
CA SER C 189 -11.80 -46.93 30.65
C SER C 189 -10.73 -47.28 31.68
N GLU C 190 -9.46 -47.04 31.34
CA GLU C 190 -8.35 -47.39 32.23
C GLU C 190 -7.84 -46.21 33.07
N LEU C 191 -8.60 -45.11 33.05
CA LEU C 191 -8.26 -43.93 33.87
C LEU C 191 -9.44 -43.57 34.78
N ASP C 192 -9.17 -43.01 35.96
CA ASP C 192 -10.28 -42.66 36.82
C ASP C 192 -11.00 -41.38 36.33
N ALA C 193 -12.16 -41.10 36.93
CA ALA C 193 -13.08 -40.13 36.36
C ALA C 193 -12.54 -38.70 36.31
N SER C 194 -11.62 -38.37 37.21
CA SER C 194 -11.12 -37.01 37.29
C SER C 194 -10.43 -36.50 36.02
N VAL C 195 -10.04 -37.40 35.13
CA VAL C 195 -9.28 -36.97 33.94
C VAL C 195 -10.16 -36.27 32.89
N THR C 196 -11.14 -36.99 32.34
CA THR C 196 -12.02 -36.37 31.34
C THR C 196 -13.04 -35.42 32.00
N ALA C 197 -13.33 -35.65 33.28
CA ALA C 197 -14.22 -34.77 34.00
C ALA C 197 -13.68 -33.32 34.04
N ARG C 198 -12.40 -33.15 33.74
CA ARG C 198 -11.79 -31.82 33.66
C ARG C 198 -12.43 -30.97 32.57
N VAL C 199 -12.94 -31.61 31.52
CA VAL C 199 -13.51 -30.91 30.37
C VAL C 199 -15.03 -31.02 30.36
N PRO C 200 -15.71 -30.04 30.96
CA PRO C 200 -17.14 -30.16 31.17
C PRO C 200 -17.92 -30.09 29.87
N THR C 201 -19.16 -30.57 29.88
CA THR C 201 -20.04 -30.48 28.72
C THR C 201 -21.01 -29.30 28.88
N ARG C 202 -21.26 -28.56 27.81
CA ARG C 202 -22.19 -27.42 27.91
C ARG C 202 -23.44 -27.50 27.02
N THR C 203 -24.53 -26.92 27.51
CA THR C 203 -25.73 -26.80 26.72
C THR C 203 -25.92 -25.38 26.17
N ASN C 204 -25.09 -24.44 26.63
CA ASN C 204 -25.13 -23.06 26.13
C ASN C 204 -24.18 -22.86 24.97
N ARG C 205 -23.91 -21.60 24.64
CA ARG C 205 -23.08 -21.28 23.48
C ARG C 205 -21.72 -20.68 23.88
N ASP C 206 -21.33 -20.94 25.13
CA ASP C 206 -20.04 -20.51 25.63
C ASP C 206 -18.93 -21.36 25.00
N ASN C 207 -18.02 -20.71 24.29
CA ASN C 207 -16.94 -21.42 23.62
C ASN C 207 -15.55 -21.25 24.29
N ARG C 208 -15.53 -20.70 25.50
CA ARG C 208 -14.27 -20.53 26.22
C ARG C 208 -13.80 -21.85 26.82
N TYR C 209 -12.50 -22.10 26.83
CA TYR C 209 -12.02 -23.35 27.40
C TYR C 209 -12.28 -23.38 28.91
N PHE C 210 -12.13 -22.23 29.55
CA PHE C 210 -12.46 -22.11 30.96
C PHE C 210 -13.56 -21.09 31.10
N ALA C 211 -14.37 -21.24 32.12
CA ALA C 211 -15.41 -20.27 32.40
C ALA C 211 -15.05 -19.48 33.64
N ASP C 212 -13.75 -19.50 33.99
CA ASP C 212 -13.25 -18.86 35.21
C ASP C 212 -13.43 -17.35 35.22
N THR C 213 -13.52 -16.80 36.42
CA THR C 213 -13.68 -15.36 36.63
C THR C 213 -12.51 -14.50 36.12
N TYR C 214 -11.29 -14.89 36.44
CA TYR C 214 -10.11 -14.12 36.06
C TYR C 214 -9.30 -14.85 35.00
N GLN C 215 -9.19 -14.25 33.82
CA GLN C 215 -8.48 -14.88 32.72
C GLN C 215 -7.63 -13.84 32.01
N ALA C 216 -6.34 -13.89 32.31
CA ALA C 216 -5.40 -12.98 31.69
C ALA C 216 -3.99 -13.56 31.80
N MET C 217 -3.12 -13.06 30.93
CA MET C 217 -1.74 -13.51 30.87
C MET C 217 -0.84 -12.40 31.42
N PRO C 218 0.21 -12.78 32.17
CA PRO C 218 1.18 -11.79 32.64
C PRO C 218 1.64 -10.93 31.47
N LEU C 219 1.55 -9.62 31.61
CA LEU C 219 1.70 -8.71 30.46
C LEU C 219 3.01 -8.91 29.71
N HIS C 220 4.09 -9.21 30.45
CA HIS C 220 5.42 -9.33 29.86
C HIS C 220 5.97 -10.74 29.97
N GLY C 221 5.08 -11.68 30.30
CA GLY C 221 5.43 -13.09 30.34
C GLY C 221 5.62 -13.56 31.77
N TYR C 222 5.61 -14.88 31.96
CA TYR C 222 5.71 -15.46 33.29
C TYR C 222 7.10 -15.24 33.89
N THR C 223 8.13 -15.38 33.07
CA THR C 223 9.49 -15.31 33.60
C THR C 223 9.68 -13.97 34.32
N ARG C 224 9.33 -12.88 33.64
CA ARG C 224 9.39 -11.54 34.22
C ARG C 224 8.60 -11.44 35.53
N MET C 225 7.46 -12.11 35.60
CA MET C 225 6.70 -12.18 36.85
C MET C 225 7.51 -12.88 37.93
N PHE C 226 8.10 -14.04 37.59
CA PHE C 226 8.90 -14.80 38.55
C PHE C 226 10.12 -14.02 39.06
N GLN C 227 10.74 -13.23 38.18
CA GLN C 227 11.85 -12.38 38.59
C GLN C 227 11.45 -11.38 39.68
N ASN C 228 10.29 -10.75 39.52
CA ASN C 228 9.75 -9.87 40.57
C ASN C 228 9.49 -10.63 41.88
N MET C 229 8.91 -11.82 41.76
CA MET C 229 8.56 -12.67 42.89
C MET C 229 9.80 -13.06 43.69
N LEU C 230 10.88 -13.36 42.97
CA LEU C 230 12.10 -13.89 43.61
C LEU C 230 13.13 -12.79 43.87
N SER C 231 12.68 -11.55 43.92
CA SER C 231 13.58 -10.41 43.91
C SER C 231 14.05 -9.96 45.31
N SER C 232 13.68 -10.69 46.35
CA SER C 232 14.05 -10.29 47.71
C SER C 232 15.56 -10.38 48.00
N PRO C 233 16.07 -9.44 48.81
CA PRO C 233 17.45 -9.54 49.32
C PRO C 233 17.66 -10.82 50.14
N ASN C 234 16.57 -11.43 50.60
CA ASN C 234 16.65 -12.66 51.40
C ASN C 234 16.52 -13.92 50.56
N ILE C 235 16.53 -13.76 49.24
CA ILE C 235 16.39 -14.89 48.33
C ILE C 235 17.66 -15.11 47.51
N LYS C 236 18.26 -16.30 47.65
CA LYS C 236 19.41 -16.69 46.83
C LYS C 236 18.99 -17.73 45.80
N VAL C 237 19.25 -17.44 44.53
CA VAL C 237 18.83 -18.32 43.44
C VAL C 237 20.00 -19.17 42.92
N MET C 238 19.84 -20.48 42.92
CA MET C 238 20.90 -21.34 42.41
C MET C 238 20.39 -22.28 41.32
N LEU C 239 20.91 -22.09 40.11
CA LEU C 239 20.42 -22.76 38.91
C LEU C 239 21.38 -23.85 38.39
N ASN C 240 20.88 -24.69 37.49
CA ASN C 240 21.65 -25.80 36.92
C ASN C 240 22.18 -26.72 38.01
N THR C 241 21.45 -26.76 39.12
CA THR C 241 21.91 -27.41 40.34
C THR C 241 20.88 -28.38 40.92
N ASP C 242 21.19 -29.67 40.88
CA ASP C 242 20.41 -30.63 41.64
C ASP C 242 20.70 -30.40 43.14
N TYR C 243 19.67 -30.49 43.98
CA TYR C 243 19.83 -30.26 45.42
C TYR C 243 20.81 -31.26 46.02
N ARG C 244 20.84 -32.47 45.47
CA ARG C 244 21.70 -33.49 45.99
C ARG C 244 23.19 -33.08 45.95
N GLU C 245 23.56 -32.26 44.96
CA GLU C 245 24.96 -31.88 44.78
C GLU C 245 25.42 -30.84 45.79
N ILE C 246 24.51 -30.34 46.63
CA ILE C 246 24.88 -29.30 47.59
C ILE C 246 24.28 -29.54 48.95
N ALA C 247 23.43 -30.56 49.04
CA ALA C 247 22.74 -30.86 50.28
C ALA C 247 23.75 -31.32 51.34
N ASP C 248 24.81 -31.96 50.86
CA ASP C 248 25.80 -32.54 51.76
C ASP C 248 26.69 -31.50 52.45
N PHE C 249 26.72 -30.27 51.96
CA PHE C 249 27.62 -29.27 52.55
C PHE C 249 27.05 -27.87 52.72
N ILE C 250 25.78 -27.68 52.38
CA ILE C 250 25.17 -26.38 52.63
C ILE C 250 24.18 -26.49 53.79
N PRO C 251 24.28 -25.55 54.75
CA PRO C 251 23.50 -25.54 56.00
C PRO C 251 22.08 -25.02 55.82
N PHE C 252 21.10 -25.84 56.18
CA PHE C 252 19.72 -25.41 56.15
C PHE C 252 18.89 -26.07 57.24
N GLN C 253 17.96 -25.29 57.81
CA GLN C 253 17.00 -25.82 58.76
C GLN C 253 15.97 -26.71 58.07
N HIS C 254 15.20 -26.09 57.17
CA HIS C 254 14.02 -26.69 56.56
C HIS C 254 14.18 -26.85 55.04
N MET C 255 13.87 -28.03 54.53
CA MET C 255 13.80 -28.24 53.08
C MET C 255 12.37 -28.41 52.55
N ILE C 256 11.96 -27.49 51.69
CA ILE C 256 10.72 -27.64 50.94
C ILE C 256 11.02 -28.28 49.59
N TYR C 257 10.53 -29.50 49.38
CA TYR C 257 10.78 -30.25 48.15
C TYR C 257 9.61 -30.17 47.15
N THR C 258 9.86 -29.70 45.94
CA THR C 258 8.83 -29.67 44.90
C THR C 258 9.15 -30.59 43.73
N GLY C 259 10.17 -31.44 43.87
CA GLY C 259 10.52 -32.40 42.84
C GLY C 259 9.62 -33.63 42.92
N PRO C 260 9.81 -34.62 42.03
CA PRO C 260 8.92 -35.78 42.11
C PRO C 260 9.17 -36.54 43.41
N VAL C 261 8.23 -37.38 43.84
CA VAL C 261 8.37 -38.11 45.11
C VAL C 261 9.14 -39.42 45.01
N ASP C 262 8.86 -40.22 43.98
CA ASP C 262 9.59 -41.48 43.84
C ASP C 262 11.11 -41.25 43.75
N ALA C 263 11.52 -40.08 43.24
CA ALA C 263 12.94 -39.78 43.13
C ALA C 263 13.54 -39.41 44.47
N PHE C 264 12.77 -38.71 45.28
CA PHE C 264 13.26 -38.26 46.58
C PHE C 264 13.63 -39.46 47.43
N PHE C 265 13.04 -40.61 47.13
CA PHE C 265 13.34 -41.85 47.85
C PHE C 265 13.95 -42.91 46.93
N ASP C 266 14.80 -42.47 46.01
CA ASP C 266 15.61 -43.36 45.19
C ASP C 266 14.82 -44.52 44.60
N PHE C 267 13.56 -44.25 44.29
CA PHE C 267 12.73 -45.24 43.60
C PHE C 267 12.68 -46.55 44.37
N CYS C 268 12.65 -46.46 45.70
CA CYS C 268 12.69 -47.65 46.55
C CYS C 268 11.48 -48.57 46.40
N TYR C 269 10.34 -48.02 46.01
CA TYR C 269 9.15 -48.86 45.77
C TYR C 269 8.88 -49.04 44.28
N GLY C 270 9.71 -48.43 43.43
CA GLY C 270 9.54 -48.54 42.01
C GLY C 270 9.19 -47.21 41.35
N LYS C 271 9.04 -47.22 40.03
CA LYS C 271 8.78 -46.01 39.27
C LYS C 271 7.30 -45.60 39.35
N LEU C 272 7.02 -44.42 39.89
CA LEU C 272 5.68 -43.82 39.76
C LEU C 272 5.39 -43.43 38.30
N PRO C 273 4.39 -44.06 37.68
CA PRO C 273 4.10 -43.71 36.28
C PRO C 273 3.80 -42.23 36.11
N TYR C 274 4.60 -41.57 35.28
CA TYR C 274 4.30 -40.22 34.83
C TYR C 274 4.29 -40.28 33.31
N ARG C 275 3.38 -39.53 32.72
CA ARG C 275 3.33 -39.41 31.28
C ARG C 275 4.20 -38.21 30.89
N SER C 276 4.78 -38.22 29.69
CA SER C 276 5.70 -37.16 29.26
C SER C 276 5.28 -36.55 27.94
N LEU C 277 6.05 -35.57 27.48
CA LEU C 277 5.77 -34.88 26.22
C LEU C 277 7.08 -34.56 25.46
N GLU C 278 6.98 -34.48 24.14
CA GLU C 278 8.07 -33.89 23.35
C GLU C 278 7.52 -32.69 22.59
N PHE C 279 8.28 -31.61 22.56
CA PHE C 279 7.79 -30.40 21.91
C PHE C 279 8.56 -30.12 20.63
N ARG C 280 7.82 -29.90 19.55
CA ARG C 280 8.41 -29.46 18.28
CA ARG C 280 8.43 -29.45 18.30
C ARG C 280 7.97 -28.03 17.98
N HIS C 281 8.93 -27.11 18.01
CA HIS C 281 8.69 -25.70 17.81
C HIS C 281 8.96 -25.29 16.38
N GLU C 282 8.16 -24.35 15.87
CA GLU C 282 8.24 -23.91 14.49
C GLU C 282 7.93 -22.44 14.39
N THR C 283 8.68 -21.75 13.53
CA THR C 283 8.40 -20.37 13.23
C THR C 283 8.03 -20.26 11.75
N HIS C 284 6.90 -19.63 11.45
CA HIS C 284 6.48 -19.49 10.06
C HIS C 284 6.45 -18.03 9.66
N ASP C 285 6.77 -17.78 8.39
CA ASP C 285 6.79 -16.42 7.86
C ASP C 285 5.39 -15.92 7.49
N THR C 286 4.58 -15.71 8.53
CA THR C 286 3.23 -15.19 8.38
C THR C 286 2.81 -14.68 9.73
N GLU C 287 1.82 -13.81 9.77
CA GLU C 287 1.43 -13.22 11.03
C GLU C 287 0.60 -14.17 11.87
N GLN C 288 -0.20 -15.02 11.24
CA GLN C 288 -1.07 -15.92 12.00
C GLN C 288 -1.33 -17.25 11.31
N LEU C 289 -1.07 -18.34 12.01
CA LEU C 289 -1.22 -19.66 11.43
C LEU C 289 -2.55 -20.32 11.81
N LEU C 290 -3.00 -20.12 13.04
CA LEU C 290 -4.18 -20.79 13.53
C LEU C 290 -5.30 -19.79 13.70
N PRO C 291 -6.56 -20.26 13.59
CA PRO C 291 -7.73 -19.40 13.82
C PRO C 291 -7.89 -19.10 15.30
N THR C 292 -7.25 -19.90 16.15
CA THR C 292 -7.40 -19.70 17.58
C THR C 292 -6.12 -20.13 18.30
N GLY C 293 -6.09 -19.96 19.62
CA GLY C 293 -4.91 -20.25 20.41
C GLY C 293 -4.38 -21.67 20.33
N THR C 294 -5.27 -22.64 20.41
CA THR C 294 -4.89 -24.05 20.32
C THR C 294 -5.87 -24.84 19.46
N VAL C 295 -5.34 -25.75 18.65
CA VAL C 295 -6.19 -26.69 17.93
C VAL C 295 -5.90 -28.11 18.40
N ASN C 296 -6.94 -28.82 18.84
CA ASN C 296 -6.81 -30.20 19.33
C ASN C 296 -7.04 -31.21 18.20
N TYR C 297 -6.31 -32.32 18.23
CA TYR C 297 -6.42 -33.35 17.21
C TYR C 297 -6.74 -34.72 17.81
N PRO C 298 -8.02 -34.95 18.14
CA PRO C 298 -8.40 -36.24 18.75
C PRO C 298 -8.19 -37.43 17.83
N ASN C 299 -8.35 -37.24 16.53
CA ASN C 299 -8.43 -38.37 15.60
C ASN C 299 -7.42 -38.41 14.46
N ASP C 300 -6.49 -37.46 14.41
CA ASP C 300 -5.50 -37.39 13.33
C ASP C 300 -4.12 -37.08 13.89
N TYR C 301 -3.08 -37.54 13.19
CA TYR C 301 -1.70 -37.18 13.52
C TYR C 301 -1.16 -37.80 14.81
N ALA C 302 0.16 -37.78 14.95
CA ALA C 302 0.82 -38.26 16.16
C ALA C 302 0.72 -37.21 17.26
N TYR C 303 0.63 -35.93 16.89
CA TYR C 303 0.50 -34.88 17.89
C TYR C 303 -0.93 -34.71 18.41
N THR C 304 -1.06 -34.28 19.66
CA THR C 304 -2.36 -34.09 20.27
C THR C 304 -2.93 -32.69 20.01
N ARG C 305 -2.04 -31.71 19.89
CA ARG C 305 -2.46 -30.33 19.67
C ARG C 305 -1.35 -29.41 19.16
N VAL C 306 -1.75 -28.27 18.62
CA VAL C 306 -0.85 -27.25 18.13
C VAL C 306 -1.27 -25.96 18.78
N SER C 307 -0.29 -25.15 19.20
CA SER C 307 -0.59 -23.86 19.80
C SER C 307 0.21 -22.74 19.14
N GLU C 308 -0.36 -21.54 19.14
CA GLU C 308 0.26 -20.39 18.50
C GLU C 308 0.39 -19.31 19.56
N PHE C 309 1.62 -19.04 19.98
CA PHE C 309 1.81 -18.24 21.19
C PHE C 309 1.28 -16.81 21.09
N LYS C 310 1.41 -16.19 19.92
CA LYS C 310 0.92 -14.82 19.77
C LYS C 310 -0.56 -14.64 20.19
N HIS C 311 -1.39 -15.66 19.94
CA HIS C 311 -2.79 -15.63 20.42
C HIS C 311 -2.83 -15.42 21.92
N ILE C 312 -1.92 -16.12 22.61
CA ILE C 312 -1.92 -16.22 24.07
C ILE C 312 -1.21 -15.03 24.72
N THR C 313 -0.11 -14.59 24.11
CA THR C 313 0.67 -13.48 24.66
C THR C 313 0.19 -12.11 24.15
N GLY C 314 -0.37 -12.08 22.95
CA GLY C 314 -0.84 -10.84 22.37
C GLY C 314 0.27 -10.03 21.74
N GLN C 315 1.37 -10.69 21.46
CA GLN C 315 2.53 -10.01 20.89
C GLN C 315 2.36 -9.82 19.39
N ARG C 316 2.78 -8.65 18.91
CA ARG C 316 2.72 -8.33 17.50
C ARG C 316 4.07 -8.68 16.87
N HIS C 317 4.06 -9.18 15.64
CA HIS C 317 5.29 -9.68 15.03
C HIS C 317 5.04 -10.05 13.56
N HIS C 318 5.98 -9.74 12.69
CA HIS C 318 5.86 -10.10 11.27
C HIS C 318 5.76 -11.62 11.07
N GLN C 319 6.31 -12.38 12.01
CA GLN C 319 6.29 -13.83 11.91
C GLN C 319 5.47 -14.44 13.04
N THR C 320 5.37 -15.77 13.06
CA THR C 320 4.65 -16.40 14.15
C THR C 320 5.29 -17.73 14.52
N SER C 321 5.24 -18.05 15.81
CA SER C 321 5.80 -19.30 16.34
C SER C 321 4.75 -20.21 16.99
N VAL C 322 4.80 -21.49 16.66
CA VAL C 322 3.83 -22.45 17.16
C VAL C 322 4.53 -23.64 17.80
N VAL C 323 3.77 -24.46 18.52
CA VAL C 323 4.33 -25.69 19.07
C VAL C 323 3.39 -26.89 18.91
N TYR C 324 3.94 -27.99 18.40
CA TYR C 324 3.22 -29.25 18.31
C TYR C 324 3.59 -30.13 19.50
N GLU C 325 2.59 -30.65 20.20
CA GLU C 325 2.84 -31.52 21.35
C GLU C 325 2.68 -33.02 21.05
N TYR C 326 3.72 -33.78 21.35
CA TYR C 326 3.71 -35.20 21.11
C TYR C 326 3.80 -35.95 22.45
N PRO C 327 2.82 -36.81 22.73
CA PRO C 327 2.83 -37.65 23.94
C PRO C 327 4.01 -38.61 23.95
N ARG C 328 4.64 -38.80 25.11
CA ARG C 328 5.77 -39.73 25.21
C ARG C 328 5.69 -40.54 26.49
N ALA C 329 6.00 -41.83 26.37
CA ALA C 329 6.04 -42.71 27.52
C ALA C 329 7.27 -42.36 28.37
N GLU C 330 8.30 -41.83 27.71
CA GLU C 330 9.56 -41.63 28.39
C GLU C 330 10.00 -40.18 28.26
N GLY C 331 10.59 -39.63 29.33
CA GLY C 331 11.03 -38.24 29.36
C GLY C 331 10.84 -37.56 30.71
N ASP C 332 10.91 -36.24 30.72
CA ASP C 332 10.60 -35.50 31.94
C ASP C 332 9.15 -35.76 32.35
N PRO C 333 8.88 -35.83 33.65
CA PRO C 333 7.52 -36.11 34.13
C PRO C 333 6.61 -34.89 34.03
N TYR C 334 5.46 -35.04 33.37
CA TYR C 334 4.49 -33.95 33.22
C TYR C 334 3.16 -34.30 33.88
N TYR C 335 2.64 -35.50 33.61
CA TYR C 335 1.34 -35.91 34.08
C TYR C 335 1.37 -37.15 34.98
N PRO C 336 0.88 -37.01 36.22
CA PRO C 336 0.65 -38.21 37.00
C PRO C 336 -0.44 -38.98 36.29
N VAL C 337 -0.39 -40.30 36.31
CA VAL C 337 -1.40 -41.10 35.62
C VAL C 337 -2.46 -41.58 36.61
N PRO C 338 -3.61 -40.87 36.68
CA PRO C 338 -4.55 -41.20 37.77
C PRO C 338 -5.35 -42.48 37.54
N ARG C 339 -4.93 -43.54 38.21
CA ARG C 339 -5.66 -44.81 38.17
C ARG C 339 -5.38 -45.62 39.43
N PRO C 340 -6.29 -46.54 39.78
CA PRO C 340 -6.20 -47.34 41.02
C PRO C 340 -4.78 -47.87 41.34
N GLU C 341 -4.18 -48.64 40.44
CA GLU C 341 -2.88 -49.23 40.72
C GLU C 341 -1.82 -48.21 41.10
N ASN C 342 -1.89 -47.02 40.50
CA ASN C 342 -0.91 -45.97 40.74
C ASN C 342 -1.12 -45.25 42.06
N ALA C 343 -2.38 -45.06 42.45
CA ALA C 343 -2.69 -44.45 43.74
C ALA C 343 -2.16 -45.35 44.83
N GLU C 344 -2.36 -46.65 44.65
CA GLU C 344 -1.78 -47.64 45.55
C GLU C 344 -0.29 -47.33 45.74
N LEU C 345 0.46 -47.37 44.64
CA LEU C 345 1.89 -47.11 44.68
C LEU C 345 2.24 -45.80 45.37
N TYR C 346 1.69 -44.69 44.89
CA TYR C 346 1.96 -43.40 45.52
C TYR C 346 1.75 -43.46 47.03
N LYS C 347 0.73 -44.21 47.44
CA LYS C 347 0.36 -44.34 48.85
C LYS C 347 1.57 -44.60 49.74
N LYS C 348 2.38 -45.56 49.34
CA LYS C 348 3.58 -45.94 50.08
C LYS C 348 4.58 -44.79 50.13
N TYR C 349 4.85 -44.17 48.97
CA TYR C 349 5.79 -43.07 48.93
C TYR C 349 5.31 -41.94 49.83
N GLU C 350 4.00 -41.88 50.00
CA GLU C 350 3.40 -40.81 50.79
C GLU C 350 3.72 -40.97 52.28
N ALA C 351 3.90 -42.22 52.70
CA ALA C 351 4.19 -42.52 54.09
C ALA C 351 5.56 -41.98 54.44
N LEU C 352 6.50 -42.17 53.52
CA LEU C 352 7.86 -41.69 53.73
C LEU C 352 7.88 -40.18 53.74
N ALA C 353 7.01 -39.58 52.95
CA ALA C 353 6.95 -38.12 52.86
C ALA C 353 6.60 -37.49 54.21
N ASP C 354 5.67 -38.10 54.94
CA ASP C 354 5.30 -37.59 56.26
C ASP C 354 6.28 -37.99 57.34
N ALA C 355 6.92 -39.14 57.17
CA ALA C 355 7.99 -39.57 58.07
C ALA C 355 9.12 -38.54 58.08
N ALA C 356 9.32 -37.88 56.94
CA ALA C 356 10.38 -36.89 56.78
C ALA C 356 10.32 -35.75 57.80
N GLN C 357 11.48 -35.43 58.35
CA GLN C 357 11.66 -34.36 59.31
C GLN C 357 12.10 -33.09 58.61
N ASP C 358 11.49 -31.96 58.96
CA ASP C 358 11.87 -30.67 58.39
C ASP C 358 11.92 -30.67 56.86
N VAL C 359 10.87 -31.23 56.25
CA VAL C 359 10.71 -31.21 54.81
C VAL C 359 9.25 -31.35 54.37
N THR C 360 8.70 -30.22 53.92
CA THR C 360 7.34 -30.15 53.40
C THR C 360 7.33 -30.51 51.93
N PHE C 361 6.39 -31.36 51.51
CA PHE C 361 6.20 -31.67 50.10
C PHE C 361 5.01 -30.88 49.54
N VAL C 362 5.28 -30.02 48.57
CA VAL C 362 4.25 -29.17 47.99
C VAL C 362 4.46 -28.99 46.48
N GLY C 363 3.48 -29.40 45.67
CA GLY C 363 3.55 -29.24 44.23
C GLY C 363 2.98 -30.41 43.44
N ARG C 364 2.86 -30.27 42.12
CA ARG C 364 2.29 -31.33 41.26
C ARG C 364 3.08 -32.63 41.33
N LEU C 365 4.41 -32.52 41.33
CA LEU C 365 5.28 -33.68 41.31
C LEU C 365 5.45 -34.21 42.72
N ALA C 366 5.58 -33.28 43.67
CA ALA C 366 5.75 -33.60 45.07
C ALA C 366 4.61 -34.48 45.62
N THR C 367 3.37 -34.13 45.28
CA THR C 367 2.21 -34.84 45.82
C THR C 367 1.48 -35.70 44.78
N TYR C 368 2.07 -35.81 43.59
CA TYR C 368 1.54 -36.68 42.54
C TYR C 368 0.07 -36.36 42.23
N ARG C 369 -0.20 -35.08 41.98
CA ARG C 369 -1.53 -34.62 41.64
C ARG C 369 -1.52 -33.70 40.41
N TYR C 370 -2.63 -33.79 39.67
CA TYR C 370 -2.87 -33.05 38.46
C TYR C 370 -3.38 -31.65 38.81
N TYR C 371 -2.45 -30.69 39.03
CA TYR C 371 -2.82 -29.33 39.45
C TYR C 371 -2.60 -28.26 38.39
N ASN C 372 -3.42 -27.23 38.42
CA ASN C 372 -3.24 -26.06 37.55
C ASN C 372 -2.39 -25.03 38.24
N MET C 373 -1.79 -24.13 37.46
CA MET C 373 -0.94 -23.11 38.04
C MET C 373 -1.62 -22.43 39.23
N ASP C 374 -2.86 -21.98 39.05
CA ASP C 374 -3.53 -21.25 40.14
C ASP C 374 -3.76 -22.10 41.38
N GLN C 375 -3.94 -23.40 41.21
CA GLN C 375 -4.13 -24.29 42.37
C GLN C 375 -2.84 -24.44 43.18
N VAL C 376 -1.73 -24.68 42.47
CA VAL C 376 -0.44 -24.76 43.14
C VAL C 376 -0.19 -23.46 43.91
N VAL C 377 -0.38 -22.32 43.26
CA VAL C 377 -0.20 -21.03 43.91
C VAL C 377 -1.02 -20.93 45.20
N ALA C 378 -2.28 -21.32 45.14
CA ALA C 378 -3.12 -21.34 46.33
C ALA C 378 -2.59 -22.33 47.38
N GLN C 379 -2.08 -23.47 46.93
CA GLN C 379 -1.51 -24.47 47.83
C GLN C 379 -0.30 -23.90 48.58
N ALA C 380 0.67 -23.35 47.84
CA ALA C 380 1.86 -22.76 48.46
C ALA C 380 1.47 -21.65 49.42
N LEU C 381 0.58 -20.75 48.98
CA LEU C 381 0.11 -19.69 49.85
C LEU C 381 -0.43 -20.30 51.14
N ALA C 382 -1.07 -21.46 51.02
CA ALA C 382 -1.63 -22.13 52.19
C ALA C 382 -0.53 -22.74 53.08
N THR C 383 0.43 -23.40 52.46
CA THR C 383 1.52 -24.01 53.21
C THR C 383 2.29 -22.97 54.02
N PHE C 384 2.49 -21.79 53.42
CA PHE C 384 3.17 -20.66 54.07
C PHE C 384 2.49 -20.23 55.37
N ARG C 385 1.17 -20.39 55.42
CA ARG C 385 0.40 -20.15 56.64
C ARG C 385 0.60 -21.28 57.66
N ARG C 386 0.62 -22.53 57.22
CA ARG C 386 0.95 -23.63 58.13
C ARG C 386 2.33 -23.44 58.72
N LEU C 387 3.34 -23.37 57.85
CA LEU C 387 4.71 -23.15 58.29
C LEU C 387 4.82 -22.09 59.37
N GLN C 388 3.92 -21.12 59.36
CA GLN C 388 3.87 -20.13 60.42
C GLN C 388 2.79 -20.46 61.45
N GLY D 29 29.39 -52.89 -25.51
CA GLY D 29 28.61 -52.00 -24.66
C GLY D 29 28.57 -50.55 -25.10
N PHE D 30 29.60 -49.79 -24.77
CA PHE D 30 29.67 -48.36 -25.09
C PHE D 30 30.90 -47.98 -25.89
N ASP D 31 30.73 -47.04 -26.81
CA ASP D 31 31.85 -46.49 -27.58
C ASP D 31 32.75 -45.60 -26.73
N TYR D 32 32.14 -44.86 -25.79
CA TYR D 32 32.91 -43.99 -24.89
C TYR D 32 32.41 -44.05 -23.46
N LEU D 33 33.34 -44.21 -22.51
CA LEU D 33 33.04 -43.98 -21.11
C LEU D 33 33.56 -42.59 -20.74
N ILE D 34 32.66 -41.68 -20.42
CA ILE D 34 33.07 -40.34 -20.05
C ILE D 34 32.93 -40.15 -18.54
N VAL D 35 34.04 -39.79 -17.89
CA VAL D 35 34.08 -39.67 -16.45
C VAL D 35 33.92 -38.20 -16.05
N GLY D 36 32.86 -37.90 -15.29
CA GLY D 36 32.57 -36.55 -14.89
C GLY D 36 31.54 -35.92 -15.81
N ALA D 37 30.55 -35.25 -15.24
CA ALA D 37 29.47 -34.69 -16.03
C ALA D 37 29.40 -33.17 -15.89
N GLY D 38 30.57 -32.55 -15.74
CA GLY D 38 30.68 -31.11 -15.81
C GLY D 38 30.74 -30.72 -17.27
N PHE D 39 31.13 -29.48 -17.53
CA PHE D 39 31.26 -29.00 -18.91
C PHE D 39 32.13 -29.92 -19.78
N ALA D 40 33.31 -30.26 -19.27
CA ALA D 40 34.24 -31.06 -20.06
C ALA D 40 33.59 -32.35 -20.52
N GLY D 41 33.00 -33.07 -19.57
CA GLY D 41 32.40 -34.35 -19.84
C GLY D 41 31.15 -34.23 -20.69
N SER D 42 30.32 -33.27 -20.32
CA SER D 42 29.01 -33.11 -20.95
C SER D 42 29.07 -32.61 -22.41
N VAL D 43 29.97 -31.69 -22.70
CA VAL D 43 30.07 -31.22 -24.08
C VAL D 43 30.49 -32.37 -25.00
N LEU D 44 31.49 -33.13 -24.58
CA LEU D 44 31.92 -34.30 -25.33
C LEU D 44 30.81 -35.34 -25.45
N ALA D 45 30.11 -35.62 -24.34
CA ALA D 45 28.99 -36.55 -24.37
C ALA D 45 27.96 -36.13 -25.42
N GLU D 46 27.66 -34.84 -25.47
CA GLU D 46 26.67 -34.31 -26.39
C GLU D 46 27.13 -34.38 -27.84
N ARG D 47 28.36 -33.95 -28.10
CA ARG D 47 28.93 -34.00 -29.44
C ARG D 47 28.99 -35.44 -29.95
N LEU D 48 29.67 -36.30 -29.19
CA LEU D 48 29.82 -37.71 -29.57
C LEU D 48 28.48 -38.36 -29.90
N ALA D 49 27.49 -38.16 -29.03
CA ALA D 49 26.20 -38.83 -29.20
C ALA D 49 25.43 -38.27 -30.40
N SER D 50 25.73 -37.02 -30.77
CA SER D 50 25.04 -36.39 -31.88
C SER D 50 25.60 -36.93 -33.18
N SER D 51 26.82 -37.47 -33.10
CA SER D 51 27.46 -38.09 -34.25
C SER D 51 27.05 -39.56 -34.35
N GLY D 52 26.56 -40.12 -33.25
CA GLY D 52 26.06 -41.48 -33.26
C GLY D 52 26.85 -42.48 -32.43
N GLN D 53 27.65 -42.00 -31.50
CA GLN D 53 28.36 -42.89 -30.57
C GLN D 53 27.49 -43.23 -29.37
N ARG D 54 27.65 -44.43 -28.84
CA ARG D 54 26.97 -44.82 -27.60
C ARG D 54 27.80 -44.37 -26.42
N VAL D 55 27.26 -43.46 -25.62
CA VAL D 55 28.03 -42.85 -24.56
C VAL D 55 27.45 -43.22 -23.20
N LEU D 56 28.34 -43.54 -22.27
CA LEU D 56 27.97 -43.66 -20.87
C LEU D 56 28.72 -42.58 -20.13
N ILE D 57 28.00 -41.63 -19.53
CA ILE D 57 28.67 -40.61 -18.73
C ILE D 57 28.43 -40.88 -17.25
N VAL D 58 29.51 -40.80 -16.48
CA VAL D 58 29.49 -41.23 -15.09
C VAL D 58 30.00 -40.13 -14.16
N ASP D 59 29.40 -40.00 -12.99
CA ASP D 59 29.88 -39.04 -12.01
C ASP D 59 29.62 -39.60 -10.62
N ARG D 60 30.59 -39.41 -9.73
CA ARG D 60 30.46 -39.91 -8.37
C ARG D 60 29.51 -39.02 -7.57
N ARG D 61 29.26 -37.82 -8.08
CA ARG D 61 28.26 -36.96 -7.47
C ARG D 61 26.88 -37.43 -7.83
N PRO D 62 25.89 -37.09 -7.00
CA PRO D 62 24.49 -37.49 -7.25
C PRO D 62 23.79 -36.57 -8.24
N HIS D 63 24.55 -35.72 -8.93
CA HIS D 63 23.95 -34.83 -9.91
C HIS D 63 24.92 -34.55 -11.04
N ILE D 64 24.38 -34.08 -12.16
CA ILE D 64 25.20 -33.67 -13.28
C ILE D 64 25.66 -32.23 -13.10
N GLY D 65 26.45 -31.73 -14.06
CA GLY D 65 26.84 -30.32 -14.07
C GLY D 65 28.20 -29.99 -13.48
N GLY D 66 28.78 -30.91 -12.72
CA GLY D 66 30.04 -30.64 -12.05
C GLY D 66 29.88 -29.43 -11.14
N ASN D 67 30.94 -28.62 -11.03
CA ASN D 67 30.90 -27.39 -10.22
C ASN D 67 29.84 -26.40 -10.63
N ALA D 68 29.39 -26.46 -11.88
CA ALA D 68 28.46 -25.47 -12.38
C ALA D 68 26.99 -25.81 -12.04
N TYR D 69 26.81 -26.90 -11.29
CA TYR D 69 25.48 -27.36 -10.90
C TYR D 69 24.70 -26.32 -10.10
N ASP D 70 23.44 -26.08 -10.45
CA ASP D 70 22.59 -25.23 -9.61
C ASP D 70 21.31 -25.95 -9.19
N CYS D 71 20.58 -25.35 -8.26
CA CYS D 71 19.43 -26.00 -7.67
C CYS D 71 18.71 -25.03 -6.75
N TYR D 72 17.44 -25.34 -6.44
CA TYR D 72 16.65 -24.52 -5.54
C TYR D 72 16.87 -24.96 -4.09
N ASP D 73 17.10 -24.01 -3.20
CA ASP D 73 17.35 -24.32 -1.80
C ASP D 73 16.04 -24.48 -1.04
N ASP D 74 16.12 -24.64 0.28
CA ASP D 74 14.94 -24.90 1.10
C ASP D 74 13.91 -23.78 1.01
N ALA D 75 14.37 -22.56 0.70
CA ALA D 75 13.49 -21.39 0.65
C ALA D 75 12.86 -21.19 -0.71
N GLY D 76 13.35 -21.91 -1.70
CA GLY D 76 12.86 -21.75 -3.05
C GLY D 76 13.70 -20.79 -3.90
N VAL D 77 14.91 -20.48 -3.42
CA VAL D 77 15.83 -19.60 -4.13
C VAL D 77 16.79 -20.41 -4.99
N LEU D 78 16.98 -20.00 -6.24
CA LEU D 78 17.93 -20.68 -7.11
C LEU D 78 19.35 -20.28 -6.75
N ILE D 79 20.20 -21.27 -6.40
CA ILE D 79 21.56 -20.99 -5.91
C ILE D 79 22.60 -21.89 -6.55
N HIS D 80 23.88 -21.54 -6.33
CA HIS D 80 24.99 -22.38 -6.79
C HIS D 80 25.72 -23.00 -5.61
N PRO D 81 25.52 -24.30 -5.37
CA PRO D 81 26.09 -24.91 -4.17
C PRO D 81 27.63 -24.92 -4.16
N TYR D 82 28.26 -24.80 -5.32
CA TYR D 82 29.72 -24.81 -5.40
C TYR D 82 30.33 -23.44 -5.71
N GLY D 83 29.68 -22.37 -5.26
CA GLY D 83 30.19 -21.03 -5.46
C GLY D 83 29.53 -20.34 -6.64
N PRO D 84 29.47 -19.01 -6.61
CA PRO D 84 28.89 -18.26 -7.73
C PRO D 84 29.60 -18.55 -9.05
N HIS D 85 28.85 -19.03 -10.05
CA HIS D 85 29.39 -19.27 -11.38
C HIS D 85 28.75 -18.34 -12.42
N ILE D 86 29.52 -17.37 -12.89
CA ILE D 86 29.01 -16.36 -13.80
C ILE D 86 29.52 -16.66 -15.20
N PHE D 87 28.60 -16.90 -16.13
CA PHE D 87 29.06 -17.17 -17.49
C PHE D 87 29.46 -15.93 -18.27
N HIS D 88 30.58 -16.05 -18.98
CA HIS D 88 31.12 -14.95 -19.78
C HIS D 88 32.07 -15.49 -20.84
N THR D 89 32.09 -14.88 -22.02
CA THR D 89 32.95 -15.36 -23.09
C THR D 89 33.16 -14.39 -24.22
N ASN D 90 34.37 -14.42 -24.78
CA ASN D 90 34.69 -13.67 -25.98
C ASN D 90 34.45 -14.49 -27.27
N SER D 91 34.18 -15.78 -27.11
CA SER D 91 34.04 -16.69 -28.25
C SER D 91 32.61 -16.77 -28.78
N LYS D 92 32.38 -16.22 -29.97
CA LYS D 92 31.06 -16.35 -30.57
C LYS D 92 30.73 -17.82 -30.72
N ASP D 93 31.76 -18.62 -30.98
CA ASP D 93 31.61 -20.04 -31.21
C ASP D 93 31.05 -20.78 -29.99
N VAL D 94 31.70 -20.62 -28.85
CA VAL D 94 31.22 -21.20 -27.61
C VAL D 94 29.81 -20.71 -27.31
N PHE D 95 29.59 -19.42 -27.47
CA PHE D 95 28.31 -18.83 -27.09
C PHE D 95 27.14 -19.38 -27.92
N GLU D 96 27.37 -19.54 -29.21
CA GLU D 96 26.35 -20.07 -30.11
C GLU D 96 26.10 -21.54 -29.85
N TYR D 97 27.14 -22.25 -29.44
CA TYR D 97 27.00 -23.66 -29.14
C TYR D 97 26.09 -23.84 -27.93
N LEU D 98 26.46 -23.22 -26.83
CA LEU D 98 25.69 -23.30 -25.59
C LEU D 98 24.26 -22.81 -25.80
N SER D 99 24.08 -21.85 -26.70
CA SER D 99 22.75 -21.34 -27.03
C SER D 99 21.78 -22.42 -27.52
N ARG D 100 22.33 -23.52 -27.99
CA ARG D 100 21.52 -24.65 -28.45
C ARG D 100 20.81 -25.37 -27.30
N PHE D 101 21.26 -25.12 -26.08
CA PHE D 101 20.74 -25.85 -24.93
C PHE D 101 20.05 -24.97 -23.91
N THR D 102 19.95 -23.68 -24.18
CA THR D 102 19.39 -22.76 -23.21
C THR D 102 19.15 -21.39 -23.80
N GLU D 103 18.21 -20.66 -23.22
CA GLU D 103 18.05 -19.25 -23.51
C GLU D 103 18.88 -18.45 -22.53
N TRP D 104 18.97 -17.14 -22.74
CA TRP D 104 19.88 -16.30 -21.97
C TRP D 104 19.22 -15.12 -21.27
N ARG D 105 19.67 -14.86 -20.05
CA ARG D 105 19.36 -13.63 -19.34
C ARG D 105 20.63 -12.79 -19.36
N PRO D 106 20.62 -11.65 -20.07
CA PRO D 106 21.87 -10.89 -20.14
C PRO D 106 22.23 -10.40 -18.75
N TYR D 107 23.52 -10.39 -18.46
CA TYR D 107 23.97 -10.05 -17.14
C TYR D 107 25.45 -9.75 -17.16
N GLN D 108 25.81 -8.60 -16.60
CA GLN D 108 27.21 -8.24 -16.48
C GLN D 108 27.57 -8.10 -15.02
N HIS D 109 28.35 -9.06 -14.54
CA HIS D 109 28.65 -9.18 -13.12
C HIS D 109 29.47 -8.01 -12.64
N ARG D 110 29.14 -7.47 -11.47
CA ARG D 110 29.93 -6.40 -10.88
C ARG D 110 30.30 -6.73 -9.45
N VAL D 111 31.59 -6.60 -9.16
CA VAL D 111 32.12 -6.91 -7.83
C VAL D 111 32.60 -5.64 -7.12
N LEU D 112 32.35 -5.57 -5.82
CA LEU D 112 32.83 -4.46 -5.00
C LEU D 112 33.77 -5.02 -3.95
N ALA D 113 34.82 -4.27 -3.61
CA ALA D 113 35.73 -4.70 -2.56
C ALA D 113 35.55 -3.83 -1.34
N SER D 114 35.51 -4.46 -0.16
CA SER D 114 35.39 -3.73 1.08
C SER D 114 36.77 -3.31 1.59
N VAL D 115 37.13 -2.07 1.31
CA VAL D 115 38.42 -1.53 1.67
C VAL D 115 38.21 -0.21 2.40
N ASP D 116 38.82 -0.08 3.57
CA ASP D 116 38.74 1.17 4.32
C ASP D 116 37.30 1.62 4.53
N GLY D 117 36.43 0.72 4.96
CA GLY D 117 35.04 1.06 5.23
C GLY D 117 34.20 1.43 4.01
N GLN D 118 34.74 1.23 2.82
CA GLN D 118 34.00 1.52 1.60
C GLN D 118 33.89 0.30 0.70
N LEU D 119 32.88 0.34 -0.16
CA LEU D 119 32.72 -0.62 -1.23
C LEU D 119 33.20 0.02 -2.53
N LEU D 120 34.37 -0.42 -3.00
CA LEU D 120 35.01 0.18 -4.16
C LEU D 120 35.08 -0.83 -5.30
N PRO D 121 35.00 -0.35 -6.54
CA PRO D 121 35.03 -1.25 -7.71
C PRO D 121 36.33 -2.04 -7.78
N ILE D 122 36.23 -3.32 -8.13
CA ILE D 122 37.37 -4.15 -8.44
C ILE D 122 36.94 -4.91 -9.68
N PRO D 123 37.81 -5.00 -10.68
CA PRO D 123 39.19 -4.50 -10.78
C PRO D 123 39.33 -3.00 -10.51
N ILE D 124 40.53 -2.61 -10.07
CA ILE D 124 40.85 -1.21 -9.81
C ILE D 124 40.65 -0.37 -11.06
N ASN D 125 39.85 0.68 -10.94
CA ASN D 125 39.61 1.62 -12.04
C ASN D 125 39.66 3.08 -11.57
N LEU D 126 39.37 4.01 -12.48
CA LEU D 126 39.43 5.46 -12.22
C LEU D 126 38.71 5.79 -10.93
N ASP D 127 37.47 5.28 -10.84
CA ASP D 127 36.61 5.57 -9.70
C ASP D 127 37.20 5.00 -8.41
N THR D 128 37.85 3.85 -8.51
CA THR D 128 38.47 3.23 -7.34
C THR D 128 39.50 4.16 -6.72
N VAL D 129 40.44 4.61 -7.55
CA VAL D 129 41.51 5.51 -7.11
C VAL D 129 40.94 6.82 -6.57
N ASN D 130 40.09 7.46 -7.37
CA ASN D 130 39.49 8.74 -6.96
C ASN D 130 38.70 8.66 -5.66
N ARG D 131 37.92 7.60 -5.48
CA ARG D 131 37.13 7.47 -4.26
C ARG D 131 38.00 7.08 -3.07
N LEU D 132 38.94 6.17 -3.28
CA LEU D 132 39.84 5.73 -2.19
C LEU D 132 40.55 6.90 -1.50
N TYR D 133 41.14 7.77 -2.30
CA TYR D 133 42.03 8.82 -1.82
C TYR D 133 41.41 10.22 -1.91
N GLY D 134 40.17 10.32 -2.35
CA GLY D 134 39.57 11.62 -2.56
C GLY D 134 40.28 12.44 -3.62
N LEU D 135 40.71 11.77 -4.69
CA LEU D 135 41.26 12.45 -5.86
C LEU D 135 40.18 12.75 -6.88
N ASN D 136 40.58 13.50 -7.90
CA ASN D 136 39.71 13.94 -8.97
C ASN D 136 40.44 13.78 -10.30
N LEU D 137 41.21 12.70 -10.44
CA LEU D 137 41.97 12.45 -11.67
C LEU D 137 41.06 12.13 -12.86
N THR D 138 41.50 12.55 -14.04
CA THR D 138 40.88 12.11 -15.29
C THR D 138 41.54 10.78 -15.66
N SER D 139 40.97 10.07 -16.62
CA SER D 139 41.58 8.85 -17.13
C SER D 139 43.01 9.06 -17.61
N PHE D 140 43.26 10.21 -18.22
CA PHE D 140 44.60 10.50 -18.74
C PHE D 140 45.60 10.68 -17.58
N GLN D 141 45.16 11.34 -16.53
CA GLN D 141 46.01 11.54 -15.37
C GLN D 141 46.23 10.29 -14.52
N VAL D 142 45.24 9.42 -14.43
CA VAL D 142 45.38 8.29 -13.51
C VAL D 142 46.49 7.36 -13.96
N GLU D 143 46.70 7.27 -15.27
CA GLU D 143 47.79 6.46 -15.78
C GLU D 143 49.16 6.99 -15.37
N GLU D 144 49.30 8.31 -15.33
CA GLU D 144 50.51 8.93 -14.83
C GLU D 144 50.65 8.64 -13.33
N PHE D 145 49.55 8.78 -12.60
CA PHE D 145 49.56 8.46 -11.18
C PHE D 145 50.08 7.05 -10.96
N PHE D 146 49.50 6.08 -11.67
CA PHE D 146 49.94 4.71 -11.52
C PHE D 146 51.45 4.65 -11.74
N ALA D 147 51.91 5.15 -12.89
CA ALA D 147 53.33 5.10 -13.23
C ALA D 147 54.21 5.80 -12.21
N SER D 148 53.66 6.75 -11.46
CA SER D 148 54.44 7.42 -10.42
C SER D 148 54.62 6.61 -9.14
N VAL D 149 53.78 5.59 -8.93
CA VAL D 149 53.93 4.76 -7.71
C VAL D 149 54.42 3.35 -8.00
N ALA D 150 54.33 2.95 -9.26
CA ALA D 150 54.71 1.59 -9.68
C ALA D 150 56.18 1.31 -9.43
N GLU D 151 56.45 0.10 -8.94
CA GLU D 151 57.79 -0.34 -8.65
C GLU D 151 58.27 -1.12 -9.81
N LYS D 152 59.57 -1.12 -9.99
CA LYS D 152 60.19 -1.73 -11.13
C LYS D 152 60.67 -3.12 -10.83
N VAL D 153 60.38 -4.00 -11.75
CA VAL D 153 60.72 -5.40 -11.67
C VAL D 153 61.38 -5.60 -13.00
N GLU D 154 62.51 -6.29 -13.07
CA GLU D 154 63.12 -6.45 -14.37
C GLU D 154 62.32 -7.47 -15.15
N GLN D 155 62.01 -8.58 -14.51
CA GLN D 155 61.19 -9.59 -15.15
C GLN D 155 59.99 -9.97 -14.30
N VAL D 156 58.79 -9.63 -14.76
CA VAL D 156 57.55 -9.95 -14.08
C VAL D 156 57.35 -11.45 -13.95
N ARG D 157 57.62 -11.99 -12.76
CA ARG D 157 57.45 -13.42 -12.50
C ARG D 157 56.27 -13.76 -11.56
N THR D 158 56.30 -13.23 -10.33
CA THR D 158 55.31 -13.60 -9.32
C THR D 158 54.03 -12.80 -9.42
N SER D 159 53.03 -13.17 -8.63
CA SER D 159 51.75 -12.45 -8.59
C SER D 159 51.86 -11.14 -7.85
N GLU D 160 53.02 -10.91 -7.22
CA GLU D 160 53.32 -9.64 -6.59
C GLU D 160 53.90 -8.70 -7.63
N ASP D 161 54.86 -9.21 -8.40
CA ASP D 161 55.41 -8.50 -9.54
C ASP D 161 54.34 -7.89 -10.45
N VAL D 162 53.41 -8.72 -10.93
CA VAL D 162 52.40 -8.23 -11.88
C VAL D 162 51.59 -7.04 -11.37
N VAL D 163 51.40 -6.98 -10.05
CA VAL D 163 50.55 -5.94 -9.45
C VAL D 163 51.34 -4.71 -9.02
N VAL D 164 52.41 -4.96 -8.27
CA VAL D 164 53.24 -3.89 -7.74
C VAL D 164 53.89 -3.08 -8.86
N SER D 165 54.17 -3.75 -9.98
CA SER D 165 54.79 -3.12 -11.15
C SER D 165 53.83 -2.27 -11.99
N LYS D 166 52.56 -2.22 -11.60
CA LYS D 166 51.59 -1.42 -12.36
C LYS D 166 50.87 -0.38 -11.51
N VAL D 167 50.40 -0.79 -10.32
CA VAL D 167 49.62 0.11 -9.47
C VAL D 167 50.32 0.49 -8.19
N GLY D 168 51.48 -0.09 -7.96
CA GLY D 168 52.28 0.29 -6.81
C GLY D 168 52.00 -0.50 -5.56
N ARG D 169 52.72 -0.17 -4.50
CA ARG D 169 52.74 -0.93 -3.27
C ARG D 169 51.45 -0.81 -2.42
N ASP D 170 50.98 0.43 -2.22
CA ASP D 170 49.81 0.66 -1.38
C ASP D 170 48.54 0.00 -1.93
N LEU D 171 48.30 0.16 -3.24
CA LEU D 171 47.10 -0.40 -3.86
C LEU D 171 47.17 -1.92 -3.81
N TYR D 172 48.37 -2.46 -4.03
CA TYR D 172 48.65 -3.87 -3.84
C TYR D 172 48.29 -4.33 -2.43
N ASN D 173 48.70 -3.57 -1.43
CA ASN D 173 48.42 -3.96 -0.05
C ASN D 173 46.92 -3.90 0.25
N LYS D 174 46.26 -2.93 -0.36
CA LYS D 174 44.86 -2.68 -0.11
C LYS D 174 43.92 -3.68 -0.77
N PHE D 175 44.32 -4.21 -1.93
CA PHE D 175 43.40 -5.00 -2.73
C PHE D 175 43.82 -6.45 -2.99
N PHE D 176 45.13 -6.70 -3.01
CA PHE D 176 45.63 -8.00 -3.44
C PHE D 176 46.33 -8.85 -2.39
N ARG D 177 47.20 -8.23 -1.61
CA ARG D 177 48.03 -9.01 -0.69
C ARG D 177 47.23 -9.84 0.30
N GLY D 178 46.40 -9.18 1.11
CA GLY D 178 45.57 -9.85 2.08
C GLY D 178 44.57 -10.82 1.47
N TYR D 179 43.93 -10.43 0.37
CA TYR D 179 42.99 -11.31 -0.31
C TYR D 179 43.70 -12.57 -0.79
N THR D 180 44.88 -12.38 -1.37
CA THR D 180 45.62 -13.53 -1.90
C THR D 180 46.09 -14.45 -0.79
N ARG D 181 46.62 -13.88 0.29
CA ARG D 181 47.06 -14.68 1.42
C ARG D 181 45.89 -15.49 1.95
N LYS D 182 44.72 -14.87 2.00
CA LYS D 182 43.53 -15.54 2.52
C LYS D 182 43.15 -16.72 1.62
N GLN D 183 43.04 -16.45 0.33
CA GLN D 183 42.55 -17.43 -0.63
C GLN D 183 43.51 -18.60 -0.82
N TRP D 184 44.81 -18.33 -0.82
CA TRP D 184 45.79 -19.32 -1.27
C TRP D 184 46.65 -19.92 -0.17
N GLY D 185 46.61 -19.32 1.01
CA GLY D 185 47.50 -19.73 2.09
C GLY D 185 48.92 -19.40 1.71
N LEU D 186 49.07 -18.52 0.72
CA LEU D 186 50.36 -18.19 0.13
C LEU D 186 50.43 -16.69 -0.16
N ASP D 187 51.62 -16.11 -0.03
CA ASP D 187 51.85 -14.73 -0.43
C ASP D 187 51.85 -14.65 -1.95
N PRO D 188 51.44 -13.51 -2.52
CA PRO D 188 51.46 -13.30 -3.98
C PRO D 188 52.84 -13.50 -4.60
N SER D 189 53.89 -13.46 -3.78
CA SER D 189 55.25 -13.71 -4.26
C SER D 189 55.53 -15.21 -4.50
N GLU D 190 54.68 -16.07 -3.95
CA GLU D 190 54.85 -17.51 -4.10
C GLU D 190 53.94 -18.10 -5.18
N LEU D 191 53.41 -17.25 -6.06
CA LEU D 191 52.49 -17.72 -7.09
C LEU D 191 52.89 -17.18 -8.44
N ASP D 192 52.68 -17.98 -9.48
CA ASP D 192 52.92 -17.51 -10.83
C ASP D 192 52.08 -16.26 -11.10
N ALA D 193 52.68 -15.30 -11.80
CA ALA D 193 52.03 -14.01 -12.04
C ALA D 193 50.69 -14.11 -12.76
N SER D 194 50.35 -15.32 -13.21
CA SER D 194 49.09 -15.52 -13.92
C SER D 194 47.87 -15.50 -12.99
N VAL D 195 48.10 -15.69 -11.68
CA VAL D 195 46.99 -15.68 -10.72
C VAL D 195 46.38 -14.27 -10.58
N THR D 196 47.16 -13.29 -10.13
CA THR D 196 46.64 -11.93 -10.03
C THR D 196 46.51 -11.21 -11.38
N ALA D 197 47.16 -11.74 -12.42
CA ALA D 197 47.01 -11.19 -13.76
C ALA D 197 45.60 -11.39 -14.27
N ARG D 198 44.88 -12.32 -13.65
CA ARG D 198 43.46 -12.54 -13.95
C ARG D 198 42.62 -11.26 -13.77
N VAL D 199 43.03 -10.40 -12.84
CA VAL D 199 42.28 -9.16 -12.57
C VAL D 199 43.14 -7.91 -12.82
N PRO D 200 43.21 -7.48 -14.09
CA PRO D 200 44.08 -6.38 -14.51
C PRO D 200 43.50 -5.05 -14.06
N THR D 201 44.32 -4.01 -14.01
CA THR D 201 43.87 -2.70 -13.55
C THR D 201 43.50 -1.82 -14.73
N ARG D 202 42.53 -0.93 -14.52
CA ARG D 202 41.99 -0.08 -15.59
C ARG D 202 42.29 1.38 -15.32
N THR D 203 42.29 2.17 -16.39
CA THR D 203 42.40 3.61 -16.26
C THR D 203 41.08 4.23 -16.72
N ASN D 204 40.16 3.39 -17.20
CA ASN D 204 38.85 3.86 -17.58
C ASN D 204 37.87 3.71 -16.42
N ARG D 205 36.59 3.90 -16.70
CA ARG D 205 35.58 3.82 -15.65
C ARG D 205 34.69 2.61 -15.79
N ASP D 206 35.17 1.59 -16.49
CA ASP D 206 34.44 0.33 -16.57
C ASP D 206 34.46 -0.36 -15.21
N ASN D 207 33.27 -0.69 -14.67
CA ASN D 207 33.19 -1.37 -13.37
C ASN D 207 32.68 -2.81 -13.45
N ARG D 208 32.61 -3.36 -14.65
CA ARG D 208 32.21 -4.77 -14.83
C ARG D 208 33.35 -5.65 -14.42
N TYR D 209 33.08 -6.81 -13.85
CA TYR D 209 34.16 -7.72 -13.54
C TYR D 209 34.80 -8.25 -14.82
N PHE D 210 33.99 -8.48 -15.84
CA PHE D 210 34.49 -8.97 -17.13
C PHE D 210 34.19 -7.97 -18.23
N ALA D 211 35.11 -7.87 -19.19
CA ALA D 211 34.88 -7.02 -20.35
C ALA D 211 34.54 -7.86 -21.57
N ASP D 212 34.14 -9.12 -21.33
CA ASP D 212 33.84 -10.06 -22.41
C ASP D 212 32.70 -9.58 -23.29
N THR D 213 32.74 -10.00 -24.55
CA THR D 213 31.73 -9.66 -25.54
C THR D 213 30.36 -10.25 -25.23
N TYR D 214 30.34 -11.49 -24.74
CA TYR D 214 29.09 -12.19 -24.43
C TYR D 214 28.97 -12.43 -22.93
N GLN D 215 27.96 -11.82 -22.32
CA GLN D 215 27.79 -11.98 -20.88
C GLN D 215 26.33 -12.19 -20.60
N ALA D 216 26.00 -13.41 -20.18
CA ALA D 216 24.62 -13.77 -19.91
C ALA D 216 24.57 -15.08 -19.11
N MET D 217 23.45 -15.28 -18.42
CA MET D 217 23.26 -16.45 -17.59
C MET D 217 22.23 -17.37 -18.22
N PRO D 218 22.46 -18.68 -18.18
CA PRO D 218 21.42 -19.59 -18.68
C PRO D 218 20.08 -19.22 -18.04
N LEU D 219 19.06 -18.95 -18.84
CA LEU D 219 17.84 -18.33 -18.34
C LEU D 219 17.21 -19.08 -17.17
N HIS D 220 17.23 -20.40 -17.24
CA HIS D 220 16.62 -21.20 -16.17
C HIS D 220 17.64 -21.96 -15.35
N GLY D 221 18.89 -21.53 -15.45
CA GLY D 221 19.96 -22.15 -14.68
C GLY D 221 20.76 -23.16 -15.45
N TYR D 222 21.94 -23.48 -14.93
CA TYR D 222 22.88 -24.39 -15.57
C TYR D 222 22.35 -25.82 -15.63
N THR D 223 21.78 -26.28 -14.53
CA THR D 223 21.29 -27.66 -14.48
C THR D 223 20.31 -27.94 -15.62
N ARG D 224 19.34 -27.04 -15.82
CA ARG D 224 18.40 -27.20 -16.94
C ARG D 224 19.14 -27.26 -18.27
N MET D 225 20.15 -26.40 -18.44
CA MET D 225 21.00 -26.42 -19.62
C MET D 225 21.67 -27.80 -19.81
N PHE D 226 22.35 -28.27 -18.77
CA PHE D 226 22.99 -29.60 -18.83
C PHE D 226 22.04 -30.76 -19.15
N GLN D 227 20.83 -30.70 -18.63
CA GLN D 227 19.83 -31.72 -18.91
C GLN D 227 19.49 -31.78 -20.40
N ASN D 228 19.37 -30.61 -21.03
CA ASN D 228 19.17 -30.58 -22.47
C ASN D 228 20.42 -31.12 -23.14
N MET D 229 21.57 -30.67 -22.68
CA MET D 229 22.84 -31.04 -23.27
C MET D 229 23.03 -32.55 -23.25
N LEU D 230 22.43 -33.22 -22.26
CA LEU D 230 22.63 -34.65 -22.09
C LEU D 230 21.44 -35.50 -22.50
N SER D 231 20.46 -34.92 -23.19
CA SER D 231 19.18 -35.62 -23.39
C SER D 231 19.14 -36.69 -24.50
N SER D 232 20.16 -36.74 -25.34
CA SER D 232 20.20 -37.75 -26.42
C SER D 232 19.86 -39.18 -25.96
N PRO D 233 19.14 -39.94 -26.82
CA PRO D 233 18.89 -41.36 -26.53
C PRO D 233 20.20 -42.17 -26.51
N ASN D 234 21.29 -41.59 -26.98
CA ASN D 234 22.59 -42.26 -26.98
C ASN D 234 23.42 -42.03 -25.72
N ILE D 235 22.88 -41.32 -24.74
CA ILE D 235 23.66 -41.02 -23.55
C ILE D 235 23.01 -41.63 -22.31
N LYS D 236 23.72 -42.53 -21.65
CA LYS D 236 23.24 -43.08 -20.39
C LYS D 236 23.99 -42.36 -19.29
N VAL D 237 23.26 -41.96 -18.27
CA VAL D 237 23.86 -41.17 -17.20
C VAL D 237 23.90 -41.98 -15.93
N MET D 238 25.08 -42.09 -15.36
CA MET D 238 25.24 -42.85 -14.13
C MET D 238 25.77 -41.92 -13.05
N LEU D 239 25.05 -41.82 -11.94
CA LEU D 239 25.42 -40.90 -10.87
C LEU D 239 25.71 -41.64 -9.56
N ASN D 240 26.41 -40.96 -8.65
CA ASN D 240 26.82 -41.58 -7.40
C ASN D 240 27.67 -42.80 -7.74
N THR D 241 28.40 -42.72 -8.85
CA THR D 241 29.17 -43.84 -9.36
C THR D 241 30.58 -43.39 -9.69
N ASP D 242 31.55 -43.88 -8.95
CA ASP D 242 32.95 -43.68 -9.31
C ASP D 242 33.28 -44.57 -10.49
N TYR D 243 34.06 -44.06 -11.45
CA TYR D 243 34.33 -44.84 -12.66
C TYR D 243 35.00 -46.18 -12.35
N ARG D 244 35.76 -46.20 -11.26
CA ARG D 244 36.48 -47.40 -10.91
C ARG D 244 35.55 -48.51 -10.42
N GLU D 245 34.36 -48.12 -9.96
CA GLU D 245 33.37 -49.08 -9.51
C GLU D 245 32.71 -49.84 -10.65
N ILE D 246 32.89 -49.40 -11.88
CA ILE D 246 32.21 -50.04 -13.00
C ILE D 246 33.10 -50.40 -14.18
N ALA D 247 34.37 -49.97 -14.12
CA ALA D 247 35.30 -50.14 -15.24
C ALA D 247 35.50 -51.59 -15.66
N ASP D 248 35.57 -52.49 -14.68
CA ASP D 248 35.81 -53.91 -14.92
C ASP D 248 34.76 -54.56 -15.83
N PHE D 249 33.49 -54.37 -15.49
CA PHE D 249 32.42 -55.08 -16.19
C PHE D 249 31.66 -54.28 -17.24
N ILE D 250 31.88 -52.97 -17.31
CA ILE D 250 31.26 -52.21 -18.38
C ILE D 250 32.23 -51.99 -19.53
N PRO D 251 31.89 -52.55 -20.70
CA PRO D 251 32.67 -52.49 -21.94
C PRO D 251 32.69 -51.10 -22.55
N PHE D 252 33.88 -50.58 -22.83
CA PHE D 252 34.00 -49.31 -23.53
C PHE D 252 35.23 -49.24 -24.43
N GLN D 253 35.02 -48.75 -25.66
CA GLN D 253 36.08 -48.63 -26.66
C GLN D 253 37.08 -47.49 -26.41
N HIS D 254 36.66 -46.45 -25.69
CA HIS D 254 37.54 -45.31 -25.41
C HIS D 254 37.07 -44.54 -24.18
N MET D 255 38.01 -44.10 -23.35
CA MET D 255 37.68 -43.33 -22.16
C MET D 255 38.04 -41.85 -22.30
N ILE D 256 37.11 -40.99 -21.88
CA ILE D 256 37.41 -39.57 -21.69
C ILE D 256 37.34 -39.31 -20.20
N TYR D 257 38.43 -38.78 -19.65
CA TYR D 257 38.56 -38.60 -18.21
C TYR D 257 38.68 -37.12 -17.84
N THR D 258 37.85 -36.66 -16.90
CA THR D 258 37.87 -35.25 -16.53
C THR D 258 38.11 -35.01 -15.05
N GLY D 259 38.40 -36.06 -14.29
CA GLY D 259 38.77 -35.91 -12.89
C GLY D 259 40.22 -35.40 -12.74
N PRO D 260 40.74 -35.35 -11.50
CA PRO D 260 42.12 -34.90 -11.28
C PRO D 260 43.14 -35.90 -11.86
N VAL D 261 44.28 -35.41 -12.34
CA VAL D 261 45.29 -36.27 -13.01
C VAL D 261 46.07 -37.19 -12.08
N ASP D 262 46.49 -36.66 -10.93
CA ASP D 262 47.21 -37.50 -9.99
C ASP D 262 46.37 -38.72 -9.59
N ALA D 263 45.11 -38.48 -9.26
CA ALA D 263 44.21 -39.56 -8.86
C ALA D 263 44.14 -40.68 -9.89
N PHE D 264 44.16 -40.33 -11.17
CA PHE D 264 44.00 -41.31 -12.24
C PHE D 264 45.22 -42.23 -12.30
N PHE D 265 46.37 -41.71 -11.88
CA PHE D 265 47.61 -42.47 -11.87
C PHE D 265 48.04 -42.86 -10.47
N ASP D 266 47.05 -42.95 -9.59
CA ASP D 266 47.21 -43.51 -8.26
C ASP D 266 48.18 -42.76 -7.38
N PHE D 267 48.48 -41.52 -7.77
CA PHE D 267 49.27 -40.60 -6.95
C PHE D 267 50.75 -40.97 -6.97
N CYS D 268 51.15 -41.66 -8.03
CA CYS D 268 52.47 -42.26 -8.10
C CYS D 268 53.65 -41.27 -8.00
N TYR D 269 53.40 -39.98 -8.17
CA TYR D 269 54.46 -38.99 -7.96
C TYR D 269 54.13 -38.02 -6.84
N GLY D 270 53.19 -38.40 -5.97
CA GLY D 270 52.73 -37.49 -4.93
C GLY D 270 51.52 -36.69 -5.35
N LYS D 271 50.90 -36.00 -4.39
CA LYS D 271 49.67 -35.26 -4.60
C LYS D 271 49.91 -33.91 -5.31
N LEU D 272 49.23 -33.70 -6.43
CA LEU D 272 49.26 -32.40 -7.11
C LEU D 272 48.50 -31.37 -6.28
N PRO D 273 49.19 -30.33 -5.81
CA PRO D 273 48.49 -29.42 -4.89
C PRO D 273 47.30 -28.74 -5.57
N TYR D 274 46.12 -28.93 -4.99
CA TYR D 274 44.96 -28.12 -5.34
C TYR D 274 44.56 -27.36 -4.09
N ARG D 275 43.70 -26.37 -4.27
CA ARG D 275 43.21 -25.58 -3.16
C ARG D 275 41.69 -25.68 -3.15
N SER D 276 41.08 -25.63 -1.96
CA SER D 276 39.64 -25.88 -1.82
C SER D 276 38.83 -24.72 -1.23
N LEU D 277 37.57 -24.98 -0.92
CA LEU D 277 36.66 -23.96 -0.41
C LEU D 277 35.58 -24.58 0.47
N GLU D 278 35.20 -23.86 1.52
CA GLU D 278 34.00 -24.18 2.27
C GLU D 278 32.99 -23.09 1.97
N PHE D 279 31.75 -23.49 1.75
CA PHE D 279 30.70 -22.53 1.50
C PHE D 279 29.75 -22.49 2.67
N ARG D 280 29.27 -21.32 3.03
CA ARG D 280 28.26 -21.20 4.07
CA ARG D 280 28.28 -21.16 4.09
C ARG D 280 27.06 -20.42 3.54
N HIS D 281 25.96 -21.15 3.36
CA HIS D 281 24.75 -20.58 2.78
C HIS D 281 23.84 -20.03 3.85
N GLU D 282 23.18 -18.93 3.51
CA GLU D 282 22.25 -18.27 4.41
C GLU D 282 21.08 -17.71 3.63
N THR D 283 19.91 -17.74 4.24
CA THR D 283 18.73 -17.14 3.65
C THR D 283 18.22 -16.10 4.62
N HIS D 284 17.99 -14.89 4.13
CA HIS D 284 17.51 -13.80 4.98
C HIS D 284 16.13 -13.35 4.52
N ASP D 285 15.37 -12.79 5.45
CA ASP D 285 14.02 -12.37 5.16
C ASP D 285 13.97 -10.93 4.63
N THR D 286 14.76 -10.66 3.59
CA THR D 286 14.70 -9.38 2.91
C THR D 286 14.86 -9.62 1.42
N GLU D 287 14.39 -8.68 0.61
CA GLU D 287 14.48 -8.84 -0.84
C GLU D 287 15.93 -8.72 -1.33
N GLN D 288 16.73 -7.90 -0.65
CA GLN D 288 18.10 -7.67 -1.09
C GLN D 288 19.05 -7.39 0.04
N LEU D 289 20.12 -8.17 0.09
CA LEU D 289 21.12 -7.97 1.11
C LEU D 289 22.32 -7.15 0.62
N LEU D 290 22.79 -7.40 -0.62
CA LEU D 290 23.98 -6.72 -1.13
C LEU D 290 23.65 -5.72 -2.25
N PRO D 291 24.55 -4.75 -2.48
CA PRO D 291 24.40 -3.75 -3.55
C PRO D 291 24.83 -4.28 -4.92
N THR D 292 25.57 -5.37 -4.96
CA THR D 292 25.92 -6.06 -6.21
C THR D 292 25.93 -7.55 -5.96
N GLY D 293 26.26 -8.30 -7.00
CA GLY D 293 26.29 -9.75 -6.91
C GLY D 293 27.27 -10.29 -5.89
N THR D 294 28.47 -9.71 -5.84
CA THR D 294 29.55 -10.19 -4.97
C THR D 294 30.32 -9.06 -4.30
N VAL D 295 30.55 -9.19 -3.00
CA VAL D 295 31.42 -8.27 -2.27
C VAL D 295 32.65 -9.05 -1.81
N ASN D 296 33.83 -8.52 -2.13
CA ASN D 296 35.10 -9.15 -1.77
C ASN D 296 35.64 -8.56 -0.45
N TYR D 297 36.27 -9.39 0.36
CA TYR D 297 36.90 -8.91 1.60
C TYR D 297 38.41 -9.13 1.61
N PRO D 298 39.18 -8.17 1.07
CA PRO D 298 40.63 -8.33 1.03
C PRO D 298 41.26 -8.37 2.43
N ASN D 299 40.72 -7.63 3.39
CA ASN D 299 41.43 -7.37 4.63
C ASN D 299 40.65 -7.63 5.92
N ASP D 300 39.44 -8.15 5.81
CA ASP D 300 38.61 -8.37 6.99
C ASP D 300 38.01 -9.77 6.94
N TYR D 301 37.64 -10.30 8.11
CA TYR D 301 36.88 -11.54 8.18
C TYR D 301 37.65 -12.75 7.63
N ALA D 302 37.20 -13.93 8.03
CA ALA D 302 37.82 -15.19 7.60
C ALA D 302 37.47 -15.55 6.17
N TYR D 303 36.31 -15.08 5.73
CA TYR D 303 35.82 -15.38 4.39
C TYR D 303 36.37 -14.42 3.35
N THR D 304 36.50 -14.88 2.11
CA THR D 304 37.07 -14.06 1.06
C THR D 304 36.00 -13.21 0.39
N ARG D 305 34.79 -13.72 0.33
CA ARG D 305 33.72 -12.98 -0.34
C ARG D 305 32.33 -13.52 -0.04
N VAL D 306 31.33 -12.68 -0.29
CA VAL D 306 29.92 -13.02 -0.15
C VAL D 306 29.20 -12.75 -1.45
N SER D 307 28.36 -13.69 -1.88
CA SER D 307 27.59 -13.48 -3.09
C SER D 307 26.09 -13.65 -2.87
N GLU D 308 25.30 -12.88 -3.61
CA GLU D 308 23.87 -12.93 -3.48
C GLU D 308 23.30 -13.37 -4.83
N PHE D 309 22.71 -14.55 -4.86
CA PHE D 309 22.34 -15.20 -6.11
C PHE D 309 21.28 -14.50 -6.94
N LYS D 310 20.34 -13.80 -6.29
CA LYS D 310 19.29 -13.12 -7.05
C LYS D 310 19.87 -12.09 -8.03
N HIS D 311 20.97 -11.42 -7.64
CA HIS D 311 21.63 -10.46 -8.54
C HIS D 311 22.06 -11.16 -9.84
N ILE D 312 22.48 -12.41 -9.71
CA ILE D 312 23.06 -13.18 -10.80
C ILE D 312 22.01 -13.84 -11.70
N THR D 313 20.98 -14.41 -11.08
CA THR D 313 19.98 -15.21 -11.79
C THR D 313 18.82 -14.34 -12.25
N GLY D 314 18.67 -13.18 -11.62
CA GLY D 314 17.55 -12.31 -11.91
C GLY D 314 16.24 -12.78 -11.29
N GLN D 315 16.27 -13.83 -10.46
CA GLN D 315 15.06 -14.38 -9.86
C GLN D 315 14.34 -13.41 -8.93
N ARG D 316 13.02 -13.35 -9.05
CA ARG D 316 12.21 -12.58 -8.11
C ARG D 316 11.77 -13.47 -6.94
N HIS D 317 11.77 -12.92 -5.73
CA HIS D 317 11.53 -13.71 -4.53
C HIS D 317 11.39 -12.75 -3.34
N HIS D 318 10.59 -13.15 -2.34
CA HIS D 318 10.36 -12.30 -1.18
C HIS D 318 11.54 -12.33 -0.20
N GLN D 319 12.34 -13.40 -0.28
CA GLN D 319 13.55 -13.55 0.53
C GLN D 319 14.81 -13.53 -0.33
N THR D 320 15.97 -13.77 0.28
CA THR D 320 17.20 -13.86 -0.48
C THR D 320 18.24 -14.81 0.13
N SER D 321 18.93 -15.56 -0.72
CA SER D 321 19.97 -16.47 -0.27
C SER D 321 21.35 -16.01 -0.72
N VAL D 322 22.32 -16.14 0.17
CA VAL D 322 23.68 -15.67 -0.09
C VAL D 322 24.67 -16.75 0.29
N VAL D 323 25.90 -16.61 -0.17
CA VAL D 323 26.93 -17.57 0.20
C VAL D 323 28.22 -16.88 0.61
N TYR D 324 28.73 -17.25 1.78
CA TYR D 324 30.07 -16.86 2.20
C TYR D 324 31.06 -17.98 1.86
N GLU D 325 32.18 -17.60 1.23
CA GLU D 325 33.22 -18.53 0.82
C GLU D 325 34.43 -18.48 1.76
N TYR D 326 34.79 -19.62 2.33
CA TYR D 326 35.95 -19.71 3.21
C TYR D 326 37.05 -20.51 2.51
N PRO D 327 38.23 -19.90 2.34
CA PRO D 327 39.37 -20.64 1.78
C PRO D 327 39.68 -21.89 2.61
N ARG D 328 40.04 -22.99 1.96
CA ARG D 328 40.33 -24.24 2.65
C ARG D 328 41.49 -24.98 1.99
N ALA D 329 42.38 -25.51 2.80
CA ALA D 329 43.52 -26.29 2.29
C ALA D 329 43.04 -27.67 1.86
N GLU D 330 42.17 -28.26 2.66
CA GLU D 330 41.65 -29.60 2.40
C GLU D 330 40.21 -29.57 1.89
N GLY D 331 39.86 -30.54 1.04
CA GLY D 331 38.50 -30.68 0.55
C GLY D 331 38.48 -31.00 -0.93
N ASP D 332 37.31 -30.85 -1.56
CA ASP D 332 37.19 -31.01 -3.01
C ASP D 332 38.12 -30.04 -3.72
N PRO D 333 38.82 -30.51 -4.75
CA PRO D 333 39.76 -29.63 -5.49
C PRO D 333 39.03 -28.62 -6.38
N TYR D 334 39.28 -27.34 -6.16
CA TYR D 334 38.70 -26.31 -7.01
C TYR D 334 39.77 -25.55 -7.81
N TYR D 335 40.86 -25.19 -7.15
CA TYR D 335 41.91 -24.40 -7.80
C TYR D 335 43.25 -25.11 -7.87
N PRO D 336 43.82 -25.23 -9.08
CA PRO D 336 45.22 -25.61 -9.16
C PRO D 336 46.05 -24.49 -8.56
N VAL D 337 47.19 -24.84 -7.94
CA VAL D 337 48.09 -23.85 -7.35
C VAL D 337 49.27 -23.60 -8.28
N PRO D 338 49.14 -22.60 -9.17
CA PRO D 338 50.11 -22.29 -10.23
C PRO D 338 51.37 -21.64 -9.70
N ARG D 339 52.42 -22.43 -9.56
CA ARG D 339 53.72 -21.97 -9.15
C ARG D 339 54.79 -23.00 -9.54
N PRO D 340 55.90 -22.52 -10.04
CA PRO D 340 57.01 -23.35 -10.52
C PRO D 340 56.99 -24.81 -10.17
N GLU D 341 57.07 -25.10 -8.88
CA GLU D 341 57.26 -26.45 -8.45
C GLU D 341 56.10 -27.34 -8.86
N ASN D 342 54.99 -26.71 -9.09
CA ASN D 342 53.75 -27.43 -9.37
C ASN D 342 53.58 -27.70 -10.86
N ALA D 343 53.99 -26.75 -11.70
CA ALA D 343 54.03 -26.98 -13.12
C ALA D 343 54.91 -28.18 -13.38
N GLU D 344 55.97 -28.30 -12.58
CA GLU D 344 56.96 -29.35 -12.73
C GLU D 344 56.35 -30.71 -12.39
N LEU D 345 55.67 -30.79 -11.25
CA LEU D 345 54.99 -32.02 -10.87
C LEU D 345 53.92 -32.40 -11.91
N TYR D 346 53.15 -31.43 -12.38
CA TYR D 346 52.13 -31.73 -13.39
C TYR D 346 52.76 -32.22 -14.70
N LYS D 347 53.83 -31.56 -15.12
CA LYS D 347 54.55 -31.95 -16.33
C LYS D 347 54.74 -33.46 -16.35
N LYS D 348 55.07 -34.02 -15.20
CA LYS D 348 55.33 -35.44 -15.08
C LYS D 348 54.07 -36.30 -15.28
N TYR D 349 53.00 -35.96 -14.58
CA TYR D 349 51.74 -36.68 -14.74
C TYR D 349 51.23 -36.55 -16.17
N GLU D 350 51.61 -35.47 -16.83
CA GLU D 350 51.16 -35.19 -18.19
C GLU D 350 51.72 -36.20 -19.19
N ALA D 351 53.01 -36.51 -19.05
CA ALA D 351 53.66 -37.48 -19.92
C ALA D 351 52.97 -38.83 -19.82
N LEU D 352 52.56 -39.19 -18.62
CA LEU D 352 51.77 -40.39 -18.39
C LEU D 352 50.45 -40.29 -19.16
N ALA D 353 49.74 -39.18 -18.97
CA ALA D 353 48.47 -38.97 -19.65
C ALA D 353 48.63 -39.06 -21.16
N ASP D 354 49.71 -38.51 -21.67
CA ASP D 354 49.99 -38.47 -23.11
C ASP D 354 50.13 -39.86 -23.66
N ALA D 355 50.83 -40.70 -22.90
CA ALA D 355 51.13 -42.06 -23.33
C ALA D 355 49.92 -42.95 -23.26
N ALA D 356 49.01 -42.65 -22.34
CA ALA D 356 47.84 -43.48 -22.17
C ALA D 356 46.98 -43.42 -23.40
N GLN D 357 46.51 -44.58 -23.80
CA GLN D 357 45.84 -44.68 -25.05
C GLN D 357 44.46 -45.21 -24.82
N ASP D 358 43.51 -44.65 -25.52
CA ASP D 358 42.18 -45.05 -25.26
C ASP D 358 41.71 -44.19 -24.09
N VAL D 359 42.53 -43.24 -23.70
CA VAL D 359 42.14 -42.24 -22.73
C VAL D 359 42.45 -40.85 -23.23
N THR D 360 41.45 -40.00 -23.23
CA THR D 360 41.64 -38.58 -23.53
C THR D 360 41.43 -37.76 -22.25
N PHE D 361 42.39 -36.89 -21.92
CA PHE D 361 42.29 -36.05 -20.74
C PHE D 361 41.87 -34.64 -21.11
N VAL D 362 40.87 -34.11 -20.40
CA VAL D 362 40.33 -32.79 -20.69
C VAL D 362 39.54 -32.20 -19.51
N GLY D 363 39.75 -30.91 -19.25
CA GLY D 363 39.05 -30.23 -18.16
C GLY D 363 39.98 -29.53 -17.20
N ARG D 364 39.40 -28.71 -16.31
CA ARG D 364 40.19 -27.97 -15.33
C ARG D 364 41.02 -28.90 -14.45
N LEU D 365 40.47 -30.07 -14.13
CA LEU D 365 41.14 -30.98 -13.21
C LEU D 365 42.07 -31.93 -13.93
N ALA D 366 41.62 -32.45 -15.08
CA ALA D 366 42.39 -33.42 -15.84
C ALA D 366 43.68 -32.83 -16.41
N THR D 367 43.73 -31.52 -16.57
CA THR D 367 44.89 -30.90 -17.20
C THR D 367 45.50 -29.81 -16.32
N TYR D 368 45.03 -29.74 -15.08
CA TYR D 368 45.61 -28.84 -14.08
C TYR D 368 45.68 -27.40 -14.57
N ARG D 369 44.58 -26.92 -15.16
CA ARG D 369 44.51 -25.56 -15.68
C ARG D 369 43.42 -24.77 -14.97
N TYR D 370 43.68 -23.48 -14.79
CA TYR D 370 42.74 -22.55 -14.15
C TYR D 370 41.76 -22.05 -15.20
N TYR D 371 40.85 -22.92 -15.64
CA TYR D 371 39.97 -22.56 -16.76
C TYR D 371 38.58 -22.07 -16.34
N ASN D 372 38.13 -21.01 -17.02
CA ASN D 372 36.74 -20.58 -16.94
C ASN D 372 35.83 -21.51 -17.74
N MET D 373 34.53 -21.43 -17.48
CA MET D 373 33.59 -22.37 -18.07
C MET D 373 33.70 -22.35 -19.58
N ASP D 374 33.74 -21.15 -20.16
CA ASP D 374 33.75 -21.03 -21.61
C ASP D 374 35.01 -21.64 -22.21
N GLN D 375 36.13 -21.52 -21.48
CA GLN D 375 37.41 -22.07 -21.93
C GLN D 375 37.36 -23.59 -22.02
N VAL D 376 36.81 -24.21 -20.99
CA VAL D 376 36.67 -25.66 -20.96
C VAL D 376 35.75 -26.16 -22.07
N VAL D 377 34.71 -25.40 -22.38
CA VAL D 377 33.79 -25.80 -23.44
C VAL D 377 34.51 -25.79 -24.79
N ALA D 378 35.30 -24.74 -25.02
CA ALA D 378 36.10 -24.65 -26.25
C ALA D 378 37.11 -25.79 -26.30
N GLN D 379 37.70 -26.12 -25.15
CA GLN D 379 38.68 -27.18 -25.06
C GLN D 379 38.00 -28.48 -25.43
N ALA D 380 36.80 -28.68 -24.89
CA ALA D 380 36.04 -29.88 -25.19
C ALA D 380 35.69 -29.91 -26.67
N LEU D 381 35.28 -28.77 -27.22
CA LEU D 381 34.87 -28.69 -28.61
C LEU D 381 36.03 -29.02 -29.55
N ALA D 382 37.25 -28.69 -29.11
CA ALA D 382 38.44 -28.96 -29.90
C ALA D 382 38.84 -30.43 -29.85
N THR D 383 38.66 -31.05 -28.69
CA THR D 383 38.95 -32.46 -28.52
C THR D 383 38.07 -33.29 -29.44
N PHE D 384 36.80 -32.92 -29.52
CA PHE D 384 35.86 -33.65 -30.35
C PHE D 384 36.24 -33.53 -31.82
N ARG D 385 36.78 -32.38 -32.19
CA ARG D 385 37.31 -32.20 -33.55
C ARG D 385 38.40 -33.23 -33.82
N ARG D 386 39.40 -33.28 -32.94
CA ARG D 386 40.48 -34.26 -33.05
C ARG D 386 39.96 -35.68 -33.19
N LEU D 387 39.14 -36.11 -32.23
CA LEU D 387 38.57 -37.45 -32.26
C LEU D 387 37.86 -37.77 -33.58
N GLN D 388 37.56 -36.74 -34.38
CA GLN D 388 36.86 -36.94 -35.66
C GLN D 388 37.81 -37.05 -36.86
N GLU E 26 -32.23 60.20 -10.53
CA GLU E 26 -32.05 60.36 -11.98
C GLU E 26 -33.29 59.94 -12.76
N SER E 27 -33.09 59.16 -13.82
CA SER E 27 -34.19 58.67 -14.65
C SER E 27 -34.17 57.15 -14.78
N LYS E 28 -34.78 56.66 -15.86
CA LYS E 28 -34.95 55.23 -16.09
C LYS E 28 -33.64 54.46 -16.32
N GLY E 29 -33.72 53.14 -16.18
CA GLY E 29 -32.61 52.28 -16.45
C GLY E 29 -31.48 52.38 -15.45
N PHE E 30 -30.26 52.53 -15.97
CA PHE E 30 -29.08 52.38 -15.13
C PHE E 30 -28.20 53.61 -15.16
N ASP E 31 -27.40 53.78 -14.11
CA ASP E 31 -26.41 54.84 -14.10
C ASP E 31 -25.21 54.46 -14.96
N TYR E 32 -24.85 53.18 -14.97
CA TYR E 32 -23.76 52.70 -15.81
C TYR E 32 -24.10 51.42 -16.55
N LEU E 33 -23.74 51.40 -17.84
CA LEU E 33 -23.70 50.18 -18.61
C LEU E 33 -22.23 49.79 -18.77
N ILE E 34 -21.84 48.67 -18.17
CA ILE E 34 -20.45 48.21 -18.23
C ILE E 34 -20.33 47.05 -19.21
N VAL E 35 -19.48 47.24 -20.22
CA VAL E 35 -19.31 46.25 -21.29
C VAL E 35 -18.07 45.39 -21.08
N GLY E 36 -18.29 44.14 -20.71
CA GLY E 36 -17.21 43.23 -20.37
C GLY E 36 -17.17 42.95 -18.87
N ALA E 37 -17.05 41.68 -18.49
CA ALA E 37 -16.96 41.33 -17.06
C ALA E 37 -15.61 40.72 -16.68
N GLY E 38 -14.55 41.17 -17.34
CA GLY E 38 -13.21 40.83 -16.90
C GLY E 38 -12.86 41.66 -15.68
N PHE E 39 -11.57 41.74 -15.37
CA PHE E 39 -11.09 42.57 -14.26
C PHE E 39 -11.48 44.04 -14.44
N ALA E 40 -11.23 44.60 -15.62
CA ALA E 40 -11.54 46.01 -15.86
C ALA E 40 -12.99 46.32 -15.51
N GLY E 41 -13.92 45.61 -16.15
CA GLY E 41 -15.34 45.84 -15.95
C GLY E 41 -15.87 45.51 -14.56
N SER E 42 -15.36 44.43 -13.95
CA SER E 42 -15.91 43.97 -12.67
C SER E 42 -15.41 44.81 -11.49
N VAL E 43 -14.18 45.30 -11.56
CA VAL E 43 -13.69 46.22 -10.55
C VAL E 43 -14.55 47.49 -10.56
N LEU E 44 -14.79 48.05 -11.74
CA LEU E 44 -15.62 49.25 -11.84
C LEU E 44 -17.05 48.97 -11.39
N ALA E 45 -17.60 47.83 -11.81
CA ALA E 45 -18.93 47.47 -11.34
C ALA E 45 -18.98 47.47 -9.81
N GLU E 46 -17.95 46.88 -9.18
CA GLU E 46 -17.97 46.75 -7.71
C GLU E 46 -17.80 48.09 -6.98
N ARG E 47 -16.90 48.92 -7.48
CA ARG E 47 -16.65 50.22 -6.89
C ARG E 47 -17.86 51.13 -7.07
N LEU E 48 -18.32 51.26 -8.32
CA LEU E 48 -19.48 52.08 -8.60
C LEU E 48 -20.67 51.66 -7.75
N ALA E 49 -20.95 50.36 -7.71
CA ALA E 49 -22.11 49.86 -6.97
C ALA E 49 -22.01 50.12 -5.47
N SER E 50 -20.79 50.05 -4.94
CA SER E 50 -20.59 50.27 -3.52
C SER E 50 -20.91 51.72 -3.14
N SER E 51 -20.94 52.59 -4.14
CA SER E 51 -21.21 54.00 -3.87
C SER E 51 -22.61 54.41 -4.32
N GLY E 52 -23.49 53.43 -4.50
CA GLY E 52 -24.88 53.73 -4.82
C GLY E 52 -25.27 53.75 -6.29
N GLN E 53 -24.29 53.60 -7.17
CA GLN E 53 -24.59 53.57 -8.60
C GLN E 53 -25.37 52.32 -9.01
N ARG E 54 -26.34 52.49 -9.90
CA ARG E 54 -27.11 51.37 -10.44
C ARG E 54 -26.39 50.82 -11.66
N VAL E 55 -25.91 49.58 -11.57
CA VAL E 55 -25.01 49.05 -12.58
C VAL E 55 -25.58 47.85 -13.37
N LEU E 56 -25.48 47.94 -14.69
CA LEU E 56 -25.72 46.79 -15.55
C LEU E 56 -24.42 46.40 -16.22
N ILE E 57 -23.89 45.22 -15.87
CA ILE E 57 -22.68 44.74 -16.52
C ILE E 57 -23.02 43.61 -17.48
N VAL E 58 -22.43 43.66 -18.67
CA VAL E 58 -22.80 42.78 -19.77
C VAL E 58 -21.57 42.13 -20.42
N ASP E 59 -21.72 40.89 -20.88
CA ASP E 59 -20.66 40.20 -21.62
C ASP E 59 -21.26 39.29 -22.69
N ARG E 60 -20.62 39.28 -23.85
CA ARG E 60 -21.03 38.41 -24.94
C ARG E 60 -20.77 36.94 -24.59
N ARG E 61 -19.83 36.71 -23.67
CA ARG E 61 -19.54 35.34 -23.22
C ARG E 61 -20.63 34.84 -22.29
N PRO E 62 -20.68 33.52 -22.07
CA PRO E 62 -21.74 32.99 -21.21
C PRO E 62 -21.34 32.95 -19.74
N HIS E 63 -20.23 33.60 -19.38
CA HIS E 63 -19.69 33.55 -18.03
C HIS E 63 -19.06 34.89 -17.67
N ILE E 64 -18.89 35.16 -16.37
CA ILE E 64 -18.18 36.34 -15.92
C ILE E 64 -16.66 36.10 -15.94
N GLY E 65 -15.89 37.14 -15.64
CA GLY E 65 -14.46 36.98 -15.38
C GLY E 65 -13.48 37.19 -16.52
N GLY E 66 -13.97 37.50 -17.72
CA GLY E 66 -13.09 37.69 -18.87
C GLY E 66 -12.19 36.49 -19.12
N ASN E 67 -10.94 36.76 -19.50
CA ASN E 67 -9.91 35.75 -19.75
C ASN E 67 -9.51 34.97 -18.52
N ALA E 68 -9.75 35.56 -17.36
CA ALA E 68 -9.28 34.96 -16.12
C ALA E 68 -10.31 33.97 -15.56
N TYR E 69 -11.43 33.83 -16.25
CA TYR E 69 -12.47 32.87 -15.84
C TYR E 69 -11.90 31.47 -15.63
N ASP E 70 -12.31 30.81 -14.55
CA ASP E 70 -11.93 29.41 -14.37
C ASP E 70 -13.14 28.51 -14.09
N CYS E 71 -12.93 27.21 -14.18
CA CYS E 71 -14.03 26.26 -14.07
C CYS E 71 -13.54 24.83 -13.98
N TYR E 72 -14.43 23.94 -13.55
CA TYR E 72 -14.09 22.53 -13.44
C TYR E 72 -14.34 21.80 -14.77
N ASP E 73 -13.34 21.06 -15.24
CA ASP E 73 -13.47 20.38 -16.52
C ASP E 73 -14.22 19.05 -16.33
N ASP E 74 -14.35 18.27 -17.40
CA ASP E 74 -15.14 17.04 -17.37
C ASP E 74 -14.63 16.03 -16.35
N ALA E 75 -13.33 16.11 -16.05
CA ALA E 75 -12.70 15.19 -15.10
C ALA E 75 -12.76 15.68 -13.65
N GLY E 76 -13.20 16.93 -13.46
CA GLY E 76 -13.30 17.49 -12.13
C GLY E 76 -12.05 18.23 -11.71
N VAL E 77 -11.26 18.65 -12.70
CA VAL E 77 -10.05 19.41 -12.44
C VAL E 77 -10.32 20.89 -12.69
N LEU E 78 -9.89 21.73 -11.76
CA LEU E 78 -10.00 23.18 -11.91
C LEU E 78 -8.99 23.66 -12.95
N ILE E 79 -9.47 24.33 -13.99
CA ILE E 79 -8.62 24.75 -15.10
C ILE E 79 -8.91 26.19 -15.54
N HIS E 80 -8.05 26.76 -16.40
CA HIS E 80 -8.32 28.06 -17.02
C HIS E 80 -8.54 27.92 -18.52
N PRO E 81 -9.81 27.98 -18.98
CA PRO E 81 -10.08 27.75 -20.41
C PRO E 81 -9.26 28.64 -21.32
N TYR E 82 -8.90 29.84 -20.87
CA TYR E 82 -8.14 30.76 -21.72
C TYR E 82 -6.67 30.83 -21.33
N GLY E 83 -6.08 29.70 -20.93
CA GLY E 83 -4.66 29.63 -20.65
C GLY E 83 -4.28 30.03 -19.22
N PRO E 84 -3.06 29.69 -18.81
CA PRO E 84 -2.64 29.82 -17.42
C PRO E 84 -2.65 31.29 -16.95
N HIS E 85 -3.44 31.60 -15.92
CA HIS E 85 -3.40 32.93 -15.30
C HIS E 85 -2.84 32.88 -13.89
N ILE E 86 -1.64 33.42 -13.73
CA ILE E 86 -0.92 33.38 -12.46
C ILE E 86 -0.93 34.77 -11.85
N PHE E 87 -1.61 34.93 -10.71
CA PHE E 87 -1.67 36.25 -10.10
C PHE E 87 -0.39 36.66 -9.35
N HIS E 88 0.04 37.89 -9.63
CA HIS E 88 1.23 38.45 -9.00
C HIS E 88 1.16 39.97 -9.05
N THR E 89 1.58 40.62 -7.96
CA THR E 89 1.67 42.07 -7.96
C THR E 89 2.69 42.61 -6.97
N ASN E 90 3.19 43.81 -7.25
CA ASN E 90 4.01 44.55 -6.29
C ASN E 90 3.19 45.57 -5.53
N SER E 91 1.93 45.73 -5.92
CA SER E 91 1.09 46.73 -5.29
C SER E 91 0.35 46.21 -4.07
N LYS E 92 0.69 46.76 -2.91
CA LYS E 92 -0.04 46.44 -1.68
C LYS E 92 -1.53 46.76 -1.82
N ASP E 93 -1.85 47.88 -2.47
CA ASP E 93 -3.25 48.29 -2.63
C ASP E 93 -4.08 47.30 -3.45
N VAL E 94 -3.58 46.90 -4.61
CA VAL E 94 -4.26 45.89 -5.44
C VAL E 94 -4.43 44.57 -4.66
N PHE E 95 -3.37 44.09 -4.03
CA PHE E 95 -3.47 42.83 -3.28
C PHE E 95 -4.51 42.89 -2.15
N GLU E 96 -4.52 43.99 -1.39
CA GLU E 96 -5.47 44.14 -0.29
C GLU E 96 -6.89 44.34 -0.79
N TYR E 97 -7.04 44.97 -1.95
CA TYR E 97 -8.36 45.16 -2.53
C TYR E 97 -8.97 43.81 -2.93
N LEU E 98 -8.19 43.01 -3.66
CA LEU E 98 -8.66 41.69 -4.10
C LEU E 98 -8.90 40.77 -2.90
N SER E 99 -8.14 40.99 -1.83
CA SER E 99 -8.29 40.21 -0.61
C SER E 99 -9.70 40.31 -0.03
N ARG E 100 -10.42 41.38 -0.38
CA ARG E 100 -11.77 41.58 0.09
C ARG E 100 -12.68 40.51 -0.50
N PHE E 101 -12.25 39.92 -1.60
CA PHE E 101 -13.14 39.02 -2.34
C PHE E 101 -12.63 37.59 -2.43
N THR E 102 -11.49 37.31 -1.81
CA THR E 102 -10.95 35.97 -1.88
C THR E 102 -9.87 35.77 -0.83
N GLU E 103 -9.79 34.55 -0.32
CA GLU E 103 -8.61 34.10 0.40
C GLU E 103 -7.60 33.65 -0.64
N TRP E 104 -6.39 33.36 -0.18
CA TRP E 104 -5.26 33.12 -1.05
C TRP E 104 -4.53 31.79 -0.81
N ARG E 105 -4.04 31.22 -1.89
CA ARG E 105 -3.07 30.13 -1.79
C ARG E 105 -1.74 30.69 -2.29
N PRO E 106 -0.72 30.70 -1.42
CA PRO E 106 0.61 31.17 -1.84
C PRO E 106 1.18 30.28 -2.94
N TYR E 107 1.76 30.91 -3.94
CA TYR E 107 2.26 30.22 -5.11
C TYR E 107 3.18 31.13 -5.88
N GLN E 108 4.41 30.67 -6.07
CA GLN E 108 5.39 31.37 -6.87
C GLN E 108 5.67 30.54 -8.13
N HIS E 109 5.09 30.98 -9.24
CA HIS E 109 5.18 30.28 -10.53
C HIS E 109 6.60 30.04 -11.00
N ARG E 110 6.87 28.85 -11.52
CA ARG E 110 8.16 28.56 -12.11
C ARG E 110 8.00 27.95 -13.48
N VAL E 111 8.76 28.47 -14.43
CA VAL E 111 8.68 28.06 -15.83
C VAL E 111 10.05 27.57 -16.25
N LEU E 112 10.06 26.45 -16.98
CA LEU E 112 11.28 25.88 -17.53
C LEU E 112 11.22 25.97 -19.07
N ALA E 113 12.35 26.27 -19.71
CA ALA E 113 12.37 26.31 -21.17
C ALA E 113 13.09 25.09 -21.75
N SER E 114 12.50 24.51 -22.78
CA SER E 114 13.06 23.35 -23.44
C SER E 114 14.08 23.80 -24.49
N VAL E 115 15.36 23.65 -24.17
CA VAL E 115 16.44 24.13 -25.03
C VAL E 115 17.56 23.09 -25.06
N ASP E 116 18.05 22.75 -26.25
CA ASP E 116 19.04 21.68 -26.40
C ASP E 116 18.68 20.41 -25.61
N GLY E 117 17.41 20.02 -25.61
CA GLY E 117 16.99 18.81 -24.90
C GLY E 117 17.11 18.85 -23.38
N GLN E 118 17.12 20.06 -22.83
CA GLN E 118 17.17 20.25 -21.39
C GLN E 118 16.05 21.16 -20.95
N LEU E 119 15.63 21.03 -19.69
CA LEU E 119 14.67 21.95 -19.10
C LEU E 119 15.44 22.94 -18.24
N LEU E 120 15.52 24.17 -18.73
CA LEU E 120 16.36 25.20 -18.16
C LEU E 120 15.52 26.38 -17.71
N PRO E 121 15.88 26.97 -16.56
CA PRO E 121 15.19 28.15 -16.04
C PRO E 121 15.10 29.29 -17.03
N ILE E 122 13.89 29.82 -17.19
CA ILE E 122 13.66 31.09 -17.88
C ILE E 122 12.82 31.87 -16.88
N PRO E 123 13.16 33.14 -16.61
CA PRO E 123 14.23 33.96 -17.19
C PRO E 123 15.60 33.32 -17.04
N ILE E 124 16.49 33.65 -17.96
CA ILE E 124 17.85 33.18 -17.89
C ILE E 124 18.50 33.65 -16.60
N ASN E 125 19.17 32.75 -15.91
CA ASN E 125 19.90 33.08 -14.69
C ASN E 125 21.22 32.30 -14.59
N LEU E 126 21.95 32.44 -13.49
CA LEU E 126 23.24 31.79 -13.36
C LEU E 126 23.14 30.34 -13.78
N ASP E 127 22.17 29.62 -13.22
CA ASP E 127 21.99 28.20 -13.50
C ASP E 127 21.71 27.93 -14.99
N THR E 128 20.87 28.75 -15.62
CA THR E 128 20.61 28.56 -17.05
C THR E 128 21.91 28.53 -17.86
N VAL E 129 22.82 29.47 -17.57
CA VAL E 129 24.07 29.60 -18.32
C VAL E 129 25.05 28.45 -18.00
N ASN E 130 25.22 28.16 -16.72
CA ASN E 130 26.10 27.08 -16.31
C ASN E 130 25.67 25.72 -16.88
N ARG E 131 24.38 25.42 -16.76
CA ARG E 131 23.89 24.11 -17.19
C ARG E 131 23.94 23.97 -18.72
N LEU E 132 23.57 25.04 -19.41
CA LEU E 132 23.56 25.06 -20.87
C LEU E 132 24.94 24.84 -21.49
N TYR E 133 25.95 25.55 -20.98
CA TYR E 133 27.29 25.52 -21.58
C TYR E 133 28.27 24.66 -20.81
N GLY E 134 27.84 24.08 -19.70
CA GLY E 134 28.73 23.27 -18.87
C GLY E 134 29.71 24.11 -18.07
N LEU E 135 29.30 25.33 -17.71
CA LEU E 135 30.18 26.27 -17.02
C LEU E 135 30.05 26.16 -15.49
N ASN E 136 31.03 26.75 -14.78
CA ASN E 136 30.97 26.86 -13.33
C ASN E 136 31.17 28.31 -12.88
N LEU E 137 30.48 29.22 -13.55
CA LEU E 137 30.55 30.63 -13.21
C LEU E 137 29.85 30.94 -11.89
N THR E 138 30.44 31.86 -11.12
CA THR E 138 29.74 32.44 -9.97
C THR E 138 28.83 33.55 -10.48
N SER E 139 27.96 34.03 -9.60
CA SER E 139 27.12 35.19 -9.89
C SER E 139 27.95 36.38 -10.35
N PHE E 140 29.08 36.58 -9.68
CA PHE E 140 29.95 37.69 -10.00
C PHE E 140 30.51 37.54 -11.41
N GLN E 141 30.95 36.33 -11.73
CA GLN E 141 31.53 36.08 -13.03
C GLN E 141 30.53 36.17 -14.18
N VAL E 142 29.30 35.71 -13.94
CA VAL E 142 28.34 35.62 -15.04
C VAL E 142 27.98 37.00 -15.57
N GLU E 143 28.16 38.01 -14.72
CA GLU E 143 27.91 39.38 -15.14
C GLU E 143 28.94 39.75 -16.20
N GLU E 144 30.20 39.43 -15.94
CA GLU E 144 31.27 39.67 -16.89
C GLU E 144 31.07 38.84 -18.16
N PHE E 145 30.59 37.61 -18.00
CA PHE E 145 30.32 36.75 -19.15
C PHE E 145 29.29 37.39 -20.08
N PHE E 146 28.20 37.89 -19.52
CA PHE E 146 27.17 38.51 -20.35
C PHE E 146 27.79 39.74 -21.02
N ALA E 147 28.54 40.51 -20.25
CA ALA E 147 29.20 41.71 -20.75
C ALA E 147 30.05 41.42 -21.98
N SER E 148 30.67 40.24 -21.99
CA SER E 148 31.66 39.91 -23.02
C SER E 148 31.09 39.26 -24.29
N VAL E 149 29.80 38.92 -24.28
CA VAL E 149 29.17 38.45 -25.50
C VAL E 149 28.13 39.46 -25.96
N ALA E 150 27.75 40.35 -25.05
CA ALA E 150 26.74 41.36 -25.34
C ALA E 150 27.05 42.14 -26.62
N GLU E 151 26.02 42.72 -27.24
CA GLU E 151 26.21 43.51 -28.45
C GLU E 151 25.95 45.00 -28.23
N LYS E 152 26.80 45.83 -28.82
CA LYS E 152 26.63 47.28 -28.79
C LYS E 152 25.37 47.69 -29.54
N VAL E 153 24.52 48.46 -28.87
CA VAL E 153 23.36 49.04 -29.51
C VAL E 153 23.27 50.49 -29.07
N GLU E 154 23.49 51.41 -30.01
CA GLU E 154 23.46 52.83 -29.68
C GLU E 154 22.20 53.19 -28.92
N GLN E 155 21.05 52.84 -29.49
CA GLN E 155 19.76 53.06 -28.82
C GLN E 155 18.85 51.83 -28.87
N VAL E 156 18.36 51.42 -27.71
CA VAL E 156 17.52 50.24 -27.60
C VAL E 156 16.06 50.52 -27.97
N ARG E 157 15.66 50.11 -29.16
CA ARG E 157 14.28 50.34 -29.60
C ARG E 157 13.45 49.04 -29.69
N THR E 158 14.03 47.97 -30.24
CA THR E 158 13.30 46.74 -30.52
C THR E 158 13.45 45.63 -29.47
N SER E 159 12.59 44.62 -29.56
CA SER E 159 12.65 43.46 -28.66
C SER E 159 13.92 42.67 -28.90
N GLU E 160 14.48 42.79 -30.09
CA GLU E 160 15.79 42.24 -30.37
C GLU E 160 16.88 43.01 -29.63
N ASP E 161 16.82 44.34 -29.68
CA ASP E 161 17.83 45.17 -29.02
C ASP E 161 17.94 44.83 -27.53
N VAL E 162 16.80 44.75 -26.85
CA VAL E 162 16.80 44.55 -25.41
C VAL E 162 17.44 43.25 -24.95
N VAL E 163 17.40 42.22 -25.79
CA VAL E 163 17.97 40.95 -25.38
C VAL E 163 19.44 40.88 -25.77
N VAL E 164 19.67 41.09 -27.07
CA VAL E 164 20.99 40.95 -27.68
C VAL E 164 22.05 41.88 -27.06
N SER E 165 21.63 43.03 -26.56
CA SER E 165 22.58 43.96 -25.94
C SER E 165 22.84 43.62 -24.48
N LYS E 166 22.11 42.64 -23.94
CA LYS E 166 22.34 42.26 -22.56
C LYS E 166 22.89 40.85 -22.39
N VAL E 167 22.49 39.92 -23.25
CA VAL E 167 22.91 38.53 -23.09
C VAL E 167 23.55 37.96 -24.34
N GLY E 168 23.67 38.79 -25.37
CA GLY E 168 24.36 38.35 -26.58
C GLY E 168 23.47 37.64 -27.57
N ARG E 169 24.07 37.21 -28.67
CA ARG E 169 23.32 36.71 -29.82
C ARG E 169 22.89 35.25 -29.67
N ASP E 170 23.79 34.40 -29.19
CA ASP E 170 23.49 32.98 -28.99
C ASP E 170 22.32 32.73 -28.02
N LEU E 171 22.33 33.43 -26.89
CA LEU E 171 21.25 33.27 -25.92
C LEU E 171 19.94 33.80 -26.49
N TYR E 172 20.02 34.90 -27.23
CA TYR E 172 18.89 35.44 -27.96
C TYR E 172 18.29 34.41 -28.89
N ASN E 173 19.14 33.74 -29.65
CA ASN E 173 18.68 32.71 -30.58
C ASN E 173 18.03 31.56 -29.83
N LYS E 174 18.68 31.13 -28.76
CA LYS E 174 18.22 29.96 -28.02
C LYS E 174 16.92 30.15 -27.25
N PHE E 175 16.68 31.33 -26.71
CA PHE E 175 15.52 31.49 -25.84
C PHE E 175 14.44 32.43 -26.34
N PHE E 176 14.84 33.42 -27.15
CA PHE E 176 13.92 34.49 -27.47
C PHE E 176 13.45 34.54 -28.90
N ARG E 177 14.37 34.43 -29.85
CA ARG E 177 14.04 34.60 -31.26
C ARG E 177 12.93 33.68 -31.74
N GLY E 178 13.13 32.37 -31.56
CA GLY E 178 12.16 31.38 -32.03
C GLY E 178 10.82 31.48 -31.33
N TYR E 179 10.86 31.66 -30.01
CA TYR E 179 9.64 31.78 -29.23
C TYR E 179 8.83 32.99 -29.71
N THR E 180 9.54 34.10 -29.90
CA THR E 180 8.90 35.36 -30.29
C THR E 180 8.28 35.26 -31.68
N ARG E 181 9.03 34.71 -32.63
CA ARG E 181 8.51 34.55 -33.98
C ARG E 181 7.25 33.72 -33.98
N LYS E 182 7.27 32.63 -33.21
CA LYS E 182 6.14 31.73 -33.12
C LYS E 182 4.92 32.41 -32.49
N GLN E 183 5.12 33.08 -31.36
CA GLN E 183 4.04 33.79 -30.67
C GLN E 183 3.43 34.96 -31.45
N TRP E 184 4.25 35.77 -32.11
CA TRP E 184 3.76 37.02 -32.70
C TRP E 184 3.61 37.02 -34.23
N GLY E 185 4.24 36.07 -34.91
CA GLY E 185 4.28 36.05 -36.35
C GLY E 185 5.21 37.13 -36.86
N LEU E 186 6.09 37.59 -35.97
CA LEU E 186 6.98 38.72 -36.24
C LEU E 186 8.33 38.44 -35.57
N ASP E 187 9.41 38.89 -36.21
CA ASP E 187 10.73 38.80 -35.61
C ASP E 187 10.79 39.83 -34.48
N PRO E 188 11.56 39.55 -33.42
CA PRO E 188 11.67 40.47 -32.28
C PRO E 188 12.08 41.89 -32.71
N SER E 189 12.71 42.02 -33.88
CA SER E 189 13.13 43.33 -34.36
C SER E 189 11.94 44.14 -34.88
N GLU E 190 10.83 43.47 -35.11
CA GLU E 190 9.61 44.12 -35.55
C GLU E 190 8.67 44.43 -34.40
N LEU E 191 9.14 44.19 -33.17
CA LEU E 191 8.34 44.47 -31.99
C LEU E 191 9.01 45.52 -31.09
N ASP E 192 8.20 46.23 -30.33
CA ASP E 192 8.72 47.18 -29.37
C ASP E 192 9.50 46.48 -28.26
N ALA E 193 10.57 47.12 -27.80
CA ALA E 193 11.44 46.58 -26.76
C ALA E 193 10.67 46.05 -25.56
N SER E 194 9.52 46.66 -25.30
CA SER E 194 8.72 46.38 -24.12
C SER E 194 8.25 44.92 -24.06
N VAL E 195 8.20 44.27 -25.20
CA VAL E 195 7.66 42.92 -25.30
C VAL E 195 8.60 41.93 -24.62
N THR E 196 9.79 41.76 -25.16
CA THR E 196 10.74 40.84 -24.56
C THR E 196 11.32 41.40 -23.26
N ALA E 197 11.14 42.70 -23.02
CA ALA E 197 11.66 43.28 -21.79
C ALA E 197 10.84 42.82 -20.59
N ARG E 198 9.74 42.12 -20.85
CA ARG E 198 8.95 41.54 -19.78
C ARG E 198 9.72 40.44 -19.06
N VAL E 199 10.65 39.81 -19.77
CA VAL E 199 11.37 38.65 -19.23
C VAL E 199 12.87 38.97 -19.11
N PRO E 200 13.23 39.77 -18.10
CA PRO E 200 14.58 40.30 -17.94
C PRO E 200 15.50 39.25 -17.40
N THR E 201 16.75 39.29 -17.84
CA THR E 201 17.75 38.32 -17.44
C THR E 201 18.30 38.64 -16.06
N ARG E 202 18.80 37.61 -15.37
CA ARG E 202 19.25 37.71 -13.98
C ARG E 202 20.67 37.20 -13.90
N THR E 203 21.44 37.69 -12.93
CA THR E 203 22.75 37.11 -12.65
C THR E 203 22.72 36.23 -11.40
N ASN E 204 21.60 36.28 -10.67
CA ASN E 204 21.47 35.46 -9.48
C ASN E 204 20.86 34.09 -9.79
N ARG E 205 20.46 33.35 -8.77
CA ARG E 205 19.95 32.01 -9.00
C ARG E 205 18.44 31.90 -8.74
N ASP E 206 17.75 33.03 -8.84
CA ASP E 206 16.30 33.06 -8.69
C ASP E 206 15.63 32.41 -9.90
N ASN E 207 14.83 31.38 -9.65
CA ASN E 207 14.19 30.65 -10.73
C ASN E 207 12.68 30.90 -10.81
N ARG E 208 12.19 31.88 -10.07
CA ARG E 208 10.77 32.24 -10.15
C ARG E 208 10.55 33.04 -11.42
N TYR E 209 9.40 32.86 -12.04
CA TYR E 209 9.07 33.65 -13.21
C TYR E 209 8.86 35.11 -12.82
N PHE E 210 8.36 35.33 -11.60
CA PHE E 210 8.10 36.68 -11.08
C PHE E 210 8.86 36.95 -9.79
N ALA E 211 9.39 38.16 -9.64
CA ALA E 211 10.05 38.52 -8.39
C ALA E 211 9.16 39.44 -7.54
N ASP E 212 7.89 39.52 -7.90
CA ASP E 212 6.90 40.34 -7.19
C ASP E 212 6.76 39.99 -5.70
N THR E 213 6.50 41.02 -4.90
CA THR E 213 6.25 40.90 -3.47
C THR E 213 5.09 39.94 -3.13
N TYR E 214 3.99 40.04 -3.88
CA TYR E 214 2.78 39.27 -3.60
C TYR E 214 2.47 38.26 -4.70
N GLN E 215 2.59 36.99 -4.37
CA GLN E 215 2.32 35.92 -5.31
C GLN E 215 1.45 34.86 -4.65
N ALA E 216 0.19 34.82 -5.08
CA ALA E 216 -0.76 33.87 -4.52
C ALA E 216 -1.92 33.72 -5.50
N MET E 217 -2.52 32.55 -5.49
CA MET E 217 -3.68 32.28 -6.31
C MET E 217 -4.94 32.39 -5.47
N PRO E 218 -6.02 32.93 -6.04
CA PRO E 218 -7.28 32.96 -5.29
C PRO E 218 -7.62 31.56 -4.83
N LEU E 219 -7.88 31.37 -3.54
CA LEU E 219 -7.93 30.04 -2.93
C LEU E 219 -8.92 29.09 -3.62
N HIS E 220 -10.05 29.60 -4.10
CA HIS E 220 -11.01 28.74 -4.76
C HIS E 220 -11.20 29.16 -6.21
N GLY E 221 -10.24 29.88 -6.74
CA GLY E 221 -10.23 30.21 -8.15
C GLY E 221 -10.77 31.59 -8.44
N TYR E 222 -10.51 32.06 -9.66
CA TYR E 222 -10.94 33.39 -10.07
C TYR E 222 -12.47 33.55 -10.11
N THR E 223 -13.17 32.56 -10.63
CA THR E 223 -14.62 32.72 -10.83
C THR E 223 -15.35 33.00 -9.50
N ARG E 224 -15.05 32.19 -8.49
CA ARG E 224 -15.55 32.40 -7.14
C ARG E 224 -15.24 33.81 -6.62
N MET E 225 -14.02 34.30 -6.89
CA MET E 225 -13.65 35.66 -6.54
C MET E 225 -14.48 36.71 -7.29
N PHE E 226 -14.65 36.53 -8.60
CA PHE E 226 -15.49 37.42 -9.39
C PHE E 226 -16.96 37.42 -8.91
N GLN E 227 -17.47 36.25 -8.51
CA GLN E 227 -18.86 36.18 -8.04
C GLN E 227 -19.06 37.07 -6.81
N ASN E 228 -18.07 37.11 -5.93
CA ASN E 228 -18.13 37.99 -4.76
C ASN E 228 -18.06 39.45 -5.19
N MET E 229 -17.17 39.72 -6.13
CA MET E 229 -16.96 41.06 -6.66
C MET E 229 -18.26 41.62 -7.27
N LEU E 230 -19.13 40.76 -7.79
CA LEU E 230 -20.32 41.24 -8.48
C LEU E 230 -21.61 40.99 -7.71
N SER E 231 -21.51 40.69 -6.42
CA SER E 231 -22.67 40.27 -5.63
C SER E 231 -23.61 41.40 -5.14
N SER E 232 -23.13 42.64 -5.12
CA SER E 232 -23.98 43.79 -4.77
C SER E 232 -25.38 43.72 -5.36
N PRO E 233 -26.41 44.10 -4.58
CA PRO E 233 -27.79 44.20 -5.04
C PRO E 233 -27.93 45.25 -6.14
N ASN E 234 -26.92 46.11 -6.25
CA ASN E 234 -26.87 47.13 -7.29
C ASN E 234 -26.28 46.68 -8.62
N ILE E 235 -25.90 45.41 -8.72
CA ILE E 235 -25.26 44.93 -9.95
C ILE E 235 -26.07 43.85 -10.65
N LYS E 236 -26.58 44.17 -11.83
CA LYS E 236 -27.26 43.19 -12.66
C LYS E 236 -26.30 42.66 -13.71
N VAL E 237 -26.30 41.36 -13.89
CA VAL E 237 -25.33 40.74 -14.78
C VAL E 237 -26.05 40.20 -16.00
N MET E 238 -25.52 40.52 -17.17
CA MET E 238 -26.12 40.08 -18.40
C MET E 238 -25.10 39.34 -19.25
N LEU E 239 -25.40 38.07 -19.52
CA LEU E 239 -24.45 37.17 -20.16
C LEU E 239 -24.94 36.78 -21.55
N ASN E 240 -24.01 36.30 -22.38
CA ASN E 240 -24.31 35.93 -23.75
C ASN E 240 -24.98 37.07 -24.51
N THR E 241 -24.53 38.29 -24.20
CA THR E 241 -25.16 39.50 -24.72
C THR E 241 -24.14 40.51 -25.20
N ASP E 242 -24.14 40.78 -26.51
CA ASP E 242 -23.34 41.86 -27.07
C ASP E 242 -24.01 43.18 -26.66
N TYR E 243 -23.23 44.14 -26.18
CA TYR E 243 -23.81 45.43 -25.76
C TYR E 243 -24.64 46.06 -26.88
N ARG E 244 -24.17 45.93 -28.12
CA ARG E 244 -24.89 46.47 -29.28
C ARG E 244 -26.31 45.90 -29.38
N GLU E 245 -26.50 44.68 -28.88
CA GLU E 245 -27.81 44.05 -28.87
C GLU E 245 -28.73 44.68 -27.86
N ILE E 246 -28.18 45.52 -27.00
CA ILE E 246 -28.94 46.01 -25.86
C ILE E 246 -29.02 47.54 -25.76
N ALA E 247 -27.99 48.22 -26.25
CA ALA E 247 -27.88 49.68 -26.11
C ALA E 247 -29.07 50.47 -26.65
N ASP E 248 -29.79 49.91 -27.62
CA ASP E 248 -30.94 50.59 -28.21
C ASP E 248 -32.12 50.80 -27.27
N PHE E 249 -32.39 49.83 -26.40
CA PHE E 249 -33.61 49.91 -25.61
C PHE E 249 -33.43 49.94 -24.08
N ILE E 250 -32.23 49.63 -23.60
CA ILE E 250 -31.98 49.77 -22.17
C ILE E 250 -31.32 51.11 -21.88
N PRO E 251 -32.01 51.95 -21.10
CA PRO E 251 -31.50 53.28 -20.73
C PRO E 251 -30.32 53.19 -19.77
N PHE E 252 -29.28 53.97 -20.05
CA PHE E 252 -28.13 54.05 -19.18
C PHE E 252 -27.50 55.43 -19.35
N GLN E 253 -26.97 55.97 -18.26
CA GLN E 253 -26.43 57.32 -18.27
C GLN E 253 -24.97 57.39 -18.71
N HIS E 254 -24.19 56.37 -18.34
CA HIS E 254 -22.78 56.34 -18.72
C HIS E 254 -22.34 54.91 -19.10
N MET E 255 -21.54 54.79 -20.15
CA MET E 255 -20.98 53.50 -20.57
C MET E 255 -19.50 53.36 -20.25
N ILE E 256 -19.12 52.22 -19.68
CA ILE E 256 -17.72 51.84 -19.56
C ILE E 256 -17.46 50.68 -20.53
N TYR E 257 -16.48 50.86 -21.40
CA TYR E 257 -16.20 49.87 -22.44
C TYR E 257 -14.85 49.17 -22.21
N THR E 258 -14.85 47.84 -22.22
CA THR E 258 -13.61 47.09 -21.99
C THR E 258 -13.28 46.14 -23.15
N GLY E 259 -14.04 46.24 -24.25
CA GLY E 259 -13.72 45.49 -25.44
C GLY E 259 -12.62 46.14 -26.25
N PRO E 260 -12.29 45.57 -27.42
CA PRO E 260 -11.29 46.13 -28.36
C PRO E 260 -11.77 47.49 -28.88
N VAL E 261 -10.85 48.47 -29.02
CA VAL E 261 -11.22 49.81 -29.49
C VAL E 261 -11.61 49.87 -30.96
N ASP E 262 -10.90 49.17 -31.81
CA ASP E 262 -11.22 49.20 -33.23
C ASP E 262 -12.69 48.80 -33.48
N ALA E 263 -13.13 47.70 -32.86
CA ALA E 263 -14.51 47.24 -33.01
C ALA E 263 -15.55 48.29 -32.59
N PHE E 264 -15.26 48.98 -31.49
CA PHE E 264 -16.19 49.98 -30.96
C PHE E 264 -16.42 51.11 -31.95
N PHE E 265 -15.38 51.48 -32.69
CA PHE E 265 -15.49 52.51 -33.71
C PHE E 265 -15.60 51.89 -35.10
N ASP E 266 -16.21 50.70 -35.15
CA ASP E 266 -16.50 50.02 -36.40
C ASP E 266 -15.33 49.97 -37.38
N PHE E 267 -14.13 49.80 -36.85
CA PHE E 267 -12.93 49.63 -37.67
C PHE E 267 -12.74 50.77 -38.69
N CYS E 268 -13.16 51.97 -38.32
CA CYS E 268 -13.12 53.11 -39.23
C CYS E 268 -11.74 53.48 -39.78
N TYR E 269 -10.67 53.01 -39.13
CA TYR E 269 -9.31 53.25 -39.64
C TYR E 269 -8.59 51.95 -39.98
N GLY E 270 -9.34 50.91 -40.34
CA GLY E 270 -8.76 49.61 -40.58
C GLY E 270 -8.64 48.81 -39.30
N LYS E 271 -8.26 47.54 -39.41
CA LYS E 271 -8.16 46.65 -38.24
C LYS E 271 -6.95 46.96 -37.36
N LEU E 272 -7.20 47.11 -36.06
CA LEU E 272 -6.11 47.25 -35.10
C LEU E 272 -5.59 45.84 -34.83
N PRO E 273 -4.30 45.59 -35.07
CA PRO E 273 -3.78 44.24 -34.85
C PRO E 273 -3.87 43.77 -33.40
N TYR E 274 -4.58 42.66 -33.21
CA TYR E 274 -4.55 41.94 -31.94
C TYR E 274 -4.12 40.51 -32.26
N ARG E 275 -3.30 39.93 -31.40
CA ARG E 275 -2.87 38.55 -31.58
C ARG E 275 -3.81 37.63 -30.82
N SER E 276 -4.02 36.43 -31.35
CA SER E 276 -4.95 35.48 -30.74
C SER E 276 -4.27 34.15 -30.38
N LEU E 277 -5.05 33.24 -29.82
CA LEU E 277 -4.54 31.94 -29.39
C LEU E 277 -5.61 30.88 -29.57
N GLU E 278 -5.17 29.66 -29.90
CA GLU E 278 -6.05 28.49 -29.77
C GLU E 278 -5.54 27.65 -28.60
N PHE E 279 -6.48 27.10 -27.83
CA PHE E 279 -6.12 26.28 -26.66
C PHE E 279 -6.50 24.83 -26.86
N ARG E 280 -5.58 23.92 -26.57
CA ARG E 280 -5.89 22.50 -26.61
C ARG E 280 -5.77 21.89 -25.21
N HIS E 281 -6.90 21.51 -24.64
CA HIS E 281 -6.93 21.01 -23.28
C HIS E 281 -6.89 19.49 -23.28
N GLU E 282 -6.21 18.92 -22.29
CA GLU E 282 -6.09 17.49 -22.20
C GLU E 282 -6.07 17.04 -20.77
N THR E 283 -6.59 15.83 -20.56
CA THR E 283 -6.59 15.21 -19.26
C THR E 283 -5.85 13.88 -19.36
N HIS E 284 -4.94 13.64 -18.43
CA HIS E 284 -4.14 12.44 -18.45
C HIS E 284 -4.37 11.65 -17.17
N ASP E 285 -4.22 10.33 -17.26
CA ASP E 285 -4.46 9.44 -16.12
C ASP E 285 -3.18 9.25 -15.31
N THR E 286 -2.71 10.36 -14.72
CA THR E 286 -1.51 10.39 -13.89
C THR E 286 -1.62 11.63 -13.01
N GLU E 287 -0.97 11.62 -11.85
CA GLU E 287 -1.14 12.75 -10.94
C GLU E 287 -0.40 14.00 -11.40
N GLN E 288 0.67 13.82 -12.15
CA GLN E 288 1.52 14.94 -12.55
C GLN E 288 2.19 14.66 -13.89
N LEU E 289 2.08 15.59 -14.83
CA LEU E 289 2.71 15.41 -16.12
C LEU E 289 4.00 16.22 -16.27
N LEU E 290 4.03 17.41 -15.69
CA LEU E 290 5.15 18.32 -15.87
C LEU E 290 5.93 18.49 -14.56
N PRO E 291 7.20 18.89 -14.65
CA PRO E 291 8.00 19.24 -13.47
C PRO E 291 7.64 20.61 -12.87
N THR E 292 7.04 21.50 -13.64
CA THR E 292 6.59 22.81 -13.13
C THR E 292 5.29 23.20 -13.78
N GLY E 293 4.80 24.39 -13.42
CA GLY E 293 3.52 24.88 -13.92
C GLY E 293 3.49 25.00 -15.43
N THR E 294 4.61 25.43 -15.99
CA THR E 294 4.67 25.70 -17.41
C THR E 294 6.02 25.32 -18.01
N VAL E 295 5.98 24.72 -19.18
CA VAL E 295 7.17 24.46 -19.99
C VAL E 295 7.03 25.20 -21.31
N ASN E 296 7.99 26.07 -21.59
CA ASN E 296 8.04 26.82 -22.86
C ASN E 296 8.84 26.06 -23.90
N TYR E 297 8.47 26.25 -25.17
CA TYR E 297 9.16 25.60 -26.27
C TYR E 297 9.57 26.64 -27.31
N PRO E 298 10.72 27.30 -27.09
CA PRO E 298 11.18 28.36 -28.00
C PRO E 298 11.53 27.83 -29.39
N ASN E 299 11.92 26.56 -29.47
CA ASN E 299 12.52 26.03 -30.69
C ASN E 299 11.90 24.76 -31.25
N ASP E 300 10.83 24.27 -30.62
CA ASP E 300 10.21 23.02 -31.05
C ASP E 300 8.70 23.14 -31.09
N TYR E 301 8.07 22.31 -31.89
CA TYR E 301 6.61 22.23 -31.90
C TYR E 301 5.93 23.51 -32.38
N ALA E 302 4.63 23.38 -32.60
CA ALA E 302 3.80 24.50 -33.02
C ALA E 302 3.31 25.30 -31.82
N TYR E 303 3.14 24.63 -30.67
CA TYR E 303 2.71 25.34 -29.47
C TYR E 303 3.86 26.10 -28.83
N THR E 304 3.55 27.23 -28.22
CA THR E 304 4.54 27.97 -27.46
C THR E 304 4.85 27.31 -26.12
N ARG E 305 3.87 26.62 -25.54
CA ARG E 305 4.03 26.16 -24.17
C ARG E 305 2.87 25.28 -23.69
N VAL E 306 3.17 24.49 -22.64
CA VAL E 306 2.21 23.62 -21.99
C VAL E 306 2.18 23.98 -20.51
N SER E 307 0.97 24.05 -19.96
CA SER E 307 0.80 24.35 -18.53
C SER E 307 -0.07 23.27 -17.87
N GLU E 308 0.20 23.01 -16.60
CA GLU E 308 -0.52 21.99 -15.85
C GLU E 308 -1.16 22.65 -14.63
N PHE E 309 -2.49 22.63 -14.56
CA PHE E 309 -3.18 23.47 -13.58
C PHE E 309 -2.99 23.09 -12.11
N LYS E 310 -2.85 21.81 -11.79
CA LYS E 310 -2.66 21.44 -10.39
C LYS E 310 -1.44 22.13 -9.73
N HIS E 311 -0.36 22.36 -10.50
CA HIS E 311 0.79 23.09 -9.94
C HIS E 311 0.33 24.46 -9.47
N ILE E 312 -0.54 25.07 -10.28
CA ILE E 312 -0.94 26.45 -10.08
C ILE E 312 -2.01 26.61 -9.01
N THR E 313 -2.97 25.69 -8.99
CA THR E 313 -4.10 25.76 -8.08
C THR E 313 -3.86 25.04 -6.76
N GLY E 314 -2.98 24.04 -6.78
CA GLY E 314 -2.75 23.22 -5.61
C GLY E 314 -3.79 22.12 -5.42
N GLN E 315 -4.74 22.01 -6.36
CA GLN E 315 -5.78 20.99 -6.25
C GLN E 315 -5.20 19.59 -6.24
N ARG E 316 -5.72 18.76 -5.35
CA ARG E 316 -5.32 17.37 -5.29
C ARG E 316 -6.33 16.58 -6.14
N HIS E 317 -5.84 15.63 -6.93
CA HIS E 317 -6.70 14.89 -7.86
C HIS E 317 -5.93 13.66 -8.36
N HIS E 318 -6.66 12.61 -8.71
CA HIS E 318 -6.03 11.38 -9.14
C HIS E 318 -5.52 11.50 -10.57
N GLN E 319 -6.11 12.43 -11.32
CA GLN E 319 -5.70 12.73 -12.69
C GLN E 319 -5.14 14.14 -12.80
N THR E 320 -4.79 14.55 -14.01
CA THR E 320 -4.29 15.90 -14.22
C THR E 320 -4.70 16.47 -15.56
N SER E 321 -4.96 17.77 -15.59
CA SER E 321 -5.32 18.44 -16.84
C SER E 321 -4.30 19.50 -17.24
N VAL E 322 -4.03 19.61 -18.54
CA VAL E 322 -3.01 20.53 -19.03
C VAL E 322 -3.55 21.23 -20.26
N VAL E 323 -2.84 22.27 -20.70
CA VAL E 323 -3.27 22.99 -21.88
C VAL E 323 -2.09 23.42 -22.75
N TYR E 324 -2.24 23.21 -24.05
CA TYR E 324 -1.25 23.59 -25.04
C TYR E 324 -1.74 24.86 -25.74
N GLU E 325 -0.83 25.82 -25.94
CA GLU E 325 -1.18 27.11 -26.53
C GLU E 325 -0.61 27.30 -27.94
N TYR E 326 -1.51 27.61 -28.88
CA TYR E 326 -1.15 27.83 -30.26
C TYR E 326 -1.42 29.28 -30.68
N PRO E 327 -0.36 29.99 -31.08
CA PRO E 327 -0.54 31.38 -31.55
C PRO E 327 -1.41 31.41 -32.79
N ARG E 328 -2.35 32.34 -32.85
CA ARG E 328 -3.23 32.48 -34.00
C ARG E 328 -3.33 33.94 -34.44
N ALA E 329 -3.26 34.17 -35.74
CA ALA E 329 -3.44 35.51 -36.28
C ALA E 329 -4.90 35.91 -36.20
N GLU E 330 -5.78 34.91 -36.31
CA GLU E 330 -7.22 35.12 -36.32
C GLU E 330 -7.89 34.60 -35.04
N GLY E 331 -8.93 35.29 -34.57
CA GLY E 331 -9.71 34.86 -33.41
C GLY E 331 -9.91 35.95 -32.37
N ASP E 332 -10.52 35.60 -31.24
CA ASP E 332 -10.69 36.55 -30.13
C ASP E 332 -9.36 37.24 -29.81
N PRO E 333 -9.40 38.55 -29.54
CA PRO E 333 -8.19 39.31 -29.26
C PRO E 333 -7.65 39.07 -27.86
N TYR E 334 -6.37 38.71 -27.77
CA TYR E 334 -5.76 38.47 -26.47
C TYR E 334 -4.56 39.39 -26.21
N TYR E 335 -3.83 39.75 -27.27
CA TYR E 335 -2.67 40.61 -27.11
C TYR E 335 -2.71 41.81 -28.06
N PRO E 336 -2.43 43.00 -27.54
CA PRO E 336 -2.07 44.07 -28.47
C PRO E 336 -0.72 43.72 -29.06
N VAL E 337 -0.39 44.27 -30.22
CA VAL E 337 0.87 44.00 -30.88
C VAL E 337 1.74 45.25 -30.87
N PRO E 338 2.50 45.45 -29.79
CA PRO E 338 3.33 46.63 -29.52
C PRO E 338 4.42 46.89 -30.56
N ARG E 339 4.16 47.84 -31.45
CA ARG E 339 5.12 48.25 -32.48
C ARG E 339 4.73 49.62 -33.03
N PRO E 340 5.72 50.37 -33.54
CA PRO E 340 5.51 51.76 -33.98
C PRO E 340 4.30 51.93 -34.88
N GLU E 341 4.17 51.07 -35.89
CA GLU E 341 3.01 51.14 -36.76
C GLU E 341 1.70 51.06 -35.97
N ASN E 342 1.64 50.12 -35.02
CA ASN E 342 0.41 49.88 -34.27
C ASN E 342 0.15 50.93 -33.20
N ALA E 343 1.18 51.36 -32.50
CA ALA E 343 1.01 52.43 -31.51
C ALA E 343 0.44 53.66 -32.21
N GLU E 344 0.87 53.88 -33.45
CA GLU E 344 0.44 55.01 -34.24
C GLU E 344 -1.03 54.86 -34.66
N LEU E 345 -1.39 53.68 -35.14
CA LEU E 345 -2.77 53.40 -35.53
C LEU E 345 -3.70 53.48 -34.32
N TYR E 346 -3.25 53.01 -33.17
CA TYR E 346 -4.09 53.08 -31.97
C TYR E 346 -4.30 54.53 -31.53
N LYS E 347 -3.32 55.38 -31.81
CA LYS E 347 -3.36 56.77 -31.35
C LYS E 347 -4.56 57.54 -31.93
N LYS E 348 -4.96 57.18 -33.15
CA LYS E 348 -6.14 57.77 -33.78
C LYS E 348 -7.40 57.32 -33.04
N TYR E 349 -7.57 56.00 -32.94
CA TYR E 349 -8.71 55.42 -32.23
C TYR E 349 -8.79 56.02 -30.84
N GLU E 350 -7.63 56.26 -30.25
CA GLU E 350 -7.56 56.80 -28.90
C GLU E 350 -8.11 58.22 -28.82
N ALA E 351 -8.04 58.94 -29.94
CA ALA E 351 -8.59 60.28 -30.00
C ALA E 351 -10.11 60.24 -30.05
N LEU E 352 -10.66 59.36 -30.87
CA LEU E 352 -12.10 59.14 -30.89
C LEU E 352 -12.60 58.75 -29.52
N ALA E 353 -11.81 57.91 -28.84
CA ALA E 353 -12.14 57.43 -27.51
C ALA E 353 -12.09 58.55 -26.47
N ASP E 354 -11.12 59.44 -26.62
CA ASP E 354 -11.01 60.59 -25.73
C ASP E 354 -12.17 61.57 -25.96
N ALA E 355 -12.65 61.62 -27.20
CA ALA E 355 -13.72 62.54 -27.58
C ALA E 355 -15.10 61.94 -27.28
N ALA E 356 -15.13 60.64 -27.06
CA ALA E 356 -16.40 59.97 -26.78
C ALA E 356 -16.94 60.42 -25.45
N GLN E 357 -18.09 61.08 -25.47
CA GLN E 357 -18.70 61.55 -24.24
C GLN E 357 -19.58 60.45 -23.66
N ASP E 358 -19.58 60.35 -22.33
CA ASP E 358 -20.43 59.37 -21.66
C ASP E 358 -19.91 57.96 -21.89
N VAL E 359 -18.68 57.85 -22.39
CA VAL E 359 -18.02 56.57 -22.53
C VAL E 359 -16.58 56.61 -22.02
N THR E 360 -16.27 55.70 -21.09
CA THR E 360 -14.91 55.57 -20.57
C THR E 360 -14.30 54.25 -21.06
N PHE E 361 -13.02 54.29 -21.42
CA PHE E 361 -12.32 53.11 -21.95
C PHE E 361 -11.28 52.62 -20.94
N VAL E 362 -11.36 51.36 -20.58
CA VAL E 362 -10.47 50.78 -19.57
C VAL E 362 -10.27 49.27 -19.81
N GLY E 363 -9.07 48.78 -19.53
CA GLY E 363 -8.72 47.39 -19.76
C GLY E 363 -7.63 47.16 -20.79
N ARG E 364 -7.14 45.91 -20.86
CA ARG E 364 -6.09 45.54 -21.81
C ARG E 364 -6.53 45.81 -23.24
N LEU E 365 -7.76 45.41 -23.57
CA LEU E 365 -8.27 45.53 -24.92
C LEU E 365 -8.67 46.95 -25.30
N ALA E 366 -9.38 47.63 -24.41
CA ALA E 366 -9.92 48.95 -24.70
C ALA E 366 -8.85 50.05 -24.81
N THR E 367 -7.76 49.94 -24.05
CA THR E 367 -6.71 50.95 -24.11
C THR E 367 -5.46 50.44 -24.81
N TYR E 368 -5.60 49.26 -25.42
CA TYR E 368 -4.53 48.67 -26.19
C TYR E 368 -3.24 48.58 -25.39
N ARG E 369 -3.32 48.06 -24.17
CA ARG E 369 -2.15 47.91 -23.33
C ARG E 369 -1.88 46.46 -22.94
N TYR E 370 -0.60 46.07 -22.97
CA TYR E 370 -0.20 44.71 -22.66
C TYR E 370 -0.07 44.58 -21.13
N TYR E 371 -1.22 44.47 -20.47
CA TYR E 371 -1.29 44.57 -19.01
C TYR E 371 -1.57 43.25 -18.30
N ASN E 372 -0.84 43.03 -17.22
CA ASN E 372 -1.16 41.96 -16.28
C ASN E 372 -2.47 42.23 -15.51
N MET E 373 -3.02 41.20 -14.88
CA MET E 373 -4.24 41.32 -14.11
C MET E 373 -4.17 42.45 -13.07
N ASP E 374 -3.08 42.51 -12.32
CA ASP E 374 -2.95 43.49 -11.23
C ASP E 374 -2.91 44.91 -11.77
N GLN E 375 -2.27 45.09 -12.93
CA GLN E 375 -2.22 46.38 -13.62
C GLN E 375 -3.60 46.86 -14.08
N VAL E 376 -4.40 45.94 -14.62
CA VAL E 376 -5.74 46.29 -15.07
C VAL E 376 -6.62 46.66 -13.87
N VAL E 377 -6.45 45.93 -12.77
CA VAL E 377 -7.16 46.28 -11.54
C VAL E 377 -6.76 47.69 -11.08
N ALA E 378 -5.46 47.97 -11.06
CA ALA E 378 -4.98 49.28 -10.64
C ALA E 378 -5.52 50.36 -11.57
N GLN E 379 -5.50 50.08 -12.87
CA GLN E 379 -6.06 51.02 -13.85
C GLN E 379 -7.55 51.25 -13.56
N ALA E 380 -8.30 50.18 -13.35
CA ALA E 380 -9.72 50.32 -13.09
C ALA E 380 -10.01 51.12 -11.81
N LEU E 381 -9.16 50.97 -10.79
CA LEU E 381 -9.34 51.72 -9.56
C LEU E 381 -9.07 53.21 -9.79
N ALA E 382 -7.98 53.51 -10.50
CA ALA E 382 -7.67 54.90 -10.85
C ALA E 382 -8.83 55.53 -11.62
N THR E 383 -9.36 54.80 -12.60
CA THR E 383 -10.49 55.27 -13.38
C THR E 383 -11.70 55.60 -12.51
N PHE E 384 -12.03 54.70 -11.58
CA PHE E 384 -13.13 54.93 -10.65
C PHE E 384 -12.94 56.23 -9.89
N ARG E 385 -11.72 56.47 -9.41
CA ARG E 385 -11.40 57.72 -8.75
C ARG E 385 -11.69 58.93 -9.65
N ARG E 386 -11.15 58.93 -10.86
CA ARG E 386 -11.41 60.03 -11.79
C ARG E 386 -12.91 60.21 -11.99
N LEU E 387 -13.65 59.10 -12.03
CA LEU E 387 -15.10 59.16 -12.18
C LEU E 387 -15.77 59.77 -10.97
N GLN E 388 -15.18 59.56 -9.79
CA GLN E 388 -15.78 60.04 -8.54
C GLN E 388 -15.71 61.56 -8.40
N GLY E 389 -14.93 62.21 -9.26
CA GLY E 389 -14.82 63.66 -9.24
C GLY E 389 -13.41 64.12 -8.93
N LYS F 28 33.06 -31.80 50.59
CA LYS F 28 34.28 -31.09 50.20
C LYS F 28 33.93 -29.73 49.57
N GLY F 29 32.85 -29.69 48.81
CA GLY F 29 32.39 -28.44 48.23
C GLY F 29 32.91 -28.14 46.83
N PHE F 30 33.33 -26.91 46.60
CA PHE F 30 33.71 -26.50 45.25
C PHE F 30 35.21 -26.32 45.11
N ASP F 31 35.70 -26.65 43.91
CA ASP F 31 37.07 -26.37 43.54
C ASP F 31 37.29 -24.86 43.38
N TYR F 32 36.31 -24.18 42.76
CA TYR F 32 36.41 -22.74 42.57
C TYR F 32 35.12 -22.00 42.89
N LEU F 33 35.25 -20.93 43.66
CA LEU F 33 34.20 -19.93 43.78
C LEU F 33 34.57 -18.77 42.86
N ILE F 34 33.73 -18.52 41.87
CA ILE F 34 33.97 -17.44 40.91
C ILE F 34 32.99 -16.30 41.18
N VAL F 35 33.53 -15.12 41.45
CA VAL F 35 32.72 -13.96 41.77
C VAL F 35 32.55 -13.05 40.56
N GLY F 36 31.34 -13.02 40.03
CA GLY F 36 31.01 -12.23 38.85
C GLY F 36 30.78 -13.12 37.66
N ALA F 37 29.66 -12.92 36.96
CA ALA F 37 29.36 -13.69 35.77
C ALA F 37 29.44 -12.90 34.45
N GLY F 38 30.29 -11.87 34.39
CA GLY F 38 30.60 -11.23 33.11
C GLY F 38 31.54 -12.09 32.27
N PHE F 39 32.12 -11.51 31.21
CA PHE F 39 33.11 -12.22 30.40
C PHE F 39 34.22 -12.83 31.25
N ALA F 40 34.75 -12.05 32.20
CA ALA F 40 35.86 -12.51 33.04
C ALA F 40 35.53 -13.82 33.73
N GLY F 41 34.46 -13.80 34.53
CA GLY F 41 34.08 -14.96 35.31
C GLY F 41 33.56 -16.12 34.50
N SER F 42 32.83 -15.83 33.42
CA SER F 42 32.19 -16.87 32.64
C SER F 42 33.18 -17.67 31.81
N VAL F 43 34.16 -16.99 31.23
CA VAL F 43 35.22 -17.64 30.46
C VAL F 43 36.00 -18.60 31.36
N LEU F 44 36.32 -18.15 32.57
CA LEU F 44 37.03 -18.97 33.53
C LEU F 44 36.18 -20.14 34.03
N ALA F 45 34.88 -19.91 34.18
CA ALA F 45 33.98 -20.98 34.57
C ALA F 45 33.95 -22.07 33.50
N GLU F 46 33.88 -21.65 32.24
CA GLU F 46 33.76 -22.60 31.14
C GLU F 46 35.04 -23.43 31.00
N ARG F 47 36.18 -22.75 30.92
CA ARG F 47 37.48 -23.41 30.86
C ARG F 47 37.67 -24.35 32.05
N LEU F 48 37.49 -23.83 33.26
CA LEU F 48 37.66 -24.66 34.45
C LEU F 48 36.72 -25.87 34.45
N ALA F 49 35.47 -25.67 34.07
CA ALA F 49 34.53 -26.78 34.05
C ALA F 49 34.88 -27.80 32.98
N SER F 50 35.47 -27.32 31.89
CA SER F 50 35.82 -28.19 30.78
C SER F 50 36.95 -29.11 31.22
N SER F 51 37.71 -28.67 32.22
CA SER F 51 38.85 -29.43 32.69
C SER F 51 38.48 -30.19 33.97
N GLY F 52 37.19 -30.39 34.19
CA GLY F 52 36.71 -31.24 35.26
C GLY F 52 36.57 -30.61 36.63
N GLN F 53 36.80 -29.30 36.73
CA GLN F 53 36.67 -28.64 38.02
C GLN F 53 35.22 -28.34 38.38
N ARG F 54 34.90 -28.45 39.66
CA ARG F 54 33.58 -28.12 40.19
C ARG F 54 33.50 -26.64 40.53
N VAL F 55 32.64 -25.92 39.81
CA VAL F 55 32.63 -24.47 39.83
C VAL F 55 31.32 -23.94 40.36
N LEU F 56 31.41 -22.96 41.24
CA LEU F 56 30.23 -22.18 41.62
C LEU F 56 30.48 -20.76 41.12
N ILE F 57 29.64 -20.30 40.20
CA ILE F 57 29.74 -18.91 39.76
C ILE F 57 28.59 -18.09 40.34
N VAL F 58 28.96 -16.93 40.87
CA VAL F 58 28.10 -16.11 41.69
C VAL F 58 28.03 -14.69 41.12
N ASP F 59 26.88 -14.03 41.30
CA ASP F 59 26.74 -12.62 40.91
C ASP F 59 25.63 -11.96 41.71
N ARG F 60 25.91 -10.77 42.21
CA ARG F 60 24.95 -10.00 43.01
C ARG F 60 23.79 -9.51 42.15
N ARG F 61 24.01 -9.40 40.84
CA ARG F 61 22.94 -9.01 39.93
C ARG F 61 22.01 -10.20 39.70
N PRO F 62 20.79 -9.95 39.22
CA PRO F 62 19.87 -11.09 39.06
C PRO F 62 20.02 -11.77 37.70
N HIS F 63 21.09 -11.48 36.98
CA HIS F 63 21.30 -12.08 35.66
C HIS F 63 22.78 -12.36 35.43
N ILE F 64 23.08 -13.17 34.42
CA ILE F 64 24.46 -13.43 34.03
C ILE F 64 24.91 -12.42 32.98
N GLY F 65 26.19 -12.46 32.63
CA GLY F 65 26.69 -11.64 31.54
C GLY F 65 27.34 -10.32 31.92
N GLY F 66 27.26 -9.94 33.20
CA GLY F 66 27.78 -8.66 33.63
C GLY F 66 27.20 -7.51 32.82
N ASN F 67 28.05 -6.57 32.41
CA ASN F 67 27.64 -5.39 31.63
C ASN F 67 27.15 -5.72 30.26
N ALA F 68 27.53 -6.90 29.76
CA ALA F 68 27.29 -7.27 28.38
C ALA F 68 25.94 -7.97 28.22
N TYR F 69 25.24 -8.11 29.34
CA TYR F 69 23.90 -8.68 29.39
C TYR F 69 22.95 -8.02 28.40
N ASP F 70 22.24 -8.81 27.60
CA ASP F 70 21.11 -8.25 26.86
C ASP F 70 19.78 -8.93 27.16
N CYS F 71 18.70 -8.21 26.85
CA CYS F 71 17.36 -8.69 27.14
C CYS F 71 16.33 -7.99 26.26
N TYR F 72 15.14 -8.55 26.17
CA TYR F 72 14.06 -7.94 25.42
C TYR F 72 13.31 -6.97 26.34
N ASP F 73 13.07 -5.75 25.86
CA ASP F 73 12.32 -4.78 26.69
C ASP F 73 10.80 -5.01 26.64
N ASP F 74 10.03 -4.10 27.24
CA ASP F 74 8.59 -4.28 27.32
C ASP F 74 7.95 -4.29 25.94
N ALA F 75 8.63 -3.66 24.98
CA ALA F 75 8.10 -3.55 23.63
C ALA F 75 8.52 -4.73 22.74
N GLY F 76 9.37 -5.60 23.28
CA GLY F 76 9.87 -6.75 22.52
C GLY F 76 11.11 -6.41 21.69
N VAL F 77 11.80 -5.34 22.05
CA VAL F 77 12.99 -4.96 21.34
C VAL F 77 14.19 -5.48 22.11
N LEU F 78 15.13 -6.09 21.41
CA LEU F 78 16.34 -6.59 22.07
C LEU F 78 17.30 -5.44 22.34
N ILE F 79 17.63 -5.21 23.61
CA ILE F 79 18.43 -4.06 24.02
C ILE F 79 19.60 -4.43 24.95
N HIS F 80 20.52 -3.49 25.15
CA HIS F 80 21.60 -3.67 26.13
C HIS F 80 21.37 -2.70 27.28
N PRO F 81 20.90 -3.21 28.43
CA PRO F 81 20.53 -2.33 29.55
C PRO F 81 21.70 -1.48 30.08
N TYR F 82 22.94 -1.91 29.89
CA TYR F 82 24.08 -1.13 30.37
C TYR F 82 24.86 -0.47 29.22
N GLY F 83 24.17 -0.18 28.13
CA GLY F 83 24.79 0.57 27.06
C GLY F 83 25.22 -0.28 25.89
N PRO F 84 25.48 0.37 24.75
CA PRO F 84 25.82 -0.32 23.51
C PRO F 84 27.10 -1.17 23.65
N HIS F 85 26.98 -2.49 23.52
CA HIS F 85 28.17 -3.35 23.46
C HIS F 85 28.34 -3.93 22.07
N ILE F 86 29.36 -3.46 21.37
CA ILE F 86 29.66 -3.91 20.02
C ILE F 86 30.91 -4.76 20.05
N PHE F 87 30.77 -6.04 19.70
CA PHE F 87 31.92 -6.93 19.74
C PHE F 87 32.86 -6.72 18.55
N HIS F 88 34.16 -6.73 18.83
CA HIS F 88 35.16 -6.56 17.78
C HIS F 88 36.51 -7.02 18.28
N THR F 89 37.26 -7.72 17.43
CA THR F 89 38.58 -8.19 17.81
C THR F 89 39.50 -8.37 16.61
N ASN F 90 40.80 -8.25 16.87
CA ASN F 90 41.83 -8.61 15.90
C ASN F 90 42.36 -10.02 16.15
N SER F 91 41.92 -10.62 17.26
CA SER F 91 42.40 -11.93 17.65
C SER F 91 41.56 -13.06 17.07
N LYS F 92 42.16 -13.79 16.14
CA LYS F 92 41.50 -14.92 15.54
C LYS F 92 41.12 -15.95 16.60
N ASP F 93 41.97 -16.20 17.60
CA ASP F 93 41.55 -17.23 18.57
C ASP F 93 40.50 -16.81 19.57
N VAL F 94 40.44 -15.54 19.92
CA VAL F 94 39.34 -15.06 20.73
C VAL F 94 38.07 -15.25 19.92
N PHE F 95 38.08 -14.82 18.66
CA PHE F 95 36.90 -14.99 17.81
C PHE F 95 36.43 -16.45 17.72
N GLU F 96 37.36 -17.37 17.50
CA GLU F 96 37.00 -18.77 17.29
C GLU F 96 36.56 -19.42 18.60
N TYR F 97 37.13 -18.98 19.71
CA TYR F 97 36.73 -19.46 21.02
C TYR F 97 35.27 -19.11 21.29
N LEU F 98 34.93 -17.83 21.17
CA LEU F 98 33.55 -17.41 21.33
C LEU F 98 32.62 -18.08 20.30
N SER F 99 33.16 -18.44 19.14
CA SER F 99 32.35 -19.08 18.11
C SER F 99 31.79 -20.41 18.57
N ARG F 100 32.42 -21.01 19.57
CA ARG F 100 31.92 -22.25 20.12
C ARG F 100 30.57 -22.03 20.78
N PHE F 101 30.29 -20.80 21.19
CA PHE F 101 29.09 -20.54 21.98
C PHE F 101 27.98 -19.71 21.30
N THR F 102 28.20 -19.32 20.06
CA THR F 102 27.21 -18.52 19.35
C THR F 102 27.58 -18.42 17.87
N GLU F 103 26.57 -18.20 17.03
CA GLU F 103 26.80 -17.79 15.65
C GLU F 103 26.85 -16.28 15.65
N TRP F 104 27.16 -15.73 14.48
CA TRP F 104 27.40 -14.30 14.35
C TRP F 104 26.57 -13.62 13.27
N ARG F 105 26.18 -12.38 13.54
CA ARG F 105 25.69 -11.47 12.52
C ARG F 105 26.80 -10.45 12.23
N PRO F 106 27.29 -10.41 10.98
CA PRO F 106 28.32 -9.44 10.62
C PRO F 106 27.83 -8.01 10.88
N TYR F 107 28.67 -7.17 11.45
CA TYR F 107 28.29 -5.80 11.76
C TYR F 107 29.51 -4.92 12.00
N GLN F 108 29.59 -3.82 11.27
CA GLN F 108 30.65 -2.83 11.50
C GLN F 108 30.02 -1.51 11.97
N HIS F 109 30.10 -1.29 13.27
CA HIS F 109 29.52 -0.14 13.95
C HIS F 109 30.00 1.17 13.31
N ARG F 110 29.11 2.12 13.16
CA ARG F 110 29.50 3.46 12.70
C ARG F 110 28.92 4.53 13.60
N VAL F 111 29.78 5.47 14.01
CA VAL F 111 29.38 6.53 14.94
C VAL F 111 29.46 7.90 14.29
N LEU F 112 28.51 8.76 14.61
CA LEU F 112 28.52 10.14 14.11
C LEU F 112 28.58 11.07 15.29
N ALA F 113 29.38 12.13 15.20
CA ALA F 113 29.42 13.12 16.25
C ALA F 113 28.68 14.37 15.80
N SER F 114 27.84 14.90 16.70
CA SER F 114 27.12 16.13 16.41
C SER F 114 27.98 17.35 16.71
N VAL F 115 28.48 17.97 15.65
CA VAL F 115 29.37 19.10 15.79
C VAL F 115 28.92 20.19 14.82
N ASP F 116 28.84 21.43 15.30
CA ASP F 116 28.42 22.54 14.46
C ASP F 116 27.13 22.17 13.71
N GLY F 117 26.18 21.54 14.40
CA GLY F 117 24.92 21.18 13.78
C GLY F 117 24.98 20.23 12.58
N GLN F 118 26.10 19.54 12.40
CA GLN F 118 26.23 18.50 11.38
C GLN F 118 26.51 17.14 12.04
N LEU F 119 26.12 16.07 11.37
CA LEU F 119 26.48 14.74 11.83
C LEU F 119 27.72 14.27 11.07
N LEU F 120 28.86 14.23 11.75
CA LEU F 120 30.15 13.98 11.08
C LEU F 120 30.85 12.71 11.59
N PRO F 121 31.65 12.07 10.72
CA PRO F 121 32.31 10.84 11.18
C PRO F 121 33.33 11.06 12.30
N ILE F 122 33.27 10.17 13.26
CA ILE F 122 34.29 10.04 14.30
C ILE F 122 34.57 8.54 14.37
N PRO F 123 35.85 8.13 14.36
CA PRO F 123 37.14 8.84 14.29
C PRO F 123 37.15 9.93 13.24
N ILE F 124 37.85 11.03 13.52
CA ILE F 124 38.03 12.12 12.55
C ILE F 124 38.69 11.51 11.33
N ASN F 125 38.13 11.77 10.16
CA ASN F 125 38.77 11.33 8.92
C ASN F 125 38.75 12.40 7.82
N LEU F 126 39.14 12.02 6.61
CA LEU F 126 39.19 12.98 5.51
C LEU F 126 37.84 13.69 5.33
N ASP F 127 36.76 12.91 5.38
CA ASP F 127 35.43 13.47 5.19
C ASP F 127 35.04 14.40 6.34
N THR F 128 35.45 14.05 7.55
CA THR F 128 35.17 14.90 8.70
C THR F 128 35.73 16.31 8.48
N VAL F 129 36.99 16.38 8.08
CA VAL F 129 37.68 17.63 7.84
C VAL F 129 37.08 18.40 6.67
N ASN F 130 36.90 17.74 5.53
CA ASN F 130 36.33 18.40 4.38
C ASN F 130 34.91 18.91 4.67
N ARG F 131 34.08 18.09 5.29
CA ARG F 131 32.72 18.51 5.56
C ARG F 131 32.64 19.64 6.60
N LEU F 132 33.47 19.56 7.63
CA LEU F 132 33.45 20.54 8.71
C LEU F 132 33.84 21.94 8.23
N TYR F 133 34.87 22.00 7.39
CA TYR F 133 35.49 23.27 6.99
C TYR F 133 35.14 23.70 5.56
N GLY F 134 34.43 22.84 4.85
CA GLY F 134 34.08 23.12 3.47
C GLY F 134 35.31 23.06 2.56
N LEU F 135 36.22 22.14 2.89
CA LEU F 135 37.44 21.93 2.13
C LEU F 135 37.28 20.77 1.14
N ASN F 136 38.23 20.66 0.21
CA ASN F 136 38.25 19.55 -0.75
C ASN F 136 39.60 18.83 -0.84
N LEU F 137 40.24 18.61 0.31
CA LEU F 137 41.54 17.97 0.35
C LEU F 137 41.49 16.53 -0.14
N THR F 138 42.60 16.06 -0.70
CA THR F 138 42.77 14.64 -0.94
C THR F 138 43.34 14.04 0.34
N SER F 139 43.41 12.71 0.40
CA SER F 139 44.03 12.04 1.53
C SER F 139 45.47 12.50 1.74
N PHE F 140 46.18 12.73 0.64
CA PHE F 140 47.56 13.18 0.68
C PHE F 140 47.66 14.58 1.29
N GLN F 141 46.73 15.46 0.92
CA GLN F 141 46.75 16.82 1.44
C GLN F 141 46.31 16.94 2.90
N VAL F 142 45.42 16.07 3.35
CA VAL F 142 44.91 16.21 4.71
C VAL F 142 45.99 15.88 5.74
N GLU F 143 46.93 15.04 5.34
CA GLU F 143 48.07 14.72 6.16
C GLU F 143 48.94 15.95 6.38
N GLU F 144 49.19 16.69 5.30
CA GLU F 144 49.88 17.99 5.39
C GLU F 144 49.12 18.96 6.28
N PHE F 145 47.81 19.09 6.04
CA PHE F 145 46.97 19.97 6.85
C PHE F 145 47.07 19.66 8.33
N PHE F 146 47.00 18.40 8.72
CA PHE F 146 47.18 18.03 10.12
C PHE F 146 48.56 18.49 10.59
N ALA F 147 49.60 18.14 9.85
CA ALA F 147 50.94 18.61 10.21
C ALA F 147 50.95 20.14 10.41
N SER F 148 50.24 20.88 9.57
CA SER F 148 50.24 22.34 9.68
C SER F 148 49.56 22.86 10.95
N VAL F 149 48.71 22.05 11.58
CA VAL F 149 47.97 22.53 12.75
C VAL F 149 48.42 21.85 14.02
N ALA F 150 49.11 20.72 13.87
CA ALA F 150 49.54 19.94 15.02
C ALA F 150 50.45 20.75 15.96
N GLU F 151 50.27 20.56 17.23
CA GLU F 151 51.11 21.14 18.24
C GLU F 151 52.20 20.18 18.63
N LYS F 152 53.35 20.74 18.91
CA LYS F 152 54.52 19.96 19.16
C LYS F 152 54.53 19.62 20.59
N VAL F 153 54.80 18.36 20.84
CA VAL F 153 54.89 17.85 22.18
C VAL F 153 56.04 16.89 22.19
N GLU F 154 57.02 17.19 23.01
CA GLU F 154 58.23 16.43 23.08
C GLU F 154 57.94 15.01 23.41
N GLN F 155 57.09 14.81 24.38
CA GLN F 155 56.74 13.48 24.86
C GLN F 155 55.26 13.41 25.14
N VAL F 156 54.58 12.52 24.43
CA VAL F 156 53.14 12.34 24.59
C VAL F 156 52.84 11.54 25.85
N ARG F 157 52.15 12.17 26.79
CA ARG F 157 51.86 11.51 28.06
C ARG F 157 50.37 11.54 28.41
N THR F 158 49.71 12.59 27.94
CA THR F 158 48.36 12.96 28.35
C THR F 158 47.33 12.79 27.23
N SER F 159 46.05 12.64 27.58
CA SER F 159 45.00 12.54 26.56
C SER F 159 44.85 13.81 25.72
N GLU F 160 45.35 14.93 26.22
CA GLU F 160 45.42 16.16 25.42
C GLU F 160 46.56 16.08 24.40
N ASP F 161 47.76 15.74 24.88
CA ASP F 161 48.92 15.58 24.01
C ASP F 161 48.60 14.72 22.79
N VAL F 162 47.91 13.60 23.01
CA VAL F 162 47.71 12.64 21.93
C VAL F 162 46.91 13.23 20.77
N VAL F 163 45.92 14.06 21.09
CA VAL F 163 45.03 14.60 20.07
C VAL F 163 45.64 15.86 19.49
N VAL F 164 46.05 16.75 20.36
CA VAL F 164 46.53 18.06 19.94
C VAL F 164 47.81 17.94 19.09
N SER F 165 48.57 16.86 19.30
CA SER F 165 49.80 16.64 18.55
C SER F 165 49.57 15.95 17.19
N LYS F 166 48.34 15.54 16.93
CA LYS F 166 48.01 14.88 15.67
C LYS F 166 47.17 15.78 14.78
N VAL F 167 46.08 16.30 15.33
CA VAL F 167 45.10 17.02 14.54
C VAL F 167 44.95 18.48 14.93
N GLY F 168 45.71 18.91 15.94
CA GLY F 168 45.70 20.31 16.33
C GLY F 168 44.67 20.65 17.38
N ARG F 169 44.60 21.93 17.71
CA ARG F 169 43.83 22.44 18.83
C ARG F 169 42.34 22.63 18.53
N ASP F 170 42.01 23.13 17.35
CA ASP F 170 40.62 23.35 16.99
C ASP F 170 39.84 22.03 16.92
N LEU F 171 40.41 21.04 16.25
CA LEU F 171 39.75 19.76 16.12
C LEU F 171 39.62 19.08 17.49
N TYR F 172 40.68 19.13 18.27
CA TYR F 172 40.66 18.70 19.67
C TYR F 172 39.51 19.35 20.45
N ASN F 173 39.36 20.66 20.31
CA ASN F 173 38.29 21.36 20.98
C ASN F 173 36.90 20.90 20.52
N LYS F 174 36.79 20.66 19.22
CA LYS F 174 35.50 20.34 18.62
C LYS F 174 35.00 18.91 18.85
N PHE F 175 35.91 17.94 18.93
CA PHE F 175 35.50 16.54 19.04
C PHE F 175 35.84 15.86 20.36
N PHE F 176 36.92 16.27 21.00
CA PHE F 176 37.44 15.53 22.16
C PHE F 176 37.35 16.26 23.49
N ARG F 177 37.59 17.57 23.49
CA ARG F 177 37.70 18.27 24.78
C ARG F 177 36.40 18.26 25.60
N GLY F 178 35.29 18.68 25.00
CA GLY F 178 34.00 18.69 25.68
C GLY F 178 33.47 17.30 26.04
N TYR F 179 33.58 16.37 25.10
CA TYR F 179 33.13 15.00 25.32
C TYR F 179 33.89 14.40 26.50
N THR F 180 35.21 14.57 26.51
CA THR F 180 36.02 14.00 27.57
C THR F 180 35.67 14.60 28.93
N ARG F 181 35.47 15.92 28.98
CA ARG F 181 35.17 16.53 30.27
C ARG F 181 33.85 16.03 30.78
N LYS F 182 32.90 15.84 29.86
CA LYS F 182 31.56 15.43 30.26
C LYS F 182 31.59 13.97 30.72
N GLN F 183 32.22 13.12 29.92
CA GLN F 183 32.32 11.70 30.24
C GLN F 183 33.08 11.41 31.54
N TRP F 184 34.17 12.14 31.78
CA TRP F 184 35.06 11.81 32.89
C TRP F 184 35.01 12.78 34.05
N GLY F 185 34.52 13.99 33.83
CA GLY F 185 34.58 15.01 34.87
C GLY F 185 36.02 15.44 35.07
N LEU F 186 36.80 15.28 34.02
CA LEU F 186 38.22 15.62 34.03
C LEU F 186 38.57 16.15 32.65
N ASP F 187 39.56 17.01 32.60
CA ASP F 187 40.09 17.51 31.34
C ASP F 187 40.98 16.41 30.77
N PRO F 188 41.17 16.41 29.44
CA PRO F 188 42.04 15.40 28.83
C PRO F 188 43.50 15.50 29.33
N SER F 189 43.88 16.67 29.83
CA SER F 189 45.20 16.85 30.40
C SER F 189 45.36 16.10 31.71
N GLU F 190 44.23 15.74 32.33
CA GLU F 190 44.25 15.03 33.61
C GLU F 190 44.03 13.52 33.44
N LEU F 191 44.19 13.04 32.22
CA LEU F 191 44.05 11.62 31.94
C LEU F 191 45.25 11.13 31.15
N ASP F 192 45.54 9.85 31.29
CA ASP F 192 46.59 9.21 30.51
C ASP F 192 46.30 9.22 28.99
N ALA F 193 47.35 9.30 28.20
CA ALA F 193 47.24 9.20 26.75
C ALA F 193 46.34 8.04 26.27
N SER F 194 46.35 6.94 27.00
CA SER F 194 45.68 5.71 26.56
C SER F 194 44.18 5.88 26.31
N VAL F 195 43.58 6.87 26.96
CA VAL F 195 42.14 7.07 26.91
C VAL F 195 41.69 7.62 25.55
N THR F 196 42.10 8.83 25.20
CA THR F 196 41.73 9.36 23.89
C THR F 196 42.50 8.67 22.74
N ALA F 197 43.60 7.99 23.06
CA ALA F 197 44.30 7.21 22.05
C ALA F 197 43.42 6.05 21.55
N ARG F 198 42.34 5.77 22.27
CA ARG F 198 41.42 4.73 21.85
C ARG F 198 40.82 5.04 20.46
N VAL F 199 40.56 6.32 20.20
CA VAL F 199 39.95 6.75 18.95
C VAL F 199 41.00 7.35 18.02
N PRO F 200 41.61 6.52 17.16
CA PRO F 200 42.71 6.96 16.31
C PRO F 200 42.23 7.99 15.28
N THR F 201 43.11 8.87 14.83
CA THR F 201 42.73 9.85 13.81
C THR F 201 43.16 9.34 12.44
N ARG F 202 42.38 9.65 11.40
CA ARG F 202 42.65 9.05 10.11
C ARG F 202 42.81 10.06 8.99
N THR F 203 43.61 9.69 7.98
CA THR F 203 43.76 10.47 6.77
C THR F 203 43.02 9.86 5.58
N ASN F 204 42.44 8.68 5.78
CA ASN F 204 41.65 8.03 4.73
C ASN F 204 40.16 8.35 4.92
N ARG F 205 39.28 7.56 4.29
CA ARG F 205 37.84 7.82 4.34
C ARG F 205 37.04 6.70 5.02
N ASP F 206 37.74 5.88 5.80
CA ASP F 206 37.13 4.83 6.58
C ASP F 206 36.27 5.45 7.67
N ASN F 207 34.96 5.22 7.63
CA ASN F 207 34.06 5.76 8.63
C ASN F 207 33.67 4.78 9.75
N ARG F 208 34.26 3.59 9.76
CA ARG F 208 33.99 2.61 10.82
C ARG F 208 34.58 3.06 12.13
N TYR F 209 33.89 2.76 13.23
CA TYR F 209 34.46 3.07 14.53
C TYR F 209 35.67 2.17 14.82
N PHE F 210 35.68 0.98 14.22
CA PHE F 210 36.72 -0.01 14.46
C PHE F 210 37.28 -0.50 13.15
N ALA F 211 38.60 -0.70 13.10
CA ALA F 211 39.22 -1.26 11.90
C ALA F 211 39.55 -2.74 12.10
N ASP F 212 39.03 -3.32 13.19
CA ASP F 212 39.31 -4.72 13.53
C ASP F 212 38.96 -5.69 12.42
N THR F 213 39.69 -6.80 12.37
CA THR F 213 39.49 -7.87 11.39
C THR F 213 38.15 -8.57 11.57
N TYR F 214 37.78 -8.82 12.82
CA TYR F 214 36.55 -9.57 13.11
C TYR F 214 35.55 -8.67 13.79
N GLN F 215 34.49 -8.34 13.07
CA GLN F 215 33.45 -7.49 13.61
C GLN F 215 32.12 -8.15 13.35
N ALA F 216 31.46 -8.55 14.43
CA ALA F 216 30.19 -9.27 14.33
C ALA F 216 29.50 -9.30 15.68
N MET F 217 28.18 -9.43 15.67
CA MET F 217 27.42 -9.49 16.91
C MET F 217 26.92 -10.92 17.13
N PRO F 218 26.85 -11.36 18.37
CA PRO F 218 26.22 -12.65 18.63
C PRO F 218 24.83 -12.70 18.01
N LEU F 219 24.56 -13.73 17.22
CA LEU F 219 23.35 -13.79 16.41
C LEU F 219 22.07 -13.61 17.22
N HIS F 220 22.00 -14.26 18.37
CA HIS F 220 20.80 -14.16 19.19
C HIS F 220 21.05 -13.40 20.49
N GLY F 221 22.07 -12.55 20.48
CA GLY F 221 22.38 -11.71 21.63
C GLY F 221 23.39 -12.35 22.57
N TYR F 222 23.94 -11.54 23.47
CA TYR F 222 24.99 -11.97 24.40
C TYR F 222 24.51 -12.97 25.44
N THR F 223 23.34 -12.70 26.01
CA THR F 223 22.80 -13.56 27.05
C THR F 223 22.71 -15.03 26.60
N ARG F 224 22.25 -15.25 25.37
CA ARG F 224 22.16 -16.61 24.85
C ARG F 224 23.57 -17.22 24.76
N MET F 225 24.55 -16.42 24.33
CA MET F 225 25.93 -16.86 24.28
C MET F 225 26.45 -17.27 25.66
N PHE F 226 26.23 -16.40 26.64
CA PHE F 226 26.63 -16.69 28.00
C PHE F 226 25.94 -17.95 28.53
N GLN F 227 24.68 -18.16 28.17
CA GLN F 227 23.98 -19.34 28.63
C GLN F 227 24.69 -20.60 28.15
N ASN F 228 25.12 -20.60 26.88
CA ASN F 228 25.91 -21.72 26.37
C ASN F 228 27.23 -21.84 27.10
N MET F 229 27.86 -20.71 27.37
CA MET F 229 29.14 -20.68 28.06
C MET F 229 29.05 -21.28 29.47
N LEU F 230 27.92 -21.05 30.15
CA LEU F 230 27.77 -21.51 31.51
C LEU F 230 27.00 -22.83 31.66
N SER F 231 26.77 -23.52 30.56
CA SER F 231 25.89 -24.69 30.58
C SER F 231 26.47 -25.97 31.17
N SER F 232 27.78 -26.06 31.34
CA SER F 232 28.38 -27.32 31.82
C SER F 232 27.72 -27.82 33.10
N PRO F 233 27.51 -29.14 33.17
CA PRO F 233 27.07 -29.78 34.42
C PRO F 233 28.01 -29.48 35.58
N ASN F 234 29.28 -29.14 35.32
CA ASN F 234 30.20 -28.81 36.41
C ASN F 234 30.06 -27.38 36.88
N ILE F 235 29.14 -26.61 36.29
CA ILE F 235 28.97 -25.21 36.66
C ILE F 235 27.62 -24.96 37.34
N LYS F 236 27.68 -24.40 38.55
CA LYS F 236 26.47 -24.03 39.29
C LYS F 236 26.39 -22.50 39.32
N VAL F 237 25.21 -21.97 39.07
CA VAL F 237 25.02 -20.52 39.01
C VAL F 237 24.18 -19.97 40.15
N MET F 238 24.70 -18.99 40.84
CA MET F 238 24.00 -18.39 41.95
C MET F 238 23.81 -16.91 41.69
N LEU F 239 22.56 -16.48 41.52
CA LEU F 239 22.26 -15.10 41.18
C LEU F 239 21.73 -14.32 42.37
N ASN F 240 21.71 -12.99 42.24
CA ASN F 240 21.22 -12.13 43.29
C ASN F 240 22.02 -12.31 44.58
N THR F 241 23.32 -12.60 44.45
CA THR F 241 24.11 -13.05 45.59
C THR F 241 25.49 -12.42 45.68
N ASP F 242 25.73 -11.73 46.78
CA ASP F 242 27.05 -11.19 47.04
C ASP F 242 27.94 -12.31 47.61
N TYR F 243 29.15 -12.45 47.10
CA TYR F 243 30.01 -13.57 47.50
C TYR F 243 30.22 -13.56 49.01
N ARG F 244 30.14 -12.38 49.61
CA ARG F 244 30.32 -12.26 51.06
C ARG F 244 29.20 -12.96 51.82
N GLU F 245 28.01 -13.02 51.23
CA GLU F 245 26.86 -13.63 51.88
C GLU F 245 26.96 -15.15 51.96
N ILE F 246 27.91 -15.74 51.23
CA ILE F 246 28.08 -17.19 51.24
C ILE F 246 29.50 -17.66 51.51
N ALA F 247 30.48 -16.77 51.39
CA ALA F 247 31.89 -17.15 51.49
C ALA F 247 32.26 -17.73 52.86
N ASP F 248 31.43 -17.48 53.86
CA ASP F 248 31.70 -17.95 55.21
C ASP F 248 31.34 -19.42 55.41
N PHE F 249 30.34 -19.92 54.67
CA PHE F 249 29.88 -21.27 54.92
C PHE F 249 29.84 -22.24 53.74
N ILE F 250 30.02 -21.74 52.51
CA ILE F 250 30.14 -22.65 51.38
C ILE F 250 31.61 -22.93 51.09
N PRO F 251 32.00 -24.23 51.10
CA PRO F 251 33.41 -24.60 51.00
C PRO F 251 33.94 -24.42 49.59
N PHE F 252 35.10 -23.80 49.46
CA PHE F 252 35.75 -23.70 48.15
C PHE F 252 37.27 -23.64 48.30
N GLN F 253 37.98 -24.18 47.32
CA GLN F 253 39.44 -24.27 47.36
C GLN F 253 40.14 -23.03 46.81
N HIS F 254 39.63 -22.47 45.73
CA HIS F 254 40.25 -21.29 45.16
C HIS F 254 39.19 -20.29 44.73
N MET F 255 39.50 -19.01 44.85
CA MET F 255 38.56 -17.97 44.40
C MET F 255 39.06 -17.21 43.18
N ILE F 256 38.13 -16.94 42.27
CA ILE F 256 38.38 -16.05 41.16
C ILE F 256 37.44 -14.86 41.34
N TYR F 257 38.03 -13.68 41.47
CA TYR F 257 37.23 -12.50 41.78
C TYR F 257 37.31 -11.48 40.66
N THR F 258 36.16 -11.04 40.19
CA THR F 258 36.11 -10.13 39.05
C THR F 258 35.38 -8.81 39.35
N GLY F 259 35.10 -8.54 40.62
CA GLY F 259 34.59 -7.24 41.04
C GLY F 259 35.68 -6.18 41.14
N PRO F 260 35.31 -4.96 41.59
CA PRO F 260 36.31 -3.89 41.75
C PRO F 260 37.31 -4.23 42.85
N VAL F 261 38.58 -3.90 42.66
CA VAL F 261 39.63 -4.33 43.59
C VAL F 261 39.53 -3.67 44.95
N ASP F 262 39.16 -2.40 44.98
CA ASP F 262 39.12 -1.67 46.25
C ASP F 262 38.13 -2.29 47.22
N ALA F 263 36.97 -2.67 46.71
CA ALA F 263 35.93 -3.21 47.58
C ALA F 263 36.36 -4.53 48.20
N PHE F 264 37.04 -5.36 47.42
CA PHE F 264 37.49 -6.65 47.94
C PHE F 264 38.35 -6.47 49.20
N PHE F 265 39.15 -5.40 49.23
CA PHE F 265 39.99 -5.16 50.40
C PHE F 265 39.42 -4.07 51.32
N ASP F 266 38.10 -3.89 51.27
CA ASP F 266 37.39 -2.96 52.15
C ASP F 266 37.86 -1.52 52.07
N PHE F 267 38.30 -1.09 50.90
CA PHE F 267 38.69 0.30 50.68
C PHE F 267 39.74 0.72 51.71
N CYS F 268 40.57 -0.24 52.12
CA CYS F 268 41.57 -0.02 53.15
C CYS F 268 42.55 1.10 52.80
N TYR F 269 42.70 1.38 51.52
CA TYR F 269 43.57 2.46 51.06
C TYR F 269 42.79 3.64 50.53
N GLY F 270 41.50 3.67 50.82
CA GLY F 270 40.63 4.69 50.23
C GLY F 270 40.06 4.26 48.87
N LYS F 271 39.08 5.02 48.39
CA LYS F 271 38.35 4.69 47.19
C LYS F 271 39.19 4.79 45.90
N LEU F 272 39.31 3.68 45.18
CA LEU F 272 39.82 3.72 43.81
C LEU F 272 38.76 4.37 42.89
N PRO F 273 39.12 5.46 42.20
CA PRO F 273 38.14 6.08 41.30
C PRO F 273 37.65 5.13 40.20
N TYR F 274 36.35 4.88 40.17
CA TYR F 274 35.72 4.23 39.00
C TYR F 274 34.64 5.16 38.53
N ARG F 275 34.56 5.35 37.22
CA ARG F 275 33.50 6.18 36.65
C ARG F 275 32.26 5.33 36.39
N SER F 276 31.09 5.91 36.63
CA SER F 276 29.81 5.20 36.51
C SER F 276 28.93 5.84 35.44
N LEU F 277 27.70 5.38 35.29
CA LEU F 277 26.79 5.85 34.24
C LEU F 277 25.34 5.68 34.67
N GLU F 278 24.47 6.59 34.25
CA GLU F 278 23.04 6.39 34.36
C GLU F 278 22.48 6.22 32.95
N PHE F 279 21.64 5.22 32.75
CA PHE F 279 21.06 4.98 31.44
C PHE F 279 19.59 5.34 31.41
N ARG F 280 19.16 6.07 30.39
CA ARG F 280 17.74 6.31 30.19
CA ARG F 280 17.74 6.32 30.18
C ARG F 280 17.28 5.70 28.86
N HIS F 281 16.42 4.69 28.96
CA HIS F 281 15.93 3.96 27.80
C HIS F 281 14.60 4.52 27.34
N GLU F 282 14.38 4.48 26.03
CA GLU F 282 13.15 4.99 25.44
C GLU F 282 12.76 4.17 24.24
N THR F 283 11.46 3.96 24.09
CA THR F 283 10.94 3.25 22.94
C THR F 283 10.08 4.22 22.17
N HIS F 284 10.29 4.28 20.86
CA HIS F 284 9.58 5.21 20.01
C HIS F 284 8.74 4.50 18.97
N ASP F 285 7.59 5.08 18.64
CA ASP F 285 6.66 4.46 17.71
C ASP F 285 7.11 4.76 16.29
N THR F 286 8.29 4.23 15.93
CA THR F 286 8.80 4.38 14.58
C THR F 286 9.90 3.34 14.34
N GLU F 287 10.20 3.06 13.09
CA GLU F 287 11.14 2.00 12.78
C GLU F 287 12.59 2.37 13.05
N GLN F 288 12.94 3.60 12.68
CA GLN F 288 14.31 4.08 12.87
C GLN F 288 14.35 5.52 13.35
N LEU F 289 15.14 5.76 14.39
CA LEU F 289 15.30 7.09 14.94
C LEU F 289 16.60 7.75 14.48
N LEU F 290 17.67 6.96 14.43
CA LEU F 290 19.01 7.48 14.17
C LEU F 290 19.48 7.00 12.82
N PRO F 291 20.37 7.77 12.18
CA PRO F 291 20.91 7.37 10.89
C PRO F 291 22.02 6.34 11.03
N THR F 292 22.43 6.08 12.27
CA THR F 292 23.55 5.19 12.50
C THR F 292 23.46 4.63 13.91
N GLY F 293 24.24 3.61 14.24
CA GLY F 293 24.12 2.95 15.53
C GLY F 293 24.21 3.86 16.75
N THR F 294 25.15 4.80 16.70
CA THR F 294 25.37 5.69 17.82
C THR F 294 25.63 7.10 17.34
N VAL F 295 25.08 8.07 18.06
CA VAL F 295 25.38 9.47 17.81
C VAL F 295 26.06 10.09 19.02
N ASN F 296 27.27 10.64 18.85
CA ASN F 296 27.98 11.28 19.95
C ASN F 296 27.69 12.78 20.07
N TYR F 297 27.67 13.27 21.30
CA TYR F 297 27.40 14.69 21.58
C TYR F 297 28.51 15.37 22.37
N PRO F 298 29.59 15.73 21.67
CA PRO F 298 30.75 16.35 22.31
C PRO F 298 30.42 17.68 23.01
N ASN F 299 29.55 18.47 22.41
CA ASN F 299 29.39 19.87 22.78
C ASN F 299 27.97 20.31 23.13
N ASP F 300 27.07 19.35 23.31
CA ASP F 300 25.67 19.67 23.58
C ASP F 300 25.09 18.66 24.56
N TYR F 301 24.07 19.08 25.31
CA TYR F 301 23.28 18.15 26.11
C TYR F 301 24.02 17.62 27.33
N ALA F 302 23.25 17.09 28.28
CA ALA F 302 23.85 16.49 29.47
C ALA F 302 24.34 15.07 29.21
N TYR F 303 23.84 14.45 28.13
CA TYR F 303 24.27 13.09 27.81
C TYR F 303 25.42 13.08 26.81
N THR F 304 26.21 12.02 26.86
CA THR F 304 27.34 11.86 25.96
C THR F 304 26.93 11.30 24.60
N ARG F 305 25.95 10.41 24.56
CA ARG F 305 25.56 9.77 23.30
C ARG F 305 24.20 9.06 23.34
N VAL F 306 23.65 8.78 22.16
CA VAL F 306 22.43 7.99 22.03
C VAL F 306 22.74 6.82 21.15
N SER F 307 22.23 5.65 21.51
CA SER F 307 22.36 4.50 20.64
C SER F 307 21.01 3.85 20.33
N GLU F 308 20.90 3.30 19.13
CA GLU F 308 19.67 2.64 18.69
C GLU F 308 19.96 1.17 18.40
N PHE F 309 19.44 0.30 19.26
CA PHE F 309 19.83 -1.12 19.26
C PHE F 309 19.58 -1.91 17.97
N LYS F 310 18.46 -1.64 17.29
CA LYS F 310 18.15 -2.33 16.05
C LYS F 310 19.27 -2.17 15.00
N HIS F 311 19.97 -1.05 15.01
CA HIS F 311 21.13 -0.88 14.13
C HIS F 311 22.17 -1.94 14.47
N ILE F 312 22.36 -2.14 15.77
CA ILE F 312 23.39 -3.04 16.27
C ILE F 312 23.01 -4.52 16.16
N THR F 313 21.80 -4.87 16.56
CA THR F 313 21.37 -6.28 16.60
C THR F 313 20.89 -6.79 15.24
N GLY F 314 20.45 -5.88 14.38
CA GLY F 314 19.88 -6.24 13.11
C GLY F 314 18.41 -6.65 13.22
N GLN F 315 17.83 -6.53 14.41
CA GLN F 315 16.45 -6.95 14.63
C GLN F 315 15.42 -6.12 13.86
N ARG F 316 14.47 -6.82 13.24
CA ARG F 316 13.35 -6.16 12.59
C ARG F 316 12.21 -5.98 13.60
N HIS F 317 11.56 -4.81 13.57
CA HIS F 317 10.52 -4.49 14.54
C HIS F 317 9.86 -3.19 14.08
N HIS F 318 8.60 -2.97 14.46
CA HIS F 318 7.88 -1.80 13.99
C HIS F 318 8.08 -0.61 14.91
N GLN F 319 8.60 -0.87 16.11
CA GLN F 319 9.08 0.21 16.97
C GLN F 319 10.60 0.17 17.09
N THR F 320 11.17 1.06 17.89
CA THR F 320 12.61 1.06 18.12
C THR F 320 12.94 1.52 19.52
N SER F 321 14.00 0.97 20.09
CA SER F 321 14.44 1.39 21.40
C SER F 321 15.85 1.97 21.35
N VAL F 322 16.08 2.99 22.17
CA VAL F 322 17.33 3.73 22.16
C VAL F 322 17.72 3.98 23.61
N VAL F 323 18.96 4.39 23.83
CA VAL F 323 19.39 4.66 25.18
C VAL F 323 20.27 5.91 25.19
N TYR F 324 20.07 6.74 26.21
CA TYR F 324 20.89 7.94 26.43
C TYR F 324 21.78 7.71 27.64
N GLU F 325 23.06 8.04 27.50
CA GLU F 325 24.02 7.85 28.58
C GLU F 325 24.39 9.14 29.29
N TYR F 326 24.25 9.12 30.61
CA TYR F 326 24.60 10.26 31.44
C TYR F 326 25.72 9.85 32.39
N PRO F 327 26.92 10.39 32.19
CA PRO F 327 28.06 10.08 33.07
C PRO F 327 27.72 10.42 34.52
N ARG F 328 28.23 9.62 35.45
CA ARG F 328 27.96 9.83 36.87
C ARG F 328 29.22 9.55 37.69
N ALA F 329 29.40 10.30 38.78
CA ALA F 329 30.51 10.04 39.67
C ALA F 329 30.18 8.88 40.61
N GLU F 330 28.88 8.72 40.88
CA GLU F 330 28.40 7.67 41.80
C GLU F 330 27.62 6.60 41.08
N GLY F 331 27.68 5.39 41.61
CA GLY F 331 26.93 4.27 41.07
C GLY F 331 27.80 3.04 40.84
N ASP F 332 27.28 2.09 40.08
CA ASP F 332 28.07 0.90 39.79
C ASP F 332 29.32 1.28 39.00
N PRO F 333 30.45 0.62 39.30
CA PRO F 333 31.68 0.94 38.58
C PRO F 333 31.66 0.41 37.14
N TYR F 334 31.99 1.27 36.18
CA TYR F 334 32.03 0.87 34.77
C TYR F 334 33.37 1.15 34.10
N TYR F 335 34.04 2.22 34.53
CA TYR F 335 35.32 2.58 33.94
C TYR F 335 36.41 2.82 35.00
N PRO F 336 37.56 2.16 34.83
CA PRO F 336 38.76 2.61 35.56
C PRO F 336 39.03 4.03 35.08
N VAL F 337 39.65 4.86 35.90
CA VAL F 337 40.01 6.22 35.50
C VAL F 337 41.54 6.32 35.33
N PRO F 338 42.02 6.09 34.10
CA PRO F 338 43.46 6.00 33.82
C PRO F 338 44.22 7.33 33.95
N ARG F 339 44.98 7.46 35.04
CA ARG F 339 45.84 8.62 35.26
C ARG F 339 46.89 8.31 36.34
N PRO F 340 48.04 9.01 36.31
CA PRO F 340 49.18 8.65 37.19
C PRO F 340 48.79 8.40 38.65
N GLU F 341 48.03 9.30 39.25
CA GLU F 341 47.65 9.13 40.65
C GLU F 341 46.78 7.89 40.90
N ASN F 342 45.85 7.63 39.98
CA ASN F 342 45.03 6.43 40.10
C ASN F 342 45.86 5.17 39.90
N ALA F 343 46.77 5.21 38.92
CA ALA F 343 47.64 4.06 38.63
C ALA F 343 48.54 3.68 39.81
N GLU F 344 49.01 4.70 40.54
CA GLU F 344 49.77 4.46 41.76
C GLU F 344 48.88 3.91 42.88
N LEU F 345 47.68 4.49 43.05
CA LEU F 345 46.76 3.96 44.06
C LEU F 345 46.42 2.50 43.77
N TYR F 346 46.16 2.18 42.51
CA TYR F 346 45.83 0.80 42.16
C TYR F 346 46.99 -0.17 42.46
N LYS F 347 48.22 0.30 42.26
CA LYS F 347 49.41 -0.53 42.52
C LYS F 347 49.45 -1.03 43.95
N LYS F 348 48.92 -0.22 44.87
CA LYS F 348 48.80 -0.59 46.28
C LYS F 348 47.89 -1.78 46.49
N TYR F 349 46.69 -1.68 45.93
CA TYR F 349 45.71 -2.74 46.01
C TYR F 349 46.21 -3.97 45.27
N GLU F 350 46.93 -3.75 44.18
CA GLU F 350 47.46 -4.84 43.36
C GLU F 350 48.49 -5.66 44.13
N ALA F 351 49.30 -5.01 44.95
CA ALA F 351 50.25 -5.74 45.78
C ALA F 351 49.49 -6.67 46.73
N LEU F 352 48.40 -6.17 47.31
CA LEU F 352 47.54 -6.99 48.14
C LEU F 352 46.92 -8.13 47.34
N ALA F 353 46.47 -7.83 46.13
CA ALA F 353 45.85 -8.84 45.28
C ALA F 353 46.86 -9.95 45.02
N ASP F 354 48.10 -9.54 44.73
CA ASP F 354 49.19 -10.48 44.44
C ASP F 354 49.52 -11.37 45.65
N ALA F 355 49.45 -10.80 46.84
CA ALA F 355 49.76 -11.55 48.06
C ALA F 355 48.60 -12.42 48.51
N ALA F 356 47.40 -12.16 48.00
CA ALA F 356 46.19 -12.85 48.45
C ALA F 356 46.24 -14.34 48.19
N GLN F 357 46.01 -15.10 49.24
CA GLN F 357 46.11 -16.55 49.17
C GLN F 357 44.90 -17.14 48.48
N ASP F 358 45.14 -17.93 47.45
CA ASP F 358 44.08 -18.68 46.81
C ASP F 358 43.04 -17.75 46.16
N VAL F 359 43.43 -16.54 45.83
CA VAL F 359 42.54 -15.60 45.14
C VAL F 359 43.17 -15.03 43.87
N THR F 360 42.49 -15.25 42.75
CA THR F 360 42.96 -14.75 41.47
C THR F 360 42.08 -13.57 41.02
N PHE F 361 42.73 -12.46 40.69
CA PHE F 361 42.01 -11.28 40.24
C PHE F 361 42.01 -11.20 38.71
N VAL F 362 40.84 -11.05 38.11
CA VAL F 362 40.78 -10.97 36.64
C VAL F 362 39.57 -10.18 36.12
N GLY F 363 39.79 -9.43 35.03
CA GLY F 363 38.73 -8.63 34.41
C GLY F 363 38.94 -7.12 34.48
N ARG F 364 38.02 -6.37 33.88
CA ARG F 364 38.13 -4.91 33.81
C ARG F 364 38.18 -4.26 35.19
N LEU F 365 37.31 -4.71 36.07
CA LEU F 365 37.20 -4.07 37.37
C LEU F 365 38.27 -4.56 38.32
N ALA F 366 38.56 -5.86 38.26
CA ALA F 366 39.47 -6.48 39.20
C ALA F 366 40.94 -6.12 38.96
N THR F 367 41.31 -5.83 37.71
CA THR F 367 42.68 -5.46 37.38
C THR F 367 42.82 -4.01 36.96
N TYR F 368 41.74 -3.24 37.09
CA TYR F 368 41.74 -1.80 36.81
C TYR F 368 42.27 -1.51 35.39
N ARG F 369 41.64 -2.14 34.39
CA ARG F 369 42.06 -2.01 33.01
C ARG F 369 40.89 -1.67 32.09
N TYR F 370 41.04 -0.58 31.36
CA TYR F 370 40.00 -0.12 30.44
C TYR F 370 40.01 -1.08 29.23
N TYR F 371 39.41 -2.25 29.43
CA TYR F 371 39.50 -3.35 28.47
C TYR F 371 38.19 -3.54 27.69
N ASN F 372 38.31 -3.81 26.38
CA ASN F 372 37.17 -4.23 25.58
C ASN F 372 36.82 -5.70 25.86
N MET F 373 35.63 -6.12 25.45
CA MET F 373 35.19 -7.48 25.68
C MET F 373 36.22 -8.53 25.26
N ASP F 374 36.81 -8.34 24.08
CA ASP F 374 37.73 -9.36 23.55
C ASP F 374 39.01 -9.40 24.35
N GLN F 375 39.43 -8.23 24.84
CA GLN F 375 40.60 -8.15 25.70
C GLN F 375 40.39 -8.87 27.03
N VAL F 376 39.20 -8.74 27.60
CA VAL F 376 38.89 -9.44 28.83
C VAL F 376 38.88 -10.94 28.58
N VAL F 377 38.34 -11.36 27.45
CA VAL F 377 38.32 -12.77 27.12
C VAL F 377 39.76 -13.31 27.05
N ALA F 378 40.63 -12.59 26.35
CA ALA F 378 42.02 -13.04 26.24
C ALA F 378 42.67 -13.14 27.62
N GLN F 379 42.47 -12.12 28.45
CA GLN F 379 43.00 -12.11 29.81
C GLN F 379 42.50 -13.30 30.61
N ALA F 380 41.21 -13.62 30.50
CA ALA F 380 40.67 -14.79 31.19
C ALA F 380 41.33 -16.10 30.69
N LEU F 381 41.49 -16.23 29.37
CA LEU F 381 42.12 -17.42 28.81
C LEU F 381 43.57 -17.59 29.28
N ALA F 382 44.33 -16.49 29.30
CA ALA F 382 45.71 -16.56 29.74
C ALA F 382 45.79 -16.91 31.23
N THR F 383 44.89 -16.32 32.02
CA THR F 383 44.77 -16.63 33.44
C THR F 383 44.46 -18.11 33.67
N PHE F 384 43.60 -18.67 32.82
CA PHE F 384 43.26 -20.09 32.93
C PHE F 384 44.50 -20.96 32.72
N ARG F 385 45.36 -20.55 31.80
CA ARG F 385 46.53 -21.34 31.46
C ARG F 385 47.57 -21.27 32.57
N ARG F 386 47.65 -20.12 33.23
CA ARG F 386 48.51 -19.99 34.40
C ARG F 386 47.98 -20.87 35.52
N LEU F 387 46.68 -20.88 35.73
CA LEU F 387 46.09 -21.73 36.77
C LEU F 387 46.43 -23.19 36.51
N GLN F 388 46.42 -23.59 35.24
CA GLN F 388 46.63 -24.98 34.88
C GLN F 388 48.10 -25.40 35.04
N GLY F 389 48.99 -24.42 34.96
CA GLY F 389 50.41 -24.67 35.10
C GLY F 389 50.85 -24.90 36.55
N GLN F 390 50.05 -24.43 37.50
CA GLN F 390 50.32 -24.74 38.91
C GLN F 390 49.95 -26.20 39.22
N SER G 27 -41.06 44.54 -33.42
CA SER G 27 -41.00 45.46 -32.29
C SER G 27 -39.56 45.48 -31.80
N LYS G 28 -39.28 46.23 -30.75
CA LYS G 28 -37.93 46.14 -30.23
C LYS G 28 -37.92 45.47 -28.87
N GLY G 29 -36.74 45.07 -28.45
CA GLY G 29 -36.64 44.32 -27.23
C GLY G 29 -36.78 42.85 -27.48
N PHE G 30 -37.61 42.21 -26.68
CA PHE G 30 -37.76 40.77 -26.68
C PHE G 30 -39.16 40.31 -26.94
N ASP G 31 -39.30 39.16 -27.57
CA ASP G 31 -40.59 38.48 -27.70
C ASP G 31 -41.05 37.94 -26.35
N TYR G 32 -40.12 37.36 -25.58
CA TYR G 32 -40.47 36.82 -24.26
C TYR G 32 -39.53 37.28 -23.17
N LEU G 33 -40.11 37.64 -22.04
CA LEU G 33 -39.36 37.79 -20.81
C LEU G 33 -39.72 36.59 -19.95
N ILE G 34 -38.70 35.81 -19.57
CA ILE G 34 -38.92 34.60 -18.79
C ILE G 34 -38.39 34.81 -17.38
N VAL G 35 -39.26 34.65 -16.39
CA VAL G 35 -38.89 34.90 -15.01
C VAL G 35 -38.55 33.59 -14.31
N GLY G 36 -37.29 33.48 -13.91
CA GLY G 36 -36.77 32.28 -13.26
C GLY G 36 -36.08 31.36 -14.23
N ALA G 37 -34.86 30.95 -13.91
CA ALA G 37 -34.09 30.09 -14.82
C ALA G 37 -34.01 28.62 -14.38
N GLY G 38 -35.04 28.17 -13.68
CA GLY G 38 -35.10 26.77 -13.28
C GLY G 38 -35.51 25.90 -14.46
N PHE G 39 -35.95 24.67 -14.17
CA PHE G 39 -36.40 23.79 -15.24
C PHE G 39 -37.53 24.44 -16.03
N ALA G 40 -38.47 25.09 -15.33
CA ALA G 40 -39.64 25.64 -16.00
C ALA G 40 -39.28 26.72 -17.01
N GLY G 41 -38.46 27.68 -16.59
CA GLY G 41 -38.08 28.79 -17.45
C GLY G 41 -37.11 28.41 -18.56
N SER G 42 -36.16 27.55 -18.22
CA SER G 42 -35.12 27.17 -19.16
C SER G 42 -35.63 26.31 -20.31
N VAL G 43 -36.55 25.40 -20.02
CA VAL G 43 -37.10 24.55 -21.08
C VAL G 43 -37.79 25.50 -22.07
N LEU G 44 -38.65 26.36 -21.55
CA LEU G 44 -39.37 27.30 -22.40
C LEU G 44 -38.43 28.25 -23.16
N ALA G 45 -37.36 28.69 -22.52
CA ALA G 45 -36.38 29.52 -23.21
C ALA G 45 -35.79 28.80 -24.40
N GLU G 46 -35.43 27.54 -24.20
CA GLU G 46 -34.80 26.74 -25.25
C GLU G 46 -35.75 26.52 -26.42
N ARG G 47 -37.00 26.19 -26.11
CA ARG G 47 -37.96 25.89 -27.15
C ARG G 47 -38.32 27.14 -27.95
N LEU G 48 -38.75 28.19 -27.26
CA LEU G 48 -39.03 29.47 -27.93
C LEU G 48 -37.83 29.92 -28.77
N ALA G 49 -36.66 30.00 -28.15
CA ALA G 49 -35.47 30.48 -28.86
C ALA G 49 -35.18 29.66 -30.11
N SER G 50 -35.44 28.36 -30.07
CA SER G 50 -35.15 27.51 -31.20
C SER G 50 -36.18 27.68 -32.33
N SER G 51 -37.29 28.35 -32.01
CA SER G 51 -38.26 28.66 -33.06
C SER G 51 -38.19 30.14 -33.44
N GLY G 52 -37.02 30.74 -33.24
CA GLY G 52 -36.76 32.08 -33.74
C GLY G 52 -37.19 33.22 -32.84
N GLN G 53 -37.71 32.90 -31.67
CA GLN G 53 -38.09 33.93 -30.71
C GLN G 53 -36.89 34.54 -30.00
N ARG G 54 -37.00 35.81 -29.65
CA ARG G 54 -35.97 36.52 -28.92
C ARG G 54 -36.31 36.49 -27.44
N VAL G 55 -35.45 35.83 -26.66
CA VAL G 55 -35.75 35.54 -25.27
C VAL G 55 -34.81 36.26 -24.31
N LEU G 56 -35.37 36.88 -23.28
CA LEU G 56 -34.59 37.38 -22.16
C LEU G 56 -35.00 36.58 -20.94
N ILE G 57 -34.08 35.79 -20.40
CA ILE G 57 -34.40 35.01 -19.20
C ILE G 57 -33.69 35.60 -17.98
N VAL G 58 -34.44 35.76 -16.90
CA VAL G 58 -33.96 36.47 -15.75
C VAL G 58 -34.12 35.59 -14.49
N ASP G 59 -33.26 35.79 -13.49
CA ASP G 59 -33.42 35.13 -12.20
C ASP G 59 -32.87 36.06 -11.12
N ARG G 60 -33.50 36.07 -9.96
CA ARG G 60 -33.00 36.88 -8.85
C ARG G 60 -31.73 36.29 -8.25
N ARG G 61 -31.57 34.98 -8.42
CA ARG G 61 -30.36 34.28 -8.00
C ARG G 61 -29.18 34.63 -8.90
N PRO G 62 -27.95 34.43 -8.41
CA PRO G 62 -26.74 34.72 -9.20
C PRO G 62 -26.33 33.56 -10.12
N HIS G 63 -27.23 32.58 -10.31
CA HIS G 63 -26.93 31.41 -11.15
C HIS G 63 -28.21 30.88 -11.81
N ILE G 64 -28.04 30.12 -12.88
CA ILE G 64 -29.15 29.45 -13.55
C ILE G 64 -29.48 28.12 -12.87
N GLY G 65 -30.48 27.41 -13.38
CA GLY G 65 -30.81 26.07 -12.88
C GLY G 65 -31.84 26.03 -11.75
N GLY G 66 -32.14 27.17 -11.15
CA GLY G 66 -33.11 27.18 -10.07
C GLY G 66 -32.70 26.28 -8.92
N ASN G 67 -33.66 25.50 -8.43
CA ASN G 67 -33.42 24.58 -7.31
C ASN G 67 -32.44 23.49 -7.66
N ALA G 68 -32.29 23.21 -8.95
CA ALA G 68 -31.52 22.06 -9.36
C ALA G 68 -30.06 22.42 -9.66
N TYR G 69 -29.71 23.68 -9.45
CA TYR G 69 -28.33 24.13 -9.65
C TYR G 69 -27.35 23.28 -8.86
N ASP G 70 -26.26 22.88 -9.50
CA ASP G 70 -25.15 22.26 -8.79
C ASP G 70 -23.82 22.97 -9.02
N CYS G 71 -22.87 22.73 -8.13
CA CYS G 71 -21.58 23.40 -8.18
C CYS G 71 -20.55 22.60 -7.41
N TYR G 72 -19.31 23.06 -7.47
CA TYR G 72 -18.21 22.41 -6.76
C TYR G 72 -17.93 23.20 -5.49
N ASP G 73 -17.92 22.50 -4.36
CA ASP G 73 -17.71 23.15 -3.07
C ASP G 73 -16.22 23.43 -2.80
N ASP G 74 -15.90 23.88 -1.59
CA ASP G 74 -14.54 24.30 -1.28
C ASP G 74 -13.56 23.14 -1.32
N ALA G 75 -14.05 21.93 -1.09
CA ALA G 75 -13.19 20.76 -1.16
C ALA G 75 -13.04 20.22 -2.60
N GLY G 76 -13.82 20.76 -3.52
CA GLY G 76 -13.83 20.27 -4.89
C GLY G 76 -14.80 19.11 -5.10
N VAL G 77 -15.81 19.02 -4.25
CA VAL G 77 -16.83 17.99 -4.39
C VAL G 77 -18.09 18.56 -5.07
N LEU G 78 -18.60 17.85 -6.06
CA LEU G 78 -19.83 18.26 -6.74
C LEU G 78 -21.04 18.07 -5.86
N ILE G 79 -21.71 19.17 -5.52
CA ILE G 79 -22.84 19.14 -4.59
C ILE G 79 -24.05 19.88 -5.13
N HIS G 80 -25.21 19.61 -4.52
CA HIS G 80 -26.41 20.40 -4.78
C HIS G 80 -26.67 21.34 -3.61
N PRO G 81 -26.50 22.65 -3.82
CA PRO G 81 -26.67 23.54 -2.67
C PRO G 81 -28.09 23.56 -2.10
N TYR G 82 -29.09 23.19 -2.89
CA TYR G 82 -30.47 23.25 -2.43
C TYR G 82 -31.08 21.88 -2.15
N GLY G 83 -30.26 20.94 -1.70
CA GLY G 83 -30.77 19.62 -1.39
C GLY G 83 -30.52 18.67 -2.54
N PRO G 84 -30.60 17.37 -2.28
CA PRO G 84 -30.33 16.29 -3.23
C PRO G 84 -31.40 16.22 -4.31
N HIS G 85 -31.02 16.47 -5.56
CA HIS G 85 -31.95 16.31 -6.69
C HIS G 85 -31.58 15.07 -7.49
N ILE G 86 -32.45 14.07 -7.47
CA ILE G 86 -32.24 12.82 -8.20
C ILE G 86 -33.21 12.77 -9.37
N PHE G 87 -32.67 12.72 -10.59
CA PHE G 87 -33.53 12.68 -11.77
C PHE G 87 -34.11 11.29 -12.04
N HIS G 88 -35.39 11.27 -12.39
CA HIS G 88 -36.11 10.02 -12.63
C HIS G 88 -37.36 10.33 -13.43
N THR G 89 -37.66 9.48 -14.41
CA THR G 89 -38.90 9.68 -15.14
C THR G 89 -39.40 8.40 -15.77
N ASN G 90 -40.70 8.39 -16.02
CA ASN G 90 -41.32 7.35 -16.82
C ASN G 90 -41.53 7.81 -18.25
N SER G 91 -41.33 9.10 -18.52
CA SER G 91 -41.58 9.64 -19.85
C SER G 91 -40.37 9.57 -20.76
N LYS G 92 -40.49 8.73 -21.79
CA LYS G 92 -39.48 8.62 -22.83
C LYS G 92 -39.23 10.00 -23.45
N ASP G 93 -40.31 10.74 -23.69
CA ASP G 93 -40.22 12.04 -24.32
C ASP G 93 -39.38 13.02 -23.52
N VAL G 94 -39.69 13.15 -22.23
CA VAL G 94 -38.93 14.05 -21.38
C VAL G 94 -37.46 13.63 -21.35
N PHE G 95 -37.22 12.32 -21.26
CA PHE G 95 -35.86 11.84 -21.18
C PHE G 95 -35.05 12.07 -22.45
N GLU G 96 -35.70 11.94 -23.60
CA GLU G 96 -35.01 12.15 -24.87
C GLU G 96 -34.81 13.64 -25.13
N TYR G 97 -35.70 14.45 -24.57
CA TYR G 97 -35.52 15.88 -24.66
C TYR G 97 -34.28 16.34 -23.89
N LEU G 98 -34.17 15.90 -22.64
CA LEU G 98 -33.05 16.31 -21.80
C LEU G 98 -31.72 15.77 -22.34
N SER G 99 -31.77 14.59 -22.97
CA SER G 99 -30.60 13.98 -23.56
C SER G 99 -29.98 14.82 -24.68
N ARG G 100 -30.70 15.83 -25.15
CA ARG G 100 -30.15 16.70 -26.16
C ARG G 100 -29.08 17.60 -25.54
N PHE G 101 -29.10 17.68 -24.22
CA PHE G 101 -28.29 18.65 -23.51
C PHE G 101 -27.31 18.05 -22.50
N THR G 102 -27.37 16.73 -22.33
CA THR G 102 -26.46 16.07 -21.41
C THR G 102 -26.35 14.57 -21.68
N GLU G 103 -25.20 13.99 -21.34
CA GLU G 103 -25.08 12.54 -21.22
C GLU G 103 -25.45 12.12 -19.82
N TRP G 104 -25.47 10.81 -19.59
CA TRP G 104 -26.04 10.28 -18.35
C TRP G 104 -25.15 9.29 -17.60
N ARG G 105 -25.09 9.46 -16.29
CA ARG G 105 -24.59 8.41 -15.40
C ARG G 105 -25.82 7.66 -14.87
N PRO G 106 -25.95 6.38 -15.22
CA PRO G 106 -27.10 5.63 -14.70
C PRO G 106 -27.05 5.55 -13.17
N TYR G 107 -28.19 5.65 -12.52
CA TYR G 107 -28.24 5.71 -11.07
C TYR G 107 -29.65 5.54 -10.56
N GLN G 108 -29.82 4.54 -9.72
CA GLN G 108 -31.10 4.31 -9.05
C GLN G 108 -30.93 4.57 -7.55
N HIS G 109 -31.51 5.66 -7.09
CA HIS G 109 -31.38 6.13 -5.72
C HIS G 109 -31.93 5.10 -4.72
N ARG G 110 -31.20 4.89 -3.63
CA ARG G 110 -31.71 4.05 -2.55
C ARG G 110 -31.70 4.79 -1.21
N VAL G 111 -32.82 4.75 -0.50
CA VAL G 111 -32.93 5.45 0.77
C VAL G 111 -33.12 4.47 1.93
N LEU G 112 -32.42 4.70 3.03
CA LEU G 112 -32.70 3.96 4.25
C LEU G 112 -33.32 4.86 5.31
N ALA G 113 -34.22 4.31 6.11
CA ALA G 113 -34.81 5.05 7.22
C ALA G 113 -34.30 4.50 8.54
N SER G 114 -33.84 5.38 9.41
CA SER G 114 -33.40 5.01 10.75
C SER G 114 -34.62 4.82 11.64
N VAL G 115 -34.92 3.58 12.00
CA VAL G 115 -36.02 3.24 12.89
C VAL G 115 -35.55 2.15 13.86
N ASP G 116 -35.81 2.33 15.16
CA ASP G 116 -35.42 1.35 16.15
C ASP G 116 -33.92 0.95 16.04
N GLY G 117 -33.04 1.90 15.79
CA GLY G 117 -31.62 1.60 15.79
C GLY G 117 -31.18 0.72 14.64
N GLN G 118 -32.01 0.65 13.60
CA GLN G 118 -31.65 -0.07 12.37
C GLN G 118 -31.85 0.83 11.16
N LEU G 119 -31.18 0.49 10.06
CA LEU G 119 -31.41 1.17 8.78
C LEU G 119 -32.21 0.24 7.87
N LEU G 120 -33.50 0.56 7.71
CA LEU G 120 -34.42 -0.26 6.96
C LEU G 120 -34.78 0.42 5.64
N PRO G 121 -35.11 -0.38 4.61
CA PRO G 121 -35.62 0.17 3.34
C PRO G 121 -36.90 1.00 3.51
N ILE G 122 -36.91 2.17 2.87
CA ILE G 122 -38.11 2.99 2.68
C ILE G 122 -38.07 3.34 1.19
N PRO G 123 -39.17 3.11 0.44
CA PRO G 123 -40.50 2.66 0.80
C PRO G 123 -40.49 1.34 1.58
N ILE G 124 -41.50 1.15 2.43
CA ILE G 124 -41.65 -0.09 3.19
C ILE G 124 -41.81 -1.26 2.22
N ASN G 125 -41.00 -2.30 2.41
CA ASN G 125 -41.13 -3.50 1.60
C ASN G 125 -41.01 -4.77 2.43
N LEU G 126 -40.90 -5.91 1.76
CA LEU G 126 -40.87 -7.19 2.43
C LEU G 126 -39.75 -7.21 3.46
N ASP G 127 -38.57 -6.76 3.06
CA ASP G 127 -37.41 -6.80 3.94
C ASP G 127 -37.59 -5.84 5.12
N THR G 128 -38.25 -4.71 4.87
CA THR G 128 -38.49 -3.75 5.93
C THR G 128 -39.27 -4.42 7.06
N VAL G 129 -40.33 -5.11 6.68
CA VAL G 129 -41.19 -5.74 7.66
C VAL G 129 -40.51 -6.90 8.39
N ASN G 130 -39.89 -7.82 7.64
CA ASN G 130 -39.20 -8.95 8.24
C ASN G 130 -38.07 -8.53 9.19
N ARG G 131 -37.33 -7.49 8.84
CA ARG G 131 -36.19 -7.07 9.65
C ARG G 131 -36.64 -6.29 10.87
N LEU G 132 -37.73 -5.55 10.74
CA LEU G 132 -38.23 -4.74 11.84
C LEU G 132 -38.74 -5.61 12.99
N TYR G 133 -39.52 -6.65 12.66
CA TYR G 133 -40.18 -7.49 13.67
C TYR G 133 -39.54 -8.87 13.84
N GLY G 134 -38.47 -9.14 13.11
CA GLY G 134 -37.89 -10.47 13.11
C GLY G 134 -38.80 -11.56 12.55
N LEU G 135 -39.55 -11.22 11.49
CA LEU G 135 -40.41 -12.20 10.81
C LEU G 135 -39.69 -12.83 9.63
N ASN G 136 -40.34 -13.82 9.01
CA ASN G 136 -39.80 -14.43 7.80
C ASN G 136 -40.91 -14.65 6.76
N LEU G 137 -41.71 -13.62 6.54
CA LEU G 137 -42.79 -13.68 5.58
C LEU G 137 -42.27 -13.70 4.16
N THR G 138 -42.98 -14.45 3.32
CA THR G 138 -42.85 -14.41 1.88
C THR G 138 -43.58 -13.18 1.41
N SER G 139 -43.40 -12.81 0.14
CA SER G 139 -44.14 -11.67 -0.40
C SER G 139 -45.63 -11.94 -0.42
N PHE G 140 -46.00 -13.21 -0.59
CA PHE G 140 -47.42 -13.59 -0.61
C PHE G 140 -48.04 -13.38 0.77
N GLN G 141 -47.27 -13.69 1.80
CA GLN G 141 -47.72 -13.54 3.18
C GLN G 141 -47.81 -12.09 3.65
N VAL G 142 -46.80 -11.29 3.33
CA VAL G 142 -46.76 -9.92 3.85
C VAL G 142 -47.99 -9.17 3.36
N GLU G 143 -48.53 -9.61 2.22
CA GLU G 143 -49.74 -9.02 1.66
C GLU G 143 -50.92 -9.21 2.61
N GLU G 144 -51.03 -10.42 3.15
CA GLU G 144 -52.04 -10.71 4.16
C GLU G 144 -51.75 -9.94 5.44
N PHE G 145 -50.49 -9.96 5.87
CA PHE G 145 -50.07 -9.26 7.08
C PHE G 145 -50.50 -7.80 7.03
N PHE G 146 -50.34 -7.16 5.88
CA PHE G 146 -50.77 -5.77 5.74
C PHE G 146 -52.28 -5.65 5.84
N ALA G 147 -53.00 -6.60 5.23
CA ALA G 147 -54.46 -6.56 5.27
C ALA G 147 -54.98 -6.75 6.69
N SER G 148 -54.22 -7.47 7.50
CA SER G 148 -54.62 -7.83 8.86
C SER G 148 -54.39 -6.73 9.89
N VAL G 149 -53.62 -5.71 9.52
CA VAL G 149 -53.35 -4.60 10.43
C VAL G 149 -53.89 -3.29 9.89
N ALA G 150 -54.25 -3.30 8.64
CA ALA G 150 -54.75 -2.10 8.01
C ALA G 150 -56.03 -1.59 8.65
N GLU G 151 -56.16 -0.29 8.73
CA GLU G 151 -57.37 0.31 9.26
C GLU G 151 -58.20 0.75 8.12
N LYS G 152 -59.42 0.31 8.08
CA LYS G 152 -60.23 0.65 6.95
C LYS G 152 -60.82 2.01 7.05
N VAL G 153 -61.04 2.56 5.88
CA VAL G 153 -61.34 3.94 5.74
C VAL G 153 -62.42 4.14 4.75
N GLU G 154 -63.47 4.80 5.20
CA GLU G 154 -64.55 5.26 4.38
C GLU G 154 -64.10 5.78 3.04
N GLN G 155 -63.58 6.99 3.06
CA GLN G 155 -63.03 7.63 1.88
C GLN G 155 -61.59 8.07 2.18
N VAL G 156 -60.62 7.67 1.35
CA VAL G 156 -59.23 8.10 1.55
C VAL G 156 -59.03 9.57 1.20
N ARG G 157 -58.81 10.39 2.22
CA ARG G 157 -58.75 11.83 2.03
C ARG G 157 -57.42 12.47 2.45
N THR G 158 -56.86 12.00 3.56
CA THR G 158 -55.65 12.62 4.09
C THR G 158 -54.41 11.75 3.88
N SER G 159 -53.26 12.29 4.26
CA SER G 159 -52.02 11.53 4.23
C SER G 159 -51.99 10.44 5.29
N GLU G 160 -52.80 10.61 6.34
CA GLU G 160 -52.97 9.55 7.34
C GLU G 160 -53.77 8.38 6.76
N ASP G 161 -54.88 8.70 6.10
CA ASP G 161 -55.75 7.67 5.50
C ASP G 161 -54.97 6.79 4.53
N VAL G 162 -54.22 7.40 3.62
CA VAL G 162 -53.47 6.65 2.61
C VAL G 162 -52.51 5.62 3.20
N VAL G 163 -51.90 5.95 4.33
CA VAL G 163 -50.89 5.07 4.92
C VAL G 163 -51.53 4.03 5.81
N VAL G 164 -52.24 4.52 6.83
CA VAL G 164 -52.96 3.66 7.77
C VAL G 164 -53.81 2.61 7.06
N SER G 165 -54.49 3.00 5.99
CA SER G 165 -55.39 2.09 5.28
C SER G 165 -54.67 0.99 4.50
N LYS G 166 -53.36 1.10 4.36
CA LYS G 166 -52.58 0.06 3.67
C LYS G 166 -51.67 -0.76 4.58
N VAL G 167 -51.01 -0.11 5.54
CA VAL G 167 -50.00 -0.80 6.33
C VAL G 167 -50.24 -0.76 7.84
N GLY G 168 -51.36 -0.17 8.26
CA GLY G 168 -51.69 -0.18 9.68
C GLY G 168 -51.09 0.96 10.45
N ARG G 169 -51.37 1.00 11.74
CA ARG G 169 -51.08 2.17 12.57
C ARG G 169 -49.62 2.20 13.06
N ASP G 170 -49.11 1.02 13.41
CA ASP G 170 -47.76 0.91 13.94
C ASP G 170 -46.68 1.31 12.93
N LEU G 171 -46.83 0.89 11.68
CA LEU G 171 -45.87 1.23 10.64
C LEU G 171 -46.02 2.69 10.23
N TYR G 172 -47.26 3.17 10.22
CA TYR G 172 -47.52 4.59 10.07
C TYR G 172 -46.77 5.38 11.14
N ASN G 173 -46.89 4.95 12.40
CA ASN G 173 -46.20 5.66 13.46
C ASN G 173 -44.68 5.64 13.28
N LYS G 174 -44.14 4.49 12.92
CA LYS G 174 -42.70 4.30 12.86
C LYS G 174 -42.03 4.99 11.68
N PHE G 175 -42.73 5.09 10.56
CA PHE G 175 -42.13 5.58 9.33
C PHE G 175 -42.70 6.90 8.81
N PHE G 176 -43.97 7.17 9.07
CA PHE G 176 -44.62 8.32 8.44
C PHE G 176 -45.02 9.47 9.35
N ARG G 177 -45.58 9.14 10.51
CA ARG G 177 -46.14 10.19 11.35
C ARG G 177 -45.11 11.21 11.81
N GLY G 178 -44.02 10.73 12.41
CA GLY G 178 -42.96 11.60 12.88
C GLY G 178 -42.22 12.33 11.76
N TYR G 179 -42.01 11.66 10.63
CA TYR G 179 -41.33 12.30 9.51
C TYR G 179 -42.19 13.45 9.01
N THR G 180 -43.47 13.16 8.77
CA THR G 180 -44.39 14.13 8.18
C THR G 180 -44.60 15.35 9.09
N ARG G 181 -44.78 15.11 10.38
CA ARG G 181 -44.93 16.20 11.34
C ARG G 181 -43.72 17.13 11.32
N LYS G 182 -42.53 16.53 11.24
CA LYS G 182 -41.29 17.30 11.22
C LYS G 182 -41.12 18.09 9.91
N GLN G 183 -41.30 17.42 8.78
CA GLN G 183 -41.18 18.04 7.47
C GLN G 183 -42.14 19.22 7.27
N TRP G 184 -43.42 19.02 7.61
CA TRP G 184 -44.45 20.01 7.26
C TRP G 184 -44.92 20.89 8.42
N GLY G 185 -44.65 20.46 9.65
CA GLY G 185 -45.18 21.14 10.81
C GLY G 185 -46.68 20.91 10.88
N LEU G 186 -47.11 19.83 10.24
CA LEU G 186 -48.52 19.46 10.16
C LEU G 186 -48.61 17.95 10.34
N ASP G 187 -49.61 17.50 11.09
CA ASP G 187 -49.91 16.09 11.19
C ASP G 187 -50.37 15.60 9.83
N PRO G 188 -50.12 14.32 9.52
CA PRO G 188 -50.51 13.78 8.20
C PRO G 188 -52.01 13.92 7.91
N SER G 189 -52.85 13.89 8.94
CA SER G 189 -54.30 14.03 8.73
C SER G 189 -54.63 15.43 8.23
N GLU G 190 -53.76 16.39 8.52
CA GLU G 190 -53.94 17.76 8.04
C GLU G 190 -53.38 17.98 6.64
N LEU G 191 -53.01 16.89 5.97
CA LEU G 191 -52.45 17.00 4.64
C LEU G 191 -53.21 16.16 3.64
N ASP G 192 -53.30 16.67 2.42
CA ASP G 192 -53.90 15.95 1.32
C ASP G 192 -53.23 14.58 1.14
N ALA G 193 -54.01 13.57 0.77
CA ALA G 193 -53.47 12.22 0.61
C ALA G 193 -52.31 12.12 -0.39
N SER G 194 -52.24 13.06 -1.33
CA SER G 194 -51.25 13.02 -2.40
C SER G 194 -49.82 13.08 -1.86
N VAL G 195 -49.66 13.74 -0.73
CA VAL G 195 -48.37 13.89 -0.07
C VAL G 195 -47.73 12.54 0.31
N THR G 196 -48.33 11.80 1.24
CA THR G 196 -47.71 10.52 1.60
C THR G 196 -47.90 9.45 0.53
N ALA G 197 -48.84 9.66 -0.38
CA ALA G 197 -49.04 8.72 -1.47
C ALA G 197 -47.85 8.70 -2.43
N ARG G 198 -47.03 9.75 -2.41
CA ARG G 198 -45.77 9.77 -3.16
C ARG G 198 -44.88 8.57 -2.83
N VAL G 199 -44.91 8.10 -1.60
CA VAL G 199 -44.06 6.99 -1.19
C VAL G 199 -44.86 5.70 -1.12
N PRO G 200 -44.86 4.93 -2.21
CA PRO G 200 -45.72 3.74 -2.27
C PRO G 200 -45.31 2.72 -1.21
N THR G 201 -46.21 1.79 -0.89
CA THR G 201 -45.85 0.70 0.01
C THR G 201 -45.76 -0.58 -0.83
N ARG G 202 -44.77 -1.41 -0.57
CA ARG G 202 -44.54 -2.57 -1.44
C ARG G 202 -44.66 -3.90 -0.71
N THR G 203 -44.99 -4.95 -1.46
CA THR G 203 -44.96 -6.29 -0.90
C THR G 203 -43.80 -7.07 -1.48
N ASN G 204 -43.11 -6.46 -2.45
CA ASN G 204 -41.95 -7.10 -3.06
C ASN G 204 -40.66 -6.70 -2.33
N ARG G 205 -39.50 -7.03 -2.90
CA ARG G 205 -38.23 -6.78 -2.22
C ARG G 205 -37.43 -5.65 -2.87
N ASP G 206 -38.11 -4.84 -3.66
CA ASP G 206 -37.52 -3.72 -4.37
C ASP G 206 -37.12 -2.65 -3.37
N ASN G 207 -35.84 -2.27 -3.36
CA ASN G 207 -35.39 -1.28 -2.42
C ASN G 207 -35.07 0.10 -3.03
N ARG G 208 -35.42 0.29 -4.31
CA ARG G 208 -35.18 1.59 -4.95
C ARG G 208 -36.22 2.59 -4.48
N TYR G 209 -35.82 3.85 -4.35
CA TYR G 209 -36.80 4.85 -3.96
C TYR G 209 -37.79 5.11 -5.07
N PHE G 210 -37.37 4.91 -6.32
CA PHE G 210 -38.25 5.06 -7.47
C PHE G 210 -38.30 3.78 -8.29
N ALA G 211 -39.44 3.49 -8.90
CA ALA G 211 -39.53 2.37 -9.80
C ALA G 211 -39.60 2.83 -11.26
N ASP G 212 -39.24 4.09 -11.52
CA ASP G 212 -39.32 4.70 -12.85
C ASP G 212 -38.43 4.03 -13.88
N THR G 213 -38.86 4.10 -15.15
CA THR G 213 -38.14 3.49 -16.27
C THR G 213 -36.76 4.10 -16.53
N TYR G 214 -36.66 5.43 -16.48
CA TYR G 214 -35.40 6.13 -16.70
C TYR G 214 -34.87 6.78 -15.44
N GLN G 215 -33.73 6.30 -14.96
CA GLN G 215 -33.12 6.84 -13.76
C GLN G 215 -31.64 7.05 -14.01
N ALA G 216 -31.22 8.30 -14.06
CA ALA G 216 -29.84 8.61 -14.39
C ALA G 216 -29.55 10.04 -13.99
N MET G 217 -28.28 10.35 -13.75
CA MET G 217 -27.91 11.71 -13.42
C MET G 217 -27.16 12.33 -14.59
N PRO G 218 -27.32 13.64 -14.79
CA PRO G 218 -26.54 14.28 -15.86
C PRO G 218 -25.05 14.11 -15.62
N LEU G 219 -24.36 13.49 -16.58
CA LEU G 219 -22.97 13.08 -16.39
C LEU G 219 -22.08 14.14 -15.75
N HIS G 220 -22.26 15.40 -16.11
CA HIS G 220 -21.41 16.45 -15.53
C HIS G 220 -22.19 17.45 -14.69
N GLY G 221 -23.37 17.04 -14.23
CA GLY G 221 -24.13 17.87 -13.34
C GLY G 221 -25.21 18.65 -14.05
N TYR G 222 -26.11 19.21 -13.27
CA TYR G 222 -27.25 19.92 -13.79
C TYR G 222 -26.81 21.23 -14.43
N THR G 223 -25.95 21.97 -13.75
CA THR G 223 -25.54 23.27 -14.25
C THR G 223 -24.99 23.18 -15.68
N ARG G 224 -24.14 22.20 -15.93
CA ARG G 224 -23.59 22.03 -17.26
C ARG G 224 -24.71 21.78 -18.28
N MET G 225 -25.70 20.99 -17.89
CA MET G 225 -26.85 20.72 -18.74
C MET G 225 -27.62 22.01 -19.03
N PHE G 226 -27.93 22.79 -18.00
CA PHE G 226 -28.66 24.04 -18.19
C PHE G 226 -27.90 25.00 -19.13
N GLN G 227 -26.58 25.09 -18.97
CA GLN G 227 -25.76 25.93 -19.84
C GLN G 227 -25.98 25.55 -21.31
N ASN G 228 -26.08 24.25 -21.59
CA ASN G 228 -26.34 23.82 -22.95
C ASN G 228 -27.73 24.24 -23.39
N MET G 229 -28.68 24.15 -22.47
CA MET G 229 -30.07 24.42 -22.74
C MET G 229 -30.27 25.91 -23.09
N LEU G 230 -29.41 26.76 -22.53
CA LEU G 230 -29.58 28.20 -22.65
C LEU G 230 -28.61 28.86 -23.61
N SER G 231 -27.85 28.08 -24.38
CA SER G 231 -26.74 28.64 -25.14
C SER G 231 -27.10 29.30 -26.49
N SER G 232 -28.36 29.18 -26.91
CA SER G 232 -28.85 29.87 -28.11
C SER G 232 -28.47 31.36 -28.22
N PRO G 233 -28.07 31.79 -29.42
CA PRO G 233 -27.86 33.22 -29.70
C PRO G 233 -29.09 34.06 -29.39
N ASN G 234 -30.27 33.44 -29.40
CA ASN G 234 -31.52 34.15 -29.10
C ASN G 234 -31.85 34.24 -27.62
N ILE G 235 -30.98 33.71 -26.76
CA ILE G 235 -31.26 33.75 -25.33
C ILE G 235 -30.25 34.60 -24.58
N LYS G 236 -30.72 35.72 -24.04
CA LYS G 236 -29.90 36.56 -23.19
C LYS G 236 -30.23 36.18 -21.76
N VAL G 237 -29.21 36.08 -20.92
CA VAL G 237 -29.42 35.64 -19.55
C VAL G 237 -29.07 36.76 -18.59
N MET G 238 -29.93 36.99 -17.63
CA MET G 238 -29.75 38.11 -16.71
C MET G 238 -29.84 37.61 -15.28
N LEU G 239 -28.75 37.74 -14.53
CA LEU G 239 -28.71 37.17 -13.19
C LEU G 239 -28.71 38.25 -12.11
N ASN G 240 -29.02 37.84 -10.88
CA ASN G 240 -29.07 38.76 -9.75
C ASN G 240 -30.12 39.85 -10.01
N THR G 241 -31.18 39.46 -10.71
CA THR G 241 -32.18 40.41 -11.19
C THR G 241 -33.61 39.96 -10.91
N ASP G 242 -34.31 40.68 -10.04
CA ASP G 242 -35.75 40.50 -9.92
C ASP G 242 -36.36 41.11 -11.17
N TYR G 243 -37.39 40.48 -11.73
CA TYR G 243 -38.02 40.97 -12.95
C TYR G 243 -38.68 42.34 -12.74
N ARG G 244 -39.09 42.63 -11.52
CA ARG G 244 -39.72 43.91 -11.21
C ARG G 244 -38.73 45.06 -11.41
N GLU G 245 -37.45 44.74 -11.28
CA GLU G 245 -36.39 45.73 -11.42
C GLU G 245 -36.17 46.18 -12.84
N ILE G 246 -36.68 45.43 -13.82
CA ILE G 246 -36.41 45.73 -15.23
C ILE G 246 -37.66 45.76 -16.12
N ALA G 247 -38.81 45.35 -15.59
CA ALA G 247 -40.01 45.24 -16.42
C ALA G 247 -40.56 46.60 -16.90
N ASP G 248 -40.23 47.66 -16.16
CA ASP G 248 -40.69 49.00 -16.50
C ASP G 248 -40.04 49.55 -17.78
N PHE G 249 -38.81 49.13 -18.06
CA PHE G 249 -38.04 49.73 -19.16
C PHE G 249 -37.46 48.76 -20.18
N ILE G 250 -37.78 47.48 -20.06
CA ILE G 250 -37.34 46.52 -21.07
C ILE G 250 -38.54 45.98 -21.82
N PRO G 251 -38.62 46.29 -23.12
CA PRO G 251 -39.78 45.92 -23.93
C PRO G 251 -39.91 44.41 -24.10
N PHE G 252 -41.06 43.86 -23.72
CA PHE G 252 -41.36 42.46 -24.02
C PHE G 252 -42.82 42.28 -24.42
N GLN G 253 -43.06 41.36 -25.34
CA GLN G 253 -44.41 41.17 -25.85
C GLN G 253 -45.19 40.09 -25.10
N HIS G 254 -44.54 39.45 -24.15
CA HIS G 254 -45.16 38.36 -23.40
C HIS G 254 -44.24 37.92 -22.28
N MET G 255 -44.82 37.53 -21.16
CA MET G 255 -44.04 37.10 -20.02
C MET G 255 -44.32 35.64 -19.70
N ILE G 256 -43.28 34.90 -19.35
CA ILE G 256 -43.45 33.61 -18.74
C ILE G 256 -42.95 33.71 -17.30
N TYR G 257 -43.82 33.37 -16.35
CA TYR G 257 -43.51 33.56 -14.94
C TYR G 257 -43.46 32.23 -14.22
N THR G 258 -42.38 32.00 -13.46
CA THR G 258 -42.18 30.71 -12.81
C THR G 258 -41.96 30.83 -11.29
N GLY G 259 -42.00 32.05 -10.76
CA GLY G 259 -41.90 32.27 -9.32
C GLY G 259 -43.18 31.88 -8.58
N PRO G 260 -43.26 32.24 -7.28
CA PRO G 260 -44.46 31.95 -6.48
C PRO G 260 -45.65 32.79 -6.95
N VAL G 261 -46.85 32.21 -7.09
CA VAL G 261 -48.02 32.95 -7.61
C VAL G 261 -48.49 34.07 -6.72
N ASP G 262 -48.57 33.82 -5.42
CA ASP G 262 -49.06 34.84 -4.51
C ASP G 262 -48.26 36.13 -4.65
N ALA G 263 -46.94 36.01 -4.72
CA ALA G 263 -46.06 37.19 -4.81
C ALA G 263 -46.28 37.98 -6.09
N PHE G 264 -46.59 37.30 -7.19
CA PHE G 264 -46.78 37.99 -8.46
C PHE G 264 -47.93 38.97 -8.32
N PHE G 265 -48.96 38.55 -7.59
CA PHE G 265 -50.15 39.38 -7.38
C PHE G 265 -50.12 40.14 -6.04
N ASP G 266 -48.91 40.46 -5.56
CA ASP G 266 -48.71 41.18 -4.31
C ASP G 266 -49.50 40.65 -3.10
N PHE G 267 -49.67 39.34 -3.02
CA PHE G 267 -50.33 38.71 -1.87
C PHE G 267 -51.75 39.22 -1.64
N CYS G 268 -52.40 39.69 -2.70
CA CYS G 268 -53.73 40.29 -2.56
C CYS G 268 -54.76 39.46 -1.78
N TYR G 269 -54.54 38.15 -1.67
CA TYR G 269 -55.47 37.31 -0.91
C TYR G 269 -54.82 36.69 0.33
N GLY G 270 -53.66 37.22 0.70
CA GLY G 270 -52.90 36.67 1.81
C GLY G 270 -51.77 35.78 1.35
N LYS G 271 -50.87 35.44 2.27
CA LYS G 271 -49.71 34.61 1.97
C LYS G 271 -50.10 33.18 1.64
N LEU G 272 -49.76 32.72 0.44
CA LEU G 272 -49.95 31.33 0.06
C LEU G 272 -48.87 30.48 0.73
N PRO G 273 -49.27 29.50 1.55
CA PRO G 273 -48.30 28.71 2.30
C PRO G 273 -47.33 27.89 1.41
N TYR G 274 -46.04 28.14 1.57
CA TYR G 274 -44.99 27.31 0.98
C TYR G 274 -44.04 26.91 2.11
N ARG G 275 -43.68 25.63 2.15
CA ARG G 275 -42.73 25.18 3.14
C ARG G 275 -41.28 25.42 2.66
N SER G 276 -40.37 25.69 3.60
CA SER G 276 -38.99 26.01 3.29
C SER G 276 -38.02 25.02 3.96
N LEU G 277 -36.72 25.26 3.78
CA LEU G 277 -35.70 24.36 4.32
C LEU G 277 -34.44 25.13 4.65
N GLU G 278 -33.69 24.67 5.64
CA GLU G 278 -32.31 25.11 5.85
C GLU G 278 -31.39 23.93 5.58
N PHE G 279 -30.25 24.20 4.95
CA PHE G 279 -29.30 23.15 4.60
C PHE G 279 -28.00 23.32 5.33
N ARG G 280 -27.53 22.23 5.95
CA ARG G 280 -26.23 22.22 6.61
CA ARG G 280 -26.22 22.22 6.60
C ARG G 280 -25.29 21.31 5.82
N HIS G 281 -24.30 21.91 5.17
CA HIS G 281 -23.34 21.16 4.34
C HIS G 281 -22.08 20.86 5.15
N GLU G 282 -21.54 19.66 4.97
CA GLU G 282 -20.32 19.31 5.67
C GLU G 282 -19.40 18.48 4.79
N THR G 283 -18.11 18.64 5.01
CA THR G 283 -17.13 17.88 4.29
C THR G 283 -16.31 17.10 5.30
N HIS G 284 -16.19 15.80 5.06
CA HIS G 284 -15.51 14.93 5.99
C HIS G 284 -14.29 14.32 5.31
N ASP G 285 -13.24 14.09 6.11
CA ASP G 285 -12.02 13.51 5.60
C ASP G 285 -12.12 11.98 5.59
N THR G 286 -12.96 11.47 4.70
CA THR G 286 -13.12 10.04 4.46
C THR G 286 -13.80 9.91 3.11
N GLU G 287 -13.68 8.75 2.47
CA GLU G 287 -14.25 8.60 1.14
C GLU G 287 -15.76 8.38 1.14
N GLN G 288 -16.31 7.84 2.23
CA GLN G 288 -17.73 7.50 2.27
C GLN G 288 -18.28 7.53 3.68
N LEU G 289 -19.27 8.37 3.91
CA LEU G 289 -19.82 8.52 5.25
C LEU G 289 -21.04 7.60 5.45
N LEU G 290 -21.92 7.55 4.45
CA LEU G 290 -23.20 6.85 4.57
C LEU G 290 -23.18 5.59 3.72
N PRO G 291 -24.04 4.62 4.03
CA PRO G 291 -24.10 3.34 3.30
C PRO G 291 -24.91 3.42 2.00
N THR G 292 -25.73 4.45 1.84
CA THR G 292 -26.48 4.75 0.61
C THR G 292 -26.54 6.27 0.44
N GLY G 293 -27.19 6.72 -0.64
CA GLY G 293 -27.25 8.13 -0.98
C GLY G 293 -27.90 9.01 0.08
N THR G 294 -28.96 8.49 0.70
CA THR G 294 -29.76 9.28 1.63
C THR G 294 -30.22 8.44 2.81
N VAL G 295 -30.10 8.99 4.01
CA VAL G 295 -30.67 8.35 5.18
C VAL G 295 -31.77 9.23 5.76
N ASN G 296 -32.96 8.66 5.99
CA ASN G 296 -34.08 9.41 6.55
C ASN G 296 -34.18 9.18 8.07
N TYR G 297 -34.61 10.21 8.79
CA TYR G 297 -34.79 10.13 10.24
C TYR G 297 -36.22 10.51 10.64
N PRO G 298 -37.13 9.53 10.58
CA PRO G 298 -38.54 9.79 10.89
C PRO G 298 -38.75 10.21 12.34
N ASN G 299 -37.95 9.63 13.24
CA ASN G 299 -38.23 9.75 14.66
C ASN G 299 -37.11 10.38 15.48
N ASP G 300 -35.99 10.71 14.83
CA ASP G 300 -34.82 11.19 15.55
C ASP G 300 -34.27 12.46 14.92
N TYR G 301 -33.64 13.29 15.74
CA TYR G 301 -32.93 14.50 15.30
C TYR G 301 -33.83 15.62 14.76
N ALA G 302 -33.29 16.83 14.69
CA ALA G 302 -34.01 17.97 14.13
C ALA G 302 -34.12 17.89 12.60
N TYR G 303 -33.18 17.20 11.98
CA TYR G 303 -33.18 17.14 10.52
C TYR G 303 -33.98 15.95 10.03
N THR G 304 -34.51 16.05 8.82
CA THR G 304 -35.31 14.98 8.25
C THR G 304 -34.46 13.90 7.61
N ARG G 305 -33.29 14.28 7.09
CA ARG G 305 -32.47 13.32 6.36
C ARG G 305 -31.06 13.85 6.05
N VAL G 306 -30.16 12.94 5.71
CA VAL G 306 -28.82 13.30 5.27
C VAL G 306 -28.54 12.64 3.94
N SER G 307 -27.88 13.36 3.05
CA SER G 307 -27.53 12.81 1.75
C SER G 307 -26.05 13.01 1.47
N GLU G 308 -25.48 12.06 0.75
CA GLU G 308 -24.06 12.08 0.43
C GLU G 308 -23.90 12.11 -1.09
N PHE G 309 -23.41 13.24 -1.60
CA PHE G 309 -23.44 13.50 -3.04
C PHE G 309 -22.67 12.53 -3.94
N LYS G 310 -21.54 12.02 -3.45
CA LYS G 310 -20.75 11.09 -4.27
C LYS G 310 -21.56 9.85 -4.67
N HIS G 311 -22.52 9.44 -3.84
CA HIS G 311 -23.39 8.30 -4.18
C HIS G 311 -24.23 8.65 -5.39
N ILE G 312 -24.65 9.90 -5.44
CA ILE G 312 -25.56 10.35 -6.48
C ILE G 312 -24.80 10.73 -7.76
N THR G 313 -23.68 11.41 -7.62
CA THR G 313 -22.96 11.89 -8.79
C THR G 313 -22.00 10.85 -9.35
N GLY G 314 -21.59 9.88 -8.53
CA GLY G 314 -20.53 8.96 -8.90
C GLY G 314 -19.11 9.56 -8.95
N GLN G 315 -18.93 10.79 -8.46
CA GLN G 315 -17.60 11.38 -8.43
C GLN G 315 -16.67 10.56 -7.54
N ARG G 316 -15.40 10.49 -7.89
CA ARG G 316 -14.44 9.91 -6.96
C ARG G 316 -13.58 11.03 -6.38
N HIS G 317 -13.26 10.92 -5.10
CA HIS G 317 -12.64 12.01 -4.38
C HIS G 317 -12.12 11.44 -3.08
N HIS G 318 -11.06 12.03 -2.55
CA HIS G 318 -10.47 11.46 -1.36
C HIS G 318 -11.24 11.93 -0.13
N GLN G 319 -12.08 12.95 -0.30
CA GLN G 319 -13.03 13.33 0.74
C GLN G 319 -14.47 13.08 0.31
N THR G 320 -15.41 13.50 1.16
CA THR G 320 -16.83 13.41 0.83
C THR G 320 -17.60 14.57 1.43
N SER G 321 -18.62 15.04 0.72
CA SER G 321 -19.50 16.09 1.24
C SER G 321 -20.96 15.64 1.34
N VAL G 322 -21.62 16.04 2.41
CA VAL G 322 -23.00 15.63 2.68
C VAL G 322 -23.82 16.85 3.09
N VAL G 323 -25.14 16.69 3.17
CA VAL G 323 -25.99 17.80 3.58
C VAL G 323 -27.12 17.31 4.50
N TYR G 324 -27.36 18.06 5.57
CA TYR G 324 -28.46 17.79 6.49
C TYR G 324 -29.57 18.77 6.21
N GLU G 325 -30.80 18.27 6.11
CA GLU G 325 -31.95 19.12 5.83
C GLU G 325 -32.81 19.39 7.06
N TYR G 326 -33.10 20.66 7.29
CA TYR G 326 -33.95 21.08 8.40
C TYR G 326 -35.19 21.78 7.84
N PRO G 327 -36.39 21.22 8.11
CA PRO G 327 -37.63 21.92 7.73
C PRO G 327 -37.68 23.33 8.32
N ARG G 328 -38.21 24.28 7.56
CA ARG G 328 -38.35 25.65 8.02
C ARG G 328 -39.73 26.19 7.64
N ALA G 329 -40.32 26.97 8.54
CA ALA G 329 -41.60 27.60 8.23
C ALA G 329 -41.35 28.80 7.36
N GLU G 330 -40.13 29.35 7.43
CA GLU G 330 -39.81 30.59 6.76
C GLU G 330 -38.54 30.46 5.93
N GLY G 331 -38.49 31.18 4.82
CA GLY G 331 -37.34 31.20 3.93
C GLY G 331 -37.81 31.03 2.49
N ASP G 332 -36.87 30.82 1.56
CA ASP G 332 -37.25 30.59 0.17
C ASP G 332 -38.27 29.47 0.03
N PRO G 333 -39.29 29.66 -0.82
CA PRO G 333 -40.34 28.65 -1.03
C PRO G 333 -39.86 27.42 -1.80
N TYR G 334 -40.09 26.23 -1.26
CA TYR G 334 -39.66 24.99 -1.90
C TYR G 334 -40.83 24.02 -2.15
N TYR G 335 -41.73 23.92 -1.17
CA TYR G 335 -42.87 23.01 -1.27
C TYR G 335 -44.19 23.73 -1.11
N PRO G 336 -45.08 23.60 -2.10
CA PRO G 336 -46.49 23.92 -1.84
C PRO G 336 -46.99 23.03 -0.72
N VAL G 337 -48.01 23.45 0.01
CA VAL G 337 -48.54 22.66 1.11
C VAL G 337 -49.94 22.20 0.74
N PRO G 338 -50.03 21.01 0.13
CA PRO G 338 -51.31 20.53 -0.41
C PRO G 338 -52.27 20.15 0.70
N ARG G 339 -53.29 20.99 0.92
CA ARG G 339 -54.37 20.70 1.84
C ARG G 339 -55.58 21.52 1.41
N PRO G 340 -56.79 21.08 1.82
CA PRO G 340 -58.05 21.68 1.38
C PRO G 340 -58.01 23.21 1.32
N GLU G 341 -57.62 23.84 2.42
CA GLU G 341 -57.68 25.31 2.49
C GLU G 341 -56.72 25.99 1.54
N ASN G 342 -55.56 25.40 1.33
CA ASN G 342 -54.57 26.00 0.45
C ASN G 342 -54.97 25.89 -1.02
N ALA G 343 -55.56 24.77 -1.39
CA ALA G 343 -56.06 24.60 -2.75
C ALA G 343 -57.12 25.65 -3.08
N GLU G 344 -57.80 26.15 -2.05
CA GLU G 344 -58.82 27.19 -2.23
C GLU G 344 -58.19 28.55 -2.42
N LEU G 345 -57.25 28.89 -1.55
CA LEU G 345 -56.49 30.10 -1.71
C LEU G 345 -55.84 30.11 -3.09
N TYR G 346 -55.20 29.00 -3.46
CA TYR G 346 -54.55 28.96 -4.76
C TYR G 346 -55.57 29.22 -5.89
N LYS G 347 -56.77 28.70 -5.73
CA LYS G 347 -57.84 28.88 -6.73
C LYS G 347 -58.09 30.36 -7.02
N LYS G 348 -58.01 31.20 -5.99
CA LYS G 348 -58.24 32.63 -6.17
C LYS G 348 -57.12 33.27 -6.96
N TYR G 349 -55.89 32.85 -6.68
CA TYR G 349 -54.74 33.36 -7.41
C TYR G 349 -54.75 32.84 -8.84
N GLU G 350 -55.23 31.60 -8.99
CA GLU G 350 -55.30 30.97 -10.29
C GLU G 350 -56.23 31.75 -11.20
N ALA G 351 -57.31 32.27 -10.62
CA ALA G 351 -58.26 33.09 -11.37
C ALA G 351 -57.61 34.36 -11.92
N LEU G 352 -56.79 35.00 -11.10
CA LEU G 352 -56.04 36.16 -11.57
C LEU G 352 -55.04 35.74 -12.66
N ALA G 353 -54.35 34.62 -12.43
CA ALA G 353 -53.38 34.10 -13.40
C ALA G 353 -54.02 33.80 -14.75
N ASP G 354 -55.16 33.12 -14.73
CA ASP G 354 -55.88 32.83 -15.97
C ASP G 354 -56.30 34.11 -16.70
N ALA G 355 -56.52 35.19 -15.95
CA ALA G 355 -56.98 36.45 -16.53
C ALA G 355 -55.85 37.41 -16.93
N ALA G 356 -54.61 36.97 -16.79
CA ALA G 356 -53.47 37.77 -17.23
C ALA G 356 -53.27 37.54 -18.71
N GLN G 357 -53.49 38.58 -19.49
CA GLN G 357 -53.54 38.45 -20.94
C GLN G 357 -52.20 38.06 -21.54
N ASP G 358 -51.12 38.54 -20.96
CA ASP G 358 -49.81 38.37 -21.58
C ASP G 358 -48.80 37.72 -20.66
N VAL G 359 -49.30 36.84 -19.79
CA VAL G 359 -48.45 36.18 -18.81
C VAL G 359 -48.82 34.71 -18.74
N THR G 360 -47.80 33.85 -18.84
CA THR G 360 -48.03 32.42 -18.70
C THR G 360 -47.35 31.93 -17.43
N PHE G 361 -48.14 31.27 -16.59
CA PHE G 361 -47.62 30.71 -15.35
C PHE G 361 -47.32 29.25 -15.57
N VAL G 362 -46.10 28.84 -15.22
CA VAL G 362 -45.70 27.44 -15.32
C VAL G 362 -44.61 27.12 -14.30
N GLY G 363 -44.63 25.90 -13.77
CA GLY G 363 -43.66 25.49 -12.77
C GLY G 363 -44.22 25.13 -11.41
N ARG G 364 -43.39 24.51 -10.56
CA ARG G 364 -43.79 24.09 -9.22
C ARG G 364 -44.37 25.25 -8.42
N LEU G 365 -43.65 26.37 -8.40
CA LEU G 365 -44.07 27.52 -7.61
C LEU G 365 -45.22 28.30 -8.25
N ALA G 366 -45.19 28.45 -9.57
CA ALA G 366 -46.13 29.32 -10.25
C ALA G 366 -47.52 28.69 -10.41
N THR G 367 -47.60 27.37 -10.36
CA THR G 367 -48.90 26.71 -10.48
C THR G 367 -49.22 25.92 -9.23
N TYR G 368 -48.37 26.08 -8.22
CA TYR G 368 -48.59 25.52 -6.89
C TYR G 368 -48.76 24.02 -6.91
N ARG G 369 -47.82 23.33 -7.51
CA ARG G 369 -47.91 21.89 -7.65
C ARG G 369 -46.64 21.19 -7.20
N TYR G 370 -46.80 20.11 -6.45
CA TYR G 370 -45.70 19.36 -5.87
C TYR G 370 -45.11 18.50 -6.97
N TYR G 371 -44.41 19.15 -7.90
CA TYR G 371 -43.93 18.50 -9.11
C TYR G 371 -42.46 18.09 -9.03
N ASN G 372 -42.16 16.89 -9.52
CA ASN G 372 -40.77 16.49 -9.73
C ASN G 372 -40.17 17.17 -10.96
N MET G 373 -38.85 17.15 -11.05
CA MET G 373 -38.18 17.78 -12.18
C MET G 373 -38.76 17.31 -13.51
N ASP G 374 -38.95 16.00 -13.69
CA ASP G 374 -39.44 15.54 -14.99
C ASP G 374 -40.82 16.10 -15.30
N GLN G 375 -41.67 16.20 -14.29
CA GLN G 375 -43.00 16.76 -14.46
C GLN G 375 -42.97 18.24 -14.87
N VAL G 376 -41.99 18.98 -14.36
CA VAL G 376 -41.86 20.38 -14.75
C VAL G 376 -41.47 20.50 -16.21
N VAL G 377 -40.55 19.65 -16.65
CA VAL G 377 -40.15 19.62 -18.04
C VAL G 377 -41.36 19.30 -18.95
N ALA G 378 -42.16 18.31 -18.56
CA ALA G 378 -43.36 17.94 -19.33
C ALA G 378 -44.36 19.08 -19.37
N GLN G 379 -44.60 19.71 -18.21
CA GLN G 379 -45.51 20.85 -18.13
C GLN G 379 -44.99 21.97 -19.03
N ALA G 380 -43.68 22.19 -19.00
CA ALA G 380 -43.07 23.24 -19.80
C ALA G 380 -43.17 22.95 -21.29
N LEU G 381 -43.02 21.68 -21.68
CA LEU G 381 -43.09 21.32 -23.08
C LEU G 381 -44.51 21.46 -23.64
N ALA G 382 -45.50 21.06 -22.85
CA ALA G 382 -46.90 21.19 -23.25
C ALA G 382 -47.28 22.66 -23.40
N THR G 383 -46.85 23.48 -22.45
CA THR G 383 -47.08 24.91 -22.49
C THR G 383 -46.50 25.53 -23.76
N PHE G 384 -45.30 25.12 -24.12
CA PHE G 384 -44.73 25.54 -25.39
C PHE G 384 -45.67 25.21 -26.56
N ARG G 385 -46.10 23.95 -26.66
CA ARG G 385 -47.06 23.55 -27.69
C ARG G 385 -48.27 24.48 -27.76
N ARG G 386 -48.93 24.71 -26.63
CA ARG G 386 -50.12 25.56 -26.59
C ARG G 386 -49.79 26.98 -27.04
N LEU G 387 -48.61 27.44 -26.62
CA LEU G 387 -48.15 28.78 -26.95
C LEU G 387 -48.03 28.91 -28.47
N GLN G 388 -47.97 27.78 -29.17
CA GLN G 388 -47.90 27.75 -30.63
C GLN G 388 -49.18 27.22 -31.30
N GLY G 389 -50.19 26.88 -30.50
CA GLY G 389 -51.44 26.34 -31.02
C GLY G 389 -51.34 24.91 -31.55
N SER H 27 -8.36 32.34 56.45
CA SER H 27 -8.67 32.79 55.10
C SER H 27 -9.20 34.21 55.05
N LYS H 28 -8.31 35.19 54.91
CA LYS H 28 -8.71 36.59 54.80
C LYS H 28 -8.19 37.21 53.52
N GLY H 29 -7.27 36.52 52.89
CA GLY H 29 -6.69 37.01 51.68
C GLY H 29 -5.44 36.24 51.35
N PHE H 30 -4.58 36.84 50.57
CA PHE H 30 -3.48 36.11 50.07
C PHE H 30 -2.24 36.81 50.48
N ASP H 31 -1.14 36.09 50.47
CA ASP H 31 0.14 36.70 50.62
C ASP H 31 0.55 37.42 49.35
N TYR H 32 0.31 36.80 48.21
CA TYR H 32 0.70 37.37 46.92
C TYR H 32 -0.43 37.31 45.92
N LEU H 33 -0.66 38.45 45.25
CA LEU H 33 -1.48 38.51 44.04
C LEU H 33 -0.53 38.60 42.84
N ILE H 34 -0.47 37.54 42.04
CA ILE H 34 0.38 37.49 40.85
C ILE H 34 -0.44 37.79 39.59
N VAL H 35 -0.08 38.85 38.87
CA VAL H 35 -0.76 39.25 37.64
C VAL H 35 -0.04 38.70 36.40
N GLY H 36 -0.67 37.71 35.75
CA GLY H 36 -0.09 37.07 34.58
C GLY H 36 0.39 35.65 34.86
N ALA H 37 -0.01 34.71 34.01
CA ALA H 37 0.29 33.31 34.24
C ALA H 37 1.26 32.72 33.19
N GLY H 38 2.02 33.60 32.54
CA GLY H 38 3.12 33.18 31.68
C GLY H 38 4.26 32.69 32.55
N PHE H 39 5.43 32.49 31.95
CA PHE H 39 6.60 32.04 32.68
C PHE H 39 6.92 32.88 33.92
N ALA H 40 6.80 34.20 33.81
CA ALA H 40 7.20 35.08 34.92
C ALA H 40 6.32 34.87 36.14
N GLY H 41 5.00 35.00 35.94
CA GLY H 41 4.04 34.80 37.02
C GLY H 41 4.08 33.40 37.59
N SER H 42 4.10 32.41 36.71
CA SER H 42 4.02 31.01 37.07
C SER H 42 5.25 30.48 37.82
N VAL H 43 6.43 30.94 37.45
CA VAL H 43 7.63 30.50 38.15
C VAL H 43 7.62 31.01 39.59
N LEU H 44 7.16 32.23 39.76
CA LEU H 44 7.07 32.83 41.09
C LEU H 44 5.97 32.17 41.90
N ALA H 45 4.85 31.84 41.25
CA ALA H 45 3.77 31.15 41.94
C ALA H 45 4.26 29.85 42.54
N GLU H 46 4.99 29.08 41.74
CA GLU H 46 5.48 27.78 42.20
C GLU H 46 6.57 27.93 43.27
N ARG H 47 7.40 28.96 43.15
CA ARG H 47 8.50 29.16 44.10
C ARG H 47 7.95 29.62 45.45
N LEU H 48 7.14 30.68 45.43
CA LEU H 48 6.52 31.18 46.65
C LEU H 48 5.68 30.10 47.34
N ALA H 49 4.83 29.43 46.57
CA ALA H 49 3.94 28.41 47.12
C ALA H 49 4.69 27.25 47.78
N SER H 50 5.82 26.87 47.21
CA SER H 50 6.61 25.78 47.76
C SER H 50 7.25 26.17 49.09
N SER H 51 7.10 27.45 49.44
CA SER H 51 7.63 27.95 50.70
C SER H 51 6.50 28.53 51.56
N GLY H 52 5.29 28.01 51.39
CA GLY H 52 4.21 28.26 52.32
C GLY H 52 3.32 29.47 52.08
N GLN H 53 3.62 30.24 51.04
CA GLN H 53 2.83 31.43 50.77
C GLN H 53 1.53 31.05 50.07
N ARG H 54 0.46 31.77 50.41
CA ARG H 54 -0.81 31.58 49.75
C ARG H 54 -0.88 32.53 48.56
N VAL H 55 -0.95 31.94 47.38
CA VAL H 55 -0.81 32.67 46.12
C VAL H 55 -2.10 32.66 45.33
N LEU H 56 -2.51 33.84 44.88
CA LEU H 56 -3.57 33.96 43.89
C LEU H 56 -2.98 34.45 42.56
N ILE H 57 -2.91 33.57 41.55
CA ILE H 57 -2.42 33.95 40.22
C ILE H 57 -3.57 34.17 39.26
N VAL H 58 -3.54 35.31 38.57
CA VAL H 58 -4.67 35.78 37.78
C VAL H 58 -4.21 36.15 36.34
N ASP H 59 -5.08 35.96 35.35
CA ASP H 59 -4.75 36.34 33.98
C ASP H 59 -6.04 36.70 33.27
N ARG H 60 -6.00 37.77 32.48
CA ARG H 60 -7.20 38.18 31.76
C ARG H 60 -7.50 37.23 30.59
N ARG H 61 -6.53 36.39 30.24
CA ARG H 61 -6.74 35.34 29.22
C ARG H 61 -7.49 34.16 29.82
N PRO H 62 -8.14 33.34 28.98
CA PRO H 62 -8.97 32.24 29.49
C PRO H 62 -8.15 31.00 29.84
N HIS H 63 -6.84 31.15 29.88
CA HIS H 63 -5.95 30.00 29.96
C HIS H 63 -4.63 30.44 30.58
N ILE H 64 -3.84 29.47 31.02
CA ILE H 64 -2.53 29.76 31.60
C ILE H 64 -1.42 29.74 30.54
N GLY H 65 -0.19 30.01 30.98
CA GLY H 65 0.97 29.87 30.13
C GLY H 65 1.43 31.11 29.39
N GLY H 66 0.65 32.19 29.44
CA GLY H 66 0.97 33.39 28.68
C GLY H 66 1.03 33.09 27.18
N ASN H 67 2.05 33.63 26.51
CA ASN H 67 2.29 33.45 25.08
C ASN H 67 2.72 32.04 24.71
N ALA H 68 3.19 31.30 25.71
CA ALA H 68 3.78 29.99 25.47
C ALA H 68 2.73 28.88 25.59
N TYR H 69 1.50 29.28 25.88
CA TYR H 69 0.39 28.33 25.95
C TYR H 69 0.29 27.50 24.67
N ASP H 70 0.13 26.19 24.80
CA ASP H 70 -0.22 25.39 23.62
C ASP H 70 -1.51 24.58 23.84
N CYS H 71 -2.06 24.05 22.75
CA CYS H 71 -3.37 23.41 22.79
C CYS H 71 -3.60 22.63 21.50
N TYR H 72 -4.62 21.78 21.50
CA TYR H 72 -4.98 21.02 20.30
C TYR H 72 -6.03 21.76 19.48
N ASP H 73 -5.77 21.91 18.17
CA ASP H 73 -6.73 22.60 17.29
C ASP H 73 -7.88 21.68 16.87
N ASP H 74 -8.75 22.17 15.99
CA ASP H 74 -9.92 21.41 15.54
C ASP H 74 -9.55 20.09 14.88
N ALA H 75 -8.36 20.00 14.31
CA ALA H 75 -7.94 18.77 13.66
C ALA H 75 -7.22 17.79 14.60
N GLY H 76 -7.02 18.19 15.85
CA GLY H 76 -6.28 17.38 16.80
C GLY H 76 -4.76 17.52 16.71
N VAL H 77 -4.29 18.59 16.08
CA VAL H 77 -2.86 18.90 16.03
C VAL H 77 -2.45 19.81 17.20
N LEU H 78 -1.36 19.47 17.87
CA LEU H 78 -0.81 20.31 18.92
C LEU H 78 -0.17 21.57 18.33
N ILE H 79 -0.72 22.72 18.66
CA ILE H 79 -0.22 23.98 18.08
C ILE H 79 0.10 25.04 19.15
N HIS H 80 0.79 26.10 18.71
CA HIS H 80 1.07 27.28 19.55
C HIS H 80 0.30 28.46 19.00
N PRO H 81 -0.79 28.85 19.68
CA PRO H 81 -1.66 29.91 19.15
C PRO H 81 -0.99 31.26 19.04
N TYR H 82 0.05 31.52 19.84
CA TYR H 82 0.75 32.81 19.77
C TYR H 82 2.12 32.67 19.11
N GLY H 83 2.22 31.80 18.12
CA GLY H 83 3.44 31.67 17.35
C GLY H 83 4.37 30.58 17.87
N PRO H 84 5.37 30.25 17.06
CA PRO H 84 6.34 29.18 17.32
C PRO H 84 7.17 29.50 18.56
N HIS H 85 7.05 28.67 19.59
CA HIS H 85 7.85 28.83 20.80
C HIS H 85 8.82 27.66 20.97
N ILE H 86 10.10 27.89 20.68
CA ILE H 86 11.09 26.83 20.74
C ILE H 86 11.97 27.01 21.95
N PHE H 87 12.00 26.01 22.83
CA PHE H 87 12.77 26.17 24.06
C PHE H 87 14.24 25.86 23.87
N HIS H 88 15.07 26.70 24.46
CA HIS H 88 16.52 26.59 24.36
C HIS H 88 17.20 27.37 25.49
N THR H 89 18.29 26.85 26.02
CA THR H 89 19.03 27.60 27.03
C THR H 89 20.47 27.13 27.14
N ASN H 90 21.33 28.01 27.63
CA ASN H 90 22.66 27.60 28.05
C ASN H 90 22.73 27.34 29.55
N SER H 91 21.67 27.71 30.27
CA SER H 91 21.65 27.55 31.72
C SER H 91 21.22 26.15 32.18
N LYS H 92 22.16 25.41 32.76
CA LYS H 92 21.89 24.12 33.38
C LYS H 92 20.85 24.29 34.47
N ASP H 93 20.98 25.36 35.23
CA ASP H 93 20.02 25.67 36.29
C ASP H 93 18.59 25.78 35.77
N VAL H 94 18.38 26.62 34.76
CA VAL H 94 17.05 26.79 34.20
C VAL H 94 16.52 25.46 33.65
N PHE H 95 17.38 24.72 32.95
CA PHE H 95 16.94 23.48 32.34
C PHE H 95 16.54 22.45 33.39
N GLU H 96 17.28 22.39 34.49
CA GLU H 96 17.00 21.43 35.55
C GLU H 96 15.78 21.84 36.36
N TYR H 97 15.57 23.15 36.47
CA TYR H 97 14.39 23.65 37.14
C TYR H 97 13.13 23.24 36.39
N LEU H 98 13.09 23.52 35.09
CA LEU H 98 11.95 23.14 34.27
C LEU H 98 11.78 21.62 34.17
N SER H 99 12.91 20.90 34.23
CA SER H 99 12.90 19.44 34.22
C SER H 99 12.07 18.84 35.36
N ARG H 100 11.80 19.64 36.39
CA ARG H 100 10.97 19.22 37.49
C ARG H 100 9.51 19.06 37.06
N PHE H 101 9.12 19.73 35.97
CA PHE H 101 7.70 19.78 35.61
C PHE H 101 7.36 19.18 34.25
N THR H 102 8.35 18.58 33.59
CA THR H 102 8.13 18.02 32.26
C THR H 102 9.29 17.14 31.79
N GLU H 103 8.99 16.15 30.95
CA GLU H 103 10.04 15.44 30.24
C GLU H 103 10.35 16.21 28.96
N TRP H 104 11.33 15.73 28.21
CA TRP H 104 11.84 16.49 27.08
C TRP H 104 11.86 15.68 25.77
N ARG H 105 11.57 16.37 24.68
CA ARG H 105 11.82 15.84 23.34
C ARG H 105 12.99 16.63 22.76
N PRO H 106 14.14 15.96 22.55
CA PRO H 106 15.28 16.63 21.94
C PRO H 106 14.86 17.21 20.61
N TYR H 107 15.27 18.44 20.32
CA TYR H 107 14.90 19.13 19.09
C TYR H 107 15.81 20.35 18.88
N GLN H 108 16.38 20.44 17.68
CA GLN H 108 17.22 21.56 17.32
C GLN H 108 16.60 22.27 16.12
N HIS H 109 15.97 23.39 16.40
CA HIS H 109 15.21 24.18 15.42
C HIS H 109 16.10 24.62 14.25
N ARG H 110 15.59 24.48 13.05
CA ARG H 110 16.30 24.99 11.89
C ARG H 110 15.39 25.90 11.08
N VAL H 111 15.90 27.06 10.68
CA VAL H 111 15.11 28.03 9.92
C VAL H 111 15.71 28.24 8.52
N LEU H 112 14.83 28.35 7.52
CA LEU H 112 15.22 28.69 6.17
C LEU H 112 14.62 30.05 5.79
N ALA H 113 15.43 30.90 5.19
CA ALA H 113 14.96 32.19 4.66
C ALA H 113 14.76 32.06 3.15
N SER H 114 13.59 32.50 2.69
CA SER H 114 13.28 32.54 1.27
C SER H 114 13.88 33.80 0.66
N VAL H 115 14.91 33.63 -0.14
CA VAL H 115 15.67 34.74 -0.72
C VAL H 115 16.06 34.39 -2.17
N ASP H 116 15.73 35.25 -3.12
CA ASP H 116 16.06 34.97 -4.52
C ASP H 116 15.51 33.61 -4.96
N GLY H 117 14.29 33.28 -4.54
CA GLY H 117 13.64 32.03 -4.94
C GLY H 117 14.24 30.74 -4.41
N GLN H 118 15.14 30.84 -3.44
CA GLN H 118 15.77 29.66 -2.84
C GLN H 118 15.44 29.62 -1.35
N LEU H 119 15.63 28.47 -0.72
CA LEU H 119 15.49 28.40 0.73
C LEU H 119 16.88 28.24 1.33
N LEU H 120 17.35 29.27 2.04
CA LEU H 120 18.75 29.34 2.49
C LEU H 120 18.85 29.41 4.00
N PRO H 121 19.94 28.84 4.58
CA PRO H 121 20.08 28.86 6.04
C PRO H 121 20.17 30.27 6.60
N ILE H 122 19.40 30.52 7.65
CA ILE H 122 19.52 31.72 8.45
C ILE H 122 19.58 31.21 9.89
N PRO H 123 20.54 31.67 10.68
CA PRO H 123 21.56 32.69 10.40
C PRO H 123 22.42 32.38 9.19
N ILE H 124 22.94 33.43 8.56
CA ILE H 124 23.85 33.28 7.44
C ILE H 124 25.05 32.44 7.82
N ASN H 125 25.38 31.43 7.00
CA ASN H 125 26.59 30.65 7.19
C ASN H 125 27.34 30.39 5.88
N LEU H 126 28.36 29.53 5.93
CA LEU H 126 29.16 29.24 4.75
C LEU H 126 28.29 28.80 3.59
N ASP H 127 27.35 27.90 3.89
CA ASP H 127 26.45 27.37 2.87
C ASP H 127 25.53 28.45 2.28
N THR H 128 25.04 29.35 3.13
CA THR H 128 24.22 30.46 2.66
C THR H 128 24.95 31.24 1.56
N VAL H 129 26.19 31.62 1.85
CA VAL H 129 27.00 32.41 0.94
C VAL H 129 27.28 31.66 -0.36
N ASN H 130 27.74 30.42 -0.25
CA ASN H 130 28.04 29.64 -1.44
C ASN H 130 26.82 29.45 -2.35
N ARG H 131 25.69 29.08 -1.76
CA ARG H 131 24.49 28.79 -2.54
C ARG H 131 23.86 30.04 -3.15
N LEU H 132 23.87 31.14 -2.40
CA LEU H 132 23.32 32.39 -2.89
C LEU H 132 24.05 32.87 -4.14
N TYR H 133 25.38 32.81 -4.12
CA TYR H 133 26.21 33.43 -5.16
C TYR H 133 26.86 32.44 -6.13
N GLY H 134 26.70 31.14 -5.88
CA GLY H 134 27.37 30.14 -6.68
C GLY H 134 28.87 30.08 -6.42
N LEU H 135 29.26 30.39 -5.20
CA LEU H 135 30.66 30.33 -4.79
C LEU H 135 31.04 28.94 -4.29
N ASN H 136 32.34 28.73 -4.10
CA ASN H 136 32.85 27.51 -3.47
C ASN H 136 33.88 27.82 -2.39
N LEU H 137 33.58 28.79 -1.54
CA LEU H 137 34.46 29.16 -0.45
C LEU H 137 34.56 28.07 0.61
N THR H 138 35.74 27.97 1.22
CA THR H 138 35.94 27.22 2.46
C THR H 138 35.66 28.13 3.66
N SER H 139 35.52 27.56 4.85
CA SER H 139 35.26 28.36 6.03
C SER H 139 36.34 29.43 6.24
N PHE H 140 37.58 29.09 5.88
CA PHE H 140 38.69 30.02 6.03
C PHE H 140 38.53 31.19 5.08
N GLN H 141 38.07 30.91 3.87
CA GLN H 141 37.87 31.96 2.87
C GLN H 141 36.67 32.86 3.13
N VAL H 142 35.55 32.33 3.61
CA VAL H 142 34.36 33.16 3.74
C VAL H 142 34.59 34.28 4.77
N GLU H 143 35.47 34.01 5.71
CA GLU H 143 35.92 35.01 6.68
C GLU H 143 36.57 36.22 5.99
N GLU H 144 37.48 35.95 5.05
CA GLU H 144 38.09 37.00 4.23
C GLU H 144 37.06 37.68 3.33
N PHE H 145 36.17 36.89 2.73
CA PHE H 145 35.14 37.43 1.87
C PHE H 145 34.25 38.43 2.63
N PHE H 146 33.87 38.08 3.84
CA PHE H 146 33.10 38.99 4.67
C PHE H 146 33.87 40.30 4.92
N ALA H 147 35.14 40.20 5.30
CA ALA H 147 35.93 41.40 5.55
C ALA H 147 36.05 42.25 4.28
N SER H 148 36.06 41.59 3.12
CA SER H 148 36.17 42.30 1.85
C SER H 148 34.93 43.11 1.49
N VAL H 149 33.78 42.79 2.08
CA VAL H 149 32.54 43.48 1.75
C VAL H 149 32.02 44.31 2.94
N ALA H 150 32.58 44.05 4.12
CA ALA H 150 32.14 44.73 5.33
C ALA H 150 32.27 46.25 5.21
N GLU H 151 31.23 46.97 5.62
CA GLU H 151 31.32 48.42 5.70
C GLU H 151 31.94 48.82 7.03
N LYS H 152 32.75 49.87 7.01
CA LYS H 152 33.33 50.34 8.26
C LYS H 152 32.37 51.17 9.11
N VAL H 153 32.43 50.92 10.41
CA VAL H 153 31.64 51.64 11.40
C VAL H 153 32.47 51.82 12.66
N GLU H 154 32.82 53.07 12.97
CA GLU H 154 33.66 53.34 14.13
C GLU H 154 33.08 52.72 15.40
N GLN H 155 31.81 52.96 15.62
CA GLN H 155 31.16 52.42 16.80
C GLN H 155 29.79 51.80 16.48
N VAL H 156 29.68 50.50 16.70
CA VAL H 156 28.47 49.74 16.45
C VAL H 156 27.38 50.15 17.43
N ARG H 157 26.31 50.75 16.92
CA ARG H 157 25.24 51.22 17.81
C ARG H 157 23.88 50.71 17.37
N THR H 158 23.75 50.49 16.06
CA THR H 158 22.48 50.32 15.41
C THR H 158 22.33 48.88 14.90
N SER H 159 21.10 48.42 14.66
CA SER H 159 20.85 47.12 14.06
C SER H 159 21.35 47.02 12.62
N GLU H 160 21.43 48.15 11.94
CA GLU H 160 22.10 48.21 10.64
C GLU H 160 23.61 48.10 10.84
N ASP H 161 24.14 48.89 11.77
CA ASP H 161 25.56 48.82 12.08
C ASP H 161 26.04 47.39 12.30
N VAL H 162 25.29 46.63 13.11
CA VAL H 162 25.79 45.32 13.54
C VAL H 162 25.92 44.33 12.39
N VAL H 163 25.04 44.44 11.40
CA VAL H 163 25.02 43.52 10.27
C VAL H 163 25.98 43.97 9.17
N VAL H 164 25.80 45.20 8.72
CA VAL H 164 26.55 45.75 7.61
C VAL H 164 28.07 45.80 7.86
N SER H 165 28.47 46.03 9.10
CA SER H 165 29.89 46.08 9.44
C SER H 165 30.50 44.68 9.57
N LYS H 166 29.68 43.64 9.42
CA LYS H 166 30.23 42.28 9.49
C LYS H 166 30.10 41.52 8.18
N VAL H 167 28.93 41.58 7.55
CA VAL H 167 28.67 40.78 6.34
C VAL H 167 28.44 41.63 5.11
N GLY H 168 28.38 42.95 5.28
CA GLY H 168 28.25 43.85 4.14
C GLY H 168 26.82 44.17 3.79
N ARG H 169 26.66 45.00 2.78
CA ARG H 169 25.39 45.65 2.48
C ARG H 169 24.42 44.74 1.70
N ASP H 170 24.95 43.97 0.76
CA ASP H 170 24.11 43.05 -0.01
C ASP H 170 23.45 41.97 0.88
N LEU H 171 24.24 41.31 1.72
CA LEU H 171 23.70 40.27 2.59
C LEU H 171 22.69 40.92 3.54
N TYR H 172 23.02 42.13 3.98
CA TYR H 172 22.11 42.92 4.80
C TYR H 172 20.79 43.14 4.09
N ASN H 173 20.83 43.51 2.81
CA ASN H 173 19.60 43.77 2.07
C ASN H 173 18.77 42.51 1.91
N LYS H 174 19.44 41.41 1.62
CA LYS H 174 18.75 40.16 1.30
C LYS H 174 18.11 39.47 2.51
N PHE H 175 18.71 39.61 3.68
CA PHE H 175 18.26 38.86 4.85
C PHE H 175 17.71 39.70 6.00
N PHE H 176 18.29 40.88 6.23
CA PHE H 176 17.93 41.68 7.39
C PHE H 176 17.04 42.89 7.14
N ARG H 177 17.33 43.67 6.12
CA ARG H 177 16.65 44.95 5.92
C ARG H 177 15.15 44.79 5.76
N GLY H 178 14.73 44.05 4.75
CA GLY H 178 13.30 43.85 4.49
C GLY H 178 12.54 43.25 5.66
N TYR H 179 13.12 42.25 6.31
CA TYR H 179 12.44 41.53 7.39
C TYR H 179 12.25 42.46 8.58
N THR H 180 13.30 43.18 8.93
CA THR H 180 13.31 44.10 10.06
C THR H 180 12.28 45.22 9.89
N ARG H 181 12.22 45.78 8.69
CA ARG H 181 11.25 46.84 8.40
C ARG H 181 9.83 46.34 8.52
N LYS H 182 9.59 45.12 8.04
CA LYS H 182 8.28 44.51 8.09
C LYS H 182 7.89 44.15 9.53
N GLN H 183 8.83 43.53 10.26
CA GLN H 183 8.58 43.07 11.62
C GLN H 183 8.35 44.20 12.63
N TRP H 184 9.08 45.30 12.46
CA TRP H 184 9.09 46.38 13.44
C TRP H 184 8.39 47.66 12.98
N GLY H 185 8.25 47.86 11.66
CA GLY H 185 7.76 49.13 11.15
C GLY H 185 8.85 50.20 11.25
N LEU H 186 10.07 49.72 11.43
CA LEU H 186 11.26 50.55 11.63
C LEU H 186 12.39 50.01 10.77
N ASP H 187 13.26 50.89 10.33
CA ASP H 187 14.46 50.49 9.62
C ASP H 187 15.48 50.03 10.68
N PRO H 188 16.35 49.08 10.32
CA PRO H 188 17.35 48.61 11.28
C PRO H 188 18.26 49.73 11.83
N SER H 189 18.31 50.87 11.15
CA SER H 189 19.14 51.98 11.63
C SER H 189 18.45 52.66 12.78
N GLU H 190 17.13 52.47 12.88
CA GLU H 190 16.32 53.05 13.95
C GLU H 190 16.21 52.16 15.18
N LEU H 191 16.91 51.02 15.20
CA LEU H 191 16.84 50.10 16.34
C LEU H 191 18.19 49.91 17.02
N ASP H 192 18.17 49.62 18.30
CA ASP H 192 19.40 49.29 19.00
C ASP H 192 20.03 48.07 18.34
N ALA H 193 21.36 48.02 18.36
CA ALA H 193 22.09 46.92 17.73
C ALA H 193 21.65 45.57 18.25
N SER H 194 21.19 45.54 19.51
CA SER H 194 20.84 44.30 20.19
C SER H 194 19.85 43.44 19.42
N VAL H 195 19.01 44.07 18.61
CA VAL H 195 17.92 43.36 17.96
C VAL H 195 18.41 42.41 16.88
N THR H 196 19.15 42.91 15.90
CA THR H 196 19.64 42.03 14.84
C THR H 196 20.82 41.21 15.33
N ALA H 197 21.49 41.68 16.38
CA ALA H 197 22.58 40.91 16.96
C ALA H 197 22.11 39.59 17.59
N ARG H 198 20.80 39.43 17.76
CA ARG H 198 20.27 38.13 18.18
C ARG H 198 20.60 37.02 17.19
N VAL H 199 20.71 37.37 15.91
CA VAL H 199 20.93 36.37 14.87
C VAL H 199 22.30 36.53 14.26
N PRO H 200 23.32 36.04 14.97
CA PRO H 200 24.72 36.27 14.63
C PRO H 200 25.04 35.58 13.30
N THR H 201 26.07 36.05 12.61
CA THR H 201 26.49 35.41 11.38
C THR H 201 27.63 34.42 11.67
N ARG H 202 27.75 33.40 10.84
CA ARG H 202 28.69 32.32 11.06
C ARG H 202 29.57 32.13 9.85
N THR H 203 30.76 31.63 10.07
CA THR H 203 31.65 31.25 8.97
C THR H 203 31.74 29.72 8.84
N ASN H 204 31.19 28.99 9.82
CA ASN H 204 31.08 27.53 9.75
C ASN H 204 29.82 27.09 9.00
N ARG H 205 29.42 25.82 9.16
CA ARG H 205 28.27 25.30 8.42
C ARG H 205 27.15 24.82 9.34
N ASP H 206 27.15 25.35 10.56
CA ASP H 206 26.09 25.06 11.49
C ASP H 206 24.81 25.73 10.98
N ASN H 207 23.73 24.97 10.86
CA ASN H 207 22.49 25.53 10.33
C ASN H 207 21.36 25.57 11.35
N ARG H 208 21.70 25.34 12.62
CA ARG H 208 20.73 25.46 13.71
C ARG H 208 20.46 26.92 14.00
N TYR H 209 19.25 27.21 14.43
CA TYR H 209 18.95 28.58 14.75
C TYR H 209 19.63 28.99 16.05
N PHE H 210 19.92 28.02 16.90
CA PHE H 210 20.57 28.25 18.20
C PHE H 210 21.75 27.32 18.39
N ALA H 211 22.83 27.83 19.00
CA ALA H 211 23.97 27.00 19.34
C ALA H 211 23.93 26.56 20.81
N ASP H 212 22.80 26.82 21.47
CA ASP H 212 22.62 26.52 22.88
C ASP H 212 22.94 25.07 23.26
N THR H 213 23.37 24.89 24.50
CA THR H 213 23.70 23.59 25.07
C THR H 213 22.46 22.72 25.27
N TYR H 214 21.38 23.32 25.76
CA TYR H 214 20.15 22.57 25.97
C TYR H 214 19.05 23.00 25.00
N GLN H 215 18.76 22.10 24.06
CA GLN H 215 17.67 22.32 23.11
C GLN H 215 16.74 21.12 23.07
N ALA H 216 15.50 21.35 23.51
CA ALA H 216 14.51 20.30 23.66
C ALA H 216 13.15 20.93 23.90
N MET H 217 12.09 20.26 23.46
CA MET H 217 10.73 20.74 23.68
C MET H 217 10.09 19.96 24.83
N PRO H 218 9.23 20.62 25.62
CA PRO H 218 8.48 19.87 26.63
C PRO H 218 7.71 18.75 25.97
N LEU H 219 7.93 17.52 26.42
CA LEU H 219 7.45 16.31 25.75
C LEU H 219 5.95 16.33 25.43
N HIS H 220 5.13 16.77 26.38
CA HIS H 220 3.70 16.86 26.10
C HIS H 220 3.21 18.32 26.01
N GLY H 221 4.10 19.22 25.61
CA GLY H 221 3.73 20.62 25.40
C GLY H 221 3.88 21.51 26.63
N TYR H 222 3.85 22.82 26.42
CA TYR H 222 4.03 23.81 27.49
C TYR H 222 2.90 23.81 28.52
N THR H 223 1.66 23.71 28.04
CA THR H 223 0.50 23.83 28.92
C THR H 223 0.51 22.76 30.01
N ARG H 224 0.87 21.53 29.65
CA ARG H 224 0.98 20.45 30.63
C ARG H 224 2.06 20.78 31.68
N MET H 225 3.19 21.30 31.22
CA MET H 225 4.27 21.74 32.10
C MET H 225 3.78 22.82 33.07
N PHE H 226 3.09 23.84 32.55
CA PHE H 226 2.53 24.90 33.38
C PHE H 226 1.53 24.34 34.40
N GLN H 227 0.75 23.36 33.99
CA GLN H 227 -0.24 22.76 34.87
C GLN H 227 0.46 22.16 36.10
N ASN H 228 1.59 21.50 35.86
CA ASN H 228 2.37 20.95 36.94
C ASN H 228 2.93 22.05 37.83
N MET H 229 3.49 23.08 37.20
CA MET H 229 4.02 24.23 37.92
C MET H 229 3.00 24.85 38.87
N LEU H 230 1.76 24.95 38.43
CA LEU H 230 0.74 25.61 39.26
C LEU H 230 -0.11 24.66 40.13
N SER H 231 0.30 23.40 40.24
CA SER H 231 -0.54 22.39 40.89
C SER H 231 -0.68 22.48 42.42
N SER H 232 0.36 22.94 43.10
CA SER H 232 0.31 23.19 44.55
C SER H 232 -1.01 23.74 45.13
N PRO H 233 -1.46 23.17 46.26
CA PRO H 233 -2.63 23.60 47.01
C PRO H 233 -2.55 25.04 47.51
N ASN H 234 -1.36 25.65 47.46
CA ASN H 234 -1.22 27.05 47.86
C ASN H 234 -1.47 28.04 46.74
N ILE H 235 -1.63 27.53 45.51
CA ILE H 235 -1.85 28.37 44.35
C ILE H 235 -3.31 28.32 43.88
N LYS H 236 -4.00 29.45 43.99
CA LYS H 236 -5.31 29.59 43.37
C LYS H 236 -5.15 30.29 42.03
N VAL H 237 -5.84 29.78 41.03
CA VAL H 237 -5.72 30.27 39.66
C VAL H 237 -7.02 30.92 39.24
N MET H 238 -6.92 32.12 38.68
CA MET H 238 -8.12 32.86 38.26
C MET H 238 -7.96 33.29 36.80
N LEU H 239 -8.93 32.93 35.96
CA LEU H 239 -8.81 33.19 34.53
C LEU H 239 -9.91 34.09 33.99
N ASN H 240 -9.71 34.60 32.77
CA ASN H 240 -10.66 35.53 32.16
C ASN H 240 -10.83 36.79 33.01
N THR H 241 -9.76 37.17 33.73
CA THR H 241 -9.86 38.16 34.79
C THR H 241 -8.75 39.20 34.76
N ASP H 242 -9.10 40.46 34.47
CA ASP H 242 -8.15 41.56 34.63
C ASP H 242 -7.91 41.78 36.13
N TYR H 243 -6.66 41.92 36.55
CA TYR H 243 -6.33 42.05 37.97
C TYR H 243 -7.09 43.21 38.61
N ARG H 244 -7.36 44.24 37.82
CA ARG H 244 -8.11 45.40 38.29
C ARG H 244 -9.56 45.07 38.61
N GLU H 245 -10.09 44.02 37.99
CA GLU H 245 -11.49 43.66 38.21
C GLU H 245 -11.72 43.11 39.61
N ILE H 246 -10.63 42.71 40.27
CA ILE H 246 -10.75 42.07 41.57
C ILE H 246 -9.91 42.74 42.65
N ALA H 247 -9.02 43.65 42.26
CA ALA H 247 -8.00 44.17 43.18
C ALA H 247 -8.57 45.04 44.31
N ASP H 248 -9.77 45.56 44.14
CA ASP H 248 -10.46 46.27 45.23
C ASP H 248 -10.79 45.35 46.41
N PHE H 249 -11.44 44.23 46.14
CA PHE H 249 -12.08 43.48 47.21
C PHE H 249 -11.48 42.11 47.52
N ILE H 250 -10.48 41.70 46.75
CA ILE H 250 -9.70 40.55 47.16
C ILE H 250 -8.40 41.04 47.79
N PRO H 251 -8.30 40.96 49.11
CA PRO H 251 -7.16 41.40 49.91
C PRO H 251 -5.90 40.59 49.65
N PHE H 252 -4.78 41.30 49.47
CA PHE H 252 -3.48 40.68 49.28
C PHE H 252 -2.39 41.59 49.84
N GLN H 253 -1.32 40.98 50.35
CA GLN H 253 -0.17 41.70 50.92
C GLN H 253 0.63 42.38 49.82
N HIS H 254 1.19 41.54 48.95
CA HIS H 254 2.18 41.97 47.98
C HIS H 254 1.78 41.52 46.56
N MET H 255 2.03 42.37 45.58
CA MET H 255 1.70 42.05 44.20
C MET H 255 2.93 41.76 43.34
N ILE H 256 2.82 40.76 42.47
CA ILE H 256 3.80 40.54 41.43
C ILE H 256 3.13 40.78 40.08
N TYR H 257 3.64 41.76 39.33
CA TYR H 257 2.99 42.19 38.10
C TYR H 257 3.84 41.84 36.87
N THR H 258 3.23 41.22 35.86
CA THR H 258 4.00 40.78 34.69
C THR H 258 3.39 41.27 33.37
N GLY H 259 2.42 42.18 33.45
CA GLY H 259 1.89 42.81 32.25
C GLY H 259 2.76 43.97 31.77
N PRO H 260 2.27 44.72 30.78
CA PRO H 260 3.02 45.88 30.27
C PRO H 260 3.17 46.96 31.35
N VAL H 261 4.36 47.55 31.52
CA VAL H 261 4.56 48.59 32.54
C VAL H 261 3.70 49.80 32.34
N ASP H 262 3.57 50.27 31.09
CA ASP H 262 2.83 51.51 30.88
C ASP H 262 1.37 51.42 31.34
N ALA H 263 0.69 50.33 31.00
CA ALA H 263 -0.71 50.23 31.37
C ALA H 263 -0.90 50.25 32.88
N PHE H 264 0.10 49.75 33.61
CA PHE H 264 0.00 49.69 35.06
C PHE H 264 -0.03 51.08 35.69
N PHE H 265 0.57 52.05 35.03
CA PHE H 265 0.53 53.42 35.52
C PHE H 265 -0.34 54.32 34.64
N ASP H 266 -1.43 53.73 34.13
CA ASP H 266 -2.42 54.42 33.28
C ASP H 266 -1.84 55.29 32.16
N PHE H 267 -0.70 54.87 31.61
CA PHE H 267 -0.09 55.56 30.48
C PHE H 267 0.20 57.02 30.79
N CYS H 268 0.49 57.29 32.05
CA CYS H 268 0.68 58.67 32.51
C CYS H 268 1.78 59.42 31.73
N TYR H 269 2.76 58.69 31.20
CA TYR H 269 3.81 59.33 30.40
C TYR H 269 3.62 59.17 28.89
N GLY H 270 2.45 58.68 28.48
CA GLY H 270 2.23 58.32 27.08
C GLY H 270 2.51 56.84 26.81
N LYS H 271 2.09 56.36 25.65
CA LYS H 271 2.23 54.95 25.28
C LYS H 271 3.69 54.50 25.12
N LEU H 272 4.10 53.50 25.91
CA LEU H 272 5.40 52.84 25.72
C LEU H 272 5.24 51.88 24.55
N PRO H 273 6.08 52.01 23.51
CA PRO H 273 5.87 51.19 22.31
C PRO H 273 6.04 49.69 22.53
N TYR H 274 5.02 48.93 22.16
CA TYR H 274 5.11 47.49 22.06
C TYR H 274 4.70 47.10 20.65
N ARG H 275 5.40 46.15 20.05
CA ARG H 275 4.96 45.62 18.79
C ARG H 275 4.04 44.42 19.03
N SER H 276 3.04 44.26 18.17
CA SER H 276 2.09 43.18 18.31
C SER H 276 2.11 42.24 17.09
N LEU H 277 1.25 41.23 17.09
CA LEU H 277 1.19 40.30 15.97
C LEU H 277 -0.23 39.86 15.75
N GLU H 278 -0.54 39.50 14.51
CA GLU H 278 -1.79 38.83 14.20
C GLU H 278 -1.43 37.44 13.67
N PHE H 279 -2.15 36.42 14.12
CA PHE H 279 -1.85 35.04 13.75
C PHE H 279 -2.93 34.45 12.86
N ARG H 280 -2.51 33.82 11.75
CA ARG H 280 -3.43 33.15 10.85
CA ARG H 280 -3.45 33.13 10.87
C ARG H 280 -3.08 31.66 10.78
N HIS H 281 -3.89 30.83 11.41
CA HIS H 281 -3.67 29.39 11.49
C HIS H 281 -4.40 28.66 10.38
N GLU H 282 -3.77 27.63 9.83
CA GLU H 282 -4.38 26.79 8.79
C GLU H 282 -4.06 25.33 8.99
N THR H 283 -4.96 24.49 8.53
CA THR H 283 -4.72 23.06 8.55
C THR H 283 -4.79 22.49 7.13
N HIS H 284 -3.77 21.72 6.75
CA HIS H 284 -3.66 21.17 5.41
C HIS H 284 -3.66 19.64 5.41
N ASP H 285 -4.29 19.07 4.40
CA ASP H 285 -4.42 17.62 4.27
C ASP H 285 -3.18 16.95 3.67
N THR H 286 -2.03 17.13 4.31
CA THR H 286 -0.83 16.35 4.03
C THR H 286 -0.07 16.22 5.32
N GLU H 287 0.89 15.31 5.34
CA GLU H 287 1.67 15.13 6.52
C GLU H 287 2.70 16.24 6.73
N GLN H 288 3.09 16.91 5.66
CA GLN H 288 4.19 17.88 5.75
C GLN H 288 4.16 18.96 4.68
N LEU H 289 4.02 20.20 5.13
CA LEU H 289 3.93 21.33 4.22
C LEU H 289 5.29 22.00 3.96
N LEU H 290 6.14 22.07 4.98
CA LEU H 290 7.42 22.76 4.89
C LEU H 290 8.59 21.81 5.11
N PRO H 291 9.78 22.19 4.61
CA PRO H 291 10.98 21.35 4.79
C PRO H 291 11.64 21.55 6.15
N THR H 292 11.25 22.57 6.92
CA THR H 292 11.73 22.76 8.30
C THR H 292 10.65 23.40 9.17
N GLY H 293 10.95 23.56 10.45
CA GLY H 293 9.99 24.11 11.39
C GLY H 293 9.45 25.47 11.01
N THR H 294 10.33 26.33 10.48
CA THR H 294 9.93 27.68 10.12
C THR H 294 10.63 28.17 8.84
N VAL H 295 9.84 28.75 7.95
CA VAL H 295 10.37 29.45 6.78
C VAL H 295 10.15 30.97 6.92
N ASN H 296 11.23 31.74 6.80
CA ASN H 296 11.21 33.21 6.89
C ASN H 296 11.03 33.92 5.53
N TYR H 297 10.36 35.07 5.53
CA TYR H 297 10.17 35.83 4.30
C TYR H 297 10.63 37.29 4.40
N PRO H 298 11.95 37.51 4.27
CA PRO H 298 12.54 38.85 4.43
C PRO H 298 12.05 39.83 3.38
N ASN H 299 11.70 39.31 2.20
CA ASN H 299 11.55 40.16 1.03
C ASN H 299 10.23 39.99 0.30
N ASP H 300 9.36 39.15 0.86
CA ASP H 300 8.13 38.79 0.18
C ASP H 300 6.98 38.69 1.15
N TYR H 301 5.78 39.01 0.68
CA TYR H 301 4.54 38.81 1.43
C TYR H 301 4.38 39.73 2.62
N ALA H 302 3.14 39.87 3.09
CA ALA H 302 2.86 40.65 4.29
C ALA H 302 3.22 39.91 5.58
N TYR H 303 3.37 38.59 5.50
CA TYR H 303 3.77 37.84 6.69
C TYR H 303 5.29 37.77 6.80
N THR H 304 5.79 37.63 8.03
CA THR H 304 7.23 37.50 8.25
C THR H 304 7.75 36.07 8.14
N ARG H 305 6.90 35.10 8.48
CA ARG H 305 7.31 33.69 8.50
C ARG H 305 6.12 32.74 8.62
N VAL H 306 6.31 31.49 8.20
CA VAL H 306 5.32 30.43 8.42
C VAL H 306 5.99 29.35 9.25
N SER H 307 5.27 28.82 10.23
CA SER H 307 5.81 27.75 11.05
C SER H 307 4.93 26.52 10.99
N GLU H 308 5.53 25.34 11.10
CA GLU H 308 4.79 24.09 11.01
C GLU H 308 5.01 23.26 12.25
N PHE H 309 3.97 23.13 13.06
CA PHE H 309 4.13 22.65 14.43
C PHE H 309 4.61 21.20 14.57
N LYS H 310 4.24 20.32 13.66
CA LYS H 310 4.70 18.94 13.77
C LYS H 310 6.24 18.79 13.78
N HIS H 311 6.95 19.68 13.08
CA HIS H 311 8.42 19.68 13.10
C HIS H 311 8.90 19.92 14.52
N ILE H 312 8.19 20.79 15.22
CA ILE H 312 8.58 21.26 16.54
C ILE H 312 8.14 20.29 17.66
N THR H 313 6.95 19.73 17.55
CA THR H 313 6.41 18.89 18.61
C THR H 313 6.76 17.42 18.44
N GLY H 314 7.11 17.04 17.22
CA GLY H 314 7.34 15.65 16.90
C GLY H 314 6.06 14.85 16.75
N GLN H 315 4.91 15.50 16.86
CA GLN H 315 3.63 14.81 16.73
C GLN H 315 3.49 14.09 15.37
N ARG H 316 2.88 12.91 15.40
CA ARG H 316 2.55 12.20 14.18
C ARG H 316 1.06 12.38 13.88
N HIS H 317 0.70 12.64 12.62
CA HIS H 317 -0.68 13.01 12.32
C HIS H 317 -0.87 12.97 10.82
N HIS H 318 -2.08 12.62 10.35
CA HIS H 318 -2.28 12.53 8.90
C HIS H 318 -2.45 13.88 8.23
N GLN H 319 -2.77 14.90 9.02
CA GLN H 319 -2.79 16.27 8.51
C GLN H 319 -1.68 17.12 9.12
N THR H 320 -1.69 18.43 8.84
CA THR H 320 -0.70 19.32 9.40
C THR H 320 -1.21 20.74 9.58
N SER H 321 -0.81 21.39 10.67
CA SER H 321 -1.26 22.75 10.97
C SER H 321 -0.08 23.70 11.00
N VAL H 322 -0.30 24.89 10.45
CA VAL H 322 0.77 25.88 10.33
C VAL H 322 0.23 27.25 10.74
N VAL H 323 1.14 28.20 10.92
CA VAL H 323 0.73 29.56 11.28
C VAL H 323 1.58 30.62 10.56
N TYR H 324 0.90 31.61 10.01
CA TYR H 324 1.55 32.74 9.37
C TYR H 324 1.49 33.91 10.34
N GLU H 325 2.55 34.69 10.41
CA GLU H 325 2.62 35.81 11.35
C GLU H 325 2.55 37.16 10.65
N TYR H 326 1.61 38.00 11.09
CA TYR H 326 1.50 39.35 10.56
C TYR H 326 1.83 40.38 11.64
N PRO H 327 2.95 41.11 11.47
CA PRO H 327 3.31 42.17 12.42
C PRO H 327 2.25 43.26 12.43
N ARG H 328 2.01 43.84 13.60
CA ARG H 328 0.97 44.84 13.76
C ARG H 328 1.43 45.89 14.73
N ALA H 329 1.04 47.14 14.47
CA ALA H 329 1.36 48.23 15.38
C ALA H 329 0.39 48.24 16.56
N GLU H 330 -0.80 47.68 16.35
CA GLU H 330 -1.88 47.67 17.33
C GLU H 330 -2.20 46.24 17.79
N GLY H 331 -2.52 46.06 19.07
CA GLY H 331 -2.94 44.77 19.59
C GLY H 331 -2.22 44.32 20.86
N ASP H 332 -2.40 43.06 21.27
CA ASP H 332 -1.72 42.55 22.47
C ASP H 332 -0.21 42.80 22.38
N PRO H 333 0.39 43.28 23.46
CA PRO H 333 1.83 43.54 23.43
C PRO H 333 2.68 42.26 23.42
N TYR H 334 3.56 42.12 22.43
CA TYR H 334 4.42 40.94 22.36
C TYR H 334 5.91 41.28 22.39
N TYR H 335 6.28 42.45 21.83
CA TYR H 335 7.68 42.87 21.79
C TYR H 335 7.93 44.28 22.34
N PRO H 336 8.86 44.41 23.29
CA PRO H 336 9.38 45.77 23.54
C PRO H 336 10.06 46.22 22.26
N VAL H 337 10.17 47.53 22.02
CA VAL H 337 10.86 48.05 20.83
C VAL H 337 12.19 48.71 21.20
N PRO H 338 13.27 47.93 21.25
CA PRO H 338 14.55 48.42 21.76
C PRO H 338 15.22 49.48 20.88
N ARG H 339 15.21 50.71 21.37
CA ARG H 339 15.93 51.83 20.78
C ARG H 339 16.09 52.88 21.88
N PRO H 340 17.02 53.84 21.69
CA PRO H 340 17.33 54.80 22.78
C PRO H 340 16.11 55.51 23.38
N GLU H 341 15.21 56.04 22.56
CA GLU H 341 14.12 56.83 23.11
C GLU H 341 13.07 55.99 23.82
N ASN H 342 12.86 54.76 23.37
CA ASN H 342 11.98 53.85 24.09
C ASN H 342 12.64 53.44 25.38
N ALA H 343 13.96 53.26 25.34
CA ALA H 343 14.68 52.92 26.57
C ALA H 343 14.54 54.02 27.63
N GLU H 344 14.40 55.27 27.18
CA GLU H 344 14.33 56.38 28.14
C GLU H 344 12.91 56.54 28.65
N LEU H 345 11.93 56.33 27.79
CA LEU H 345 10.55 56.34 28.22
C LEU H 345 10.33 55.21 29.24
N TYR H 346 10.93 54.06 28.99
CA TYR H 346 10.77 52.95 29.92
C TYR H 346 11.35 53.31 31.28
N LYS H 347 12.53 53.93 31.27
CA LYS H 347 13.17 54.37 32.52
C LYS H 347 12.26 55.24 33.39
N LYS H 348 11.48 56.13 32.78
CA LYS H 348 10.51 56.90 33.54
C LYS H 348 9.53 55.98 34.28
N TYR H 349 8.89 55.08 33.54
CA TYR H 349 7.98 54.09 34.14
C TYR H 349 8.72 53.23 35.14
N GLU H 350 9.97 52.91 34.85
CA GLU H 350 10.77 52.07 35.75
C GLU H 350 10.95 52.70 37.13
N ALA H 351 11.10 54.02 37.18
CA ALA H 351 11.23 54.69 38.46
C ALA H 351 9.91 54.62 39.23
N LEU H 352 8.79 54.75 38.55
CA LEU H 352 7.49 54.55 39.19
C LEU H 352 7.37 53.14 39.78
N ALA H 353 7.84 52.15 39.02
CA ALA H 353 7.79 50.77 39.47
C ALA H 353 8.71 50.57 40.66
N ASP H 354 9.93 51.10 40.56
CA ASP H 354 10.87 51.02 41.67
C ASP H 354 10.24 51.62 42.93
N ALA H 355 9.43 52.67 42.76
CA ALA H 355 8.79 53.34 43.89
C ALA H 355 7.64 52.56 44.54
N ALA H 356 6.89 51.80 43.75
CA ALA H 356 5.73 51.07 44.29
C ALA H 356 6.20 49.92 45.18
N GLN H 357 6.12 50.14 46.49
CA GLN H 357 6.77 49.27 47.47
C GLN H 357 6.23 47.85 47.49
N ASP H 358 4.91 47.71 47.40
CA ASP H 358 4.31 46.40 47.54
C ASP H 358 4.07 45.74 46.19
N VAL H 359 4.83 46.17 45.19
CA VAL H 359 4.74 45.61 43.84
C VAL H 359 6.12 45.28 43.29
N THR H 360 6.29 44.05 42.82
CA THR H 360 7.50 43.63 42.13
C THR H 360 7.15 43.44 40.65
N PHE H 361 7.99 44.00 39.77
CA PHE H 361 7.78 43.89 38.33
C PHE H 361 8.74 42.87 37.72
N VAL H 362 8.20 41.92 36.95
CA VAL H 362 9.04 40.87 36.34
C VAL H 362 8.47 40.37 35.01
N GLY H 363 9.34 39.98 34.09
CA GLY H 363 8.94 39.45 32.81
C GLY H 363 9.26 40.31 31.59
N ARG H 364 9.08 39.76 30.39
CA ARG H 364 9.31 40.48 29.14
C ARG H 364 8.57 41.83 29.06
N LEU H 365 7.29 41.83 29.41
CA LEU H 365 6.43 43.01 29.31
C LEU H 365 6.65 44.00 30.45
N ALA H 366 6.79 43.48 31.66
CA ALA H 366 6.81 44.29 32.87
C ALA H 366 8.16 45.00 33.06
N THR H 367 9.23 44.44 32.52
CA THR H 367 10.53 45.08 32.63
C THR H 367 11.07 45.53 31.26
N TYR H 368 10.24 45.40 30.23
CA TYR H 368 10.58 45.87 28.89
C TYR H 368 11.88 45.25 28.38
N ARG H 369 11.97 43.93 28.43
CA ARG H 369 13.15 43.23 27.94
C ARG H 369 12.82 42.18 26.88
N TYR H 370 13.54 42.26 25.77
CA TYR H 370 13.39 41.31 24.68
C TYR H 370 14.00 39.98 25.13
N TYR H 371 13.29 39.31 26.05
CA TYR H 371 13.79 38.08 26.69
C TYR H 371 13.18 36.80 26.09
N ASN H 372 14.02 35.77 25.97
CA ASN H 372 13.58 34.41 25.62
C ASN H 372 13.00 33.71 26.85
N MET H 373 12.34 32.57 26.64
CA MET H 373 11.66 31.88 27.76
C MET H 373 12.61 31.57 28.91
N ASP H 374 13.78 31.03 28.59
CA ASP H 374 14.73 30.64 29.61
C ASP H 374 15.22 31.85 30.41
N GLN H 375 15.38 32.98 29.73
CA GLN H 375 15.80 34.22 30.39
C GLN H 375 14.78 34.74 31.40
N VAL H 376 13.49 34.71 31.04
CA VAL H 376 12.42 35.09 31.96
C VAL H 376 12.39 34.15 33.19
N VAL H 377 12.57 32.86 32.94
CA VAL H 377 12.65 31.92 34.05
C VAL H 377 13.83 32.28 34.98
N ALA H 378 15.00 32.55 34.42
CA ALA H 378 16.15 32.93 35.24
C ALA H 378 15.85 34.20 36.02
N GLN H 379 15.17 35.15 35.38
CA GLN H 379 14.79 36.40 36.03
C GLN H 379 13.79 36.19 37.16
N ALA H 380 12.78 35.36 36.90
CA ALA H 380 11.81 34.99 37.94
C ALA H 380 12.51 34.30 39.12
N LEU H 381 13.35 33.31 38.84
CA LEU H 381 14.09 32.62 39.91
C LEU H 381 14.89 33.59 40.80
N ALA H 382 15.64 34.49 40.16
CA ALA H 382 16.43 35.47 40.90
C ALA H 382 15.53 36.42 41.71
N THR H 383 14.40 36.83 41.13
CA THR H 383 13.47 37.69 41.84
C THR H 383 12.91 37.00 43.08
N PHE H 384 12.74 35.70 42.99
CA PHE H 384 12.34 34.91 44.14
C PHE H 384 13.42 35.01 45.21
N ARG H 385 14.66 34.77 44.81
CA ARG H 385 15.77 34.88 45.74
C ARG H 385 15.79 36.23 46.46
N ARG H 386 15.56 37.32 45.74
CA ARG H 386 15.48 38.64 46.40
C ARG H 386 14.35 38.68 47.41
N LEU H 387 13.16 38.23 47.00
CA LEU H 387 11.99 38.27 47.86
C LEU H 387 12.19 37.48 49.14
N GLN H 388 13.13 36.54 49.12
CA GLN H 388 13.35 35.73 50.30
C GLN H 388 13.96 36.52 51.47
N GLY H 389 15.25 36.88 51.46
CA GLY H 389 16.27 36.46 50.51
C GLY H 389 17.59 36.45 51.26
N GLN H 390 18.72 36.38 50.56
CA GLN H 390 18.76 36.31 49.10
C GLN H 390 18.61 34.86 48.67
N SER I 27 -18.77 -0.18 -60.60
CA SER I 27 -17.41 0.11 -61.04
C SER I 27 -16.91 -0.98 -61.99
N LYS I 28 -16.02 -0.61 -62.92
CA LYS I 28 -15.54 -1.54 -63.94
C LYS I 28 -14.04 -1.77 -63.87
N GLY I 29 -13.39 -1.10 -62.93
CA GLY I 29 -11.95 -1.23 -62.73
C GLY I 29 -11.38 -0.18 -61.81
N PHE I 30 -10.06 -0.02 -61.86
CA PHE I 30 -9.34 0.88 -60.96
C PHE I 30 -8.47 1.87 -61.73
N ASP I 31 -8.40 3.11 -61.25
CA ASP I 31 -7.47 4.09 -61.78
C ASP I 31 -6.00 3.74 -61.42
N TYR I 32 -5.75 3.26 -60.20
CA TYR I 32 -4.40 2.90 -59.78
C TYR I 32 -4.33 1.56 -59.04
N LEU I 33 -3.31 0.78 -59.34
CA LEU I 33 -2.95 -0.36 -58.52
C LEU I 33 -1.71 0.04 -57.73
N ILE I 34 -1.83 0.05 -56.41
CA ILE I 34 -0.74 0.46 -55.54
C ILE I 34 -0.17 -0.73 -54.79
N VAL I 35 1.13 -0.93 -54.93
CA VAL I 35 1.79 -2.10 -54.40
C VAL I 35 2.58 -1.75 -53.14
N GLY I 36 2.11 -2.27 -52.01
CA GLY I 36 2.69 -1.92 -50.72
C GLY I 36 1.81 -0.93 -49.98
N ALA I 37 1.49 -1.24 -48.73
CA ALA I 37 0.63 -0.40 -47.90
C ALA I 37 1.38 0.19 -46.70
N GLY I 38 2.67 0.41 -46.88
CA GLY I 38 3.45 1.23 -45.97
C GLY I 38 3.18 2.70 -46.24
N PHE I 39 4.03 3.57 -45.70
CA PHE I 39 3.83 5.01 -45.86
C PHE I 39 3.75 5.39 -47.34
N ALA I 40 4.66 4.84 -48.14
CA ALA I 40 4.72 5.23 -49.54
C ALA I 40 3.37 4.99 -50.23
N GLY I 41 2.90 3.74 -50.20
CA GLY I 41 1.63 3.39 -50.83
C GLY I 41 0.43 4.09 -50.24
N SER I 42 0.32 4.09 -48.92
CA SER I 42 -0.89 4.60 -48.24
C SER I 42 -1.09 6.11 -48.40
N VAL I 43 0.01 6.87 -48.39
CA VAL I 43 -0.12 8.30 -48.54
C VAL I 43 -0.66 8.61 -49.93
N LEU I 44 -0.11 7.94 -50.95
CA LEU I 44 -0.55 8.09 -52.33
C LEU I 44 -2.00 7.60 -52.51
N ALA I 45 -2.34 6.47 -51.90
CA ALA I 45 -3.74 6.00 -51.89
C ALA I 45 -4.65 7.06 -51.31
N GLU I 46 -4.26 7.64 -50.18
CA GLU I 46 -5.11 8.63 -49.53
C GLU I 46 -5.30 9.83 -50.45
N ARG I 47 -4.21 10.32 -51.04
CA ARG I 47 -4.24 11.52 -51.87
C ARG I 47 -5.03 11.32 -53.19
N LEU I 48 -4.67 10.28 -53.95
CA LEU I 48 -5.43 9.92 -55.15
C LEU I 48 -6.94 9.75 -54.86
N ALA I 49 -7.27 8.96 -53.84
CA ALA I 49 -8.66 8.68 -53.53
C ALA I 49 -9.43 9.96 -53.17
N SER I 50 -8.78 10.88 -52.47
CA SER I 50 -9.46 12.11 -52.07
C SER I 50 -9.66 13.04 -53.27
N SER I 51 -8.97 12.77 -54.36
CA SER I 51 -9.13 13.55 -55.56
C SER I 51 -10.02 12.82 -56.58
N GLY I 52 -10.76 11.82 -56.11
CA GLY I 52 -11.72 11.12 -56.96
C GLY I 52 -11.30 9.82 -57.64
N GLN I 53 -10.01 9.47 -57.54
CA GLN I 53 -9.50 8.26 -58.16
C GLN I 53 -9.93 6.95 -57.47
N ARG I 54 -10.19 5.91 -58.25
CA ARG I 54 -10.42 4.57 -57.72
C ARG I 54 -9.07 3.86 -57.53
N VAL I 55 -8.80 3.49 -56.29
CA VAL I 55 -7.51 2.94 -55.90
C VAL I 55 -7.62 1.51 -55.35
N LEU I 56 -6.81 0.59 -55.87
CA LEU I 56 -6.65 -0.71 -55.22
C LEU I 56 -5.27 -0.77 -54.61
N ILE I 57 -5.19 -0.97 -53.30
CA ILE I 57 -3.88 -1.08 -52.67
C ILE I 57 -3.67 -2.50 -52.17
N VAL I 58 -2.48 -3.02 -52.40
CA VAL I 58 -2.20 -4.44 -52.22
C VAL I 58 -0.94 -4.64 -51.39
N ASP I 59 -0.90 -5.67 -50.54
CA ASP I 59 0.32 -6.00 -49.82
C ASP I 59 0.46 -7.52 -49.63
N ARG I 60 1.64 -8.06 -49.91
CA ARG I 60 1.88 -9.49 -49.70
C ARG I 60 1.75 -9.82 -48.22
N ARG I 61 1.92 -8.81 -47.36
CA ARG I 61 1.77 -8.99 -45.93
C ARG I 61 0.29 -9.01 -45.52
N PRO I 62 -0.04 -9.69 -44.43
CA PRO I 62 -1.43 -9.81 -44.00
C PRO I 62 -1.95 -8.56 -43.29
N HIS I 63 -1.18 -7.48 -43.33
CA HIS I 63 -1.56 -6.27 -42.61
C HIS I 63 -1.12 -5.03 -43.36
N ILE I 64 -1.72 -3.89 -43.04
CA ILE I 64 -1.29 -2.63 -43.62
C ILE I 64 -0.14 -2.02 -42.80
N GLY I 65 0.34 -0.84 -43.22
CA GLY I 65 1.39 -0.12 -42.52
C GLY I 65 2.83 -0.42 -42.89
N GLY I 66 3.07 -1.49 -43.64
CA GLY I 66 4.44 -1.86 -43.95
C GLY I 66 5.24 -2.04 -42.68
N ASN I 67 6.50 -1.61 -42.70
CA ASN I 67 7.40 -1.68 -41.53
C ASN I 67 6.93 -0.94 -40.30
N ALA I 68 6.07 0.05 -40.48
CA ALA I 68 5.62 0.87 -39.36
C ALA I 68 4.38 0.30 -38.67
N TYR I 69 3.91 -0.85 -39.14
CA TYR I 69 2.77 -1.53 -38.51
C TYR I 69 3.01 -1.70 -37.01
N ASP I 70 2.00 -1.40 -36.20
CA ASP I 70 2.06 -1.79 -34.78
C ASP I 70 0.82 -2.58 -34.33
N CYS I 71 0.94 -3.27 -33.21
CA CYS I 71 -0.12 -4.16 -32.75
C CYS I 71 0.10 -4.52 -31.28
N TYR I 72 -0.92 -5.10 -30.66
CA TYR I 72 -0.83 -5.52 -29.26
C TYR I 72 -0.35 -6.95 -29.18
N ASP I 73 0.63 -7.22 -28.31
CA ASP I 73 1.19 -8.55 -28.20
C ASP I 73 0.37 -9.43 -27.27
N ASP I 74 0.86 -10.63 -27.01
CA ASP I 74 0.12 -11.59 -26.19
C ASP I 74 -0.20 -11.06 -24.79
N ALA I 75 0.69 -10.23 -24.24
CA ALA I 75 0.46 -9.70 -22.89
C ALA I 75 -0.39 -8.43 -22.88
N GLY I 76 -0.67 -7.86 -24.04
CA GLY I 76 -1.47 -6.64 -24.10
C GLY I 76 -0.66 -5.37 -24.20
N VAL I 77 0.62 -5.50 -24.54
CA VAL I 77 1.50 -4.35 -24.74
C VAL I 77 1.52 -3.96 -26.22
N LEU I 78 1.43 -2.66 -26.50
CA LEU I 78 1.53 -2.16 -27.88
C LEU I 78 2.99 -2.20 -28.33
N ILE I 79 3.28 -2.91 -29.41
CA ILE I 79 4.66 -3.07 -29.86
C ILE I 79 4.83 -2.80 -31.36
N HIS I 80 6.08 -2.70 -31.79
CA HIS I 80 6.41 -2.58 -33.21
C HIS I 80 7.12 -3.85 -33.64
N PRO I 81 6.42 -4.72 -34.37
CA PRO I 81 6.97 -6.03 -34.72
C PRO I 81 8.24 -5.94 -35.57
N TYR I 82 8.42 -4.83 -36.29
CA TYR I 82 9.57 -4.68 -37.18
C TYR I 82 10.56 -3.66 -36.66
N GLY I 83 10.59 -3.50 -35.34
CA GLY I 83 11.59 -2.64 -34.74
C GLY I 83 11.01 -1.31 -34.34
N PRO I 84 11.69 -0.60 -33.43
CA PRO I 84 11.21 0.64 -32.86
C PRO I 84 11.12 1.70 -33.97
N HIS I 85 9.91 2.22 -34.21
CA HIS I 85 9.73 3.31 -35.15
C HIS I 85 9.36 4.59 -34.42
N ILE I 86 10.29 5.55 -34.39
CA ILE I 86 10.05 6.81 -33.72
C ILE I 86 9.81 7.92 -34.72
N PHE I 87 8.64 8.54 -34.66
CA PHE I 87 8.35 9.58 -35.63
C PHE I 87 8.98 10.94 -35.33
N HIS I 88 9.58 11.55 -36.35
CA HIS I 88 10.28 12.82 -36.18
C HIS I 88 10.43 13.52 -37.52
N THR I 89 10.26 14.84 -37.52
CA THR I 89 10.38 15.61 -38.75
C THR I 89 10.60 17.09 -38.50
N ASN I 90 11.30 17.73 -39.45
CA ASN I 90 11.41 19.18 -39.50
C ASN I 90 10.39 19.83 -40.40
N SER I 91 9.63 19.01 -41.13
CA SER I 91 8.65 19.52 -42.09
C SER I 91 7.27 19.74 -41.50
N LYS I 92 6.91 21.01 -41.35
CA LYS I 92 5.57 21.41 -40.92
C LYS I 92 4.48 20.79 -41.80
N ASP I 93 4.70 20.81 -43.11
CA ASP I 93 3.74 20.23 -44.05
C ASP I 93 3.54 18.75 -43.78
N VAL I 94 4.62 18.02 -43.56
CA VAL I 94 4.47 16.58 -43.30
C VAL I 94 3.73 16.36 -42.00
N PHE I 95 4.13 17.06 -40.94
CA PHE I 95 3.49 16.92 -39.66
C PHE I 95 1.99 17.24 -39.69
N GLU I 96 1.62 18.33 -40.36
CA GLU I 96 0.21 18.71 -40.45
C GLU I 96 -0.60 17.75 -41.32
N TYR I 97 0.05 17.18 -42.33
CA TYR I 97 -0.62 16.20 -43.17
C TYR I 97 -1.00 14.97 -42.34
N LEU I 98 -0.04 14.43 -41.61
CA LEU I 98 -0.29 13.26 -40.78
C LEU I 98 -1.32 13.59 -39.71
N SER I 99 -1.34 14.84 -39.23
CA SER I 99 -2.27 15.26 -38.18
C SER I 99 -3.73 15.04 -38.58
N ARG I 100 -3.99 15.01 -39.88
CA ARG I 100 -5.34 14.76 -40.35
C ARG I 100 -5.80 13.36 -39.93
N PHE I 101 -4.85 12.47 -39.66
CA PHE I 101 -5.22 11.06 -39.46
C PHE I 101 -4.97 10.49 -38.07
N THR I 102 -4.48 11.32 -37.15
CA THR I 102 -4.14 10.85 -35.83
C THR I 102 -3.87 12.03 -34.91
N GLU I 103 -4.08 11.84 -33.60
CA GLU I 103 -3.60 12.78 -32.59
C GLU I 103 -2.21 12.36 -32.17
N TRP I 104 -1.60 13.17 -31.32
CA TRP I 104 -0.20 12.94 -30.98
C TRP I 104 0.07 12.81 -29.49
N ARG I 105 1.04 11.96 -29.15
CA ARG I 105 1.67 11.98 -27.86
C ARG I 105 3.06 12.58 -28.05
N PRO I 106 3.32 13.74 -27.44
CA PRO I 106 4.67 14.31 -27.55
C PRO I 106 5.73 13.35 -27.00
N TYR I 107 6.82 13.19 -27.72
CA TYR I 107 7.88 12.28 -27.30
C TYR I 107 9.19 12.61 -28.00
N GLN I 108 10.23 12.84 -27.22
CA GLN I 108 11.57 13.04 -27.75
C GLN I 108 12.43 11.86 -27.32
N HIS I 109 12.76 11.00 -28.29
CA HIS I 109 13.45 9.75 -28.06
C HIS I 109 14.87 9.96 -27.55
N ARG I 110 15.29 9.16 -26.58
CA ARG I 110 16.68 9.19 -26.11
C ARG I 110 17.32 7.82 -26.09
N VAL I 111 18.58 7.76 -26.54
CA VAL I 111 19.32 6.51 -26.63
C VAL I 111 20.61 6.60 -25.84
N LEU I 112 20.90 5.54 -25.09
CA LEU I 112 22.20 5.41 -24.44
C LEU I 112 22.98 4.31 -25.12
N ALA I 113 24.29 4.45 -25.17
CA ALA I 113 25.17 3.41 -25.68
C ALA I 113 25.90 2.77 -24.52
N SER I 114 26.01 1.45 -24.54
CA SER I 114 26.80 0.71 -23.58
C SER I 114 28.27 0.70 -24.00
N VAL I 115 29.10 1.44 -23.28
CA VAL I 115 30.51 1.56 -23.61
C VAL I 115 31.33 1.57 -22.33
N ASP I 116 32.39 0.77 -22.26
CA ASP I 116 33.19 0.66 -21.04
C ASP I 116 32.33 0.46 -19.80
N GLY I 117 31.23 -0.28 -19.92
CA GLY I 117 30.39 -0.56 -18.78
C GLY I 117 29.51 0.58 -18.30
N GLN I 118 29.36 1.63 -19.11
CA GLN I 118 28.49 2.74 -18.77
C GLN I 118 27.40 2.94 -19.84
N LEU I 119 26.30 3.58 -19.44
CA LEU I 119 25.27 3.97 -20.40
C LEU I 119 25.45 5.46 -20.68
N LEU I 120 25.94 5.75 -21.88
CA LEU I 120 26.40 7.09 -22.23
C LEU I 120 25.58 7.65 -23.38
N PRO I 121 25.32 8.97 -23.38
CA PRO I 121 24.51 9.54 -24.47
C PRO I 121 25.09 9.26 -25.87
N ILE I 122 24.23 8.85 -26.79
CA ILE I 122 24.55 8.80 -28.22
C ILE I 122 23.38 9.52 -28.91
N PRO I 123 23.65 10.49 -29.78
CA PRO I 123 24.93 11.05 -30.28
C PRO I 123 25.85 11.51 -29.17
N ILE I 124 27.13 11.33 -29.41
CA ILE I 124 28.19 11.86 -28.57
C ILE I 124 27.97 13.37 -28.28
N ASN I 125 28.04 13.75 -27.00
CA ASN I 125 27.94 15.16 -26.60
C ASN I 125 28.92 15.49 -25.47
N LEU I 126 28.78 16.66 -24.86
CA LEU I 126 29.65 17.07 -23.77
C LEU I 126 29.66 16.01 -22.69
N ASP I 127 28.48 15.58 -22.27
CA ASP I 127 28.39 14.65 -21.15
C ASP I 127 28.99 13.29 -21.48
N THR I 128 28.80 12.84 -22.72
CA THR I 128 29.41 11.60 -23.21
C THR I 128 30.91 11.63 -23.01
N VAL I 129 31.53 12.74 -23.40
CA VAL I 129 32.99 12.87 -23.34
C VAL I 129 33.50 12.99 -21.91
N ASN I 130 32.86 13.85 -21.12
CA ASN I 130 33.21 14.06 -19.71
C ASN I 130 33.04 12.81 -18.87
N ARG I 131 31.93 12.10 -19.05
CA ARG I 131 31.70 10.88 -18.29
C ARG I 131 32.65 9.77 -18.73
N LEU I 132 32.84 9.63 -20.05
CA LEU I 132 33.70 8.57 -20.57
C LEU I 132 35.14 8.63 -20.03
N TYR I 133 35.71 9.82 -19.99
CA TYR I 133 37.14 9.99 -19.67
C TYR I 133 37.36 10.63 -18.31
N GLY I 134 36.26 10.92 -17.61
CA GLY I 134 36.34 11.63 -16.34
C GLY I 134 36.85 13.05 -16.45
N LEU I 135 36.45 13.76 -17.51
CA LEU I 135 36.86 15.16 -17.70
C LEU I 135 35.84 16.11 -17.08
N ASN I 136 36.18 17.39 -17.06
CA ASN I 136 35.20 18.41 -16.70
C ASN I 136 35.20 19.56 -17.71
N LEU I 137 35.25 19.20 -18.98
CA LEU I 137 35.28 20.19 -20.06
C LEU I 137 33.96 20.94 -20.16
N THR I 138 34.04 22.20 -20.57
CA THR I 138 32.85 22.96 -20.93
C THR I 138 32.57 22.78 -22.43
N SER I 139 31.40 23.22 -22.88
CA SER I 139 31.06 23.14 -24.30
C SER I 139 32.12 23.75 -25.18
N PHE I 140 32.62 24.91 -24.78
CA PHE I 140 33.71 25.56 -25.50
C PHE I 140 34.98 24.73 -25.53
N GLN I 141 35.35 24.13 -24.39
CA GLN I 141 36.53 23.30 -24.35
C GLN I 141 36.39 21.99 -25.13
N VAL I 142 35.20 21.41 -25.16
CA VAL I 142 35.03 20.12 -25.83
C VAL I 142 35.21 20.28 -27.34
N GLU I 143 34.93 21.48 -27.82
CA GLU I 143 35.17 21.79 -29.22
C GLU I 143 36.66 21.69 -29.58
N GLU I 144 37.52 22.30 -28.78
CA GLU I 144 38.97 22.22 -29.02
C GLU I 144 39.53 20.82 -28.78
N PHE I 145 38.92 20.08 -27.84
CA PHE I 145 39.35 18.71 -27.59
C PHE I 145 39.11 17.85 -28.83
N PHE I 146 37.94 18.00 -29.44
CA PHE I 146 37.63 17.29 -30.67
C PHE I 146 38.67 17.65 -31.73
N ALA I 147 38.88 18.95 -31.91
CA ALA I 147 39.86 19.44 -32.86
C ALA I 147 41.25 18.86 -32.58
N SER I 148 41.52 18.51 -31.33
CA SER I 148 42.85 18.04 -30.96
C SER I 148 43.05 16.55 -31.25
N VAL I 149 41.95 15.83 -31.50
CA VAL I 149 42.05 14.40 -31.78
C VAL I 149 41.63 14.04 -33.21
N ALA I 150 40.93 14.96 -33.87
CA ALA I 150 40.42 14.73 -35.21
C ALA I 150 41.52 14.36 -36.18
N GLU I 151 41.17 13.65 -37.24
CA GLU I 151 42.12 13.26 -38.23
C GLU I 151 41.72 14.00 -39.43
N LYS I 152 42.70 14.44 -40.20
CA LYS I 152 42.46 15.24 -41.37
C LYS I 152 42.20 14.34 -42.52
N VAL I 153 41.16 14.66 -43.25
CA VAL I 153 40.74 13.89 -44.39
C VAL I 153 40.56 14.91 -45.49
N GLU I 154 41.19 14.67 -46.63
CA GLU I 154 41.16 15.61 -47.73
C GLU I 154 39.77 15.77 -48.28
N GLN I 155 39.13 14.64 -48.50
CA GLN I 155 37.80 14.57 -49.04
C GLN I 155 37.11 13.59 -48.17
N VAL I 156 36.04 14.01 -47.51
CA VAL I 156 35.22 13.11 -46.73
C VAL I 156 34.29 12.33 -47.62
N ARG I 157 34.50 11.03 -47.71
CA ARG I 157 33.66 10.23 -48.58
C ARG I 157 32.99 9.01 -47.92
N THR I 158 33.68 8.38 -46.99
CA THR I 158 33.17 7.16 -46.39
C THR I 158 32.54 7.41 -45.00
N SER I 159 31.94 6.38 -44.43
CA SER I 159 31.37 6.48 -43.09
C SER I 159 32.45 6.56 -42.03
N GLU I 160 33.63 6.05 -42.36
CA GLU I 160 34.81 6.22 -41.49
C GLU I 160 35.27 7.69 -41.48
N ASP I 161 35.47 8.24 -42.68
CA ASP I 161 35.88 9.63 -42.85
C ASP I 161 35.05 10.59 -41.99
N VAL I 162 33.73 10.54 -42.11
CA VAL I 162 32.86 11.52 -41.46
C VAL I 162 33.08 11.57 -39.95
N VAL I 163 33.29 10.42 -39.31
CA VAL I 163 33.43 10.37 -37.86
C VAL I 163 34.86 10.68 -37.40
N VAL I 164 35.80 9.96 -37.99
CA VAL I 164 37.20 10.14 -37.66
C VAL I 164 37.67 11.58 -37.88
N SER I 165 37.08 12.28 -38.84
CA SER I 165 37.49 13.64 -39.11
C SER I 165 36.84 14.65 -38.17
N LYS I 166 35.98 14.16 -37.29
CA LYS I 166 35.24 15.04 -36.39
C LYS I 166 35.56 14.82 -34.91
N VAL I 167 35.68 13.56 -34.51
CA VAL I 167 35.90 13.27 -33.09
C VAL I 167 37.11 12.38 -32.85
N GLY I 168 37.78 12.01 -33.94
CA GLY I 168 38.99 11.21 -33.83
C GLY I 168 38.77 9.71 -33.78
N ARG I 169 39.87 8.99 -33.61
CA ARG I 169 39.93 7.55 -33.79
C ARG I 169 39.35 6.77 -32.62
N ASP I 170 39.73 7.14 -31.41
CA ASP I 170 39.27 6.44 -30.21
C ASP I 170 37.74 6.48 -30.06
N LEU I 171 37.13 7.66 -30.20
CA LEU I 171 35.68 7.76 -30.09
C LEU I 171 34.97 7.05 -31.24
N TYR I 172 35.57 7.11 -32.43
CA TYR I 172 35.12 6.31 -33.56
C TYR I 172 35.11 4.84 -33.18
N ASN I 173 36.23 4.34 -32.65
CA ASN I 173 36.33 2.94 -32.28
C ASN I 173 35.31 2.51 -31.24
N LYS I 174 35.04 3.40 -30.30
CA LYS I 174 34.26 3.11 -29.12
C LYS I 174 32.75 3.10 -29.41
N PHE I 175 32.33 3.90 -30.38
CA PHE I 175 30.91 4.13 -30.62
C PHE I 175 30.40 3.70 -32.00
N PHE I 176 31.26 3.78 -33.02
CA PHE I 176 30.81 3.56 -34.40
C PHE I 176 31.37 2.33 -35.10
N ARG I 177 32.65 2.06 -34.95
CA ARG I 177 33.28 0.98 -35.70
C ARG I 177 32.59 -0.36 -35.45
N GLY I 178 32.60 -0.80 -34.19
CA GLY I 178 31.96 -2.03 -33.79
C GLY I 178 30.48 -2.13 -34.15
N TYR I 179 29.73 -1.06 -33.89
CA TYR I 179 28.30 -1.03 -34.18
C TYR I 179 28.06 -1.18 -35.67
N THR I 180 28.80 -0.40 -36.46
CA THR I 180 28.65 -0.39 -37.90
C THR I 180 28.99 -1.76 -38.53
N ARG I 181 30.09 -2.37 -38.10
CA ARG I 181 30.46 -3.70 -38.61
C ARG I 181 29.38 -4.73 -38.35
N LYS I 182 28.81 -4.67 -37.15
CA LYS I 182 27.80 -5.61 -36.72
C LYS I 182 26.51 -5.38 -37.53
N GLN I 183 26.09 -4.13 -37.63
CA GLN I 183 24.86 -3.78 -38.35
C GLN I 183 24.90 -4.08 -39.86
N TRP I 184 26.03 -3.80 -40.51
CA TRP I 184 26.09 -3.88 -41.98
C TRP I 184 26.89 -5.06 -42.53
N GLY I 185 27.63 -5.75 -41.68
CA GLY I 185 28.57 -6.75 -42.14
C GLY I 185 29.67 -6.09 -42.95
N LEU I 186 29.87 -4.80 -42.72
CA LEU I 186 30.83 -3.98 -43.45
C LEU I 186 31.53 -3.02 -42.50
N ASP I 187 32.81 -2.77 -42.75
CA ASP I 187 33.50 -1.70 -42.06
C ASP I 187 32.99 -0.34 -42.56
N PRO I 188 33.03 0.69 -41.70
CA PRO I 188 32.58 2.04 -42.06
C PRO I 188 33.33 2.65 -43.24
N SER I 189 34.57 2.25 -43.46
CA SER I 189 35.31 2.70 -44.63
C SER I 189 34.68 2.16 -45.93
N GLU I 190 33.81 1.16 -45.79
CA GLU I 190 33.20 0.48 -46.95
C GLU I 190 31.80 1.01 -47.24
N LEU I 191 31.42 2.06 -46.53
CA LEU I 191 30.10 2.64 -46.69
C LEU I 191 30.21 4.12 -46.97
N ASP I 192 29.29 4.61 -47.79
CA ASP I 192 29.20 6.02 -48.07
C ASP I 192 29.13 6.82 -46.77
N ALA I 193 29.55 8.07 -46.82
CA ALA I 193 29.57 8.93 -45.64
C ALA I 193 28.19 9.11 -45.01
N SER I 194 27.16 9.04 -45.85
CA SER I 194 25.80 9.40 -45.46
C SER I 194 25.23 8.49 -44.36
N VAL I 195 25.81 7.30 -44.21
CA VAL I 195 25.37 6.37 -43.20
C VAL I 195 25.69 6.87 -41.78
N THR I 196 26.96 6.90 -41.40
CA THR I 196 27.29 7.31 -40.03
C THR I 196 27.01 8.80 -39.80
N ALA I 197 26.85 9.55 -40.88
CA ALA I 197 26.59 10.97 -40.76
C ALA I 197 25.15 11.21 -40.33
N ARG I 198 24.36 10.14 -40.31
CA ARG I 198 23.00 10.24 -39.77
C ARG I 198 23.03 10.63 -38.29
N VAL I 199 24.09 10.24 -37.60
CA VAL I 199 24.21 10.53 -36.18
C VAL I 199 25.24 11.62 -35.91
N PRO I 200 24.77 12.87 -35.89
CA PRO I 200 25.61 14.05 -35.74
C PRO I 200 26.31 14.05 -34.40
N THR I 201 27.55 14.51 -34.35
CA THR I 201 28.22 14.72 -33.06
C THR I 201 27.95 16.14 -32.54
N ARG I 202 27.97 16.30 -31.22
CA ARG I 202 27.61 17.58 -30.62
C ARG I 202 28.64 18.07 -29.62
N THR I 203 28.73 19.39 -29.50
CA THR I 203 29.54 20.02 -28.47
C THR I 203 28.63 20.47 -27.32
N ASN I 204 27.31 20.42 -27.52
CA ASN I 204 26.40 20.86 -26.48
C ASN I 204 25.99 19.70 -25.55
N ARG I 205 24.94 19.89 -24.75
CA ARG I 205 24.54 18.83 -23.83
C ARG I 205 23.18 18.26 -24.21
N ASP I 206 22.81 18.41 -25.47
CA ASP I 206 21.57 17.85 -25.97
C ASP I 206 21.68 16.32 -26.01
N ASN I 207 20.79 15.64 -25.31
CA ASN I 207 20.83 14.18 -25.32
C ASN I 207 19.72 13.50 -26.11
N ARG I 208 18.95 14.27 -26.88
CA ARG I 208 17.91 13.61 -27.70
C ARG I 208 18.52 13.00 -28.95
N TYR I 209 17.92 11.91 -29.44
CA TYR I 209 18.46 11.29 -30.63
C TYR I 209 18.18 12.20 -31.82
N PHE I 210 17.08 12.95 -31.75
CA PHE I 210 16.71 13.85 -32.85
C PHE I 210 16.55 15.28 -32.34
N ALA I 211 17.05 16.23 -33.11
CA ALA I 211 16.80 17.64 -32.82
C ALA I 211 15.68 18.22 -33.70
N ASP I 212 14.93 17.35 -34.37
CA ASP I 212 13.81 17.79 -35.21
C ASP I 212 12.83 18.65 -34.42
N THR I 213 12.24 19.62 -35.11
CA THR I 213 11.18 20.49 -34.61
C THR I 213 9.95 19.73 -34.11
N TYR I 214 9.53 18.71 -34.84
CA TYR I 214 8.31 17.99 -34.49
C TYR I 214 8.60 16.56 -34.06
N GLN I 215 8.45 16.28 -32.77
CA GLN I 215 8.66 14.93 -32.26
C GLN I 215 7.50 14.45 -31.42
N ALA I 216 6.82 13.41 -31.91
CA ALA I 216 5.58 12.93 -31.31
C ALA I 216 5.20 11.59 -31.93
N MET I 217 4.43 10.79 -31.21
CA MET I 217 4.02 9.47 -31.67
C MET I 217 2.52 9.50 -31.89
N PRO I 218 2.03 8.83 -32.94
CA PRO I 218 0.58 8.72 -33.11
C PRO I 218 -0.01 8.18 -31.81
N LEU I 219 -1.00 8.89 -31.28
CA LEU I 219 -1.45 8.67 -29.92
C LEU I 219 -1.96 7.25 -29.68
N HIS I 220 -2.60 6.67 -30.69
CA HIS I 220 -3.06 5.29 -30.55
C HIS I 220 -2.31 4.34 -31.47
N GLY I 221 -1.11 4.74 -31.87
CA GLY I 221 -0.27 3.86 -32.65
C GLY I 221 -0.47 4.05 -34.15
N TYR I 222 0.48 3.53 -34.91
CA TYR I 222 0.53 3.70 -36.34
C TYR I 222 -0.62 3.03 -37.08
N THR I 223 -0.93 1.80 -36.69
CA THR I 223 -1.95 1.04 -37.39
C THR I 223 -3.28 1.79 -37.43
N ARG I 224 -3.66 2.37 -36.29
CA ARG I 224 -4.86 3.19 -36.21
C ARG I 224 -4.79 4.38 -37.18
N MET I 225 -3.64 5.01 -37.25
CA MET I 225 -3.37 6.09 -38.20
C MET I 225 -3.53 5.59 -39.63
N PHE I 226 -2.93 4.45 -39.97
CA PHE I 226 -3.06 3.90 -41.34
C PHE I 226 -4.51 3.57 -41.70
N GLN I 227 -5.26 3.03 -40.75
N GLN I 227 -5.26 3.05 -40.73
CA GLN I 227 -6.67 2.74 -41.01
CA GLN I 227 -6.67 2.73 -40.94
C GLN I 227 -7.42 4.00 -41.41
C GLN I 227 -7.45 3.98 -41.36
N ASN I 228 -7.23 5.09 -40.65
CA ASN I 228 -7.87 6.37 -40.99
C ASN I 228 -7.43 6.80 -42.38
N MET I 229 -6.14 6.66 -42.65
CA MET I 229 -5.56 7.08 -43.92
C MET I 229 -6.21 6.34 -45.09
N LEU I 230 -6.48 5.05 -44.89
CA LEU I 230 -6.96 4.18 -45.96
C LEU I 230 -8.48 3.99 -45.96
N SER I 231 -9.21 4.85 -45.27
CA SER I 231 -10.62 4.56 -45.00
C SER I 231 -11.62 5.03 -46.08
N SER I 232 -11.18 5.92 -46.96
CA SER I 232 -12.02 6.38 -48.05
C SER I 232 -12.65 5.24 -48.83
N PRO I 233 -13.89 5.45 -49.31
CA PRO I 233 -14.64 4.48 -50.13
C PRO I 233 -13.93 4.16 -51.43
N ASN I 234 -13.10 5.09 -51.91
CA ASN I 234 -12.38 4.88 -53.15
C ASN I 234 -11.13 4.03 -53.00
N ILE I 235 -10.90 3.52 -51.78
CA ILE I 235 -9.75 2.67 -51.52
C ILE I 235 -10.13 1.23 -51.15
N LYS I 236 -9.77 0.28 -51.99
CA LYS I 236 -9.98 -1.11 -51.66
C LYS I 236 -8.63 -1.69 -51.29
N VAL I 237 -8.61 -2.47 -50.21
CA VAL I 237 -7.37 -2.98 -49.65
C VAL I 237 -7.32 -4.49 -49.81
N MET I 238 -6.27 -4.98 -50.44
CA MET I 238 -6.12 -6.42 -50.60
C MET I 238 -4.82 -6.84 -49.93
N LEU I 239 -4.96 -7.74 -48.97
CA LEU I 239 -3.85 -8.15 -48.12
C LEU I 239 -3.49 -9.61 -48.38
N ASN I 240 -2.35 -10.02 -47.83
CA ASN I 240 -1.81 -11.34 -48.04
C ASN I 240 -1.65 -11.62 -49.54
N THR I 241 -1.35 -10.57 -50.29
CA THR I 241 -1.41 -10.64 -51.75
C THR I 241 -0.21 -10.05 -52.50
N ASP I 242 0.47 -10.90 -53.25
CA ASP I 242 1.48 -10.41 -54.17
C ASP I 242 0.83 -9.78 -55.42
N TYR I 243 1.22 -8.56 -55.76
CA TYR I 243 0.60 -7.87 -56.90
C TYR I 243 0.63 -8.72 -58.17
N ARG I 244 1.63 -9.59 -58.29
CA ARG I 244 1.78 -10.38 -59.49
C ARG I 244 0.69 -11.43 -59.60
N GLU I 245 0.06 -11.74 -58.45
CA GLU I 245 -1.01 -12.72 -58.41
C GLU I 245 -2.30 -12.18 -59.00
N ILE I 246 -2.47 -10.86 -59.05
CA ILE I 246 -3.73 -10.29 -59.52
C ILE I 246 -3.57 -9.32 -60.68
N ALA I 247 -2.33 -9.07 -61.06
CA ALA I 247 -2.03 -8.06 -62.06
C ALA I 247 -2.54 -8.43 -63.45
N ASP I 248 -2.60 -9.72 -63.75
CA ASP I 248 -3.05 -10.19 -65.05
C ASP I 248 -4.54 -9.96 -65.28
N PHE I 249 -5.35 -9.92 -64.23
CA PHE I 249 -6.80 -9.92 -64.43
C PHE I 249 -7.61 -8.87 -63.66
N ILE I 250 -6.94 -7.88 -63.09
CA ILE I 250 -7.66 -6.73 -62.57
C ILE I 250 -7.31 -5.50 -63.41
N PRO I 251 -8.33 -4.77 -63.89
CA PRO I 251 -8.12 -3.60 -64.75
C PRO I 251 -7.58 -2.44 -63.97
N PHE I 252 -6.50 -1.84 -64.45
CA PHE I 252 -5.97 -0.62 -63.86
C PHE I 252 -5.15 0.18 -64.86
N GLN I 253 -5.23 1.51 -64.79
CA GLN I 253 -4.50 2.40 -65.69
C GLN I 253 -3.05 2.59 -65.31
N HIS I 254 -2.80 2.85 -64.03
CA HIS I 254 -1.45 3.17 -63.57
C HIS I 254 -1.02 2.39 -62.33
N MET I 255 0.26 2.09 -62.25
CA MET I 255 0.79 1.35 -61.11
C MET I 255 1.79 2.19 -60.33
N ILE I 256 1.61 2.19 -59.02
CA ILE I 256 2.60 2.74 -58.10
C ILE I 256 3.21 1.57 -57.36
N TYR I 257 4.52 1.38 -57.51
CA TYR I 257 5.22 0.25 -56.88
C TYR I 257 6.11 0.76 -55.76
N THR I 258 6.02 0.14 -54.59
CA THR I 258 6.84 0.58 -53.45
C THR I 258 7.72 -0.53 -52.90
N GLY I 259 7.77 -1.66 -53.59
CA GLY I 259 8.63 -2.76 -53.19
C GLY I 259 10.09 -2.57 -53.63
N PRO I 260 10.94 -3.58 -53.41
CA PRO I 260 12.34 -3.56 -53.88
C PRO I 260 12.42 -3.42 -55.41
N VAL I 261 13.29 -2.57 -55.95
CA VAL I 261 13.41 -2.43 -57.41
C VAL I 261 13.94 -3.67 -58.09
N ASP I 262 14.99 -4.26 -57.53
CA ASP I 262 15.62 -5.38 -58.20
C ASP I 262 14.60 -6.48 -58.49
N ALA I 263 13.75 -6.79 -57.51
CA ALA I 263 12.73 -7.83 -57.70
C ALA I 263 11.71 -7.48 -58.80
N PHE I 264 11.37 -6.20 -58.90
CA PHE I 264 10.42 -5.78 -59.91
C PHE I 264 10.87 -6.14 -61.31
N PHE I 265 12.19 -6.12 -61.53
CA PHE I 265 12.76 -6.50 -62.83
C PHE I 265 13.43 -7.87 -62.77
N ASP I 266 12.84 -8.76 -61.97
CA ASP I 266 13.31 -10.14 -61.86
C ASP I 266 14.83 -10.25 -61.63
N PHE I 267 15.41 -9.31 -60.89
CA PHE I 267 16.82 -9.40 -60.54
C PHE I 267 17.69 -9.53 -61.81
N CYS I 268 17.27 -8.89 -62.90
CA CYS I 268 17.93 -9.07 -64.20
C CYS I 268 19.40 -8.70 -64.23
N TYR I 269 19.81 -7.76 -63.37
CA TYR I 269 21.21 -7.37 -63.27
C TYR I 269 21.88 -7.93 -62.03
N GLY I 270 21.22 -8.86 -61.37
CA GLY I 270 21.73 -9.42 -60.12
C GLY I 270 21.10 -8.77 -58.91
N LYS I 271 21.24 -9.42 -57.76
CA LYS I 271 20.65 -8.96 -56.52
C LYS I 271 21.22 -7.59 -56.13
N LEU I 272 20.34 -6.63 -55.88
CA LEU I 272 20.75 -5.34 -55.30
C LEU I 272 20.79 -5.54 -53.79
N PRO I 273 21.93 -5.26 -53.15
CA PRO I 273 22.01 -5.56 -51.73
C PRO I 273 21.05 -4.74 -50.86
N TYR I 274 20.25 -5.44 -50.08
CA TYR I 274 19.51 -4.84 -48.99
C TYR I 274 19.87 -5.58 -47.71
N ARG I 275 19.99 -4.85 -46.63
CA ARG I 275 20.33 -5.43 -45.34
C ARG I 275 19.02 -5.77 -44.61
N SER I 276 19.03 -6.86 -43.84
CA SER I 276 17.81 -7.30 -43.18
C SER I 276 17.95 -7.32 -41.66
N LEU I 277 16.97 -7.90 -40.97
CA LEU I 277 16.95 -7.92 -39.51
C LEU I 277 16.15 -9.11 -39.00
N GLU I 278 16.56 -9.64 -37.85
CA GLU I 278 15.76 -10.58 -37.11
C GLU I 278 15.37 -9.96 -35.78
N PHE I 279 14.12 -10.14 -35.37
CA PHE I 279 13.63 -9.55 -34.13
C PHE I 279 13.30 -10.60 -33.09
N ARG I 280 13.89 -10.46 -31.90
CA ARG I 280 13.55 -11.31 -30.77
C ARG I 280 12.77 -10.47 -29.76
N HIS I 281 11.47 -10.66 -29.72
CA HIS I 281 10.60 -9.95 -28.76
C HIS I 281 10.51 -10.70 -27.43
N GLU I 282 10.44 -9.96 -26.33
CA GLU I 282 10.32 -10.55 -25.00
C GLU I 282 9.42 -9.74 -24.10
N THR I 283 8.65 -10.42 -23.25
CA THR I 283 7.88 -9.72 -22.25
C THR I 283 8.42 -10.04 -20.87
N HIS I 284 8.43 -9.04 -20.00
CA HIS I 284 8.96 -9.21 -18.66
C HIS I 284 7.98 -8.74 -17.60
N ASP I 285 8.05 -9.38 -16.44
CA ASP I 285 7.19 -9.04 -15.32
C ASP I 285 7.81 -7.93 -14.44
N THR I 286 7.97 -6.74 -15.02
CA THR I 286 8.20 -5.50 -14.25
C THR I 286 7.63 -4.38 -15.08
N GLU I 287 7.59 -3.18 -14.50
CA GLU I 287 7.04 -2.05 -15.23
C GLU I 287 8.09 -1.47 -16.14
N GLN I 288 9.36 -1.61 -15.76
CA GLN I 288 10.41 -1.03 -16.58
C GLN I 288 11.70 -1.83 -16.56
N LEU I 289 12.19 -2.16 -17.76
CA LEU I 289 13.43 -2.88 -17.91
C LEU I 289 14.63 -1.94 -18.19
N LEU I 290 14.42 -0.90 -18.98
CA LEU I 290 15.53 -0.01 -19.41
C LEU I 290 15.38 1.40 -18.87
N PRO I 291 16.49 2.15 -18.78
CA PRO I 291 16.42 3.56 -18.39
C PRO I 291 15.91 4.46 -19.50
N THR I 292 15.97 4.04 -20.77
CA THR I 292 15.41 4.80 -21.89
C THR I 292 14.83 3.89 -22.96
N GLY I 293 14.25 4.49 -23.99
CA GLY I 293 13.62 3.76 -25.07
C GLY I 293 14.51 2.77 -25.77
N THR I 294 15.75 3.16 -26.02
CA THR I 294 16.68 2.26 -26.68
C THR I 294 18.08 2.30 -26.09
N VAL I 295 18.67 1.12 -25.89
CA VAL I 295 20.06 1.04 -25.51
C VAL I 295 20.84 0.36 -26.65
N ASN I 296 21.88 1.04 -27.14
CA ASN I 296 22.74 0.53 -28.21
C ASN I 296 23.93 -0.25 -27.68
N TYR I 297 24.38 -1.23 -28.45
CA TYR I 297 25.52 -2.04 -28.05
C TYR I 297 26.58 -2.12 -29.14
N PRO I 298 27.44 -1.10 -29.22
CA PRO I 298 28.46 -1.07 -30.27
C PRO I 298 29.50 -2.15 -30.10
N ASN I 299 29.73 -2.62 -28.87
CA ASN I 299 30.90 -3.42 -28.61
C ASN I 299 30.64 -4.79 -28.00
N ASP I 300 29.38 -5.08 -27.67
CA ASP I 300 29.03 -6.31 -26.95
C ASP I 300 27.82 -6.99 -27.59
N TYR I 301 27.69 -8.29 -27.35
CA TYR I 301 26.50 -9.05 -27.75
C TYR I 301 26.30 -9.18 -29.26
N ALA I 302 25.41 -10.07 -29.65
CA ALA I 302 25.12 -10.29 -31.07
C ALA I 302 24.17 -9.23 -31.60
N TYR I 303 23.38 -8.66 -30.69
CA TYR I 303 22.40 -7.67 -31.07
C TYR I 303 22.99 -6.25 -31.06
N THR I 304 22.44 -5.38 -31.89
CA THR I 304 22.90 -4.00 -31.95
C THR I 304 22.26 -3.13 -30.89
N ARG I 305 21.06 -3.52 -30.46
CA ARG I 305 20.30 -2.70 -29.53
C ARG I 305 19.05 -3.40 -28.98
N VAL I 306 18.57 -2.93 -27.83
CA VAL I 306 17.28 -3.30 -27.25
C VAL I 306 16.38 -2.09 -27.15
N SER I 307 15.10 -2.26 -27.44
CA SER I 307 14.15 -1.17 -27.23
C SER I 307 12.97 -1.60 -26.38
N GLU I 308 12.47 -0.67 -25.57
CA GLU I 308 11.37 -0.95 -24.67
C GLU I 308 10.19 -0.04 -25.00
N PHE I 309 9.13 -0.66 -25.49
CA PHE I 309 8.05 0.09 -26.15
C PHE I 309 7.24 1.03 -25.26
N LYS I 310 7.10 0.71 -23.98
CA LYS I 310 6.35 1.61 -23.13
C LYS I 310 6.95 3.02 -23.11
N HIS I 311 8.28 3.11 -23.13
CA HIS I 311 8.96 4.42 -23.20
C HIS I 311 8.47 5.23 -24.39
N ILE I 312 8.20 4.55 -25.50
CA ILE I 312 7.88 5.19 -26.76
C ILE I 312 6.39 5.48 -26.92
N THR I 313 5.57 4.53 -26.48
CA THR I 313 4.13 4.67 -26.64
C THR I 313 3.50 5.45 -25.50
N GLY I 314 4.16 5.48 -24.36
CA GLY I 314 3.55 6.02 -23.15
C GLY I 314 2.51 5.08 -22.54
N GLN I 315 2.38 3.87 -23.08
CA GLN I 315 1.41 2.93 -22.51
C GLN I 315 1.73 2.61 -21.05
N ARG I 316 0.69 2.50 -20.26
CA ARG I 316 0.83 2.07 -18.88
C ARG I 316 0.40 0.61 -18.80
N HIS I 317 1.12 -0.16 -17.99
CA HIS I 317 0.96 -1.61 -17.99
C HIS I 317 1.79 -2.16 -16.86
N HIS I 318 1.37 -3.28 -16.29
CA HIS I 318 2.13 -3.82 -15.17
C HIS I 318 3.29 -4.70 -15.63
N GLN I 319 3.29 -5.06 -16.91
CA GLN I 319 4.43 -5.78 -17.49
C GLN I 319 5.12 -4.91 -18.54
N THR I 320 6.09 -5.47 -19.23
CA THR I 320 6.80 -4.70 -20.25
C THR I 320 7.37 -5.56 -21.36
N SER I 321 7.30 -5.04 -22.57
CA SER I 321 7.80 -5.76 -23.74
C SER I 321 8.93 -5.00 -24.43
N VAL I 322 9.98 -5.73 -24.74
CA VAL I 322 11.13 -5.16 -25.41
C VAL I 322 11.44 -5.99 -26.65
N VAL I 323 12.28 -5.45 -27.54
CA VAL I 323 12.69 -6.16 -28.72
C VAL I 323 14.21 -6.05 -28.88
N TYR I 324 14.84 -7.17 -29.20
CA TYR I 324 16.27 -7.21 -29.50
C TYR I 324 16.43 -7.38 -31.02
N GLU I 325 17.31 -6.59 -31.62
CA GLU I 325 17.52 -6.64 -33.07
C GLU I 325 18.86 -7.27 -33.42
N TYR I 326 18.80 -8.27 -34.29
CA TYR I 326 19.99 -8.95 -34.80
C TYR I 326 20.14 -8.73 -36.32
N PRO I 327 21.24 -8.11 -36.75
CA PRO I 327 21.46 -7.86 -38.18
C PRO I 327 21.52 -9.16 -38.98
N ARG I 328 21.02 -9.14 -40.21
CA ARG I 328 20.98 -10.35 -41.02
C ARG I 328 21.29 -10.02 -42.47
N ALA I 329 22.00 -10.94 -43.13
CA ALA I 329 22.31 -10.74 -44.54
C ALA I 329 21.12 -11.16 -45.40
N GLU I 330 20.33 -12.09 -44.89
CA GLU I 330 19.11 -12.52 -45.60
C GLU I 330 17.83 -12.27 -44.82
N GLY I 331 16.72 -12.20 -45.56
CA GLY I 331 15.42 -11.88 -44.99
C GLY I 331 14.80 -10.72 -45.75
N ASP I 332 13.60 -10.32 -45.34
CA ASP I 332 12.95 -9.18 -45.97
C ASP I 332 13.93 -8.02 -46.01
N PRO I 333 13.94 -7.27 -47.10
CA PRO I 333 14.80 -6.10 -47.26
C PRO I 333 14.37 -4.92 -46.37
N TYR I 334 15.28 -4.40 -45.56
CA TYR I 334 14.96 -3.24 -44.71
C TYR I 334 15.84 -2.03 -45.00
N TYR I 335 17.09 -2.26 -45.37
CA TYR I 335 18.03 -1.16 -45.64
C TYR I 335 18.71 -1.29 -47.02
N PRO I 336 18.68 -0.20 -47.81
CA PRO I 336 19.64 -0.14 -48.91
C PRO I 336 21.03 -0.07 -48.27
N VAL I 337 22.05 -0.45 -49.02
CA VAL I 337 23.42 -0.41 -48.53
C VAL I 337 24.20 0.61 -49.35
N PRO I 338 24.24 1.86 -48.87
CA PRO I 338 24.82 2.99 -49.62
C PRO I 338 26.34 2.91 -49.74
N ARG I 339 26.80 2.63 -50.95
CA ARG I 339 28.22 2.58 -51.26
C ARG I 339 28.35 2.57 -52.79
N PRO I 340 29.54 2.92 -53.31
CA PRO I 340 29.70 3.12 -54.76
C PRO I 340 29.22 1.97 -55.63
N GLU I 341 29.60 0.74 -55.31
CA GLU I 341 29.23 -0.37 -56.18
C GLU I 341 27.72 -0.63 -56.17
N ASN I 342 27.05 -0.24 -55.11
CA ASN I 342 25.61 -0.45 -55.04
C ASN I 342 24.87 0.71 -55.67
N ALA I 343 25.39 1.94 -55.50
CA ALA I 343 24.82 3.09 -56.18
C ALA I 343 24.87 2.83 -57.68
N GLU I 344 25.96 2.23 -58.14
CA GLU I 344 26.14 1.93 -59.56
C GLU I 344 25.15 0.87 -60.05
N LEU I 345 25.04 -0.22 -59.31
CA LEU I 345 24.12 -1.30 -59.65
C LEU I 345 22.71 -0.74 -59.65
N TYR I 346 22.40 0.11 -58.67
CA TYR I 346 21.08 0.69 -58.59
C TYR I 346 20.78 1.56 -59.81
N LYS I 347 21.77 2.32 -60.27
CA LYS I 347 21.57 3.18 -61.45
C LYS I 347 20.98 2.40 -62.62
N LYS I 348 21.48 1.20 -62.84
CA LYS I 348 21.00 0.34 -63.94
C LYS I 348 19.51 0.02 -63.76
N TYR I 349 19.14 -0.42 -62.57
CA TYR I 349 17.74 -0.68 -62.27
C TYR I 349 16.91 0.59 -62.40
N GLU I 350 17.52 1.70 -62.03
CA GLU I 350 16.83 2.98 -62.06
C GLU I 350 16.43 3.36 -63.49
N ALA I 351 17.25 2.97 -64.46
CA ALA I 351 16.97 3.27 -65.87
C ALA I 351 15.83 2.43 -66.41
N LEU I 352 15.73 1.17 -65.98
CA LEU I 352 14.58 0.35 -66.34
C LEU I 352 13.33 0.96 -65.72
N ALA I 353 13.45 1.33 -64.45
CA ALA I 353 12.35 1.99 -63.74
C ALA I 353 11.88 3.23 -64.50
N ASP I 354 12.83 4.09 -64.87
CA ASP I 354 12.50 5.34 -65.55
C ASP I 354 11.81 5.11 -66.90
N ALA I 355 12.10 3.97 -67.53
CA ALA I 355 11.51 3.63 -68.82
C ALA I 355 10.18 2.89 -68.70
N ALA I 356 9.92 2.28 -67.54
CA ALA I 356 8.65 1.60 -67.34
C ALA I 356 7.52 2.62 -67.46
N GLN I 357 6.61 2.37 -68.38
CA GLN I 357 5.70 3.41 -68.86
C GLN I 357 4.63 3.81 -67.86
N ASP I 358 3.84 2.85 -67.41
CA ASP I 358 2.76 3.21 -66.52
C ASP I 358 3.07 2.77 -65.10
N VAL I 359 4.32 2.93 -64.70
CA VAL I 359 4.74 2.61 -63.33
C VAL I 359 5.51 3.77 -62.71
N THR I 360 5.11 4.14 -61.50
CA THR I 360 5.84 5.11 -60.71
C THR I 360 6.46 4.39 -59.52
N PHE I 361 7.75 4.61 -59.30
CA PHE I 361 8.43 4.00 -58.18
C PHE I 361 8.51 5.03 -57.05
N VAL I 362 8.17 4.60 -55.84
CA VAL I 362 8.23 5.52 -54.70
C VAL I 362 8.46 4.74 -53.41
N GLY I 363 9.30 5.29 -52.53
CA GLY I 363 9.56 4.66 -51.25
C GLY I 363 11.00 4.24 -51.00
N ARG I 364 11.29 3.90 -49.75
CA ARG I 364 12.63 3.49 -49.34
C ARG I 364 13.18 2.36 -50.19
N LEU I 365 12.39 1.31 -50.40
CA LEU I 365 12.90 0.15 -51.14
C LEU I 365 12.92 0.36 -52.65
N ALA I 366 11.88 1.02 -53.15
CA ALA I 366 11.65 1.13 -54.58
C ALA I 366 12.61 2.13 -55.27
N THR I 367 13.00 3.19 -54.57
CA THR I 367 14.01 4.11 -55.07
C THR I 367 15.35 3.97 -54.33
N TYR I 368 15.48 2.90 -53.56
CA TYR I 368 16.77 2.55 -52.93
C TYR I 368 17.39 3.68 -52.12
N ARG I 369 16.59 4.32 -51.27
CA ARG I 369 17.08 5.40 -50.43
C ARG I 369 16.84 5.13 -48.95
N TYR I 370 17.89 5.34 -48.17
CA TYR I 370 17.83 5.21 -46.72
C TYR I 370 16.97 6.33 -46.10
N TYR I 371 15.65 6.29 -46.34
CA TYR I 371 14.75 7.34 -45.89
C TYR I 371 14.10 7.06 -44.54
N ASN I 372 13.85 8.13 -43.78
CA ASN I 372 13.02 8.08 -42.58
C ASN I 372 11.54 8.15 -42.94
N MET I 373 10.68 7.76 -42.00
CA MET I 373 9.25 7.80 -42.28
C MET I 373 8.83 9.13 -42.88
N ASP I 374 9.25 10.24 -42.26
CA ASP I 374 8.75 11.55 -42.68
C ASP I 374 9.23 11.88 -44.09
N GLN I 375 10.45 11.49 -44.40
CA GLN I 375 10.97 11.64 -45.76
C GLN I 375 10.14 10.89 -46.79
N VAL I 376 9.78 9.64 -46.50
CA VAL I 376 8.94 8.87 -47.42
C VAL I 376 7.61 9.59 -47.62
N VAL I 377 7.05 10.12 -46.54
CA VAL I 377 5.81 10.86 -46.64
C VAL I 377 5.95 12.04 -47.60
N ALA I 378 7.04 12.80 -47.44
CA ALA I 378 7.24 13.97 -48.28
C ALA I 378 7.39 13.53 -49.74
N GLN I 379 8.18 12.50 -49.96
CA GLN I 379 8.33 11.91 -51.29
C GLN I 379 6.98 11.50 -51.91
N ALA I 380 6.13 10.83 -51.15
CA ALA I 380 4.83 10.40 -51.65
C ALA I 380 3.98 11.60 -52.03
N LEU I 381 4.10 12.66 -51.23
CA LEU I 381 3.31 13.87 -51.40
C LEU I 381 3.75 14.60 -52.66
N ALA I 382 5.06 14.67 -52.86
CA ALA I 382 5.60 15.27 -54.07
C ALA I 382 5.24 14.45 -55.32
N THR I 383 5.17 13.12 -55.17
CA THR I 383 4.80 12.28 -56.32
C THR I 383 3.35 12.51 -56.70
N PHE I 384 2.48 12.68 -55.69
CA PHE I 384 1.08 12.96 -55.94
C PHE I 384 0.90 14.27 -56.71
N ARG I 385 1.67 15.28 -56.33
CA ARG I 385 1.64 16.59 -56.99
C ARG I 385 2.00 16.49 -58.47
N ARG I 386 3.04 15.72 -58.76
CA ARG I 386 3.40 15.45 -60.14
C ARG I 386 2.30 14.69 -60.89
N LEU I 387 1.78 13.64 -60.27
CA LEU I 387 0.69 12.86 -60.86
C LEU I 387 -0.56 13.70 -61.11
N GLN I 388 -0.67 14.84 -60.43
CA GLN I 388 -1.87 15.67 -60.55
C GLN I 388 -1.69 16.88 -61.51
N GLY I 389 -1.39 18.09 -61.04
CA GLY I 389 -1.13 18.42 -59.64
C GLY I 389 -0.78 19.90 -59.47
N GLY J 29 29.42 -57.77 -10.39
CA GLY J 29 28.33 -56.86 -10.68
C GLY J 29 27.60 -56.37 -9.44
N PHE J 30 26.28 -56.49 -9.46
CA PHE J 30 25.47 -56.03 -8.34
C PHE J 30 24.62 -57.18 -7.83
N ASP J 31 24.28 -57.11 -6.55
CA ASP J 31 23.35 -58.06 -5.97
C ASP J 31 21.95 -57.84 -6.52
N TYR J 32 21.62 -56.58 -6.78
CA TYR J 32 20.29 -56.24 -7.27
C TYR J 32 20.28 -55.25 -8.44
N LEU J 33 19.54 -55.60 -9.48
CA LEU J 33 19.20 -54.67 -10.54
C LEU J 33 17.74 -54.27 -10.34
N ILE J 34 17.52 -53.00 -10.02
CA ILE J 34 16.16 -52.51 -9.80
C ILE J 34 15.72 -51.67 -10.99
N VAL J 35 14.60 -52.06 -11.59
CA VAL J 35 14.08 -51.42 -12.80
C VAL J 35 12.95 -50.43 -12.49
N GLY J 36 13.26 -49.14 -12.53
CA GLY J 36 12.30 -48.09 -12.16
C GLY J 36 12.68 -47.42 -10.84
N ALA J 37 12.68 -46.09 -10.84
CA ALA J 37 13.08 -45.34 -9.65
C ALA J 37 11.92 -44.66 -8.93
N GLY J 38 10.71 -45.19 -9.10
CA GLY J 38 9.57 -44.69 -8.36
C GLY J 38 9.64 -45.15 -6.90
N PHE J 39 8.51 -45.12 -6.22
CA PHE J 39 8.45 -45.56 -4.84
C PHE J 39 8.82 -47.04 -4.71
N ALA J 40 8.27 -47.87 -5.59
CA ALA J 40 8.54 -49.32 -5.56
C ALA J 40 10.02 -49.59 -5.57
N GLY J 41 10.71 -49.12 -6.62
CA GLY J 41 12.14 -49.32 -6.75
C GLY J 41 12.99 -48.64 -5.68
N SER J 42 12.69 -47.38 -5.41
CA SER J 42 13.51 -46.59 -4.49
C SER J 42 13.43 -47.09 -3.05
N VAL J 43 12.26 -47.54 -2.61
CA VAL J 43 12.15 -48.10 -1.27
C VAL J 43 12.98 -49.39 -1.17
N LEU J 44 12.89 -50.25 -2.16
CA LEU J 44 13.69 -51.47 -2.13
C LEU J 44 15.20 -51.21 -2.26
N ALA J 45 15.58 -50.25 -3.11
CA ALA J 45 16.98 -49.85 -3.19
C ALA J 45 17.50 -49.38 -1.83
N GLU J 46 16.66 -48.67 -1.09
CA GLU J 46 17.10 -48.12 0.19
C GLU J 46 17.23 -49.21 1.26
N ARG J 47 16.27 -50.13 1.27
CA ARG J 47 16.28 -51.24 2.22
C ARG J 47 17.42 -52.21 1.90
N LEU J 48 17.43 -52.73 0.68
CA LEU J 48 18.52 -53.60 0.25
C LEU J 48 19.92 -53.00 0.47
N ALA J 49 20.05 -51.69 0.30
CA ALA J 49 21.36 -51.04 0.41
C ALA J 49 21.82 -50.90 1.85
N SER J 50 20.89 -50.62 2.75
CA SER J 50 21.28 -50.42 4.15
C SER J 50 21.63 -51.77 4.78
N SER J 51 21.24 -52.84 4.10
CA SER J 51 21.60 -54.18 4.56
C SER J 51 22.85 -54.67 3.84
N GLY J 52 23.56 -53.75 3.19
CA GLY J 52 24.87 -54.06 2.62
C GLY J 52 24.87 -54.67 1.24
N GLN J 53 23.74 -54.61 0.53
CA GLN J 53 23.68 -55.07 -0.85
C GLN J 53 24.16 -54.01 -1.85
N ARG J 54 24.74 -54.46 -2.95
CA ARG J 54 25.16 -53.56 -4.04
C ARG J 54 24.01 -53.41 -5.03
N VAL J 55 23.47 -52.21 -5.15
CA VAL J 55 22.27 -52.00 -5.93
C VAL J 55 22.50 -51.10 -7.13
N LEU J 56 22.01 -51.54 -8.29
CA LEU J 56 21.94 -50.67 -9.46
C LEU J 56 20.47 -50.40 -9.73
N ILE J 57 20.07 -49.13 -9.63
CA ILE J 57 18.71 -48.74 -9.96
C ILE J 57 18.74 -47.95 -11.27
N VAL J 58 17.87 -48.34 -12.18
CA VAL J 58 17.79 -47.72 -13.50
C VAL J 58 16.36 -47.28 -13.80
N ASP J 59 16.25 -46.25 -14.63
CA ASP J 59 14.95 -45.79 -15.10
C ASP J 59 15.14 -45.22 -16.49
N ARG J 60 14.15 -45.41 -17.36
CA ARG J 60 14.21 -44.90 -18.73
C ARG J 60 14.01 -43.38 -18.75
N ARG J 61 13.42 -42.86 -17.67
CA ARG J 61 13.27 -41.41 -17.52
C ARG J 61 14.60 -40.77 -17.14
N PRO J 62 14.73 -39.46 -17.36
CA PRO J 62 15.97 -38.78 -16.97
C PRO J 62 16.01 -38.41 -15.47
N HIS J 63 15.04 -38.89 -14.69
CA HIS J 63 14.93 -38.46 -13.30
C HIS J 63 14.42 -39.60 -12.41
N ILE J 64 14.71 -39.51 -11.12
CA ILE J 64 14.21 -40.49 -10.18
C ILE J 64 12.81 -40.13 -9.74
N GLY J 65 12.16 -41.04 -9.00
CA GLY J 65 10.91 -40.71 -8.33
C GLY J 65 9.64 -41.19 -9.01
N GLY J 66 9.75 -41.68 -10.25
CA GLY J 66 8.58 -42.15 -10.98
C GLY J 66 7.58 -41.05 -11.28
N ASN J 67 6.29 -41.36 -11.12
CA ASN J 67 5.20 -40.41 -11.35
C ASN J 67 5.17 -39.31 -10.31
N ALA J 68 5.90 -39.52 -9.21
CA ALA J 68 5.80 -38.63 -8.07
C ALA J 68 6.97 -37.62 -8.02
N TYR J 69 7.83 -37.69 -9.03
CA TYR J 69 8.88 -36.70 -9.24
C TYR J 69 8.29 -35.29 -9.19
N ASP J 70 8.94 -34.39 -8.48
CA ASP J 70 8.56 -32.98 -8.61
C ASP J 70 9.76 -32.11 -9.03
N CYS J 71 9.50 -30.85 -9.37
CA CYS J 71 10.55 -29.95 -9.82
C CYS J 71 10.02 -28.54 -9.93
N TYR J 72 10.92 -27.57 -10.05
CA TYR J 72 10.56 -26.18 -10.28
C TYR J 72 10.42 -25.89 -11.77
N ASP J 73 9.29 -25.31 -12.16
CA ASP J 73 9.04 -24.93 -13.55
C ASP J 73 9.78 -23.63 -13.93
N ASP J 74 9.59 -23.16 -15.15
CA ASP J 74 10.31 -21.99 -15.64
C ASP J 74 10.04 -20.73 -14.83
N ALA J 75 8.95 -20.71 -14.08
CA ALA J 75 8.60 -19.53 -13.30
C ALA J 75 9.09 -19.64 -11.87
N GLY J 76 9.57 -20.83 -11.51
CA GLY J 76 10.06 -21.06 -10.17
C GLY J 76 9.01 -21.57 -9.20
N VAL J 77 7.93 -22.14 -9.74
CA VAL J 77 6.90 -22.76 -8.92
C VAL J 77 7.19 -24.25 -8.76
N LEU J 78 7.05 -24.78 -7.54
CA LEU J 78 7.27 -26.21 -7.34
C LEU J 78 6.05 -26.99 -7.86
N ILE J 79 6.26 -27.84 -8.88
CA ILE J 79 5.13 -28.56 -9.49
C ILE J 79 5.34 -30.08 -9.58
N HIS J 80 4.25 -30.81 -9.85
CA HIS J 80 4.34 -32.25 -10.18
C HIS J 80 4.07 -32.45 -11.69
N PRO J 81 5.11 -32.75 -12.46
CA PRO J 81 4.91 -32.88 -13.91
C PRO J 81 3.87 -33.93 -14.27
N TYR J 82 3.71 -34.94 -13.41
CA TYR J 82 2.80 -36.07 -13.70
C TYR J 82 1.47 -36.03 -12.95
N GLY J 83 0.95 -34.85 -12.66
CA GLY J 83 -0.32 -34.75 -12.00
C GLY J 83 -0.20 -34.53 -10.51
N PRO J 84 -1.29 -34.11 -9.86
CA PRO J 84 -1.24 -33.81 -8.43
C PRO J 84 -0.95 -35.08 -7.61
N HIS J 85 0.16 -35.09 -6.88
CA HIS J 85 0.46 -36.18 -5.94
C HIS J 85 0.36 -35.74 -4.50
N ILE J 86 -0.69 -36.21 -3.84
CA ILE J 86 -0.96 -35.83 -2.45
C ILE J 86 -0.74 -37.03 -1.52
N PHE J 87 0.18 -36.90 -0.57
CA PHE J 87 0.47 -38.02 0.31
C PHE J 87 -0.51 -38.16 1.47
N HIS J 88 -0.92 -39.40 1.73
CA HIS J 88 -1.85 -39.70 2.82
C HIS J 88 -1.75 -41.16 3.21
N THR J 89 -1.81 -41.42 4.50
CA THR J 89 -1.80 -42.81 4.95
C THR J 89 -2.46 -42.98 6.30
N ASN J 90 -2.94 -44.19 6.52
CA ASN J 90 -3.42 -44.62 7.83
C ASN J 90 -2.36 -45.46 8.54
N SER J 91 -1.27 -45.73 7.84
CA SER J 91 -0.22 -46.59 8.39
C SER J 91 0.89 -45.83 9.11
N LYS J 92 0.89 -45.91 10.43
CA LYS J 92 1.97 -45.32 11.23
C LYS J 92 3.36 -45.79 10.73
N ASP J 93 3.46 -47.06 10.35
CA ASP J 93 4.71 -47.60 9.86
C ASP J 93 5.22 -46.89 8.59
N VAL J 94 4.38 -46.81 7.56
CA VAL J 94 4.78 -46.09 6.34
C VAL J 94 5.13 -44.62 6.61
N PHE J 95 4.33 -43.95 7.44
CA PHE J 95 4.58 -42.54 7.70
C PHE J 95 5.92 -42.33 8.42
N GLU J 96 6.27 -43.26 9.30
CA GLU J 96 7.54 -43.17 10.04
C GLU J 96 8.74 -43.57 9.19
N TYR J 97 8.55 -44.57 8.34
CA TYR J 97 9.61 -44.96 7.42
C TYR J 97 10.00 -43.76 6.54
N LEU J 98 9.01 -43.18 5.87
CA LEU J 98 9.21 -41.99 5.04
C LEU J 98 9.73 -40.79 5.84
N SER J 99 9.36 -40.69 7.10
CA SER J 99 9.86 -39.58 7.94
C SER J 99 11.38 -39.60 8.11
N ARG J 100 12.00 -40.74 7.83
CA ARG J 100 13.44 -40.82 7.91
C ARG J 100 14.09 -39.99 6.81
N PHE J 101 13.30 -39.66 5.79
CA PHE J 101 13.86 -39.08 4.58
C PHE J 101 13.35 -37.69 4.24
N THR J 102 12.47 -37.15 5.08
CA THR J 102 11.93 -35.83 4.81
C THR J 102 11.22 -35.29 6.03
N GLU J 103 11.12 -33.98 6.13
CA GLU J 103 10.21 -33.39 7.08
C GLU J 103 8.89 -33.14 6.39
N TRP J 104 7.90 -32.68 7.13
CA TRP J 104 6.54 -32.61 6.62
C TRP J 104 5.88 -31.24 6.73
N ARG J 105 5.04 -30.94 5.75
CA ARG J 105 4.08 -29.85 5.85
C ARG J 105 2.67 -30.46 5.99
N PRO J 106 2.06 -30.33 7.17
CA PRO J 106 0.71 -30.86 7.34
C PRO J 106 -0.16 -30.32 6.21
N TYR J 107 -1.01 -31.18 5.65
CA TYR J 107 -1.88 -30.75 4.56
C TYR J 107 -2.99 -31.75 4.36
N GLN J 108 -4.22 -31.26 4.41
CA GLN J 108 -5.39 -32.09 4.12
C GLN J 108 -6.08 -31.61 2.85
N HIS J 109 -5.93 -32.38 1.79
CA HIS J 109 -6.38 -32.03 0.45
C HIS J 109 -7.89 -31.90 0.42
N ARG J 110 -8.39 -30.86 -0.24
CA ARG J 110 -9.82 -30.71 -0.46
C ARG J 110 -10.13 -30.52 -1.94
N VAL J 111 -11.13 -31.27 -2.41
CA VAL J 111 -11.51 -31.24 -3.82
C VAL J 111 -12.95 -30.77 -3.96
N LEU J 112 -13.18 -29.91 -4.93
CA LEU J 112 -14.53 -29.45 -5.26
C LEU J 112 -14.93 -29.99 -6.64
N ALA J 113 -16.20 -30.29 -6.84
CA ALA J 113 -16.66 -30.72 -8.16
C ALA J 113 -17.55 -29.67 -8.78
N SER J 114 -17.33 -29.41 -10.06
CA SER J 114 -18.15 -28.43 -10.80
C SER J 114 -19.43 -29.09 -11.32
N VAL J 115 -20.52 -28.90 -10.58
CA VAL J 115 -21.80 -29.48 -10.95
C VAL J 115 -22.91 -28.41 -10.94
N ASP J 116 -23.68 -28.36 -12.01
CA ASP J 116 -24.76 -27.39 -12.16
C ASP J 116 -24.29 -25.97 -11.86
N GLY J 117 -23.10 -25.63 -12.33
CA GLY J 117 -22.56 -24.29 -12.12
C GLY J 117 -22.23 -23.93 -10.67
N GLN J 118 -22.07 -24.94 -9.82
CA GLN J 118 -21.62 -24.72 -8.44
C GLN J 118 -20.35 -25.52 -8.18
N LEU J 119 -19.55 -25.09 -7.19
CA LEU J 119 -18.44 -25.90 -6.73
C LEU J 119 -18.83 -26.57 -5.43
N LEU J 120 -18.99 -27.89 -5.47
CA LEU J 120 -19.52 -28.66 -4.34
C LEU J 120 -18.53 -29.71 -3.85
N PRO J 121 -18.57 -30.02 -2.55
CA PRO J 121 -17.60 -30.98 -2.03
C PRO J 121 -17.81 -32.34 -2.67
N ILE J 122 -16.70 -32.98 -3.00
CA ILE J 122 -16.67 -34.40 -3.36
C ILE J 122 -15.54 -34.91 -2.48
N PRO J 123 -15.74 -36.02 -1.76
CA PRO J 123 -16.90 -36.91 -1.62
C PRO J 123 -18.21 -36.18 -1.38
N ILE J 124 -19.30 -36.75 -1.87
CA ILE J 124 -20.63 -36.21 -1.57
C ILE J 124 -20.83 -36.26 -0.07
N ASN J 125 -21.37 -35.18 0.50
CA ASN J 125 -21.64 -35.14 1.94
C ASN J 125 -22.89 -34.33 2.24
N LEU J 126 -23.19 -34.10 3.52
CA LEU J 126 -24.40 -33.40 3.90
C LEU J 126 -24.51 -32.11 3.11
N ASP J 127 -23.41 -31.36 3.06
CA ASP J 127 -23.40 -30.04 2.44
C ASP J 127 -23.57 -30.08 0.92
N THR J 128 -23.01 -31.10 0.27
CA THR J 128 -23.22 -31.29 -1.15
C THR J 128 -24.70 -31.40 -1.50
N VAL J 129 -25.38 -32.30 -0.78
CA VAL J 129 -26.78 -32.60 -1.05
C VAL J 129 -27.63 -31.38 -0.74
N ASN J 130 -27.38 -30.78 0.42
CA ASN J 130 -28.15 -29.62 0.83
C ASN J 130 -28.02 -28.45 -0.16
N ARG J 131 -26.79 -28.15 -0.58
CA ARG J 131 -26.55 -27.07 -1.53
C ARG J 131 -27.06 -27.39 -2.95
N LEU J 132 -26.85 -28.62 -3.39
CA LEU J 132 -27.28 -29.03 -4.72
C LEU J 132 -28.78 -28.82 -4.94
N TYR J 133 -29.60 -29.29 -4.00
CA TYR J 133 -31.05 -29.27 -4.13
C TYR J 133 -31.75 -28.18 -3.33
N GLY J 134 -30.97 -27.38 -2.60
CA GLY J 134 -31.54 -26.37 -1.73
C GLY J 134 -32.31 -26.97 -0.56
N LEU J 135 -31.79 -28.04 0.01
CA LEU J 135 -32.39 -28.69 1.18
C LEU J 135 -31.77 -28.19 2.49
N ASN J 136 -32.39 -28.54 3.61
CA ASN J 136 -31.83 -28.29 4.93
C ASN J 136 -31.87 -29.53 5.81
N LEU J 137 -31.40 -30.65 5.28
CA LEU J 137 -31.39 -31.91 6.02
C LEU J 137 -30.31 -31.92 7.11
N THR J 138 -30.60 -32.61 8.20
CA THR J 138 -29.59 -32.92 9.21
C THR J 138 -28.80 -34.16 8.75
N SER J 139 -27.72 -34.48 9.47
CA SER J 139 -26.95 -35.68 9.13
C SER J 139 -27.81 -36.91 9.17
N PHE J 140 -28.74 -36.94 10.13
CA PHE J 140 -29.62 -38.07 10.32
C PHE J 140 -30.66 -38.17 9.19
N GLN J 141 -31.12 -37.02 8.70
CA GLN J 141 -32.10 -37.01 7.61
C GLN J 141 -31.51 -37.39 6.26
N VAL J 142 -30.26 -37.00 6.00
CA VAL J 142 -29.66 -37.26 4.69
C VAL J 142 -29.37 -38.73 4.57
N GLU J 143 -29.14 -39.38 5.70
CA GLU J 143 -29.01 -40.81 5.74
C GLU J 143 -30.30 -41.47 5.24
N GLU J 144 -31.44 -40.95 5.73
CA GLU J 144 -32.75 -41.45 5.32
C GLU J 144 -33.04 -41.11 3.86
N PHE J 145 -32.70 -39.88 3.47
CA PHE J 145 -32.84 -39.43 2.09
C PHE J 145 -32.13 -40.40 1.12
N PHE J 146 -30.87 -40.69 1.42
CA PHE J 146 -30.11 -41.64 0.60
C PHE J 146 -30.85 -42.98 0.47
N ALA J 147 -31.45 -43.41 1.57
CA ALA J 147 -32.16 -44.69 1.59
C ALA J 147 -33.33 -44.63 0.63
N SER J 148 -34.00 -43.48 0.62
CA SER J 148 -35.21 -43.32 -0.16
C SER J 148 -34.93 -43.16 -1.66
N VAL J 149 -33.67 -42.95 -2.04
CA VAL J 149 -33.35 -42.83 -3.47
C VAL J 149 -32.42 -43.93 -3.95
N ALA J 150 -31.87 -44.67 -3.00
CA ALA J 150 -30.94 -45.73 -3.34
C ALA J 150 -31.61 -46.80 -4.19
N GLU J 151 -30.81 -47.46 -4.99
CA GLU J 151 -31.28 -48.51 -5.81
C GLU J 151 -30.62 -49.71 -5.24
N LYS J 152 -31.33 -50.75 -4.89
CA LYS J 152 -30.49 -51.84 -4.50
C LYS J 152 -30.33 -52.98 -5.42
N VAL J 153 -29.25 -53.65 -5.13
CA VAL J 153 -28.56 -54.51 -5.98
C VAL J 153 -28.19 -55.55 -4.99
N GLU J 154 -28.53 -56.79 -5.31
CA GLU J 154 -27.98 -57.93 -4.63
C GLU J 154 -26.71 -58.11 -5.37
N GLN J 155 -25.63 -58.39 -4.69
CA GLN J 155 -24.35 -58.52 -5.38
C GLN J 155 -23.94 -57.25 -6.15
N VAL J 156 -23.41 -56.29 -5.43
CA VAL J 156 -22.71 -55.13 -5.99
C VAL J 156 -21.42 -55.62 -6.62
N ARG J 157 -21.26 -55.42 -7.93
CA ARG J 157 -20.06 -55.87 -8.62
C ARG J 157 -19.38 -54.72 -9.37
N THR J 158 -20.15 -53.67 -9.62
CA THR J 158 -19.84 -52.70 -10.65
C THR J 158 -19.63 -51.30 -10.08
N SER J 159 -18.82 -50.48 -10.76
CA SER J 159 -18.66 -49.08 -10.36
C SER J 159 -19.96 -48.31 -10.42
N GLU J 160 -20.87 -48.70 -11.31
CA GLU J 160 -22.22 -48.16 -11.29
C GLU J 160 -22.94 -48.69 -10.04
N ASP J 161 -22.78 -49.98 -9.79
CA ASP J 161 -23.42 -50.64 -8.64
C ASP J 161 -23.13 -49.96 -7.31
N VAL J 162 -21.84 -49.76 -7.01
CA VAL J 162 -21.42 -49.24 -5.70
C VAL J 162 -21.96 -47.87 -5.40
N VAL J 163 -22.17 -47.05 -6.44
CA VAL J 163 -22.62 -45.68 -6.19
C VAL J 163 -24.12 -45.62 -6.12
N VAL J 164 -24.75 -46.24 -7.11
CA VAL J 164 -26.19 -46.25 -7.26
C VAL J 164 -26.89 -46.90 -6.04
N SER J 165 -26.29 -47.97 -5.51
CA SER J 165 -26.83 -48.61 -4.32
C SER J 165 -26.69 -47.76 -3.06
N LYS J 166 -26.00 -46.63 -3.15
CA LYS J 166 -25.85 -45.79 -1.97
C LYS J 166 -26.48 -44.40 -2.07
N VAL J 167 -26.25 -43.68 -3.15
CA VAL J 167 -26.78 -42.32 -3.28
C VAL J 167 -27.84 -42.16 -4.37
N GLY J 168 -28.17 -43.25 -5.07
CA GLY J 168 -29.18 -43.19 -6.11
C GLY J 168 -28.71 -42.72 -7.48
N ARG J 169 -29.68 -42.51 -8.37
CA ARG J 169 -29.42 -42.30 -9.80
C ARG J 169 -28.98 -40.88 -10.16
N ASP J 170 -29.69 -39.88 -9.66
CA ASP J 170 -29.34 -38.49 -9.97
C ASP J 170 -27.92 -38.16 -9.50
N LEU J 171 -27.61 -38.50 -8.25
CA LEU J 171 -26.30 -38.21 -7.69
C LEU J 171 -25.20 -38.93 -8.46
N TYR J 172 -25.46 -40.19 -8.81
CA TYR J 172 -24.57 -40.96 -9.67
C TYR J 172 -24.33 -40.26 -11.01
N ASN J 173 -25.39 -39.80 -11.65
CA ASN J 173 -25.24 -39.12 -12.92
C ASN J 173 -24.49 -37.80 -12.76
N LYS J 174 -24.77 -37.09 -11.68
CA LYS J 174 -24.21 -35.77 -11.48
C LYS J 174 -22.72 -35.78 -11.19
N PHE J 175 -22.26 -36.75 -10.40
CA PHE J 175 -20.88 -36.70 -9.94
C PHE J 175 -19.98 -37.79 -10.51
N PHE J 176 -20.53 -38.97 -10.80
CA PHE J 176 -19.66 -40.11 -11.10
C PHE J 176 -19.68 -40.60 -12.54
N ARG J 177 -20.87 -40.68 -13.13
CA ARG J 177 -20.95 -41.34 -14.43
C ARG J 177 -20.15 -40.62 -15.51
N GLY J 178 -20.40 -39.32 -15.66
CA GLY J 178 -19.69 -38.51 -16.62
C GLY J 178 -18.20 -38.51 -16.37
N TYR J 179 -17.81 -38.37 -15.10
CA TYR J 179 -16.40 -38.27 -14.77
C TYR J 179 -15.72 -39.59 -15.09
N THR J 180 -16.31 -40.67 -14.57
CA THR J 180 -15.75 -42.01 -14.76
C THR J 180 -15.60 -42.35 -16.25
N ARG J 181 -16.64 -42.10 -17.03
CA ARG J 181 -16.58 -42.45 -18.44
C ARG J 181 -15.53 -41.63 -19.20
N LYS J 182 -15.34 -40.38 -18.77
CA LYS J 182 -14.31 -39.52 -19.38
C LYS J 182 -12.91 -40.00 -18.99
N GLN J 183 -12.73 -40.30 -17.71
CA GLN J 183 -11.45 -40.77 -17.22
C GLN J 183 -11.01 -42.11 -17.84
N TRP J 184 -11.96 -43.02 -18.00
CA TRP J 184 -11.61 -44.41 -18.28
C TRP J 184 -11.97 -44.90 -19.69
N GLY J 185 -12.74 -44.10 -20.41
CA GLY J 185 -13.23 -44.50 -21.73
C GLY J 185 -14.24 -45.64 -21.64
N LEU J 186 -14.89 -45.75 -20.48
CA LEU J 186 -15.76 -46.87 -20.19
C LEU J 186 -16.88 -46.40 -19.27
N ASP J 187 -18.10 -46.83 -19.53
CA ASP J 187 -19.19 -46.65 -18.57
C ASP J 187 -18.81 -47.31 -17.24
N PRO J 188 -19.27 -46.74 -16.11
CA PRO J 188 -18.98 -47.29 -14.78
C PRO J 188 -19.46 -48.73 -14.63
N SER J 189 -20.41 -49.13 -15.47
CA SER J 189 -20.97 -50.47 -15.40
C SER J 189 -19.97 -51.47 -15.97
N GLU J 190 -18.97 -50.97 -16.67
CA GLU J 190 -17.95 -51.83 -17.25
C GLU J 190 -16.68 -51.83 -16.44
N LEU J 191 -16.76 -51.28 -15.23
CA LEU J 191 -15.61 -51.27 -14.35
C LEU J 191 -15.92 -52.03 -13.05
N ASP J 192 -14.89 -52.65 -12.46
CA ASP J 192 -15.04 -53.27 -11.15
C ASP J 192 -15.48 -52.23 -10.10
N ALA J 193 -16.32 -52.66 -9.17
CA ALA J 193 -16.83 -51.77 -8.13
C ALA J 193 -15.72 -50.99 -7.41
N SER J 194 -14.50 -51.53 -7.39
CA SER J 194 -13.42 -50.95 -6.61
C SER J 194 -12.98 -49.55 -7.08
N VAL J 195 -13.17 -49.27 -8.36
CA VAL J 195 -12.75 -47.99 -8.91
C VAL J 195 -13.49 -46.83 -8.24
N THR J 196 -14.82 -46.84 -8.26
CA THR J 196 -15.59 -45.72 -7.72
C THR J 196 -15.80 -45.83 -6.21
N ALA J 197 -15.59 -47.02 -5.66
CA ALA J 197 -15.65 -47.23 -4.22
C ALA J 197 -14.54 -46.45 -3.53
N ARG J 198 -13.49 -46.11 -4.29
CA ARG J 198 -12.38 -45.33 -3.76
C ARG J 198 -12.86 -44.03 -3.15
N VAL J 199 -13.95 -43.47 -3.67
CA VAL J 199 -14.47 -42.22 -3.15
C VAL J 199 -15.71 -42.48 -2.32
N PRO J 200 -15.58 -42.46 -1.00
CA PRO J 200 -16.71 -42.88 -0.18
C PRO J 200 -17.76 -41.78 -0.20
N THR J 201 -19.01 -42.15 0.03
CA THR J 201 -20.05 -41.17 0.21
C THR J 201 -20.29 -40.99 1.72
N ARG J 202 -20.64 -39.77 2.13
CA ARG J 202 -20.69 -39.46 3.56
C ARG J 202 -22.03 -38.87 3.96
N THR J 203 -22.40 -39.05 5.23
CA THR J 203 -23.58 -38.37 5.77
C THR J 203 -23.20 -37.21 6.69
N ASN J 204 -21.93 -37.15 7.08
CA ASN J 204 -21.40 -36.06 7.91
C ASN J 204 -21.04 -34.83 7.07
N ARG J 205 -20.28 -33.88 7.64
CA ARG J 205 -19.91 -32.66 6.91
C ARG J 205 -18.41 -32.50 6.65
N ASP J 206 -17.70 -33.61 6.71
CA ASP J 206 -16.28 -33.67 6.39
C ASP J 206 -16.07 -33.42 4.90
N ASN J 207 -15.30 -32.38 4.57
CA ASN J 207 -15.05 -32.07 3.18
C ASN J 207 -13.64 -32.42 2.72
N ARG J 208 -12.92 -33.18 3.54
CA ARG J 208 -11.59 -33.64 3.13
C ARG J 208 -11.75 -34.75 2.09
N TYR J 209 -10.81 -34.85 1.18
CA TYR J 209 -10.84 -35.92 0.18
C TYR J 209 -10.41 -37.22 0.85
N PHE J 210 -9.58 -37.09 1.88
CA PHE J 210 -9.10 -38.23 2.64
C PHE J 210 -9.43 -38.09 4.12
N ALA J 211 -9.81 -39.21 4.73
CA ALA J 211 -10.04 -39.25 6.18
C ALA J 211 -8.86 -39.88 6.89
N ASP J 212 -7.80 -40.19 6.15
CA ASP J 212 -6.58 -40.82 6.71
C ASP J 212 -6.02 -40.11 7.93
N THR J 213 -5.37 -40.90 8.78
CA THR J 213 -4.73 -40.42 10.00
C THR J 213 -3.53 -39.52 9.75
N TYR J 214 -2.70 -39.87 8.78
CA TYR J 214 -1.50 -39.06 8.49
C TYR J 214 -1.60 -38.42 7.11
N GLN J 215 -1.84 -37.11 7.09
CA GLN J 215 -1.93 -36.36 5.84
C GLN J 215 -0.95 -35.20 5.83
N ALA J 216 0.10 -35.32 5.04
CA ALA J 216 1.14 -34.30 4.98
C ALA J 216 1.96 -34.43 3.69
N MET J 217 2.57 -33.32 3.29
CA MET J 217 3.44 -33.28 2.11
C MET J 217 4.92 -33.20 2.50
N PRO J 218 5.80 -33.89 1.75
CA PRO J 218 7.23 -33.75 2.03
C PRO J 218 7.57 -32.26 1.97
N LEU J 219 8.20 -31.74 3.01
CA LEU J 219 8.33 -30.29 3.20
C LEU J 219 9.04 -29.61 2.03
N HIS J 220 10.03 -30.30 1.47
CA HIS J 220 10.74 -29.77 0.33
C HIS J 220 10.44 -30.54 -0.95
N GLY J 221 9.30 -31.24 -0.97
CA GLY J 221 8.86 -31.98 -2.15
C GLY J 221 9.41 -33.39 -2.23
N TYR J 222 8.88 -34.18 -3.15
CA TYR J 222 9.21 -35.61 -3.26
C TYR J 222 10.62 -35.89 -3.73
N THR J 223 11.07 -35.15 -4.74
CA THR J 223 12.41 -35.37 -5.31
C THR J 223 13.51 -35.25 -4.25
N ARG J 224 13.44 -34.22 -3.41
CA ARG J 224 14.37 -34.08 -2.30
C ARG J 224 14.34 -35.32 -1.39
N MET J 225 13.14 -35.86 -1.15
CA MET J 225 12.97 -37.05 -0.33
C MET J 225 13.53 -38.29 -1.03
N PHE J 226 13.29 -38.41 -2.33
CA PHE J 226 13.83 -39.53 -3.09
C PHE J 226 15.35 -39.50 -3.11
N GLN J 227 15.94 -38.31 -3.16
CA GLN J 227 17.39 -38.19 -3.22
C GLN J 227 18.02 -38.68 -1.92
N ASN J 228 17.39 -38.38 -0.79
CA ASN J 228 17.84 -38.92 0.48
C ASN J 228 17.75 -40.44 0.50
N MET J 229 16.66 -40.95 -0.05
CA MET J 229 16.43 -42.38 -0.16
C MET J 229 17.51 -43.12 -0.97
N LEU J 230 18.00 -42.50 -2.03
CA LEU J 230 18.96 -43.17 -2.90
C LEU J 230 20.39 -42.73 -2.63
N SER J 231 20.63 -42.12 -1.47
CA SER J 231 21.93 -41.50 -1.21
C SER J 231 23.03 -42.45 -0.74
N SER J 232 22.65 -43.66 -0.33
CA SER J 232 23.61 -44.68 0.08
C SER J 232 24.73 -44.94 -0.93
N PRO J 233 25.97 -45.13 -0.43
CA PRO J 233 27.07 -45.43 -1.34
C PRO J 233 26.86 -46.78 -2.04
N ASN J 234 25.91 -47.58 -1.56
CA ASN J 234 25.61 -48.88 -2.16
C ASN J 234 24.67 -48.78 -3.37
N ILE J 235 24.16 -47.58 -3.62
CA ILE J 235 23.19 -47.41 -4.69
C ILE J 235 23.80 -46.69 -5.89
N LYS J 236 23.83 -47.38 -7.02
CA LYS J 236 24.25 -46.76 -8.29
C LYS J 236 23.00 -46.35 -9.05
N VAL J 237 22.94 -45.10 -9.50
CA VAL J 237 21.77 -44.59 -10.21
C VAL J 237 22.07 -44.40 -11.69
N MET J 238 21.22 -44.95 -12.54
CA MET J 238 21.39 -44.87 -13.97
C MET J 238 20.11 -44.37 -14.63
N LEU J 239 20.20 -43.25 -15.36
CA LEU J 239 19.01 -42.60 -15.91
C LEU J 239 18.99 -42.59 -17.44
N ASN J 240 17.81 -42.39 -18.02
CA ASN J 240 17.65 -42.36 -19.48
C ASN J 240 18.01 -43.73 -20.06
N THR J 241 17.79 -44.77 -19.27
CA THR J 241 18.27 -46.10 -19.56
C THR J 241 17.18 -47.13 -19.42
N ASP J 242 16.87 -47.82 -20.51
CA ASP J 242 16.03 -49.00 -20.42
C ASP J 242 16.87 -50.11 -19.78
N TYR J 243 16.28 -50.88 -18.88
CA TYR J 243 17.01 -51.99 -18.28
C TYR J 243 17.46 -52.95 -19.38
N ARG J 244 16.73 -52.96 -20.49
CA ARG J 244 17.09 -53.80 -21.63
C ARG J 244 18.38 -53.35 -22.34
N GLU J 245 18.62 -52.04 -22.37
CA GLU J 245 19.87 -51.53 -22.96
C GLU J 245 21.07 -52.01 -22.15
N ILE J 246 20.79 -52.57 -20.97
CA ILE J 246 21.83 -52.78 -19.98
C ILE J 246 21.99 -54.24 -19.55
N ALA J 247 20.92 -55.02 -19.69
CA ALA J 247 20.84 -56.35 -19.07
C ALA J 247 21.99 -57.30 -19.43
N ASP J 248 22.44 -57.25 -20.68
CA ASP J 248 23.44 -58.19 -21.17
C ASP J 248 24.82 -58.09 -20.51
N PHE J 249 25.39 -56.89 -20.47
CA PHE J 249 26.78 -56.76 -20.05
C PHE J 249 26.98 -56.39 -18.60
N ILE J 250 25.94 -55.88 -17.95
CA ILE J 250 26.07 -55.63 -16.52
C ILE J 250 25.54 -56.84 -15.75
N PRO J 251 26.40 -57.43 -14.90
CA PRO J 251 26.05 -58.63 -14.12
C PRO J 251 25.29 -58.32 -12.85
N PHE J 252 24.15 -58.99 -12.66
CA PHE J 252 23.35 -58.81 -11.47
C PHE J 252 22.83 -60.17 -11.01
N GLN J 253 22.61 -60.34 -9.72
CA GLN J 253 22.17 -61.63 -9.16
C GLN J 253 20.66 -61.75 -9.15
N HIS J 254 19.97 -60.63 -8.95
CA HIS J 254 18.52 -60.62 -8.85
C HIS J 254 17.94 -59.29 -9.36
N MET J 255 16.84 -59.38 -10.09
CA MET J 255 16.20 -58.20 -10.64
C MET J 255 14.89 -57.89 -9.92
N ILE J 256 14.71 -56.63 -9.57
CA ILE J 256 13.43 -56.17 -9.05
C ILE J 256 12.79 -55.31 -10.14
N TYR J 257 11.60 -55.70 -10.59
CA TYR J 257 10.97 -55.04 -11.71
C TYR J 257 9.72 -54.28 -11.29
N THR J 258 9.64 -53.00 -11.66
CA THR J 258 8.50 -52.17 -11.27
C THR J 258 7.82 -51.53 -12.49
N GLY J 259 8.19 -51.96 -13.68
CA GLY J 259 7.52 -51.54 -14.90
C GLY J 259 6.22 -52.30 -15.13
N PRO J 260 5.56 -52.06 -16.28
CA PRO J 260 4.30 -52.77 -16.60
C PRO J 260 4.56 -54.23 -17.01
N VAL J 261 3.79 -55.17 -16.45
CA VAL J 261 4.06 -56.61 -16.61
C VAL J 261 3.99 -57.11 -18.04
N ASP J 262 3.05 -56.61 -18.82
CA ASP J 262 2.88 -57.07 -20.19
C ASP J 262 4.14 -56.79 -21.01
N ALA J 263 4.68 -55.59 -20.87
CA ALA J 263 5.92 -55.23 -21.54
C ALA J 263 7.08 -56.21 -21.25
N PHE J 264 7.24 -56.57 -19.99
CA PHE J 264 8.33 -57.46 -19.56
C PHE J 264 8.27 -58.83 -20.24
N PHE J 265 7.06 -59.31 -20.53
CA PHE J 265 6.89 -60.62 -21.15
C PHE J 265 6.51 -60.48 -22.63
N ASP J 266 6.99 -59.39 -23.22
CA ASP J 266 6.86 -59.10 -24.65
C ASP J 266 5.43 -59.21 -25.17
N PHE J 267 4.47 -58.88 -24.30
CA PHE J 267 3.06 -58.85 -24.68
C PHE J 267 2.60 -60.20 -25.24
N CYS J 268 3.25 -61.26 -24.79
CA CYS J 268 3.00 -62.60 -25.30
C CYS J 268 1.54 -63.03 -25.19
N TYR J 269 0.76 -62.36 -24.36
CA TYR J 269 -0.67 -62.64 -24.27
C TYR J 269 -1.52 -61.48 -24.79
N GLY J 270 -0.88 -60.49 -25.42
CA GLY J 270 -1.58 -59.31 -25.87
C GLY J 270 -1.41 -58.14 -24.91
N LYS J 271 -1.82 -56.94 -25.34
CA LYS J 271 -1.68 -55.75 -24.52
C LYS J 271 -2.55 -55.82 -23.26
N LEU J 272 -1.92 -55.65 -22.10
CA LEU J 272 -2.66 -55.48 -20.86
C LEU J 272 -3.12 -54.02 -20.80
N PRO J 273 -4.43 -53.79 -20.76
CA PRO J 273 -4.90 -52.39 -20.78
C PRO J 273 -4.39 -51.55 -19.62
N TYR J 274 -3.69 -50.47 -19.95
CA TYR J 274 -3.37 -49.41 -18.98
C TYR J 274 -3.91 -48.09 -19.52
N ARG J 275 -4.51 -47.30 -18.63
CA ARG J 275 -4.99 -45.99 -19.00
C ARG J 275 -3.87 -44.97 -18.86
N SER J 276 -3.85 -43.96 -19.73
CA SER J 276 -2.79 -42.95 -19.70
C SER J 276 -3.32 -41.54 -19.44
N LEU J 277 -2.44 -40.54 -19.52
CA LEU J 277 -2.81 -39.15 -19.31
C LEU J 277 -1.94 -38.20 -20.14
N GLU J 278 -2.54 -37.09 -20.57
CA GLU J 278 -1.76 -35.97 -21.07
C GLU J 278 -1.91 -34.81 -20.07
N PHE J 279 -0.83 -34.09 -19.81
CA PHE J 279 -0.88 -32.95 -18.92
C PHE J 279 -0.58 -31.64 -19.66
N ARG J 280 -1.45 -30.66 -19.50
CA ARG J 280 -1.14 -29.32 -19.96
CA ARG J 280 -1.18 -29.30 -19.97
C ARG J 280 -0.91 -28.41 -18.76
N HIS J 281 0.31 -27.92 -18.64
CA HIS J 281 0.69 -27.04 -17.53
C HIS J 281 0.56 -25.59 -17.95
N GLU J 282 0.17 -24.75 -17.01
CA GLU J 282 0.08 -23.33 -17.27
C GLU J 282 0.52 -22.53 -16.06
N THR J 283 1.07 -21.35 -16.32
CA THR J 283 1.41 -20.44 -15.24
C THR J 283 0.64 -19.15 -15.41
N HIS J 284 0.12 -18.64 -14.31
CA HIS J 284 -0.74 -17.48 -14.36
C HIS J 284 -0.19 -16.39 -13.47
N ASP J 285 -0.38 -15.15 -13.92
CA ASP J 285 0.14 -13.97 -13.23
C ASP J 285 -0.83 -13.49 -12.15
N THR J 286 -1.06 -14.36 -11.17
CA THR J 286 -1.93 -14.05 -10.05
C THR J 286 -1.49 -15.00 -8.97
N GLU J 287 -1.80 -14.68 -7.72
CA GLU J 287 -1.36 -15.53 -6.61
C GLU J 287 -2.19 -16.80 -6.46
N GLN J 288 -3.49 -16.72 -6.76
CA GLN J 288 -4.37 -17.86 -6.58
C GLN J 288 -5.41 -17.98 -7.67
N LEU J 289 -5.39 -19.10 -8.38
CA LEU J 289 -6.36 -19.32 -9.44
C LEU J 289 -7.63 -20.01 -8.95
N LEU J 290 -7.47 -21.08 -8.17
CA LEU J 290 -8.58 -21.91 -7.73
C LEU J 290 -8.88 -21.71 -6.25
N PRO J 291 -10.11 -22.03 -5.83
CA PRO J 291 -10.51 -21.95 -4.42
C PRO J 291 -9.96 -23.10 -3.56
N THR J 292 -9.54 -24.20 -4.17
CA THR J 292 -8.89 -25.31 -3.46
C THR J 292 -7.86 -25.90 -4.38
N GLY J 293 -7.21 -26.97 -3.92
CA GLY J 293 -6.12 -27.58 -4.66
C GLY J 293 -6.50 -28.20 -5.99
N THR J 294 -7.70 -28.78 -6.06
CA THR J 294 -8.17 -29.41 -7.28
C THR J 294 -9.65 -29.18 -7.47
N VAL J 295 -10.04 -28.83 -8.70
CA VAL J 295 -11.44 -28.76 -9.07
C VAL J 295 -11.72 -29.86 -10.08
N ASN J 296 -12.70 -30.71 -9.79
CA ASN J 296 -13.08 -31.81 -10.68
C ASN J 296 -14.17 -31.36 -11.66
N TYR J 297 -14.18 -31.93 -12.87
CA TYR J 297 -15.16 -31.59 -13.90
C TYR J 297 -15.86 -32.83 -14.45
N PRO J 298 -16.87 -33.32 -13.74
CA PRO J 298 -17.55 -34.56 -14.16
C PRO J 298 -18.33 -34.41 -15.46
N ASN J 299 -18.96 -33.25 -15.68
CA ASN J 299 -19.86 -33.08 -16.81
C ASN J 299 -19.49 -31.98 -17.82
N ASP J 300 -18.26 -31.47 -17.77
CA ASP J 300 -17.87 -30.41 -18.68
C ASP J 300 -16.41 -30.59 -19.12
N TYR J 301 -16.06 -30.01 -20.26
CA TYR J 301 -14.68 -29.97 -20.74
C TYR J 301 -14.11 -31.33 -21.08
N ALA J 302 -12.98 -31.31 -21.79
CA ALA J 302 -12.25 -32.52 -22.17
C ALA J 302 -11.35 -33.01 -21.04
N TYR J 303 -11.05 -32.13 -20.09
CA TYR J 303 -10.17 -32.49 -19.00
C TYR J 303 -11.00 -32.93 -17.81
N THR J 304 -10.44 -33.78 -16.96
CA THR J 304 -11.18 -34.27 -15.79
C THR J 304 -11.07 -33.28 -14.63
N ARG J 305 -9.92 -32.61 -14.52
CA ARG J 305 -9.68 -31.72 -13.40
C ARG J 305 -8.51 -30.75 -13.60
N VAL J 306 -8.50 -29.70 -12.79
CA VAL J 306 -7.36 -28.79 -12.69
C VAL J 306 -6.83 -28.84 -11.28
N SER J 307 -5.52 -28.83 -11.13
CA SER J 307 -4.95 -28.68 -9.81
C SER J 307 -3.99 -27.50 -9.77
N GLU J 308 -3.93 -26.84 -8.62
CA GLU J 308 -3.07 -25.68 -8.39
C GLU J 308 -2.06 -26.02 -7.30
N PHE J 309 -0.79 -26.06 -7.65
CA PHE J 309 0.23 -26.68 -6.81
C PHE J 309 0.54 -25.96 -5.51
N LYS J 310 0.45 -24.64 -5.50
CA LYS J 310 0.74 -23.88 -4.29
C LYS J 310 -0.17 -24.27 -3.12
N HIS J 311 -1.43 -24.63 -3.40
CA HIS J 311 -2.33 -25.12 -2.34
C HIS J 311 -1.72 -26.35 -1.68
N ILE J 312 -1.09 -27.20 -2.50
CA ILE J 312 -0.58 -28.49 -2.05
C ILE J 312 0.81 -28.40 -1.42
N THR J 313 1.67 -27.57 -2.01
CA THR J 313 3.05 -27.44 -1.52
C THR J 313 3.15 -26.39 -0.40
N GLY J 314 2.23 -25.44 -0.40
CA GLY J 314 2.26 -24.33 0.53
C GLY J 314 3.28 -23.27 0.12
N GLN J 315 3.82 -23.40 -1.08
CA GLN J 315 4.81 -22.44 -1.56
C GLN J 315 4.20 -21.05 -1.67
N ARG J 316 4.98 -20.03 -1.31
CA ARG J 316 4.58 -18.65 -1.51
C ARG J 316 5.24 -18.18 -2.79
N HIS J 317 4.51 -17.44 -3.62
CA HIS J 317 5.00 -17.03 -4.94
C HIS J 317 4.08 -15.97 -5.52
N HIS J 318 4.63 -15.07 -6.32
CA HIS J 318 3.85 -13.98 -6.88
C HIS J 318 2.93 -14.49 -7.99
N GLN J 319 3.29 -15.63 -8.57
CA GLN J 319 2.46 -16.23 -9.60
C GLN J 319 1.97 -17.60 -9.13
N THR J 320 1.32 -18.33 -10.04
CA THR J 320 0.80 -19.63 -9.70
C THR J 320 0.82 -20.54 -10.92
N SER J 321 1.01 -21.83 -10.68
CA SER J 321 1.03 -22.79 -11.77
C SER J 321 0.01 -23.87 -11.53
N VAL J 322 -0.70 -24.26 -12.60
CA VAL J 322 -1.76 -25.26 -12.51
C VAL J 322 -1.53 -26.36 -13.53
N VAL J 323 -2.28 -27.45 -13.42
CA VAL J 323 -2.24 -28.48 -14.46
C VAL J 323 -3.62 -29.03 -14.80
N TYR J 324 -3.92 -29.10 -16.09
CA TYR J 324 -5.13 -29.75 -16.60
C TYR J 324 -4.80 -31.15 -17.07
N GLU J 325 -5.62 -32.12 -16.68
CA GLU J 325 -5.41 -33.52 -17.06
C GLU J 325 -6.41 -34.04 -18.09
N TYR J 326 -5.89 -34.64 -19.14
CA TYR J 326 -6.71 -35.17 -20.23
C TYR J 326 -6.51 -36.67 -20.34
N PRO J 327 -7.58 -37.46 -20.08
CA PRO J 327 -7.44 -38.92 -20.20
C PRO J 327 -7.06 -39.34 -21.61
N ARG J 328 -6.20 -40.34 -21.73
CA ARG J 328 -5.70 -40.81 -23.01
C ARG J 328 -5.70 -42.34 -23.03
N ALA J 329 -6.00 -42.91 -24.20
CA ALA J 329 -5.97 -44.37 -24.35
C ALA J 329 -4.55 -44.84 -24.64
N GLU J 330 -3.72 -43.92 -25.12
CA GLU J 330 -2.36 -44.26 -25.55
C GLU J 330 -1.37 -43.38 -24.79
N GLY J 331 -0.15 -43.90 -24.58
CA GLY J 331 0.87 -43.16 -23.87
C GLY J 331 1.38 -43.95 -22.67
N ASP J 332 2.28 -43.36 -21.89
CA ASP J 332 2.83 -44.05 -20.71
C ASP J 332 1.72 -44.54 -19.79
N PRO J 333 1.87 -45.77 -19.28
CA PRO J 333 0.84 -46.38 -18.44
C PRO J 333 0.77 -45.75 -17.05
N TYR J 334 -0.41 -45.30 -16.65
CA TYR J 334 -0.59 -44.72 -15.32
C TYR J 334 -1.55 -45.51 -14.45
N TYR J 335 -2.59 -46.06 -15.07
CA TYR J 335 -3.64 -46.77 -14.35
C TYR J 335 -3.87 -48.16 -14.94
N PRO J 336 -3.88 -49.19 -14.07
CA PRO J 336 -4.45 -50.48 -14.47
C PRO J 336 -5.95 -50.28 -14.69
N VAL J 337 -6.58 -51.10 -15.52
CA VAL J 337 -8.02 -50.96 -15.73
C VAL J 337 -8.79 -52.13 -15.10
N PRO J 338 -9.28 -51.94 -13.87
CA PRO J 338 -9.92 -53.03 -13.11
C PRO J 338 -11.31 -53.39 -13.63
N ARG J 339 -11.37 -54.55 -14.27
CA ARG J 339 -12.62 -55.11 -14.78
C ARG J 339 -12.39 -56.60 -15.05
N PRO J 340 -13.46 -57.40 -14.94
CA PRO J 340 -13.29 -58.86 -15.02
C PRO J 340 -12.32 -59.28 -16.12
N GLU J 341 -12.53 -58.81 -17.35
CA GLU J 341 -11.72 -59.26 -18.48
C GLU J 341 -10.24 -58.92 -18.32
N ASN J 342 -9.94 -57.77 -17.70
CA ASN J 342 -8.53 -57.43 -17.48
C ASN J 342 -7.94 -58.19 -16.30
N ALA J 343 -8.74 -58.40 -15.26
CA ALA J 343 -8.31 -59.20 -14.13
C ALA J 343 -7.86 -60.56 -14.65
N GLU J 344 -8.60 -61.10 -15.60
CA GLU J 344 -8.27 -62.42 -16.15
C GLU J 344 -7.03 -62.43 -17.03
N LEU J 345 -6.82 -61.34 -17.78
CA LEU J 345 -5.62 -61.23 -18.61
C LEU J 345 -4.39 -61.13 -17.72
N TYR J 346 -4.45 -60.26 -16.71
CA TYR J 346 -3.32 -60.05 -15.82
C TYR J 346 -2.98 -61.36 -15.11
N LYS J 347 -4.01 -62.12 -14.78
CA LYS J 347 -3.84 -63.40 -14.09
C LYS J 347 -2.87 -64.27 -14.87
N LYS J 348 -2.96 -64.21 -16.19
CA LYS J 348 -2.08 -64.98 -17.06
C LYS J 348 -0.64 -64.53 -16.90
N TYR J 349 -0.44 -63.21 -16.95
CA TYR J 349 0.88 -62.64 -16.77
C TYR J 349 1.38 -62.92 -15.36
N GLU J 350 0.46 -62.90 -14.40
CA GLU J 350 0.82 -63.11 -12.99
C GLU J 350 1.48 -64.48 -12.83
N ALA J 351 1.01 -65.45 -13.58
CA ALA J 351 1.62 -66.77 -13.60
C ALA J 351 3.07 -66.74 -14.11
N LEU J 352 3.29 -66.16 -15.29
CA LEU J 352 4.65 -66.07 -15.84
C LEU J 352 5.57 -65.37 -14.84
N ALA J 353 5.00 -64.42 -14.10
CA ALA J 353 5.78 -63.59 -13.18
C ALA J 353 6.21 -64.36 -11.92
N ASP J 354 5.27 -65.10 -11.34
CA ASP J 354 5.59 -65.96 -10.20
C ASP J 354 6.63 -66.98 -10.63
N ALA J 355 6.44 -67.56 -11.81
CA ALA J 355 7.37 -68.56 -12.36
C ALA J 355 8.74 -67.95 -12.66
N ALA J 356 8.76 -66.71 -13.15
CA ALA J 356 10.01 -66.01 -13.43
C ALA J 356 10.99 -66.21 -12.26
N GLN J 357 12.21 -66.60 -12.57
CA GLN J 357 13.14 -67.07 -11.53
C GLN J 357 13.70 -66.01 -10.60
N ASP J 358 14.73 -65.31 -11.06
CA ASP J 358 15.41 -64.35 -10.22
C ASP J 358 14.90 -62.93 -10.47
N VAL J 359 13.58 -62.81 -10.54
CA VAL J 359 12.91 -61.54 -10.75
C VAL J 359 11.72 -61.41 -9.79
N THR J 360 11.67 -60.29 -9.07
CA THR J 360 10.55 -60.00 -8.19
C THR J 360 9.73 -58.85 -8.77
N PHE J 361 8.41 -58.97 -8.72
CA PHE J 361 7.57 -57.90 -9.24
C PHE J 361 6.92 -57.10 -8.11
N VAL J 362 6.95 -55.78 -8.26
CA VAL J 362 6.46 -54.90 -7.21
C VAL J 362 6.15 -53.53 -7.78
N GLY J 363 5.04 -52.94 -7.34
CA GLY J 363 4.64 -51.62 -7.77
C GLY J 363 3.28 -51.59 -8.45
N ARG J 364 2.73 -50.38 -8.59
CA ARG J 364 1.42 -50.21 -9.21
C ARG J 364 1.33 -50.88 -10.60
N LEU J 365 2.38 -50.73 -11.40
CA LEU J 365 2.36 -51.22 -12.78
C LEU J 365 2.75 -52.69 -12.88
N ALA J 366 3.74 -53.09 -12.08
CA ALA J 366 4.27 -54.44 -12.13
C ALA J 366 3.32 -55.46 -11.51
N THR J 367 2.42 -55.03 -10.64
CA THR J 367 1.49 -55.98 -10.06
C THR J 367 0.06 -55.66 -10.52
N TYR J 368 -0.06 -54.65 -11.36
CA TYR J 368 -1.36 -54.27 -11.92
C TYR J 368 -2.36 -53.96 -10.81
N ARG J 369 -1.97 -53.08 -9.88
CA ARG J 369 -2.84 -52.71 -8.78
C ARG J 369 -2.99 -51.20 -8.62
N TYR J 370 -4.23 -50.75 -8.59
CA TYR J 370 -4.56 -49.35 -8.43
C TYR J 370 -4.18 -48.87 -7.03
N TYR J 371 -2.88 -48.84 -6.76
CA TYR J 371 -2.33 -48.48 -5.46
C TYR J 371 -1.96 -47.01 -5.33
N ASN J 372 -2.31 -46.43 -4.18
CA ASN J 372 -1.79 -45.14 -3.77
C ASN J 372 -0.31 -45.28 -3.36
N MET J 373 0.34 -44.15 -3.15
CA MET J 373 1.76 -44.12 -2.81
C MET J 373 2.06 -44.88 -1.52
N ASP J 374 1.24 -44.68 -0.50
CA ASP J 374 1.51 -45.31 0.79
C ASP J 374 1.40 -46.82 0.66
N GLN J 375 0.44 -47.29 -0.11
CA GLN J 375 0.30 -48.72 -0.34
C GLN J 375 1.49 -49.34 -1.07
N VAL J 376 2.11 -48.58 -1.98
CA VAL J 376 3.26 -49.08 -2.74
C VAL J 376 4.49 -49.19 -1.84
N VAL J 377 4.69 -48.20 -0.98
CA VAL J 377 5.75 -48.27 0.01
C VAL J 377 5.57 -49.52 0.90
N ALA J 378 4.35 -49.75 1.33
CA ALA J 378 4.08 -50.90 2.19
C ALA J 378 4.35 -52.20 1.43
N GLN J 379 3.83 -52.28 0.20
CA GLN J 379 4.10 -53.46 -0.64
C GLN J 379 5.60 -53.68 -0.77
N ALA J 380 6.35 -52.60 -0.98
CA ALA J 380 7.80 -52.72 -1.12
C ALA J 380 8.50 -53.08 0.20
N LEU J 381 8.08 -52.47 1.31
CA LEU J 381 8.63 -52.86 2.61
C LEU J 381 8.35 -54.34 2.91
N ALA J 382 7.15 -54.80 2.59
CA ALA J 382 6.80 -56.19 2.80
C ALA J 382 7.67 -57.12 1.95
N THR J 383 7.94 -56.71 0.71
CA THR J 383 8.76 -57.50 -0.19
C THR J 383 10.19 -57.61 0.31
N PHE J 384 10.73 -56.51 0.82
CA PHE J 384 12.10 -56.52 1.36
C PHE J 384 12.24 -57.55 2.48
N ARG J 385 11.20 -57.65 3.30
CA ARG J 385 11.22 -58.60 4.41
C ARG J 385 11.23 -60.06 3.92
N ARG J 386 10.35 -60.39 2.97
CA ARG J 386 10.40 -61.71 2.35
C ARG J 386 11.81 -62.03 1.88
N LEU J 387 12.39 -61.11 1.11
CA LEU J 387 13.75 -61.26 0.61
C LEU J 387 14.78 -61.48 1.72
N GLN J 388 14.41 -61.18 2.96
CA GLN J 388 15.34 -61.28 4.08
C GLN J 388 15.17 -62.54 4.92
N GLY J 389 13.95 -62.78 5.40
CA GLY J 389 13.68 -63.92 6.26
C GLY J 389 12.81 -64.95 5.60
#